data_2KN7
#
_entry.id   2KN7
#
loop_
_entity.id
_entity.type
_entity.pdbx_description
1 polymer 'DNA repair endonuclease XPF'
2 polymer "DNA (5'-D(*CP*AP*GP*TP*GP*GP*CP*TP*GP*A)-3')"
#
loop_
_entity_poly.entity_id
_entity_poly.type
_entity_poly.pdbx_seq_one_letter_code
_entity_poly.pdbx_strand_id
1 'polypeptide(L)' EKYNPGPQDFLLKMPGVNAKNCRSLMHHVKNIAELAALSQDELTSILGNAANAKQLYDFIHTSFAEV A,D
2 'polydeoxyribonucleotide' (DC)(DA)(DG)(DT)(DG)(DG)(DC)(DT)(DG)(DA) B,C
#
loop_
_chem_comp.id
_chem_comp.type
_chem_comp.name
_chem_comp.formula
DA DNA linking 2'-DEOXYADENOSINE-5'-MONOPHOSPHATE 'C10 H14 N5 O6 P'
DC DNA linking 2'-DEOXYCYTIDINE-5'-MONOPHOSPHATE 'C9 H14 N3 O7 P'
DG DNA linking 2'-DEOXYGUANOSINE-5'-MONOPHOSPHATE 'C10 H14 N5 O7 P'
DT DNA linking THYMIDINE-5'-MONOPHOSPHATE 'C10 H15 N2 O8 P'
#
# COMPACT_ATOMS: atom_id res chain seq x y z
N GLU A 1 1.11 21.59 -4.83
CA GLU A 1 1.81 21.41 -3.54
C GLU A 1 2.97 20.42 -3.68
N LYS A 2 3.63 20.12 -2.57
CA LYS A 2 4.78 19.20 -2.58
C LYS A 2 4.33 17.75 -2.45
N TYR A 3 3.05 17.50 -2.63
CA TYR A 3 2.52 16.15 -2.53
C TYR A 3 2.86 15.36 -3.79
N ASN A 4 3.92 14.58 -3.70
CA ASN A 4 4.39 13.76 -4.81
C ASN A 4 3.30 12.82 -5.32
N PRO A 5 3.16 12.70 -6.64
CA PRO A 5 2.15 11.85 -7.28
C PRO A 5 2.41 10.35 -7.12
N GLY A 6 3.27 10.01 -6.17
CA GLY A 6 3.58 8.62 -5.92
C GLY A 6 2.65 8.05 -4.86
N PRO A 7 3.00 8.20 -3.57
CA PRO A 7 2.19 7.69 -2.46
C PRO A 7 0.85 8.42 -2.37
N GLN A 8 0.82 9.68 -2.78
CA GLN A 8 -0.39 10.49 -2.76
C GLN A 8 -1.41 9.92 -3.75
N ASP A 9 -0.92 9.54 -4.92
CA ASP A 9 -1.77 8.98 -5.97
C ASP A 9 -2.23 7.59 -5.58
N PHE A 10 -1.33 6.87 -4.91
CA PHE A 10 -1.61 5.51 -4.46
C PHE A 10 -2.89 5.45 -3.64
N LEU A 11 -3.16 6.52 -2.89
CA LEU A 11 -4.34 6.60 -2.06
C LEU A 11 -5.61 6.64 -2.93
N LEU A 12 -5.58 7.50 -3.95
CA LEU A 12 -6.74 7.67 -4.83
C LEU A 12 -6.91 6.49 -5.78
N LYS A 13 -5.92 5.60 -5.82
CA LYS A 13 -6.00 4.43 -6.68
C LYS A 13 -6.91 3.37 -6.05
N MET A 14 -7.30 3.62 -4.82
CA MET A 14 -8.17 2.72 -4.07
C MET A 14 -9.62 2.97 -4.46
N PRO A 15 -10.48 1.96 -4.35
CA PRO A 15 -11.91 2.08 -4.70
C PRO A 15 -12.73 2.86 -3.67
N GLY A 16 -12.09 3.33 -2.61
CA GLY A 16 -12.79 4.07 -1.59
C GLY A 16 -12.07 5.33 -1.16
N VAL A 17 -11.38 5.97 -2.09
CA VAL A 17 -10.66 7.19 -1.79
C VAL A 17 -10.81 8.22 -2.90
N ASN A 18 -10.94 9.47 -2.50
CA ASN A 18 -11.08 10.60 -3.40
C ASN A 18 -10.18 11.70 -2.88
N ALA A 19 -10.01 12.78 -3.64
CA ALA A 19 -9.15 13.88 -3.21
C ALA A 19 -9.66 14.51 -1.91
N LYS A 20 -10.96 14.43 -1.68
CA LYS A 20 -11.58 15.01 -0.50
C LYS A 20 -11.08 14.37 0.80
N ASN A 21 -11.11 13.04 0.87
CA ASN A 21 -10.67 12.34 2.06
C ASN A 21 -9.21 11.96 1.96
N CYS A 22 -8.60 12.27 0.82
CA CYS A 22 -7.19 11.98 0.62
C CYS A 22 -6.34 12.85 1.54
N ARG A 23 -6.66 14.15 1.59
CA ARG A 23 -5.95 15.09 2.45
C ARG A 23 -6.01 14.66 3.91
N SER A 24 -7.13 14.06 4.29
CA SER A 24 -7.34 13.59 5.64
C SER A 24 -6.51 12.35 5.89
N LEU A 25 -6.54 11.45 4.92
CA LEU A 25 -5.82 10.19 4.99
C LEU A 25 -4.31 10.43 5.19
N MET A 26 -3.74 11.23 4.31
CA MET A 26 -2.31 11.55 4.37
C MET A 26 -1.93 12.30 5.64
N HIS A 27 -2.88 13.04 6.19
CA HIS A 27 -2.61 13.79 7.41
C HIS A 27 -2.75 12.91 8.64
N HIS A 28 -3.35 11.75 8.47
CA HIS A 28 -3.56 10.82 9.57
C HIS A 28 -2.58 9.67 9.53
N VAL A 29 -1.98 9.44 8.37
CA VAL A 29 -1.02 8.36 8.21
C VAL A 29 0.32 8.92 7.70
N LYS A 30 1.42 8.25 8.02
CA LYS A 30 2.74 8.71 7.57
C LYS A 30 2.86 8.56 6.06
N ASN A 31 2.45 7.41 5.58
CA ASN A 31 2.48 7.08 4.18
C ASN A 31 1.79 5.75 3.97
N ILE A 32 2.40 4.85 3.23
CA ILE A 32 1.81 3.55 2.95
C ILE A 32 1.76 2.69 4.21
N ALA A 33 2.77 2.81 5.05
CA ALA A 33 2.85 2.04 6.29
C ALA A 33 1.61 2.24 7.16
N GLU A 34 1.28 3.49 7.46
CA GLU A 34 0.12 3.81 8.28
C GLU A 34 -1.17 3.63 7.49
N LEU A 35 -1.10 3.85 6.17
CA LEU A 35 -2.26 3.70 5.29
C LEU A 35 -2.86 2.31 5.42
N ALA A 36 -2.00 1.29 5.34
CA ALA A 36 -2.44 -0.10 5.45
C ALA A 36 -2.62 -0.51 6.91
N ALA A 37 -2.10 0.32 7.82
CA ALA A 37 -2.19 0.05 9.25
C ALA A 37 -3.56 0.46 9.80
N LEU A 38 -4.28 1.24 9.01
CA LEU A 38 -5.59 1.73 9.40
C LEU A 38 -6.62 0.61 9.50
N SER A 39 -7.53 0.75 10.46
CA SER A 39 -8.58 -0.21 10.68
C SER A 39 -9.90 0.36 10.19
N GLN A 40 -10.92 -0.48 10.05
CA GLN A 40 -12.23 -0.04 9.57
C GLN A 40 -12.75 1.14 10.39
N ASP A 41 -12.60 1.04 11.70
CA ASP A 41 -13.03 2.10 12.60
C ASP A 41 -12.22 3.36 12.37
N GLU A 42 -10.93 3.18 12.15
CA GLU A 42 -10.04 4.29 11.90
C GLU A 42 -10.47 5.00 10.63
N LEU A 43 -10.77 4.21 9.59
CA LEU A 43 -11.16 4.76 8.31
C LEU A 43 -12.38 5.67 8.44
N THR A 44 -13.43 5.20 9.10
CA THR A 44 -14.64 6.01 9.28
C THR A 44 -14.35 7.29 10.05
N SER A 45 -13.40 7.22 10.97
CA SER A 45 -13.03 8.36 11.78
C SER A 45 -12.28 9.41 10.96
N ILE A 46 -11.50 8.96 9.97
CA ILE A 46 -10.73 9.86 9.12
C ILE A 46 -11.52 10.32 7.91
N LEU A 47 -12.02 9.35 7.15
CA LEU A 47 -12.75 9.61 5.93
C LEU A 47 -14.12 10.25 6.22
N GLY A 48 -14.70 9.86 7.35
CA GLY A 48 -16.00 10.40 7.74
C GLY A 48 -17.12 9.80 6.91
N ASN A 49 -16.86 8.64 6.33
CA ASN A 49 -17.85 7.96 5.51
C ASN A 49 -17.64 6.46 5.58
N ALA A 50 -18.69 5.75 5.99
CA ALA A 50 -18.65 4.30 6.13
C ALA A 50 -18.38 3.60 4.81
N ALA A 51 -18.99 4.12 3.74
CA ALA A 51 -18.81 3.54 2.42
C ALA A 51 -17.36 3.62 1.97
N ASN A 52 -16.81 4.82 2.05
CA ASN A 52 -15.43 5.06 1.67
C ASN A 52 -14.49 4.24 2.56
N ALA A 53 -14.85 4.14 3.84
CA ALA A 53 -14.07 3.39 4.81
C ALA A 53 -14.05 1.91 4.48
N LYS A 54 -15.22 1.35 4.27
CA LYS A 54 -15.34 -0.07 3.96
C LYS A 54 -14.65 -0.38 2.64
N GLN A 55 -14.82 0.50 1.66
CA GLN A 55 -14.21 0.32 0.35
C GLN A 55 -12.68 0.34 0.43
N LEU A 56 -12.15 1.30 1.18
CA LEU A 56 -10.70 1.42 1.33
C LEU A 56 -10.15 0.25 2.14
N TYR A 57 -10.80 -0.03 3.26
CA TYR A 57 -10.39 -1.13 4.13
C TYR A 57 -10.46 -2.46 3.37
N ASP A 58 -11.42 -2.54 2.47
CA ASP A 58 -11.62 -3.72 1.65
C ASP A 58 -10.42 -3.99 0.77
N PHE A 59 -10.02 -3.00 -0.01
CA PHE A 59 -8.88 -3.14 -0.92
C PHE A 59 -7.60 -3.44 -0.15
N ILE A 60 -7.40 -2.72 0.96
CA ILE A 60 -6.21 -2.91 1.79
C ILE A 60 -6.11 -4.36 2.24
N HIS A 61 -7.25 -4.99 2.47
CA HIS A 61 -7.28 -6.36 2.94
C HIS A 61 -7.77 -7.32 1.87
N THR A 62 -7.63 -6.93 0.61
CA THR A 62 -8.03 -7.78 -0.50
C THR A 62 -6.90 -8.74 -0.83
N SER A 63 -7.05 -9.99 -0.43
CA SER A 63 -6.06 -11.02 -0.66
C SER A 63 -5.80 -11.17 -2.16
N PHE A 64 -4.53 -11.39 -2.51
CA PHE A 64 -4.13 -11.54 -3.91
C PHE A 64 -4.92 -12.66 -4.60
N ALA A 65 -4.88 -13.85 -4.03
CA ALA A 65 -5.61 -14.97 -4.61
C ALA A 65 -6.32 -15.79 -3.55
N GLU A 66 -7.52 -16.20 -3.88
CA GLU A 66 -8.33 -17.02 -2.99
C GLU A 66 -7.95 -18.50 -3.13
N VAL A 67 -6.67 -18.80 -2.84
CA VAL A 67 -6.14 -20.15 -2.93
C VAL A 67 -6.31 -20.70 -4.36
N GLU B 1 -6.20 -19.79 -7.77
CA GLU B 1 -5.06 -18.88 -8.06
C GLU B 1 -5.49 -17.74 -8.98
N LYS B 2 -6.34 -16.87 -8.45
CA LYS B 2 -6.86 -15.74 -9.20
C LYS B 2 -5.81 -14.65 -9.43
N TYR B 3 -5.44 -13.97 -8.34
CA TYR B 3 -4.47 -12.89 -8.39
C TYR B 3 -5.02 -11.72 -9.19
N ASN B 4 -6.05 -11.09 -8.63
CA ASN B 4 -6.73 -9.97 -9.25
C ASN B 4 -5.76 -8.83 -9.56
N PRO B 5 -6.04 -8.05 -10.61
CA PRO B 5 -5.20 -6.91 -11.05
C PRO B 5 -5.24 -5.74 -10.07
N GLY B 6 -5.80 -5.97 -8.90
CA GLY B 6 -5.88 -4.93 -7.90
C GLY B 6 -4.66 -4.94 -7.00
N PRO B 7 -4.66 -5.79 -5.96
CA PRO B 7 -3.54 -5.88 -5.01
C PRO B 7 -2.28 -6.47 -5.65
N GLN B 8 -2.47 -7.36 -6.63
CA GLN B 8 -1.35 -8.00 -7.32
C GLN B 8 -0.59 -6.97 -8.16
N ASP B 9 -1.34 -6.17 -8.90
CA ASP B 9 -0.75 -5.14 -9.75
C ASP B 9 -0.14 -4.05 -8.91
N PHE B 10 -0.73 -3.82 -7.75
CA PHE B 10 -0.27 -2.80 -6.82
C PHE B 10 1.21 -3.03 -6.46
N LEU B 11 1.59 -4.29 -6.36
CA LEU B 11 2.96 -4.64 -6.04
C LEU B 11 3.89 -4.21 -7.16
N LEU B 12 3.50 -4.54 -8.39
CA LEU B 12 4.31 -4.22 -9.56
C LEU B 12 4.30 -2.73 -9.91
N LYS B 13 3.52 -1.95 -9.18
CA LYS B 13 3.43 -0.51 -9.42
C LYS B 13 4.50 0.23 -8.61
N MET B 14 5.38 -0.54 -7.96
CA MET B 14 6.45 0.01 -7.14
C MET B 14 7.73 0.18 -7.95
N PRO B 15 8.63 1.09 -7.51
CA PRO B 15 9.91 1.35 -8.21
C PRO B 15 10.97 0.28 -7.91
N GLY B 16 10.64 -0.66 -7.06
CA GLY B 16 11.55 -1.73 -6.72
C GLY B 16 10.87 -3.07 -6.74
N VAL B 17 10.25 -3.37 -7.88
CA VAL B 17 9.53 -4.62 -8.03
C VAL B 17 9.58 -5.13 -9.47
N ASN B 18 9.36 -6.43 -9.62
CA ASN B 18 9.34 -7.11 -10.89
C ASN B 18 8.41 -8.31 -10.74
N ALA B 19 8.19 -9.07 -11.78
CA ALA B 19 7.32 -10.23 -11.69
C ALA B 19 7.98 -11.38 -10.94
N LYS B 20 9.31 -11.39 -10.94
CA LYS B 20 10.07 -12.45 -10.29
C LYS B 20 9.92 -12.41 -8.77
N ASN B 21 10.04 -11.24 -8.17
CA ASN B 21 9.93 -11.12 -6.72
C ASN B 21 8.48 -10.89 -6.32
N CYS B 22 7.62 -10.74 -7.32
CA CYS B 22 6.20 -10.54 -7.08
C CYS B 22 5.59 -11.80 -6.43
N ARG B 23 5.96 -12.97 -6.96
CA ARG B 23 5.47 -14.24 -6.44
C ARG B 23 5.94 -14.44 -5.00
N SER B 24 7.12 -13.93 -4.69
CA SER B 24 7.68 -14.04 -3.35
C SER B 24 6.94 -13.12 -2.40
N LEU B 25 6.72 -11.88 -2.86
CA LEU B 25 6.03 -10.86 -2.08
C LEU B 25 4.65 -11.31 -1.64
N MET B 26 3.83 -11.71 -2.59
CA MET B 26 2.47 -12.15 -2.30
C MET B 26 2.43 -13.38 -1.41
N HIS B 27 3.47 -14.20 -1.48
CA HIS B 27 3.53 -15.38 -0.65
C HIS B 27 3.98 -15.05 0.76
N HIS B 28 4.58 -13.87 0.93
CA HIS B 28 5.06 -13.45 2.24
C HIS B 28 4.13 -12.43 2.89
N VAL B 29 3.23 -11.88 2.12
CA VAL B 29 2.28 -10.91 2.66
C VAL B 29 0.85 -11.32 2.31
N LYS B 30 -0.12 -10.97 3.17
CA LYS B 30 -1.52 -11.31 2.92
C LYS B 30 -2.05 -10.51 1.73
N ASN B 31 -1.73 -9.23 1.76
CA ASN B 31 -2.16 -8.30 0.74
C ASN B 31 -1.42 -6.98 0.98
N ILE B 32 -2.14 -5.87 0.96
CA ILE B 32 -1.54 -4.56 1.15
C ILE B 32 -1.10 -4.36 2.60
N ALA B 33 -1.89 -4.89 3.53
CA ALA B 33 -1.60 -4.77 4.96
C ALA B 33 -0.18 -5.25 5.30
N GLU B 34 0.14 -6.47 4.90
CA GLU B 34 1.45 -7.03 5.16
C GLU B 34 2.49 -6.42 4.23
N LEU B 35 2.06 -6.04 3.03
CA LEU B 35 2.95 -5.42 2.05
C LEU B 35 3.64 -4.19 2.65
N ALA B 36 2.87 -3.36 3.31
CA ALA B 36 3.42 -2.16 3.94
C ALA B 36 4.00 -2.47 5.32
N ALA B 37 3.69 -3.65 5.84
CA ALA B 37 4.17 -4.07 7.16
C ALA B 37 5.60 -4.59 7.09
N LEU B 38 6.09 -4.81 5.88
CA LEU B 38 7.44 -5.32 5.66
C LEU B 38 8.50 -4.27 5.96
N SER B 39 9.65 -4.74 6.43
CA SER B 39 10.77 -3.88 6.77
C SER B 39 11.86 -4.05 5.70
N GLN B 40 12.75 -3.07 5.58
CA GLN B 40 13.82 -3.11 4.57
C GLN B 40 14.61 -4.41 4.66
N ASP B 41 14.89 -4.86 5.89
CA ASP B 41 15.64 -6.09 6.11
C ASP B 41 14.83 -7.30 5.65
N GLU B 42 13.51 -7.22 5.81
CA GLU B 42 12.63 -8.29 5.40
C GLU B 42 12.53 -8.36 3.88
N LEU B 43 12.48 -7.19 3.25
CA LEU B 43 12.36 -7.15 1.81
C LEU B 43 13.50 -7.89 1.13
N THR B 44 14.71 -7.76 1.65
CA THR B 44 15.85 -8.45 1.05
C THR B 44 15.69 -9.96 1.17
N SER B 45 15.05 -10.40 2.25
CA SER B 45 14.82 -11.80 2.49
C SER B 45 13.76 -12.35 1.54
N ILE B 46 12.84 -11.50 1.12
CA ILE B 46 11.76 -11.90 0.23
C ILE B 46 12.13 -11.68 -1.24
N LEU B 47 12.50 -10.45 -1.56
CA LEU B 47 12.85 -10.06 -2.93
C LEU B 47 14.16 -10.70 -3.37
N GLY B 48 15.08 -10.84 -2.43
CA GLY B 48 16.37 -11.44 -2.75
C GLY B 48 17.33 -10.46 -3.41
N ASN B 49 17.04 -9.17 -3.26
CA ASN B 49 17.89 -8.14 -3.84
C ASN B 49 17.82 -6.87 -3.02
N ALA B 50 18.98 -6.37 -2.64
CA ALA B 50 19.08 -5.16 -1.83
C ALA B 50 18.50 -3.93 -2.53
N ALA B 51 18.74 -3.82 -3.83
CA ALA B 51 18.26 -2.68 -4.60
C ALA B 51 16.74 -2.66 -4.60
N ASN B 52 16.16 -3.78 -5.00
CA ASN B 52 14.71 -3.92 -5.05
C ASN B 52 14.12 -3.70 -3.68
N ALA B 53 14.81 -4.19 -2.65
CA ALA B 53 14.35 -4.04 -1.27
C ALA B 53 14.32 -2.58 -0.85
N LYS B 54 15.42 -1.89 -1.07
CA LYS B 54 15.53 -0.48 -0.71
C LYS B 54 14.53 0.36 -1.51
N GLN B 55 14.40 0.04 -2.80
CA GLN B 55 13.48 0.77 -3.67
C GLN B 55 12.03 0.54 -3.29
N LEU B 56 11.69 -0.71 -2.98
CA LEU B 56 10.34 -1.05 -2.59
C LEU B 56 10.01 -0.45 -1.22
N TYR B 57 10.89 -0.67 -0.26
CA TYR B 57 10.69 -0.14 1.09
C TYR B 57 10.71 1.39 1.06
N ASP B 58 11.46 1.95 0.12
CA ASP B 58 11.56 3.39 -0.02
C ASP B 58 10.18 3.98 -0.25
N PHE B 59 9.50 3.46 -1.26
CA PHE B 59 8.15 3.91 -1.61
C PHE B 59 7.20 3.72 -0.44
N ILE B 60 7.27 2.55 0.20
CA ILE B 60 6.42 2.26 1.34
C ILE B 60 6.65 3.27 2.45
N HIS B 61 7.90 3.66 2.60
CA HIS B 61 8.30 4.63 3.61
C HIS B 61 8.52 6.02 2.99
N THR B 62 7.70 6.35 2.00
CA THR B 62 7.81 7.64 1.31
C THR B 62 6.71 8.59 1.77
N SER B 63 7.10 9.69 2.39
CA SER B 63 6.15 10.69 2.84
C SER B 63 5.41 11.28 1.65
N PHE B 64 4.10 11.46 1.81
CA PHE B 64 3.26 12.00 0.74
C PHE B 64 3.81 13.32 0.20
N ALA B 65 4.23 14.19 1.11
CA ALA B 65 4.78 15.48 0.73
C ALA B 65 6.21 15.61 1.23
N GLU B 66 7.07 16.15 0.38
CA GLU B 66 8.47 16.37 0.71
C GLU B 66 9.17 15.04 1.02
N VAL B 67 9.43 14.27 -0.02
CA VAL B 67 10.10 12.98 0.12
C VAL B 67 11.54 13.16 0.57
N GLU A 1 1.91 22.34 -4.78
CA GLU A 1 1.85 21.26 -3.77
C GLU A 1 3.12 20.42 -3.83
N LYS A 2 3.61 20.01 -2.67
CA LYS A 2 4.81 19.18 -2.59
C LYS A 2 4.47 17.72 -2.49
N TYR A 3 3.21 17.40 -2.71
CA TYR A 3 2.75 16.03 -2.65
C TYR A 3 3.11 15.31 -3.94
N ASN A 4 4.24 14.61 -3.92
CA ASN A 4 4.72 13.86 -5.07
C ASN A 4 3.67 12.87 -5.56
N PRO A 5 3.51 12.75 -6.89
CA PRO A 5 2.51 11.87 -7.54
C PRO A 5 2.80 10.38 -7.35
N GLY A 6 3.67 10.07 -6.43
CA GLY A 6 3.99 8.68 -6.16
C GLY A 6 3.06 8.10 -5.11
N PRO A 7 3.40 8.23 -3.84
CA PRO A 7 2.56 7.70 -2.75
C PRO A 7 1.24 8.46 -2.63
N GLN A 8 1.24 9.73 -3.03
CA GLN A 8 0.04 10.56 -2.97
C GLN A 8 -1.02 10.04 -3.95
N ASP A 9 -0.57 9.64 -5.13
CA ASP A 9 -1.46 9.13 -6.16
C ASP A 9 -1.95 7.74 -5.79
N PHE A 10 -1.10 7.00 -5.09
CA PHE A 10 -1.40 5.65 -4.65
C PHE A 10 -2.70 5.61 -3.86
N LEU A 11 -2.95 6.68 -3.10
CA LEU A 11 -4.15 6.78 -2.29
C LEU A 11 -5.38 6.84 -3.18
N LEU A 12 -5.34 7.72 -4.17
CA LEU A 12 -6.47 7.91 -5.08
C LEU A 12 -6.61 6.75 -6.06
N LYS A 13 -5.66 5.83 -6.05
CA LYS A 13 -5.70 4.67 -6.94
C LYS A 13 -6.57 3.58 -6.34
N MET A 14 -7.04 3.82 -5.12
CA MET A 14 -7.90 2.88 -4.42
C MET A 14 -9.36 3.09 -4.83
N PRO A 15 -10.18 2.04 -4.75
CA PRO A 15 -11.60 2.10 -5.14
C PRO A 15 -12.46 2.87 -4.13
N GLY A 16 -11.84 3.37 -3.06
CA GLY A 16 -12.59 4.10 -2.06
C GLY A 16 -11.90 5.36 -1.59
N VAL A 17 -11.26 6.10 -2.50
CA VAL A 17 -10.58 7.33 -2.13
C VAL A 17 -10.81 8.42 -3.18
N ASN A 18 -10.88 9.66 -2.71
CA ASN A 18 -11.09 10.84 -3.56
C ASN A 18 -10.13 11.91 -3.08
N ALA A 19 -10.15 13.08 -3.72
CA ALA A 19 -9.27 14.15 -3.31
C ALA A 19 -9.75 14.81 -2.01
N LYS A 20 -11.04 14.68 -1.73
CA LYS A 20 -11.64 15.27 -0.54
C LYS A 20 -11.14 14.63 0.76
N ASN A 21 -11.00 13.31 0.75
CA ASN A 21 -10.54 12.59 1.93
C ASN A 21 -9.06 12.28 1.81
N CYS A 22 -8.49 12.54 0.64
CA CYS A 22 -7.08 12.30 0.42
C CYS A 22 -6.25 13.20 1.33
N ARG A 23 -6.67 14.45 1.45
CA ARG A 23 -6.00 15.43 2.29
C ARG A 23 -5.85 14.92 3.72
N SER A 24 -6.93 14.33 4.21
CA SER A 24 -6.96 13.80 5.56
C SER A 24 -6.15 12.51 5.65
N LEU A 25 -6.29 11.66 4.65
CA LEU A 25 -5.57 10.39 4.64
C LEU A 25 -4.08 10.60 4.79
N MET A 26 -3.50 11.41 3.91
CA MET A 26 -2.08 11.70 3.95
C MET A 26 -1.69 12.44 5.23
N HIS A 27 -2.63 13.18 5.78
CA HIS A 27 -2.38 13.91 7.01
C HIS A 27 -2.57 13.01 8.22
N HIS A 28 -3.17 11.84 8.00
CA HIS A 28 -3.44 10.89 9.08
C HIS A 28 -2.55 9.66 8.96
N VAL A 29 -1.80 9.55 7.87
CA VAL A 29 -0.88 8.43 7.70
C VAL A 29 0.48 8.96 7.25
N LYS A 30 1.56 8.33 7.72
CA LYS A 30 2.90 8.77 7.34
C LYS A 30 3.09 8.62 5.85
N ASN A 31 2.63 7.49 5.35
CA ASN A 31 2.72 7.14 3.95
C ASN A 31 2.00 5.81 3.74
N ILE A 32 2.62 4.90 3.02
CA ILE A 32 2.02 3.61 2.73
C ILE A 32 1.90 2.77 4.00
N ALA A 33 2.90 2.89 4.89
CA ALA A 33 2.94 2.14 6.13
C ALA A 33 1.67 2.34 6.96
N GLU A 34 1.33 3.60 7.25
CA GLU A 34 0.14 3.90 8.03
C GLU A 34 -1.12 3.73 7.20
N LEU A 35 -1.01 3.97 5.91
CA LEU A 35 -2.14 3.83 4.98
C LEU A 35 -2.78 2.45 5.12
N ALA A 36 -1.94 1.42 5.11
CA ALA A 36 -2.42 0.05 5.22
C ALA A 36 -2.60 -0.34 6.69
N ALA A 37 -2.06 0.49 7.58
CA ALA A 37 -2.13 0.22 9.02
C ALA A 37 -3.45 0.68 9.62
N LEU A 38 -4.18 1.51 8.88
CA LEU A 38 -5.45 2.03 9.35
C LEU A 38 -6.49 0.93 9.44
N SER A 39 -7.44 1.11 10.37
CA SER A 39 -8.50 0.14 10.57
C SER A 39 -9.81 0.69 10.03
N GLN A 40 -10.80 -0.18 9.84
CA GLN A 40 -12.11 0.23 9.29
C GLN A 40 -12.69 1.38 10.10
N ASP A 41 -12.54 1.31 11.42
CA ASP A 41 -13.05 2.36 12.32
C ASP A 41 -12.27 3.66 12.11
N GLU A 42 -10.96 3.53 11.90
CA GLU A 42 -10.11 4.68 11.67
C GLU A 42 -10.48 5.33 10.34
N LEU A 43 -10.64 4.50 9.31
CA LEU A 43 -10.97 5.00 7.98
C LEU A 43 -12.20 5.88 7.97
N THR A 44 -13.27 5.44 8.63
CA THR A 44 -14.49 6.23 8.69
C THR A 44 -14.27 7.57 9.37
N SER A 45 -13.43 7.57 10.39
CA SER A 45 -13.14 8.77 11.13
C SER A 45 -12.25 9.72 10.34
N ILE A 46 -11.43 9.17 9.44
CA ILE A 46 -10.51 9.97 8.63
C ILE A 46 -11.13 10.38 7.30
N LEU A 47 -11.74 9.42 6.63
CA LEU A 47 -12.35 9.67 5.34
C LEU A 47 -13.68 10.40 5.49
N GLY A 48 -14.40 10.12 6.56
CA GLY A 48 -15.67 10.77 6.80
C GLY A 48 -16.82 10.09 6.08
N ASN A 49 -16.59 8.86 5.64
CA ASN A 49 -17.59 8.10 4.91
C ASN A 49 -17.35 6.60 5.06
N ALA A 50 -18.40 5.89 5.42
CA ALA A 50 -18.33 4.44 5.62
C ALA A 50 -18.05 3.69 4.32
N ALA A 51 -18.65 4.14 3.24
CA ALA A 51 -18.47 3.49 1.94
C ALA A 51 -17.02 3.59 1.50
N ASN A 52 -16.49 4.80 1.60
CA ASN A 52 -15.11 5.07 1.25
C ASN A 52 -14.18 4.25 2.15
N ALA A 53 -14.53 4.17 3.43
CA ALA A 53 -13.76 3.43 4.41
C ALA A 53 -13.73 1.95 4.06
N LYS A 54 -14.91 1.39 3.84
CA LYS A 54 -15.04 -0.02 3.50
C LYS A 54 -14.27 -0.34 2.22
N GLN A 55 -14.47 0.48 1.19
CA GLN A 55 -13.80 0.29 -0.09
C GLN A 55 -12.28 0.35 0.04
N LEU A 56 -11.79 1.33 0.79
CA LEU A 56 -10.35 1.49 0.98
C LEU A 56 -9.80 0.34 1.81
N TYR A 57 -10.42 0.10 2.96
CA TYR A 57 -10.00 -0.98 3.87
C TYR A 57 -10.08 -2.33 3.17
N ASP A 58 -11.06 -2.49 2.29
CA ASP A 58 -11.27 -3.73 1.54
C ASP A 58 -10.07 -4.03 0.66
N PHE A 59 -9.70 -3.06 -0.18
CA PHE A 59 -8.57 -3.22 -1.09
C PHE A 59 -7.28 -3.49 -0.30
N ILE A 60 -7.10 -2.75 0.79
CA ILE A 60 -5.93 -2.92 1.64
C ILE A 60 -5.83 -4.35 2.16
N HIS A 61 -6.98 -4.96 2.38
CA HIS A 61 -7.03 -6.32 2.91
C HIS A 61 -7.53 -7.31 1.86
N THR A 62 -7.36 -6.96 0.59
CA THR A 62 -7.77 -7.83 -0.49
C THR A 62 -6.69 -8.87 -0.78
N SER A 63 -6.96 -10.11 -0.43
CA SER A 63 -6.01 -11.19 -0.67
C SER A 63 -5.74 -11.31 -2.16
N PHE A 64 -4.45 -11.34 -2.52
CA PHE A 64 -4.03 -11.44 -3.92
C PHE A 64 -4.79 -12.54 -4.65
N ALA A 65 -4.83 -13.72 -4.04
CA ALA A 65 -5.52 -14.85 -4.62
C ALA A 65 -6.02 -15.78 -3.54
N GLU A 66 -7.00 -16.59 -3.90
CA GLU A 66 -7.53 -17.59 -3.00
C GLU A 66 -6.60 -18.79 -3.02
N VAL A 67 -5.33 -18.53 -2.71
CA VAL A 67 -4.26 -19.52 -2.71
C VAL A 67 -3.75 -19.72 -4.14
N GLU B 1 -4.77 -19.36 -7.40
CA GLU B 1 -4.17 -19.23 -8.76
C GLU B 1 -4.68 -17.97 -9.46
N LYS B 2 -5.81 -17.43 -8.97
CA LYS B 2 -6.42 -16.24 -9.54
C LYS B 2 -5.46 -15.06 -9.62
N TYR B 3 -5.11 -14.49 -8.46
CA TYR B 3 -4.21 -13.35 -8.38
C TYR B 3 -4.74 -12.17 -9.19
N ASN B 4 -5.68 -11.46 -8.58
CA ASN B 4 -6.32 -10.30 -9.19
C ASN B 4 -5.32 -9.17 -9.45
N PRO B 5 -5.47 -8.47 -10.59
CA PRO B 5 -4.58 -7.37 -11.00
C PRO B 5 -4.69 -6.13 -10.10
N GLY B 6 -5.29 -6.30 -8.95
CA GLY B 6 -5.42 -5.21 -8.00
C GLY B 6 -4.23 -5.17 -7.06
N PRO B 7 -4.26 -5.93 -5.96
CA PRO B 7 -3.17 -5.97 -5.00
C PRO B 7 -1.92 -6.63 -5.58
N GLN B 8 -2.11 -7.55 -6.53
CA GLN B 8 -1.00 -8.23 -7.17
C GLN B 8 -0.17 -7.25 -7.98
N ASP B 9 -0.84 -6.40 -8.74
CA ASP B 9 -0.18 -5.40 -9.57
C ASP B 9 0.41 -4.29 -8.72
N PHE B 10 -0.24 -4.03 -7.59
CA PHE B 10 0.19 -3.00 -6.67
C PHE B 10 1.63 -3.25 -6.23
N LEU B 11 1.99 -4.52 -6.12
CA LEU B 11 3.33 -4.89 -5.73
C LEU B 11 4.32 -4.49 -6.81
N LEU B 12 3.98 -4.82 -8.06
CA LEU B 12 4.84 -4.54 -9.21
C LEU B 12 4.90 -3.04 -9.54
N LYS B 13 4.12 -2.24 -8.83
CA LYS B 13 4.09 -0.80 -9.06
C LYS B 13 5.21 -0.11 -8.28
N MET B 14 5.91 -0.88 -7.47
CA MET B 14 6.99 -0.36 -6.65
C MET B 14 8.29 -0.25 -7.45
N PRO B 15 9.23 0.58 -6.98
CA PRO B 15 10.52 0.78 -7.66
C PRO B 15 11.54 -0.33 -7.35
N GLY B 16 11.15 -1.26 -6.50
CA GLY B 16 12.02 -2.36 -6.15
C GLY B 16 11.29 -3.68 -6.22
N VAL B 17 10.65 -3.93 -7.35
CA VAL B 17 9.89 -5.15 -7.52
C VAL B 17 9.93 -5.63 -8.97
N ASN B 18 9.70 -6.92 -9.15
CA ASN B 18 9.67 -7.55 -10.46
C ASN B 18 8.73 -8.74 -10.36
N ALA B 19 8.46 -9.39 -11.48
CA ALA B 19 7.55 -10.54 -11.47
C ALA B 19 8.14 -11.75 -10.72
N LYS B 20 9.46 -11.76 -10.58
CA LYS B 20 10.15 -12.86 -9.91
C LYS B 20 9.95 -12.86 -8.38
N ASN B 21 10.16 -11.71 -7.74
CA ASN B 21 10.02 -11.63 -6.28
C ASN B 21 8.59 -11.34 -5.88
N CYS B 22 7.74 -11.06 -6.87
CA CYS B 22 6.34 -10.76 -6.61
C CYS B 22 5.65 -11.96 -5.96
N ARG B 23 5.96 -13.16 -6.45
CA ARG B 23 5.38 -14.39 -5.93
C ARG B 23 5.71 -14.59 -4.46
N SER B 24 6.92 -14.20 -4.07
CA SER B 24 7.36 -14.34 -2.69
C SER B 24 6.69 -13.30 -1.81
N LEU B 25 6.70 -12.07 -2.26
CA LEU B 25 6.11 -10.96 -1.53
C LEU B 25 4.67 -11.26 -1.16
N MET B 26 3.88 -11.65 -2.14
CA MET B 26 2.47 -11.95 -1.92
C MET B 26 2.28 -13.21 -1.10
N HIS B 27 3.22 -14.12 -1.16
CA HIS B 27 3.12 -15.36 -0.40
C HIS B 27 3.61 -15.15 1.03
N HIS B 28 4.34 -14.05 1.25
CA HIS B 28 4.88 -13.75 2.57
C HIS B 28 4.01 -12.73 3.31
N VAL B 29 3.16 -12.03 2.56
CA VAL B 29 2.26 -11.05 3.15
C VAL B 29 0.82 -11.44 2.83
N LYS B 30 -0.12 -11.00 3.65
CA LYS B 30 -1.52 -11.31 3.40
C LYS B 30 -2.02 -10.57 2.19
N ASN B 31 -1.65 -9.29 2.14
CA ASN B 31 -2.04 -8.40 1.08
C ASN B 31 -1.31 -7.08 1.29
N ILE B 32 -2.02 -5.96 1.16
CA ILE B 32 -1.42 -4.65 1.31
C ILE B 32 -1.01 -4.39 2.77
N ALA B 33 -1.81 -4.91 3.69
CA ALA B 33 -1.56 -4.74 5.12
C ALA B 33 -0.15 -5.22 5.51
N GLU B 34 0.16 -6.47 5.17
CA GLU B 34 1.45 -7.04 5.49
C GLU B 34 2.54 -6.48 4.56
N LEU B 35 2.15 -6.12 3.34
CA LEU B 35 3.09 -5.55 2.37
C LEU B 35 3.81 -4.33 2.95
N ALA B 36 3.04 -3.41 3.52
CA ALA B 36 3.59 -2.21 4.11
C ALA B 36 4.10 -2.47 5.54
N ALA B 37 3.72 -3.62 6.08
CA ALA B 37 4.11 -4.01 7.43
C ALA B 37 5.54 -4.56 7.46
N LEU B 38 6.01 -5.02 6.30
CA LEU B 38 7.33 -5.60 6.20
C LEU B 38 8.43 -4.60 6.53
N SER B 39 9.56 -5.13 6.98
CA SER B 39 10.71 -4.31 7.32
C SER B 39 11.78 -4.48 6.24
N GLN B 40 12.72 -3.55 6.16
CA GLN B 40 13.79 -3.63 5.17
C GLN B 40 14.50 -4.99 5.23
N ASP B 41 14.71 -5.48 6.45
CA ASP B 41 15.37 -6.78 6.65
C ASP B 41 14.44 -7.91 6.21
N GLU B 42 13.15 -7.73 6.44
CA GLU B 42 12.18 -8.74 6.04
C GLU B 42 12.19 -8.84 4.52
N LEU B 43 12.22 -7.70 3.86
CA LEU B 43 12.22 -7.66 2.41
C LEU B 43 13.40 -8.44 1.83
N THR B 44 14.57 -8.31 2.44
CA THR B 44 15.74 -9.02 1.95
C THR B 44 15.56 -10.54 2.08
N SER B 45 14.87 -10.94 3.14
CA SER B 45 14.60 -12.33 3.39
C SER B 45 13.56 -12.90 2.44
N ILE B 46 12.68 -12.03 1.93
CA ILE B 46 11.62 -12.46 1.03
C ILE B 46 12.03 -12.28 -0.43
N LEU B 47 12.46 -11.07 -0.77
CA LEU B 47 12.85 -10.74 -2.14
C LEU B 47 14.15 -11.45 -2.52
N GLY B 48 15.04 -11.56 -1.55
CA GLY B 48 16.32 -12.21 -1.79
C GLY B 48 17.32 -11.26 -2.43
N ASN B 49 17.10 -9.96 -2.26
CA ASN B 49 17.99 -8.96 -2.83
C ASN B 49 17.92 -7.67 -2.03
N ALA B 50 19.09 -7.22 -1.57
CA ALA B 50 19.19 -6.00 -0.77
C ALA B 50 18.73 -4.76 -1.53
N ALA B 51 19.05 -4.70 -2.81
CA ALA B 51 18.67 -3.56 -3.63
C ALA B 51 17.16 -3.48 -3.76
N ASN B 52 16.55 -4.59 -4.14
CA ASN B 52 15.11 -4.68 -4.30
C ASN B 52 14.42 -4.38 -2.96
N ALA B 53 15.02 -4.87 -1.88
CA ALA B 53 14.48 -4.67 -0.54
C ALA B 53 14.48 -3.20 -0.18
N LYS B 54 15.61 -2.55 -0.38
CA LYS B 54 15.75 -1.14 -0.06
C LYS B 54 14.84 -0.30 -0.96
N GLN B 55 14.83 -0.61 -2.25
CA GLN B 55 13.99 0.11 -3.21
C GLN B 55 12.50 -0.04 -2.88
N LEU B 56 12.11 -1.26 -2.52
CA LEU B 56 10.72 -1.54 -2.18
C LEU B 56 10.32 -0.87 -0.86
N TYR B 57 11.11 -1.10 0.18
CA TYR B 57 10.82 -0.52 1.48
C TYR B 57 10.95 1.00 1.45
N ASP B 58 11.79 1.52 0.58
CA ASP B 58 11.98 2.96 0.47
C ASP B 58 10.67 3.62 0.13
N PHE B 59 10.01 3.12 -0.92
CA PHE B 59 8.73 3.67 -1.36
C PHE B 59 7.68 3.50 -0.26
N ILE B 60 7.68 2.34 0.39
CA ILE B 60 6.76 2.05 1.47
C ILE B 60 6.91 3.06 2.59
N HIS B 61 8.14 3.46 2.84
CA HIS B 61 8.45 4.43 3.89
C HIS B 61 8.71 5.83 3.31
N THR B 62 8.07 6.15 2.20
CA THR B 62 8.24 7.45 1.56
C THR B 62 7.05 8.36 1.82
N SER B 63 7.29 9.47 2.52
CA SER B 63 6.25 10.43 2.83
C SER B 63 5.64 11.01 1.56
N PHE B 64 4.37 11.39 1.64
CA PHE B 64 3.66 11.95 0.49
C PHE B 64 4.29 13.26 0.01
N ALA B 65 4.59 14.15 0.95
CA ALA B 65 5.17 15.43 0.60
C ALA B 65 6.61 15.54 1.04
N GLU B 66 7.37 16.35 0.31
CA GLU B 66 8.77 16.60 0.60
C GLU B 66 9.62 15.33 0.51
N VAL B 67 9.54 14.66 -0.64
CA VAL B 67 10.32 13.45 -0.86
C VAL B 67 11.74 13.83 -1.23
N GLU A 1 2.56 21.76 -5.38
CA GLU A 1 2.54 20.87 -4.20
C GLU A 1 3.75 19.95 -4.22
N LYS A 2 4.41 19.80 -3.08
CA LYS A 2 5.58 18.93 -2.97
C LYS A 2 5.17 17.49 -2.71
N TYR A 3 3.89 17.22 -2.88
CA TYR A 3 3.36 15.89 -2.68
C TYR A 3 3.65 15.04 -3.90
N ASN A 4 4.73 14.28 -3.81
CA ASN A 4 5.18 13.40 -4.89
C ASN A 4 4.05 12.54 -5.42
N PRO A 5 3.95 12.41 -6.76
CA PRO A 5 2.91 11.61 -7.43
C PRO A 5 3.06 10.12 -7.20
N GLY A 6 3.92 9.76 -6.27
CA GLY A 6 4.12 8.36 -5.96
C GLY A 6 3.12 7.89 -4.90
N PRO A 7 3.44 8.09 -3.62
CA PRO A 7 2.55 7.69 -2.51
C PRO A 7 1.26 8.49 -2.48
N GLN A 8 1.33 9.75 -2.92
CA GLN A 8 0.15 10.61 -2.94
C GLN A 8 -0.88 10.07 -3.94
N ASP A 9 -0.39 9.63 -5.08
CA ASP A 9 -1.25 9.08 -6.14
C ASP A 9 -1.72 7.69 -5.75
N PHE A 10 -0.88 6.98 -5.01
CA PHE A 10 -1.19 5.62 -4.57
C PHE A 10 -2.49 5.58 -3.78
N LEU A 11 -2.74 6.63 -3.01
CA LEU A 11 -3.96 6.72 -2.22
C LEU A 11 -5.18 6.78 -3.13
N LEU A 12 -5.06 7.58 -4.19
CA LEU A 12 -6.15 7.77 -5.14
C LEU A 12 -6.37 6.55 -6.04
N LYS A 13 -5.50 5.55 -5.91
CA LYS A 13 -5.63 4.34 -6.72
C LYS A 13 -6.54 3.32 -6.04
N MET A 14 -7.19 3.75 -4.98
CA MET A 14 -8.08 2.89 -4.22
C MET A 14 -9.54 3.09 -4.69
N PRO A 15 -10.42 2.11 -4.45
CA PRO A 15 -11.82 2.20 -4.86
C PRO A 15 -12.64 3.13 -3.96
N GLY A 16 -12.10 3.46 -2.80
CA GLY A 16 -12.80 4.34 -1.87
C GLY A 16 -11.98 5.55 -1.53
N VAL A 17 -11.59 6.29 -2.55
CA VAL A 17 -10.79 7.48 -2.35
C VAL A 17 -11.11 8.56 -3.38
N ASN A 18 -10.79 9.79 -3.03
CA ASN A 18 -10.97 10.95 -3.89
C ASN A 18 -9.92 11.97 -3.49
N ALA A 19 -9.83 13.07 -4.22
CA ALA A 19 -8.84 14.10 -3.90
C ALA A 19 -9.19 14.82 -2.59
N LYS A 20 -10.49 14.85 -2.28
CA LYS A 20 -10.98 15.53 -1.08
C LYS A 20 -10.48 14.88 0.21
N ASN A 21 -10.62 13.56 0.32
CA ASN A 21 -10.19 12.87 1.53
C ASN A 21 -8.72 12.47 1.45
N CYS A 22 -8.12 12.73 0.29
CA CYS A 22 -6.72 12.39 0.09
C CYS A 22 -5.84 13.27 0.97
N ARG A 23 -6.13 14.57 0.97
CA ARG A 23 -5.36 15.55 1.77
C ARG A 23 -5.33 15.18 3.25
N SER A 24 -6.48 14.78 3.77
CA SER A 24 -6.60 14.42 5.17
C SER A 24 -5.95 13.08 5.45
N LEU A 25 -6.11 12.13 4.53
CA LEU A 25 -5.54 10.80 4.69
C LEU A 25 -4.02 10.89 4.81
N MET A 26 -3.41 11.56 3.85
CA MET A 26 -1.96 11.71 3.82
C MET A 26 -1.45 12.49 5.02
N HIS A 27 -2.27 13.38 5.53
CA HIS A 27 -1.89 14.17 6.67
C HIS A 27 -2.04 13.36 7.95
N HIS A 28 -2.82 12.28 7.87
CA HIS A 28 -3.06 11.43 9.04
C HIS A 28 -2.21 10.17 9.01
N VAL A 29 -1.47 9.95 7.94
CA VAL A 29 -0.60 8.78 7.85
C VAL A 29 0.78 9.21 7.34
N LYS A 30 1.83 8.53 7.80
CA LYS A 30 3.19 8.87 7.38
C LYS A 30 3.34 8.68 5.89
N ASN A 31 2.82 7.57 5.42
CA ASN A 31 2.86 7.21 4.02
C ASN A 31 2.08 5.92 3.84
N ILE A 32 2.65 4.97 3.12
CA ILE A 32 1.99 3.70 2.88
C ILE A 32 1.89 2.87 4.15
N ALA A 33 2.92 2.97 5.00
CA ALA A 33 2.96 2.23 6.25
C ALA A 33 1.73 2.50 7.11
N GLU A 34 1.46 3.78 7.39
CA GLU A 34 0.31 4.15 8.20
C GLU A 34 -0.98 3.99 7.41
N LEU A 35 -0.91 4.18 6.10
CA LEU A 35 -2.08 4.03 5.22
C LEU A 35 -2.70 2.65 5.39
N ALA A 36 -1.87 1.62 5.39
CA ALA A 36 -2.34 0.26 5.55
C ALA A 36 -2.49 -0.10 7.03
N ALA A 37 -1.93 0.75 7.89
CA ALA A 37 -2.00 0.54 9.33
C ALA A 37 -3.33 0.99 9.90
N LEU A 38 -3.99 1.89 9.18
CA LEU A 38 -5.28 2.43 9.59
C LEU A 38 -6.34 1.35 9.73
N SER A 39 -7.28 1.59 10.60
CA SER A 39 -8.37 0.66 10.85
C SER A 39 -9.63 1.20 10.20
N GLN A 40 -10.69 0.38 10.14
CA GLN A 40 -11.93 0.81 9.51
C GLN A 40 -12.49 1.96 10.30
N ASP A 41 -12.21 1.91 11.59
CA ASP A 41 -12.63 2.92 12.54
C ASP A 41 -11.86 4.21 12.30
N GLU A 42 -10.57 4.07 12.05
CA GLU A 42 -9.72 5.22 11.77
C GLU A 42 -10.13 5.89 10.48
N LEU A 43 -10.38 5.08 9.46
CA LEU A 43 -10.76 5.59 8.15
C LEU A 43 -11.96 6.54 8.23
N THR A 44 -12.99 6.16 8.97
CA THR A 44 -14.18 7.00 9.09
C THR A 44 -13.86 8.33 9.79
N SER A 45 -12.94 8.27 10.73
CA SER A 45 -12.54 9.43 11.49
C SER A 45 -11.70 10.40 10.65
N ILE A 46 -11.04 9.87 9.62
CA ILE A 46 -10.18 10.68 8.76
C ILE A 46 -10.87 11.05 7.45
N LEU A 47 -11.49 10.06 6.81
CA LEU A 47 -12.16 10.27 5.54
C LEU A 47 -13.48 10.99 5.73
N GLY A 48 -14.08 10.81 6.90
CA GLY A 48 -15.34 11.46 7.20
C GLY A 48 -16.50 10.88 6.43
N ASN A 49 -16.36 9.63 5.99
CA ASN A 49 -17.41 8.97 5.23
C ASN A 49 -17.28 7.46 5.35
N ALA A 50 -18.37 6.82 5.79
CA ALA A 50 -18.40 5.38 5.98
C ALA A 50 -18.11 4.61 4.69
N ALA A 51 -18.67 5.09 3.58
CA ALA A 51 -18.48 4.44 2.29
C ALA A 51 -17.01 4.45 1.90
N ASN A 52 -16.43 5.62 1.95
CA ASN A 52 -15.02 5.80 1.62
C ASN A 52 -14.16 4.96 2.53
N ALA A 53 -14.53 4.91 3.82
CA ALA A 53 -13.79 4.15 4.80
C ALA A 53 -13.82 2.67 4.50
N LYS A 54 -15.01 2.13 4.29
CA LYS A 54 -15.16 0.72 3.98
C LYS A 54 -14.48 0.36 2.67
N GLN A 55 -14.74 1.15 1.64
CA GLN A 55 -14.15 0.91 0.32
C GLN A 55 -12.62 0.98 0.34
N LEU A 56 -12.08 1.95 1.07
CA LEU A 56 -10.63 2.11 1.17
C LEU A 56 -10.02 0.96 1.97
N TYR A 57 -10.58 0.71 3.15
CA TYR A 57 -10.09 -0.36 4.02
C TYR A 57 -10.29 -1.73 3.36
N ASP A 58 -11.32 -1.83 2.54
CA ASP A 58 -11.64 -3.07 1.85
C ASP A 58 -10.49 -3.50 0.96
N PHE A 59 -9.97 -2.59 0.17
CA PHE A 59 -8.86 -2.89 -0.73
C PHE A 59 -7.62 -3.32 0.06
N ILE A 60 -7.38 -2.62 1.16
CA ILE A 60 -6.24 -2.93 2.03
C ILE A 60 -6.38 -4.35 2.59
N HIS A 61 -7.62 -4.75 2.80
CA HIS A 61 -7.95 -6.06 3.35
C HIS A 61 -8.25 -7.09 2.25
N THR A 62 -8.14 -6.68 0.99
CA THR A 62 -8.43 -7.56 -0.13
C THR A 62 -7.23 -8.47 -0.44
N SER A 63 -7.43 -9.78 -0.26
CA SER A 63 -6.38 -10.75 -0.53
C SER A 63 -6.04 -10.77 -2.02
N PHE A 64 -4.80 -11.15 -2.33
CA PHE A 64 -4.36 -11.21 -3.72
C PHE A 64 -5.20 -12.18 -4.52
N ALA A 65 -5.68 -13.21 -3.86
CA ALA A 65 -6.49 -14.22 -4.50
C ALA A 65 -7.73 -14.51 -3.70
N GLU A 66 -8.82 -14.74 -4.39
CA GLU A 66 -10.07 -15.07 -3.76
C GLU A 66 -10.04 -16.54 -3.35
N VAL A 67 -9.32 -17.30 -4.15
CA VAL A 67 -9.13 -18.73 -3.95
C VAL A 67 -7.68 -19.08 -4.23
N GLU B 1 -5.63 -19.74 -7.21
CA GLU B 1 -5.03 -19.09 -8.41
C GLU B 1 -5.91 -17.96 -8.93
N LYS B 2 -6.86 -17.52 -8.11
CA LYS B 2 -7.80 -16.46 -8.50
C LYS B 2 -7.20 -15.06 -8.37
N TYR B 3 -5.87 -15.00 -8.26
CA TYR B 3 -5.15 -13.72 -8.11
C TYR B 3 -5.63 -12.69 -9.11
N ASN B 4 -6.41 -11.73 -8.61
CA ASN B 4 -6.96 -10.67 -9.44
C ASN B 4 -5.99 -9.50 -9.58
N PRO B 5 -6.11 -8.72 -10.67
CA PRO B 5 -5.26 -7.56 -10.96
C PRO B 5 -5.47 -6.38 -10.01
N GLY B 6 -6.09 -6.64 -8.89
CA GLY B 6 -6.32 -5.60 -7.91
C GLY B 6 -5.09 -5.41 -7.03
N PRO B 7 -5.06 -6.05 -5.86
CA PRO B 7 -3.91 -5.96 -4.94
C PRO B 7 -2.66 -6.58 -5.54
N GLN B 8 -2.85 -7.53 -6.47
CA GLN B 8 -1.73 -8.18 -7.12
C GLN B 8 -0.96 -7.19 -8.00
N ASP B 9 -1.70 -6.31 -8.65
CA ASP B 9 -1.12 -5.28 -9.52
C ASP B 9 -0.42 -4.23 -8.67
N PHE B 10 -0.97 -3.99 -7.50
CA PHE B 10 -0.44 -3.02 -6.56
C PHE B 10 1.01 -3.32 -6.22
N LEU B 11 1.35 -4.60 -6.19
CA LEU B 11 2.70 -5.03 -5.90
C LEU B 11 3.65 -4.57 -7.00
N LEU B 12 3.28 -4.85 -8.24
CA LEU B 12 4.10 -4.49 -9.40
C LEU B 12 4.05 -3.00 -9.67
N LYS B 13 3.18 -2.29 -8.95
CA LYS B 13 3.05 -0.85 -9.11
C LYS B 13 4.17 -0.15 -8.34
N MET B 14 4.98 -0.96 -7.66
CA MET B 14 6.11 -0.45 -6.90
C MET B 14 7.36 -0.44 -7.76
N PRO B 15 8.29 0.47 -7.47
CA PRO B 15 9.54 0.58 -8.25
C PRO B 15 10.49 -0.60 -8.06
N GLY B 16 10.27 -1.38 -7.01
CA GLY B 16 11.15 -2.50 -6.76
C GLY B 16 10.46 -3.85 -6.77
N VAL B 17 9.49 -4.01 -7.66
CA VAL B 17 8.77 -5.27 -7.77
C VAL B 17 8.57 -5.66 -9.23
N ASN B 18 8.69 -6.95 -9.49
CA ASN B 18 8.53 -7.51 -10.82
C ASN B 18 7.77 -8.82 -10.68
N ALA B 19 7.31 -9.38 -11.79
CA ALA B 19 6.56 -10.62 -11.76
C ALA B 19 7.34 -11.76 -11.09
N LYS B 20 8.65 -11.73 -11.20
CA LYS B 20 9.50 -12.77 -10.64
C LYS B 20 9.42 -12.84 -9.11
N ASN B 21 9.61 -11.72 -8.44
CA ASN B 21 9.58 -11.69 -6.98
C ASN B 21 8.17 -11.43 -6.46
N CYS B 22 7.27 -11.09 -7.38
CA CYS B 22 5.89 -10.82 -7.02
C CYS B 22 5.21 -12.08 -6.49
N ARG B 23 5.49 -13.22 -7.13
CA ARG B 23 4.91 -14.49 -6.71
C ARG B 23 5.28 -14.81 -5.26
N SER B 24 6.51 -14.53 -4.90
CA SER B 24 6.96 -14.79 -3.54
C SER B 24 6.37 -13.77 -2.58
N LEU B 25 6.33 -12.51 -3.03
CA LEU B 25 5.81 -11.41 -2.22
C LEU B 25 4.36 -11.67 -1.79
N MET B 26 3.49 -11.93 -2.76
CA MET B 26 2.08 -12.19 -2.46
C MET B 26 1.91 -13.44 -1.64
N HIS B 27 2.82 -14.37 -1.79
CA HIS B 27 2.77 -15.61 -1.04
C HIS B 27 3.25 -15.36 0.40
N HIS B 28 4.00 -14.29 0.59
CA HIS B 28 4.54 -13.97 1.91
C HIS B 28 3.74 -12.90 2.65
N VAL B 29 2.75 -12.31 1.99
CA VAL B 29 1.93 -11.31 2.65
C VAL B 29 0.45 -11.57 2.35
N LYS B 30 -0.43 -11.24 3.30
CA LYS B 30 -1.87 -11.43 3.12
C LYS B 30 -2.37 -10.57 1.98
N ASN B 31 -1.92 -9.33 1.99
CA ASN B 31 -2.28 -8.35 1.00
C ASN B 31 -1.49 -7.08 1.27
N ILE B 32 -2.13 -5.94 1.18
CA ILE B 32 -1.47 -4.67 1.40
C ILE B 32 -1.02 -4.52 2.85
N ALA B 33 -1.81 -5.04 3.77
CA ALA B 33 -1.49 -4.97 5.20
C ALA B 33 -0.12 -5.56 5.49
N GLU B 34 0.11 -6.80 5.08
CA GLU B 34 1.40 -7.45 5.31
C GLU B 34 2.47 -6.88 4.38
N LEU B 35 2.05 -6.43 3.20
CA LEU B 35 2.97 -5.82 2.24
C LEU B 35 3.69 -4.63 2.87
N ALA B 36 2.91 -3.74 3.49
CA ALA B 36 3.47 -2.56 4.14
C ALA B 36 4.05 -2.91 5.50
N ALA B 37 3.72 -4.11 5.99
CA ALA B 37 4.18 -4.58 7.29
C ALA B 37 5.59 -5.16 7.19
N LEU B 38 6.05 -5.39 5.97
CA LEU B 38 7.36 -5.95 5.73
C LEU B 38 8.48 -4.94 6.03
N SER B 39 9.61 -5.45 6.47
CA SER B 39 10.78 -4.63 6.78
C SER B 39 11.84 -4.83 5.70
N GLN B 40 12.85 -3.97 5.66
CA GLN B 40 13.91 -4.07 4.67
C GLN B 40 14.55 -5.46 4.70
N ASP B 41 14.72 -6.00 5.91
CA ASP B 41 15.30 -7.33 6.08
C ASP B 41 14.35 -8.39 5.56
N GLU B 42 13.06 -8.18 5.80
CA GLU B 42 12.03 -9.11 5.35
C GLU B 42 11.97 -9.14 3.83
N LEU B 43 12.04 -7.95 3.23
CA LEU B 43 11.95 -7.84 1.77
C LEU B 43 13.05 -8.64 1.09
N THR B 44 14.25 -8.61 1.60
CA THR B 44 15.34 -9.36 0.99
C THR B 44 15.12 -10.86 1.10
N SER B 45 14.52 -11.28 2.21
CA SER B 45 14.24 -12.68 2.45
C SER B 45 13.09 -13.18 1.57
N ILE B 46 12.24 -12.27 1.13
CA ILE B 46 11.09 -12.62 0.30
C ILE B 46 11.36 -12.36 -1.18
N LEU B 47 11.77 -11.14 -1.49
CA LEU B 47 12.05 -10.75 -2.87
C LEU B 47 13.27 -11.49 -3.41
N GLY B 48 14.22 -11.75 -2.53
CA GLY B 48 15.43 -12.46 -2.92
C GLY B 48 16.45 -11.56 -3.57
N ASN B 49 16.31 -10.26 -3.37
CA ASN B 49 17.24 -9.30 -3.96
C ASN B 49 17.26 -8.02 -3.15
N ALA B 50 18.47 -7.58 -2.79
CA ALA B 50 18.66 -6.38 -1.98
C ALA B 50 18.18 -5.11 -2.70
N ALA B 51 18.45 -5.04 -4.00
CA ALA B 51 18.04 -3.87 -4.78
C ALA B 51 16.53 -3.73 -4.80
N ASN B 52 15.86 -4.85 -5.05
CA ASN B 52 14.41 -4.90 -5.09
C ASN B 52 13.83 -4.59 -3.72
N ALA B 53 14.51 -5.06 -2.68
CA ALA B 53 14.06 -4.83 -1.30
C ALA B 53 14.15 -3.37 -0.96
N LYS B 54 15.29 -2.79 -1.27
CA LYS B 54 15.54 -1.38 -1.03
C LYS B 54 14.50 -0.52 -1.75
N GLN B 55 14.24 -0.85 -3.00
CA GLN B 55 13.28 -0.11 -3.82
C GLN B 55 11.86 -0.26 -3.30
N LEU B 56 11.47 -1.47 -2.91
CA LEU B 56 10.12 -1.71 -2.42
C LEU B 56 9.92 -1.04 -1.06
N TYR B 57 10.83 -1.30 -0.11
CA TYR B 57 10.72 -0.72 1.22
C TYR B 57 10.81 0.80 1.14
N ASP B 58 11.54 1.29 0.15
CA ASP B 58 11.70 2.72 -0.06
C ASP B 58 10.35 3.39 -0.24
N PHE B 59 9.58 2.88 -1.20
CA PHE B 59 8.26 3.41 -1.51
C PHE B 59 7.33 3.30 -0.31
N ILE B 60 7.38 2.16 0.36
CA ILE B 60 6.55 1.93 1.54
C ILE B 60 6.85 2.96 2.62
N HIS B 61 8.11 3.39 2.67
CA HIS B 61 8.56 4.38 3.65
C HIS B 61 8.83 5.74 2.99
N THR B 62 8.04 6.07 1.98
CA THR B 62 8.19 7.33 1.28
C THR B 62 7.11 8.33 1.69
N SER B 63 7.51 9.36 2.41
CA SER B 63 6.59 10.39 2.85
C SER B 63 5.97 11.08 1.63
N PHE B 64 4.67 11.37 1.72
CA PHE B 64 3.95 12.00 0.62
C PHE B 64 4.61 13.28 0.13
N ALA B 65 4.94 14.18 1.03
CA ALA B 65 5.57 15.43 0.64
C ALA B 65 7.04 15.46 1.03
N GLU B 66 7.82 16.16 0.23
CA GLU B 66 9.25 16.29 0.45
C GLU B 66 9.54 17.27 1.58
N VAL B 67 9.29 16.84 2.81
CA VAL B 67 9.55 17.66 3.98
C VAL B 67 11.00 17.52 4.39
N GLU A 1 2.89 21.76 -4.88
CA GLU A 1 3.50 21.30 -3.62
C GLU A 1 4.55 20.23 -3.91
N LYS A 2 5.08 19.61 -2.86
CA LYS A 2 6.11 18.59 -3.02
C LYS A 2 5.54 17.17 -2.95
N TYR A 3 4.23 17.05 -3.04
CA TYR A 3 3.58 15.75 -2.98
C TYR A 3 3.85 14.97 -4.27
N ASN A 4 4.80 14.05 -4.18
CA ASN A 4 5.20 13.22 -5.31
C ASN A 4 4.06 12.34 -5.79
N PRO A 5 3.96 12.14 -7.12
CA PRO A 5 2.90 11.31 -7.73
C PRO A 5 3.05 9.82 -7.44
N GLY A 6 3.88 9.49 -6.48
CA GLY A 6 4.08 8.11 -6.12
C GLY A 6 3.10 7.67 -5.04
N PRO A 7 3.47 7.81 -3.76
CA PRO A 7 2.61 7.42 -2.64
C PRO A 7 1.33 8.25 -2.58
N GLN A 8 1.42 9.51 -3.01
CA GLN A 8 0.27 10.40 -3.01
C GLN A 8 -0.79 9.89 -3.97
N ASP A 9 -0.34 9.45 -5.14
CA ASP A 9 -1.25 8.92 -6.15
C ASP A 9 -1.80 7.58 -5.70
N PHE A 10 -0.95 6.83 -5.01
CA PHE A 10 -1.30 5.51 -4.50
C PHE A 10 -2.57 5.56 -3.66
N LEU A 11 -2.73 6.66 -2.92
CA LEU A 11 -3.89 6.86 -2.08
C LEU A 11 -5.16 6.93 -2.93
N LEU A 12 -5.10 7.73 -3.99
CA LEU A 12 -6.24 7.92 -4.87
C LEU A 12 -6.46 6.71 -5.78
N LYS A 13 -5.54 5.75 -5.75
CA LYS A 13 -5.67 4.55 -6.56
C LYS A 13 -6.66 3.60 -5.94
N MET A 14 -7.02 3.89 -4.70
CA MET A 14 -7.97 3.07 -3.96
C MET A 14 -9.40 3.41 -4.38
N PRO A 15 -10.30 2.43 -4.31
CA PRO A 15 -11.71 2.62 -4.69
C PRO A 15 -12.51 3.49 -3.71
N GLY A 16 -11.85 3.96 -2.66
CA GLY A 16 -12.53 4.77 -1.68
C GLY A 16 -11.76 6.00 -1.28
N VAL A 17 -11.02 6.59 -2.21
CA VAL A 17 -10.24 7.78 -1.93
C VAL A 17 -10.34 8.79 -3.07
N ASN A 18 -10.44 10.06 -2.68
CA ASN A 18 -10.54 11.16 -3.62
C ASN A 18 -9.57 12.25 -3.17
N ALA A 19 -9.37 13.27 -3.98
CA ALA A 19 -8.43 14.33 -3.62
C ALA A 19 -8.90 15.10 -2.38
N LYS A 20 -10.21 15.13 -2.16
CA LYS A 20 -10.79 15.86 -1.03
C LYS A 20 -10.47 15.22 0.33
N ASN A 21 -10.47 13.90 0.41
CA ASN A 21 -10.19 13.24 1.68
C ASN A 21 -8.76 12.74 1.72
N CYS A 22 -8.06 12.88 0.60
CA CYS A 22 -6.67 12.45 0.50
C CYS A 22 -5.79 13.34 1.37
N ARG A 23 -6.14 14.63 1.44
CA ARG A 23 -5.40 15.61 2.23
C ARG A 23 -5.22 15.14 3.67
N SER A 24 -6.29 14.67 4.27
CA SER A 24 -6.26 14.20 5.65
C SER A 24 -5.57 12.86 5.76
N LEU A 25 -5.79 12.00 4.78
CA LEU A 25 -5.19 10.68 4.78
C LEU A 25 -3.67 10.78 4.87
N MET A 26 -3.09 11.58 3.99
CA MET A 26 -1.64 11.79 3.97
C MET A 26 -1.15 12.53 5.20
N HIS A 27 -2.01 13.36 5.75
CA HIS A 27 -1.65 14.11 6.96
C HIS A 27 -1.78 13.24 8.19
N HIS A 28 -2.52 12.15 8.06
CA HIS A 28 -2.75 11.25 9.18
C HIS A 28 -1.76 10.09 9.18
N VAL A 29 -1.24 9.75 8.03
CA VAL A 29 -0.29 8.63 7.94
C VAL A 29 1.05 9.09 7.36
N LYS A 30 2.12 8.36 7.69
CA LYS A 30 3.46 8.69 7.19
C LYS A 30 3.52 8.50 5.69
N ASN A 31 2.99 7.38 5.25
CA ASN A 31 2.97 7.01 3.86
C ASN A 31 2.16 5.72 3.71
N ILE A 32 2.73 4.71 3.08
CA ILE A 32 2.05 3.46 2.87
C ILE A 32 1.96 2.64 4.16
N ALA A 33 3.01 2.73 4.98
CA ALA A 33 3.07 1.99 6.24
C ALA A 33 1.87 2.31 7.14
N GLU A 34 1.65 3.59 7.41
CA GLU A 34 0.54 4.02 8.25
C GLU A 34 -0.79 3.88 7.49
N LEU A 35 -0.74 4.05 6.17
CA LEU A 35 -1.93 3.94 5.33
C LEU A 35 -2.59 2.57 5.52
N ALA A 36 -1.78 1.52 5.46
CA ALA A 36 -2.28 0.16 5.62
C ALA A 36 -2.45 -0.18 7.11
N ALA A 37 -1.90 0.67 7.96
CA ALA A 37 -1.99 0.48 9.41
C ALA A 37 -3.33 0.98 9.95
N LEU A 38 -4.02 1.78 9.15
CA LEU A 38 -5.31 2.33 9.55
C LEU A 38 -6.38 1.26 9.65
N SER A 39 -7.30 1.44 10.60
CA SER A 39 -8.40 0.52 10.82
C SER A 39 -9.69 1.16 10.32
N GLN A 40 -10.73 0.34 10.13
CA GLN A 40 -12.02 0.83 9.62
C GLN A 40 -12.52 2.03 10.42
N ASP A 41 -12.43 1.93 11.74
CA ASP A 41 -12.87 3.00 12.62
C ASP A 41 -12.04 4.25 12.37
N GLU A 42 -10.74 4.06 12.21
CA GLU A 42 -9.82 5.15 11.95
C GLU A 42 -10.14 5.81 10.61
N LEU A 43 -10.42 5.00 9.60
CA LEU A 43 -10.73 5.54 8.27
C LEU A 43 -11.88 6.52 8.33
N THR A 44 -12.94 6.16 9.02
CA THR A 44 -14.10 7.03 9.14
C THR A 44 -13.76 8.32 9.87
N SER A 45 -12.82 8.23 10.80
CA SER A 45 -12.39 9.38 11.57
C SER A 45 -11.54 10.34 10.74
N ILE A 46 -10.81 9.80 9.76
CA ILE A 46 -9.95 10.62 8.90
C ILE A 46 -10.70 11.11 7.67
N LEU A 47 -11.33 10.18 6.97
CA LEU A 47 -12.06 10.47 5.75
C LEU A 47 -13.37 11.19 6.05
N GLY A 48 -13.95 10.85 7.19
CA GLY A 48 -15.21 11.46 7.59
C GLY A 48 -16.39 10.93 6.82
N ASN A 49 -16.21 9.77 6.19
CA ASN A 49 -17.27 9.16 5.42
C ASN A 49 -17.16 7.63 5.46
N ALA A 50 -18.24 6.99 5.89
CA ALA A 50 -18.29 5.54 6.02
C ALA A 50 -18.04 4.82 4.71
N ALA A 51 -18.61 5.35 3.62
CA ALA A 51 -18.46 4.74 2.30
C ALA A 51 -17.01 4.73 1.87
N ASN A 52 -16.38 5.89 1.97
CA ASN A 52 -14.99 6.04 1.61
C ASN A 52 -14.10 5.16 2.50
N ALA A 53 -14.48 5.08 3.77
CA ALA A 53 -13.73 4.29 4.74
C ALA A 53 -13.81 2.80 4.41
N LYS A 54 -15.02 2.31 4.20
CA LYS A 54 -15.24 0.91 3.89
C LYS A 54 -14.54 0.53 2.58
N GLN A 55 -14.69 1.38 1.58
CA GLN A 55 -14.08 1.13 0.28
C GLN A 55 -12.55 1.08 0.39
N LEU A 56 -11.97 2.02 1.12
CA LEU A 56 -10.52 2.08 1.29
C LEU A 56 -10.04 0.89 2.14
N TYR A 57 -10.67 0.70 3.29
CA TYR A 57 -10.31 -0.38 4.19
C TYR A 57 -10.46 -1.74 3.52
N ASP A 58 -11.47 -1.86 2.66
CA ASP A 58 -11.73 -3.10 1.96
C ASP A 58 -10.52 -3.50 1.12
N PHE A 59 -10.05 -2.56 0.30
CA PHE A 59 -8.90 -2.81 -0.57
C PHE A 59 -7.66 -3.14 0.25
N ILE A 60 -7.45 -2.40 1.33
CA ILE A 60 -6.29 -2.61 2.20
C ILE A 60 -6.28 -4.05 2.73
N HIS A 61 -7.47 -4.59 2.92
CA HIS A 61 -7.60 -5.95 3.43
C HIS A 61 -8.12 -6.91 2.37
N THR A 62 -7.94 -6.56 1.10
CA THR A 62 -8.37 -7.42 0.01
C THR A 62 -7.29 -8.43 -0.33
N SER A 63 -7.53 -9.69 0.03
CA SER A 63 -6.58 -10.75 -0.24
C SER A 63 -6.38 -10.90 -1.74
N PHE A 64 -5.16 -11.22 -2.15
CA PHE A 64 -4.81 -11.38 -3.55
C PHE A 64 -5.71 -12.40 -4.24
N ALA A 65 -5.81 -13.58 -3.66
CA ALA A 65 -6.63 -14.63 -4.23
C ALA A 65 -7.28 -15.49 -3.19
N GLU A 66 -8.45 -15.97 -3.54
CA GLU A 66 -9.22 -16.86 -2.70
C GLU A 66 -8.93 -18.28 -3.14
N VAL A 67 -8.53 -19.13 -2.20
CA VAL A 67 -8.21 -20.53 -2.48
C VAL A 67 -6.91 -20.65 -3.26
N GLU B 1 -7.43 -18.80 -6.57
CA GLU B 1 -6.74 -18.85 -7.88
C GLU B 1 -7.06 -17.61 -8.72
N LYS B 2 -8.11 -16.88 -8.34
CA LYS B 2 -8.54 -15.68 -9.05
C LYS B 2 -7.41 -14.65 -9.22
N TYR B 3 -6.96 -14.09 -8.10
CA TYR B 3 -5.90 -13.07 -8.10
C TYR B 3 -6.38 -11.84 -8.85
N ASN B 4 -7.24 -11.06 -8.20
CA ASN B 4 -7.77 -9.85 -8.78
C ASN B 4 -6.66 -8.87 -9.12
N PRO B 5 -6.79 -8.17 -10.28
CA PRO B 5 -5.80 -7.19 -10.75
C PRO B 5 -5.76 -5.93 -9.90
N GLY B 6 -6.26 -6.04 -8.69
CA GLY B 6 -6.25 -4.91 -7.78
C GLY B 6 -5.02 -4.97 -6.88
N PRO B 7 -5.09 -5.73 -5.77
CA PRO B 7 -3.96 -5.85 -4.84
C PRO B 7 -2.76 -6.55 -5.48
N GLN B 8 -3.04 -7.50 -6.37
CA GLN B 8 -1.98 -8.24 -7.06
C GLN B 8 -1.19 -7.32 -7.98
N ASP B 9 -1.90 -6.45 -8.69
CA ASP B 9 -1.27 -5.51 -9.60
C ASP B 9 -0.61 -4.38 -8.82
N PHE B 10 -1.19 -4.08 -7.67
CA PHE B 10 -0.70 -3.02 -6.78
C PHE B 10 0.76 -3.29 -6.42
N LEU B 11 1.10 -4.56 -6.27
CA LEU B 11 2.46 -4.95 -5.95
C LEU B 11 3.41 -4.54 -7.06
N LEU B 12 3.01 -4.86 -8.30
CA LEU B 12 3.82 -4.57 -9.47
C LEU B 12 3.89 -3.08 -9.79
N LYS B 13 3.17 -2.27 -9.03
CA LYS B 13 3.18 -0.81 -9.22
C LYS B 13 4.35 -0.18 -8.49
N MET B 14 5.08 -1.00 -7.76
CA MET B 14 6.23 -0.54 -6.98
C MET B 14 7.48 -0.44 -7.86
N PRO B 15 8.48 0.35 -7.44
CA PRO B 15 9.73 0.52 -8.20
C PRO B 15 10.71 -0.64 -8.01
N GLY B 16 10.39 -1.54 -7.09
CA GLY B 16 11.24 -2.69 -6.84
C GLY B 16 10.46 -3.97 -6.86
N VAL B 17 9.74 -4.19 -7.95
CA VAL B 17 8.91 -5.37 -8.09
C VAL B 17 8.84 -5.83 -9.54
N ASN B 18 8.62 -7.13 -9.72
CA ASN B 18 8.47 -7.75 -11.01
C ASN B 18 7.61 -8.98 -10.78
N ALA B 19 7.24 -9.70 -11.82
CA ALA B 19 6.40 -10.88 -11.63
C ALA B 19 7.18 -12.01 -10.95
N LYS B 20 8.51 -11.95 -11.05
CA LYS B 20 9.38 -12.98 -10.46
C LYS B 20 9.32 -13.00 -8.93
N ASN B 21 9.35 -11.83 -8.32
CA ASN B 21 9.32 -11.74 -6.86
C ASN B 21 7.90 -11.48 -6.37
N CYS B 22 7.01 -11.15 -7.29
CA CYS B 22 5.61 -10.89 -6.94
C CYS B 22 4.94 -12.15 -6.41
N ARG B 23 5.30 -13.30 -6.98
CA ARG B 23 4.73 -14.59 -6.57
C ARG B 23 4.95 -14.83 -5.07
N SER B 24 6.16 -14.60 -4.61
CA SER B 24 6.48 -14.79 -3.21
C SER B 24 5.92 -13.68 -2.34
N LEU B 25 5.96 -12.46 -2.87
CA LEU B 25 5.45 -11.30 -2.15
C LEU B 25 4.01 -11.52 -1.70
N MET B 26 3.16 -11.89 -2.66
CA MET B 26 1.75 -12.12 -2.37
C MET B 26 1.54 -13.37 -1.53
N HIS B 27 2.44 -14.33 -1.67
CA HIS B 27 2.33 -15.57 -0.91
C HIS B 27 2.83 -15.37 0.50
N HIS B 28 3.61 -14.31 0.70
CA HIS B 28 4.18 -14.02 2.02
C HIS B 28 3.32 -13.04 2.80
N VAL B 29 2.58 -12.20 2.11
CA VAL B 29 1.73 -11.22 2.79
C VAL B 29 0.26 -11.50 2.52
N LYS B 30 -0.62 -11.06 3.41
CA LYS B 30 -2.05 -11.26 3.22
C LYS B 30 -2.55 -10.45 2.03
N ASN B 31 -2.12 -9.21 2.01
CA ASN B 31 -2.49 -8.27 0.98
C ASN B 31 -1.71 -6.98 1.21
N ILE B 32 -2.37 -5.84 1.12
CA ILE B 32 -1.71 -4.56 1.28
C ILE B 32 -1.23 -4.36 2.72
N ALA B 33 -2.02 -4.89 3.67
CA ALA B 33 -1.69 -4.78 5.10
C ALA B 33 -0.30 -5.34 5.40
N GLU B 34 -0.07 -6.59 5.01
CA GLU B 34 1.22 -7.23 5.24
C GLU B 34 2.28 -6.67 4.29
N LEU B 35 1.85 -6.27 3.10
CA LEU B 35 2.74 -5.70 2.09
C LEU B 35 3.51 -4.52 2.66
N ALA B 36 2.80 -3.61 3.32
CA ALA B 36 3.42 -2.44 3.92
C ALA B 36 4.03 -2.76 5.28
N ALA B 37 3.66 -3.91 5.82
CA ALA B 37 4.16 -4.36 7.12
C ALA B 37 5.57 -4.91 7.01
N LEU B 38 5.96 -5.26 5.80
CA LEU B 38 7.28 -5.82 5.53
C LEU B 38 8.40 -4.81 5.76
N SER B 39 9.52 -5.30 6.27
CA SER B 39 10.68 -4.48 6.54
C SER B 39 11.75 -4.77 5.49
N GLN B 40 12.75 -3.91 5.36
CA GLN B 40 13.82 -4.08 4.38
C GLN B 40 14.45 -5.47 4.46
N ASP B 41 14.75 -5.91 5.68
CA ASP B 41 15.35 -7.22 5.89
C ASP B 41 14.37 -8.32 5.49
N GLU B 42 13.09 -8.06 5.74
CA GLU B 42 12.05 -9.00 5.39
C GLU B 42 11.95 -9.14 3.88
N LEU B 43 12.04 -8.00 3.20
CA LEU B 43 11.92 -7.99 1.74
C LEU B 43 13.00 -8.84 1.10
N THR B 44 14.23 -8.76 1.61
CA THR B 44 15.33 -9.55 1.06
C THR B 44 15.07 -11.04 1.26
N SER B 45 14.39 -11.36 2.35
CA SER B 45 14.07 -12.73 2.69
C SER B 45 12.96 -13.28 1.79
N ILE B 46 12.16 -12.38 1.21
CA ILE B 46 11.05 -12.79 0.34
C ILE B 46 11.40 -12.64 -1.13
N LEU B 47 11.80 -11.43 -1.51
CA LEU B 47 12.14 -11.12 -2.90
C LEU B 47 13.39 -11.86 -3.34
N GLY B 48 14.34 -12.00 -2.42
CA GLY B 48 15.58 -12.70 -2.74
C GLY B 48 16.60 -11.80 -3.41
N ASN B 49 16.39 -10.49 -3.31
CA ASN B 49 17.29 -9.54 -3.92
C ASN B 49 17.32 -8.24 -3.13
N ALA B 50 18.52 -7.84 -2.72
CA ALA B 50 18.71 -6.63 -1.93
C ALA B 50 18.26 -5.37 -2.67
N ALA B 51 18.56 -5.31 -3.96
CA ALA B 51 18.21 -4.15 -4.77
C ALA B 51 16.69 -3.98 -4.82
N ASN B 52 16.00 -5.05 -5.16
CA ASN B 52 14.55 -5.04 -5.24
C ASN B 52 13.95 -4.75 -3.88
N ALA B 53 14.58 -5.28 -2.84
CA ALA B 53 14.12 -5.09 -1.47
C ALA B 53 14.22 -3.63 -1.07
N LYS B 54 15.38 -3.03 -1.31
CA LYS B 54 15.60 -1.63 -0.98
C LYS B 54 14.64 -0.74 -1.75
N GLN B 55 14.44 -1.07 -3.02
CA GLN B 55 13.54 -0.30 -3.89
C GLN B 55 12.09 -0.43 -3.44
N LEU B 56 11.67 -1.66 -3.15
CA LEU B 56 10.31 -1.92 -2.71
C LEU B 56 10.03 -1.25 -1.36
N TYR B 57 10.89 -1.51 -0.38
CA TYR B 57 10.72 -0.94 0.95
C TYR B 57 10.85 0.58 0.92
N ASP B 58 11.60 1.07 -0.07
CA ASP B 58 11.81 2.50 -0.21
C ASP B 58 10.49 3.22 -0.47
N PHE B 59 9.73 2.72 -1.44
CA PHE B 59 8.44 3.29 -1.80
C PHE B 59 7.49 3.25 -0.61
N ILE B 60 7.48 2.13 0.10
CA ILE B 60 6.63 1.97 1.26
C ILE B 60 6.99 2.98 2.35
N HIS B 61 8.26 3.33 2.41
CA HIS B 61 8.77 4.29 3.40
C HIS B 61 8.92 5.69 2.77
N THR B 62 8.33 5.89 1.60
CA THR B 62 8.43 7.16 0.90
C THR B 62 7.30 8.09 1.33
N SER B 63 7.66 9.21 1.91
CA SER B 63 6.69 10.20 2.36
C SER B 63 5.96 10.81 1.17
N PHE B 64 4.71 11.19 1.36
CA PHE B 64 3.92 11.79 0.30
C PHE B 64 4.59 13.06 -0.21
N ALA B 65 5.09 13.85 0.72
CA ALA B 65 5.78 15.08 0.38
C ALA B 65 7.20 15.05 0.90
N GLU B 66 8.15 15.49 0.08
CA GLU B 66 9.56 15.54 0.44
C GLU B 66 10.15 14.13 0.56
N VAL B 67 10.91 13.74 -0.45
CA VAL B 67 11.54 12.42 -0.48
C VAL B 67 12.84 12.43 0.31
N GLU A 1 2.47 21.61 -5.71
CA GLU A 1 2.33 20.89 -4.42
C GLU A 1 3.57 20.04 -4.14
N LYS A 2 3.87 19.81 -2.87
CA LYS A 2 5.02 19.01 -2.48
C LYS A 2 4.63 17.56 -2.30
N TYR A 3 3.38 17.27 -2.58
CA TYR A 3 2.84 15.92 -2.45
C TYR A 3 3.27 15.08 -3.64
N ASN A 4 4.36 14.35 -3.47
CA ASN A 4 4.90 13.47 -4.50
C ASN A 4 3.82 12.58 -5.10
N PRO A 5 3.83 12.42 -6.43
CA PRO A 5 2.84 11.59 -7.17
C PRO A 5 3.00 10.10 -6.94
N GLY A 6 3.80 9.75 -5.96
CA GLY A 6 4.00 8.36 -5.64
C GLY A 6 2.99 7.90 -4.59
N PRO A 7 3.30 8.11 -3.30
CA PRO A 7 2.40 7.72 -2.20
C PRO A 7 1.08 8.48 -2.23
N GLN A 8 1.11 9.75 -2.67
CA GLN A 8 -0.09 10.57 -2.74
C GLN A 8 -1.08 9.99 -3.75
N ASP A 9 -0.56 9.60 -4.90
CA ASP A 9 -1.37 9.02 -5.97
C ASP A 9 -1.85 7.63 -5.57
N PHE A 10 -1.02 6.95 -4.79
CA PHE A 10 -1.31 5.60 -4.34
C PHE A 10 -2.61 5.56 -3.54
N LEU A 11 -2.89 6.63 -2.81
CA LEU A 11 -4.10 6.72 -2.01
C LEU A 11 -5.35 6.74 -2.90
N LEU A 12 -5.32 7.55 -3.94
CA LEU A 12 -6.46 7.68 -4.83
C LEU A 12 -6.61 6.48 -5.76
N LYS A 13 -5.64 5.57 -5.73
CA LYS A 13 -5.70 4.37 -6.56
C LYS A 13 -6.63 3.35 -5.93
N MET A 14 -7.02 3.62 -4.69
CA MET A 14 -7.91 2.75 -3.94
C MET A 14 -9.35 2.98 -4.36
N PRO A 15 -10.20 1.95 -4.23
CA PRO A 15 -11.62 2.05 -4.62
C PRO A 15 -12.47 2.80 -3.60
N GLY A 16 -11.84 3.32 -2.56
CA GLY A 16 -12.57 4.05 -1.55
C GLY A 16 -11.86 5.32 -1.12
N VAL A 17 -11.17 5.96 -2.05
CA VAL A 17 -10.46 7.20 -1.75
C VAL A 17 -10.62 8.21 -2.88
N ASN A 18 -10.74 9.47 -2.49
CA ASN A 18 -10.89 10.59 -3.40
C ASN A 18 -10.06 11.73 -2.82
N ALA A 19 -9.95 12.85 -3.52
CA ALA A 19 -9.17 13.96 -3.01
C ALA A 19 -9.79 14.59 -1.77
N LYS A 20 -11.10 14.40 -1.60
CA LYS A 20 -11.82 14.97 -0.46
C LYS A 20 -11.30 14.42 0.87
N ASN A 21 -11.13 13.11 0.93
CA ASN A 21 -10.66 12.45 2.14
C ASN A 21 -9.16 12.16 2.06
N CYS A 22 -8.58 12.36 0.86
CA CYS A 22 -7.16 12.11 0.66
C CYS A 22 -6.34 13.06 1.53
N ARG A 23 -6.72 14.34 1.54
CA ARG A 23 -6.02 15.36 2.33
C ARG A 23 -5.93 14.95 3.80
N SER A 24 -7.03 14.43 4.33
CA SER A 24 -7.07 14.00 5.70
C SER A 24 -6.31 12.69 5.90
N LEU A 25 -6.43 11.80 4.92
CA LEU A 25 -5.75 10.51 4.98
C LEU A 25 -4.24 10.72 5.12
N MET A 26 -3.67 11.47 4.20
CA MET A 26 -2.24 11.75 4.22
C MET A 26 -1.83 12.54 5.46
N HIS A 27 -2.77 13.31 5.98
CA HIS A 27 -2.50 14.09 7.17
C HIS A 27 -2.66 13.25 8.43
N HIS A 28 -3.28 12.08 8.26
CA HIS A 28 -3.52 11.19 9.40
C HIS A 28 -2.61 9.96 9.33
N VAL A 29 -1.85 9.83 8.26
CA VAL A 29 -0.92 8.72 8.12
C VAL A 29 0.43 9.24 7.61
N LYS A 30 1.52 8.61 8.04
CA LYS A 30 2.85 9.04 7.59
C LYS A 30 2.98 8.84 6.10
N ASN A 31 2.53 7.67 5.65
CA ASN A 31 2.58 7.29 4.26
C ASN A 31 1.89 5.94 4.11
N ILE A 32 2.49 5.02 3.40
CA ILE A 32 1.91 3.71 3.16
C ILE A 32 1.86 2.90 4.46
N ALA A 33 2.88 3.09 5.30
CA ALA A 33 2.98 2.36 6.57
C ALA A 33 1.74 2.58 7.44
N GLU A 34 1.38 3.84 7.68
CA GLU A 34 0.22 4.17 8.50
C GLU A 34 -1.07 3.93 7.71
N LEU A 35 -1.00 4.11 6.38
CA LEU A 35 -2.15 3.90 5.51
C LEU A 35 -2.72 2.49 5.69
N ALA A 36 -1.83 1.49 5.69
CA ALA A 36 -2.26 0.11 5.85
C ALA A 36 -2.44 -0.23 7.33
N ALA A 37 -1.95 0.65 8.19
CA ALA A 37 -2.06 0.46 9.63
C ALA A 37 -3.41 0.93 10.16
N LEU A 38 -4.15 1.65 9.34
CA LEU A 38 -5.45 2.17 9.72
C LEU A 38 -6.50 1.06 9.82
N SER A 39 -7.43 1.23 10.74
CA SER A 39 -8.50 0.27 10.93
C SER A 39 -9.79 0.85 10.37
N GLN A 40 -10.81 0.02 10.23
CA GLN A 40 -12.09 0.44 9.70
C GLN A 40 -12.62 1.63 10.49
N ASP A 41 -12.45 1.56 11.81
CA ASP A 41 -12.89 2.63 12.70
C ASP A 41 -12.10 3.91 12.44
N GLU A 42 -10.81 3.76 12.19
CA GLU A 42 -9.95 4.88 11.91
C GLU A 42 -10.33 5.48 10.56
N LEU A 43 -10.56 4.60 9.58
CA LEU A 43 -10.91 5.05 8.24
C LEU A 43 -12.18 5.90 8.28
N THR A 44 -13.18 5.46 9.01
CA THR A 44 -14.43 6.20 9.10
C THR A 44 -14.24 7.54 9.78
N SER A 45 -13.31 7.61 10.72
CA SER A 45 -13.03 8.83 11.43
C SER A 45 -12.31 9.84 10.55
N ILE A 46 -11.30 9.35 9.83
CA ILE A 46 -10.49 10.18 8.94
C ILE A 46 -11.19 10.52 7.64
N LEU A 47 -11.78 9.51 7.01
CA LEU A 47 -12.47 9.70 5.74
C LEU A 47 -13.82 10.37 5.95
N GLY A 48 -14.45 10.05 7.06
CA GLY A 48 -15.74 10.65 7.38
C GLY A 48 -16.87 9.99 6.61
N ASN A 49 -16.62 8.80 6.10
CA ASN A 49 -17.61 8.08 5.33
C ASN A 49 -17.41 6.58 5.46
N ALA A 50 -18.46 5.88 5.82
CA ALA A 50 -18.42 4.43 6.02
C ALA A 50 -18.12 3.69 4.73
N ALA A 51 -18.69 4.16 3.63
CA ALA A 51 -18.49 3.53 2.33
C ALA A 51 -17.03 3.61 1.91
N ASN A 52 -16.49 4.81 1.98
CA ASN A 52 -15.10 5.06 1.63
C ASN A 52 -14.18 4.25 2.54
N ALA A 53 -14.55 4.16 3.81
CA ALA A 53 -13.77 3.42 4.80
C ALA A 53 -13.74 1.94 4.48
N LYS A 54 -14.93 1.36 4.29
CA LYS A 54 -15.05 -0.06 3.98
C LYS A 54 -14.29 -0.39 2.70
N GLN A 55 -14.48 0.43 1.67
CA GLN A 55 -13.82 0.22 0.38
C GLN A 55 -12.31 0.23 0.52
N LEU A 56 -11.79 1.23 1.23
CA LEU A 56 -10.36 1.36 1.44
C LEU A 56 -9.83 0.22 2.30
N TYR A 57 -10.48 0.01 3.44
CA TYR A 57 -10.10 -1.03 4.39
C TYR A 57 -10.16 -2.40 3.73
N ASP A 58 -11.13 -2.57 2.83
CA ASP A 58 -11.31 -3.83 2.13
C ASP A 58 -10.14 -4.09 1.19
N PHE A 59 -9.75 -3.08 0.43
CA PHE A 59 -8.63 -3.20 -0.51
C PHE A 59 -7.34 -3.50 0.24
N ILE A 60 -7.13 -2.80 1.35
CA ILE A 60 -5.94 -3.00 2.18
C ILE A 60 -5.83 -4.45 2.60
N HIS A 61 -6.98 -5.08 2.78
CA HIS A 61 -7.04 -6.47 3.21
C HIS A 61 -7.52 -7.37 2.08
N THR A 62 -7.36 -6.94 0.84
CA THR A 62 -7.75 -7.74 -0.30
C THR A 62 -6.64 -8.72 -0.66
N SER A 63 -6.92 -10.01 -0.54
CA SER A 63 -5.94 -11.04 -0.84
C SER A 63 -5.54 -10.97 -2.32
N PHE A 64 -4.27 -11.18 -2.59
CA PHE A 64 -3.74 -11.15 -3.96
C PHE A 64 -4.50 -12.12 -4.85
N ALA A 65 -4.80 -13.29 -4.32
CA ALA A 65 -5.55 -14.28 -5.08
C ALA A 65 -6.57 -14.97 -4.21
N GLU A 66 -7.78 -15.02 -4.70
CA GLU A 66 -8.86 -15.68 -4.01
C GLU A 66 -8.79 -17.19 -4.27
N VAL A 67 -8.15 -17.53 -5.39
CA VAL A 67 -7.97 -18.91 -5.80
C VAL A 67 -6.55 -19.10 -6.32
N GLU B 1 -4.53 -19.91 -8.59
CA GLU B 1 -3.45 -19.07 -9.15
C GLU B 1 -4.01 -17.92 -9.99
N LYS B 2 -5.07 -17.28 -9.49
CA LYS B 2 -5.69 -16.18 -10.21
C LYS B 2 -4.86 -14.91 -10.12
N TYR B 3 -4.84 -14.30 -8.94
CA TYR B 3 -4.10 -13.06 -8.69
C TYR B 3 -4.67 -11.93 -9.56
N ASN B 4 -5.48 -11.08 -8.94
CA ASN B 4 -6.12 -9.99 -9.64
C ASN B 4 -5.21 -8.77 -9.74
N PRO B 5 -5.49 -7.86 -10.70
CA PRO B 5 -4.69 -6.65 -10.92
C PRO B 5 -4.83 -5.60 -9.81
N GLY B 6 -5.39 -6.01 -8.69
CA GLY B 6 -5.54 -5.09 -7.58
C GLY B 6 -4.30 -5.05 -6.72
N PRO B 7 -4.29 -5.75 -5.58
CA PRO B 7 -3.14 -5.78 -4.67
C PRO B 7 -1.91 -6.42 -5.31
N GLN B 8 -2.13 -7.32 -6.27
CA GLN B 8 -1.04 -7.99 -6.94
C GLN B 8 -0.26 -7.01 -7.81
N ASP B 9 -0.98 -6.15 -8.53
CA ASP B 9 -0.35 -5.16 -9.38
C ASP B 9 0.32 -4.09 -8.53
N PHE B 10 -0.28 -3.84 -7.37
CA PHE B 10 0.23 -2.85 -6.43
C PHE B 10 1.68 -3.13 -6.08
N LEU B 11 2.03 -4.41 -6.00
CA LEU B 11 3.37 -4.82 -5.68
C LEU B 11 4.33 -4.40 -6.79
N LEU B 12 3.97 -4.72 -8.03
CA LEU B 12 4.81 -4.39 -9.18
C LEU B 12 4.77 -2.90 -9.51
N LYS B 13 3.91 -2.16 -8.81
CA LYS B 13 3.80 -0.72 -9.02
C LYS B 13 4.84 0.00 -8.18
N MET B 14 5.59 -0.78 -7.41
CA MET B 14 6.65 -0.25 -6.57
C MET B 14 7.94 -0.16 -7.34
N PRO B 15 8.84 0.75 -6.93
CA PRO B 15 10.12 0.95 -7.61
C PRO B 15 11.13 -0.16 -7.33
N GLY B 16 10.77 -1.11 -6.48
CA GLY B 16 11.67 -2.19 -6.15
C GLY B 16 11.02 -3.55 -6.20
N VAL B 17 10.12 -3.76 -7.15
CA VAL B 17 9.45 -5.06 -7.28
C VAL B 17 9.25 -5.43 -8.74
N ASN B 18 9.39 -6.71 -9.02
CA ASN B 18 9.22 -7.27 -10.36
C ASN B 18 8.46 -8.57 -10.23
N ALA B 19 8.12 -9.19 -11.35
CA ALA B 19 7.36 -10.44 -11.34
C ALA B 19 8.12 -11.57 -10.64
N LYS B 20 9.45 -11.51 -10.67
CA LYS B 20 10.29 -12.54 -10.05
C LYS B 20 10.08 -12.60 -8.53
N ASN B 21 10.24 -11.48 -7.86
CA ASN B 21 10.10 -11.42 -6.41
C ASN B 21 8.64 -11.14 -6.03
N CYS B 22 7.78 -11.00 -7.03
CA CYS B 22 6.37 -10.76 -6.77
C CYS B 22 5.73 -11.98 -6.14
N ARG B 23 5.98 -13.16 -6.73
CA ARG B 23 5.44 -14.41 -6.20
C ARG B 23 5.90 -14.62 -4.77
N SER B 24 7.09 -14.11 -4.49
CA SER B 24 7.68 -14.22 -3.17
C SER B 24 6.97 -13.30 -2.19
N LEU B 25 6.86 -12.04 -2.59
CA LEU B 25 6.23 -11.01 -1.77
C LEU B 25 4.82 -11.40 -1.35
N MET B 26 3.98 -11.69 -2.34
CA MET B 26 2.59 -12.05 -2.09
C MET B 26 2.47 -13.33 -1.27
N HIS B 27 3.44 -14.21 -1.39
CA HIS B 27 3.41 -15.46 -0.65
C HIS B 27 3.88 -15.23 0.77
N HIS B 28 4.56 -14.11 1.01
CA HIS B 28 5.08 -13.81 2.34
C HIS B 28 4.28 -12.74 3.05
N VAL B 29 3.34 -12.12 2.35
CA VAL B 29 2.49 -11.11 2.97
C VAL B 29 1.03 -11.43 2.67
N LYS B 30 0.13 -11.11 3.60
CA LYS B 30 -1.30 -11.38 3.41
C LYS B 30 -1.82 -10.58 2.23
N ASN B 31 -1.46 -9.31 2.21
CA ASN B 31 -1.87 -8.38 1.17
C ASN B 31 -1.13 -7.07 1.41
N ILE B 32 -1.84 -5.95 1.42
CA ILE B 32 -1.22 -4.65 1.63
C ILE B 32 -0.78 -4.49 3.09
N ALA B 33 -1.56 -5.06 4.01
CA ALA B 33 -1.26 -4.97 5.43
C ALA B 33 0.13 -5.47 5.77
N GLU B 34 0.45 -6.70 5.35
CA GLU B 34 1.77 -7.26 5.60
C GLU B 34 2.82 -6.63 4.70
N LEU B 35 2.41 -6.20 3.52
CA LEU B 35 3.30 -5.55 2.58
C LEU B 35 4.00 -4.35 3.23
N ALA B 36 3.21 -3.54 3.94
CA ALA B 36 3.75 -2.36 4.61
C ALA B 36 4.34 -2.74 5.98
N ALA B 37 4.05 -3.94 6.43
CA ALA B 37 4.52 -4.43 7.72
C ALA B 37 5.93 -5.01 7.62
N LEU B 38 6.40 -5.27 6.40
CA LEU B 38 7.72 -5.85 6.19
C LEU B 38 8.84 -4.86 6.51
N SER B 39 9.95 -5.39 6.98
CA SER B 39 11.11 -4.59 7.33
C SER B 39 12.20 -4.76 6.28
N GLN B 40 13.16 -3.84 6.22
CA GLN B 40 14.24 -3.90 5.24
C GLN B 40 14.92 -5.27 5.26
N ASP B 41 15.15 -5.80 6.46
CA ASP B 41 15.78 -7.10 6.63
C ASP B 41 14.91 -8.20 6.05
N GLU B 42 13.61 -8.08 6.27
CA GLU B 42 12.65 -9.06 5.77
C GLU B 42 12.59 -8.99 4.25
N LEU B 43 12.59 -7.78 3.70
CA LEU B 43 12.52 -7.61 2.26
C LEU B 43 13.65 -8.32 1.56
N THR B 44 14.87 -8.17 2.07
CA THR B 44 16.02 -8.83 1.46
C THR B 44 15.87 -10.34 1.46
N SER B 45 15.28 -10.87 2.53
CA SER B 45 15.08 -12.30 2.66
C SER B 45 13.98 -12.82 1.74
N ILE B 46 12.94 -12.02 1.56
CA ILE B 46 11.81 -12.42 0.72
C ILE B 46 12.06 -12.11 -0.75
N LEU B 47 12.49 -10.88 -1.03
CA LEU B 47 12.77 -10.45 -2.38
C LEU B 47 14.03 -11.11 -2.93
N GLY B 48 15.04 -11.21 -2.09
CA GLY B 48 16.28 -11.83 -2.50
C GLY B 48 17.25 -10.85 -3.14
N ASN B 49 17.06 -9.56 -2.89
CA ASN B 49 17.94 -8.55 -3.45
C ASN B 49 17.89 -7.27 -2.63
N ALA B 50 19.06 -6.78 -2.23
CA ALA B 50 19.19 -5.58 -1.41
C ALA B 50 18.59 -4.35 -2.10
N ALA B 51 18.81 -4.21 -3.39
CA ALA B 51 18.31 -3.07 -4.14
C ALA B 51 16.79 -3.05 -4.15
N ASN B 52 16.21 -4.18 -4.49
CA ASN B 52 14.77 -4.34 -4.52
C ASN B 52 14.18 -4.09 -3.14
N ALA B 53 14.88 -4.57 -2.13
CA ALA B 53 14.45 -4.43 -0.74
C ALA B 53 14.43 -2.97 -0.31
N LYS B 54 15.54 -2.28 -0.55
CA LYS B 54 15.66 -0.88 -0.19
C LYS B 54 14.63 -0.02 -0.94
N GLN B 55 14.51 -0.27 -2.23
CA GLN B 55 13.57 0.47 -3.07
C GLN B 55 12.13 0.31 -2.59
N LEU B 56 11.75 -0.92 -2.26
CA LEU B 56 10.40 -1.20 -1.79
C LEU B 56 10.17 -0.63 -0.39
N TYR B 57 11.08 -0.97 0.53
CA TYR B 57 10.99 -0.51 1.91
C TYR B 57 10.94 1.02 1.97
N ASP B 58 11.66 1.65 1.05
CA ASP B 58 11.73 3.10 0.97
C ASP B 58 10.36 3.69 0.64
N PHE B 59 9.77 3.23 -0.45
CA PHE B 59 8.47 3.73 -0.90
C PHE B 59 7.40 3.55 0.17
N ILE B 60 7.43 2.39 0.83
CA ILE B 60 6.47 2.08 1.89
C ILE B 60 6.51 3.15 2.98
N HIS B 61 7.68 3.72 3.21
CA HIS B 61 7.87 4.73 4.24
C HIS B 61 8.19 6.10 3.65
N THR B 62 7.78 6.33 2.42
CA THR B 62 8.02 7.61 1.76
C THR B 62 6.87 8.58 2.04
N SER B 63 7.16 9.65 2.77
CA SER B 63 6.16 10.64 3.13
C SER B 63 5.55 11.26 1.86
N PHE B 64 4.25 11.54 1.93
CA PHE B 64 3.53 12.14 0.80
C PHE B 64 4.16 13.48 0.42
N ALA B 65 4.28 14.35 1.39
CA ALA B 65 4.87 15.66 1.16
C ALA B 65 6.22 15.74 1.83
N GLU B 66 7.21 16.14 1.05
CA GLU B 66 8.57 16.26 1.53
C GLU B 66 9.43 16.92 0.47
N VAL B 67 10.73 17.00 0.74
CA VAL B 67 11.69 17.61 -0.18
C VAL B 67 11.44 19.12 -0.25
N GLU A 1 2.73 20.62 0.60
CA GLU A 1 2.22 21.57 -0.42
C GLU A 1 2.31 20.97 -1.82
N LYS A 2 3.44 20.36 -2.14
CA LYS A 2 3.65 19.78 -3.46
C LYS A 2 2.85 18.50 -3.65
N TYR A 3 3.17 17.47 -2.86
CA TYR A 3 2.52 16.16 -2.91
C TYR A 3 2.90 15.42 -4.19
N ASN A 4 3.76 14.43 -4.01
CA ASN A 4 4.26 13.62 -5.10
C ASN A 4 3.17 12.71 -5.64
N PRO A 5 3.12 12.53 -6.97
CA PRO A 5 2.11 11.69 -7.63
C PRO A 5 2.32 10.19 -7.38
N GLY A 6 3.15 9.87 -6.41
CA GLY A 6 3.40 8.48 -6.08
C GLY A 6 2.48 8.00 -4.97
N PRO A 7 2.88 8.16 -3.70
CA PRO A 7 2.08 7.74 -2.54
C PRO A 7 0.76 8.50 -2.45
N GLN A 8 0.75 9.75 -2.88
CA GLN A 8 -0.45 10.58 -2.86
C GLN A 8 -1.49 10.02 -3.84
N ASP A 9 -1.02 9.64 -5.02
CA ASP A 9 -1.88 9.09 -6.07
C ASP A 9 -2.30 7.68 -5.69
N PHE A 10 -1.43 7.00 -4.97
CA PHE A 10 -1.67 5.63 -4.54
C PHE A 10 -2.94 5.55 -3.70
N LEU A 11 -3.21 6.58 -2.92
CA LEU A 11 -4.40 6.63 -2.09
C LEU A 11 -5.66 6.59 -2.96
N LEU A 12 -5.64 7.40 -4.02
CA LEU A 12 -6.79 7.50 -4.92
C LEU A 12 -6.90 6.28 -5.83
N LYS A 13 -5.92 5.38 -5.77
CA LYS A 13 -5.96 4.16 -6.57
C LYS A 13 -6.97 3.19 -5.98
N MET A 14 -7.32 3.44 -4.73
CA MET A 14 -8.26 2.60 -4.00
C MET A 14 -9.69 2.91 -4.41
N PRO A 15 -10.58 1.90 -4.33
CA PRO A 15 -11.98 2.05 -4.69
C PRO A 15 -12.78 2.90 -3.71
N GLY A 16 -12.26 3.05 -2.50
CA GLY A 16 -12.97 3.83 -1.49
C GLY A 16 -12.24 5.11 -1.11
N VAL A 17 -11.60 5.75 -2.08
CA VAL A 17 -10.89 6.98 -1.84
C VAL A 17 -11.14 7.99 -2.95
N ASN A 18 -11.17 9.26 -2.58
CA ASN A 18 -11.40 10.36 -3.50
C ASN A 18 -10.47 11.50 -3.11
N ALA A 19 -10.43 12.55 -3.90
CA ALA A 19 -9.56 13.68 -3.61
C ALA A 19 -9.99 14.39 -2.33
N LYS A 20 -11.27 14.31 -2.01
CA LYS A 20 -11.81 14.96 -0.81
C LYS A 20 -11.24 14.36 0.47
N ASN A 21 -11.37 13.05 0.65
CA ASN A 21 -10.89 12.40 1.87
C ASN A 21 -9.40 12.09 1.77
N CYS A 22 -8.81 12.41 0.64
CA CYS A 22 -7.39 12.17 0.43
C CYS A 22 -6.55 13.13 1.27
N ARG A 23 -6.95 14.40 1.30
CA ARG A 23 -6.21 15.42 2.05
C ARG A 23 -6.09 15.05 3.53
N SER A 24 -7.18 14.61 4.11
CA SER A 24 -7.21 14.23 5.50
C SER A 24 -6.51 12.89 5.72
N LEU A 25 -6.70 11.97 4.78
CA LEU A 25 -6.10 10.65 4.85
C LEU A 25 -4.57 10.76 4.97
N MET A 26 -3.98 11.51 4.06
CA MET A 26 -2.53 11.69 4.04
C MET A 26 -2.06 12.46 5.26
N HIS A 27 -2.92 13.30 5.79
CA HIS A 27 -2.57 14.07 6.97
C HIS A 27 -2.68 13.21 8.21
N HIS A 28 -3.40 12.10 8.11
CA HIS A 28 -3.62 11.22 9.24
C HIS A 28 -2.70 10.00 9.21
N VAL A 29 -2.03 9.79 8.08
CA VAL A 29 -1.09 8.66 7.96
C VAL A 29 0.25 9.16 7.45
N LYS A 30 1.33 8.50 7.85
CA LYS A 30 2.68 8.87 7.41
C LYS A 30 2.80 8.71 5.91
N ASN A 31 2.30 7.57 5.43
CA ASN A 31 2.34 7.22 4.03
C ASN A 31 1.64 5.89 3.86
N ILE A 32 2.24 4.97 3.12
CA ILE A 32 1.65 3.67 2.87
C ILE A 32 1.58 2.85 4.15
N ALA A 33 2.59 2.99 4.99
CA ALA A 33 2.66 2.25 6.25
C ALA A 33 1.43 2.48 7.13
N GLU A 34 1.13 3.74 7.43
CA GLU A 34 -0.03 4.07 8.24
C GLU A 34 -1.32 3.84 7.45
N LEU A 35 -1.25 4.03 6.14
CA LEU A 35 -2.41 3.82 5.27
C LEU A 35 -2.97 2.40 5.43
N ALA A 36 -2.07 1.42 5.49
CA ALA A 36 -2.47 0.03 5.66
C ALA A 36 -2.66 -0.30 7.14
N ALA A 37 -2.18 0.58 8.00
CA ALA A 37 -2.27 0.37 9.45
C ALA A 37 -3.64 0.78 9.97
N LEU A 38 -4.33 1.61 9.22
CA LEU A 38 -5.65 2.11 9.62
C LEU A 38 -6.66 0.96 9.72
N SER A 39 -7.54 1.07 10.71
CA SER A 39 -8.56 0.06 10.90
C SER A 39 -9.90 0.64 10.46
N GLN A 40 -10.94 -0.18 10.46
CA GLN A 40 -12.26 0.26 10.02
C GLN A 40 -12.70 1.48 10.81
N ASP A 41 -12.41 1.48 12.11
CA ASP A 41 -12.78 2.60 12.96
C ASP A 41 -12.01 3.85 12.56
N GLU A 42 -10.72 3.68 12.32
CA GLU A 42 -9.86 4.77 11.91
C GLU A 42 -10.33 5.34 10.59
N LEU A 43 -10.63 4.46 9.64
CA LEU A 43 -11.05 4.88 8.32
C LEU A 43 -12.28 5.79 8.39
N THR A 44 -13.29 5.41 9.14
CA THR A 44 -14.50 6.22 9.26
C THR A 44 -14.22 7.56 9.95
N SER A 45 -13.27 7.55 10.87
CA SER A 45 -12.92 8.74 11.61
C SER A 45 -12.13 9.71 10.74
N ILE A 46 -11.36 9.18 9.81
CA ILE A 46 -10.53 10.00 8.92
C ILE A 46 -11.26 10.35 7.63
N LEU A 47 -11.85 9.35 7.01
CA LEU A 47 -12.57 9.53 5.74
C LEU A 47 -13.92 10.18 5.96
N GLY A 48 -14.45 10.01 7.17
CA GLY A 48 -15.73 10.60 7.52
C GLY A 48 -16.89 9.97 6.80
N ASN A 49 -16.68 8.77 6.25
CA ASN A 49 -17.73 8.09 5.53
C ASN A 49 -17.55 6.57 5.63
N ALA A 50 -18.60 5.90 6.07
CA ALA A 50 -18.60 4.46 6.25
C ALA A 50 -18.35 3.71 4.94
N ALA A 51 -18.95 4.18 3.86
CA ALA A 51 -18.80 3.54 2.55
C ALA A 51 -17.35 3.58 2.08
N ASN A 52 -16.75 4.74 2.19
CA ASN A 52 -15.37 4.93 1.80
C ASN A 52 -14.45 4.11 2.70
N ALA A 53 -14.80 4.06 3.99
CA ALA A 53 -14.03 3.33 4.98
C ALA A 53 -14.00 1.84 4.67
N LYS A 54 -15.19 1.26 4.49
CA LYS A 54 -15.31 -0.16 4.20
C LYS A 54 -14.59 -0.53 2.92
N GLN A 55 -14.69 0.33 1.91
CA GLN A 55 -14.04 0.07 0.62
C GLN A 55 -12.53 0.11 0.73
N LEU A 56 -12.00 1.10 1.44
CA LEU A 56 -10.56 1.23 1.61
C LEU A 56 -10.03 0.11 2.50
N TYR A 57 -10.70 -0.09 3.64
CA TYR A 57 -10.33 -1.13 4.60
C TYR A 57 -10.35 -2.50 3.95
N ASP A 58 -11.25 -2.67 2.98
CA ASP A 58 -11.41 -3.94 2.28
C ASP A 58 -10.23 -4.22 1.36
N PHE A 59 -9.86 -3.24 0.53
CA PHE A 59 -8.74 -3.39 -0.40
C PHE A 59 -7.46 -3.78 0.34
N ILE A 60 -7.22 -3.11 1.46
CA ILE A 60 -6.04 -3.39 2.28
C ILE A 60 -6.03 -4.84 2.75
N HIS A 61 -7.22 -5.40 2.95
CA HIS A 61 -7.36 -6.77 3.43
C HIS A 61 -7.78 -7.72 2.30
N THR A 62 -7.59 -7.29 1.06
CA THR A 62 -7.94 -8.11 -0.08
C THR A 62 -6.79 -9.05 -0.44
N SER A 63 -7.02 -10.34 -0.30
CA SER A 63 -6.01 -11.33 -0.62
C SER A 63 -5.67 -11.30 -2.09
N PHE A 64 -4.39 -11.49 -2.41
CA PHE A 64 -3.91 -11.46 -3.79
C PHE A 64 -4.68 -12.45 -4.65
N ALA A 65 -4.90 -13.65 -4.11
CA ALA A 65 -5.63 -14.67 -4.83
C ALA A 65 -6.60 -15.38 -3.93
N GLU A 66 -7.81 -15.54 -4.42
CA GLU A 66 -8.85 -16.24 -3.71
C GLU A 66 -8.77 -17.72 -4.08
N VAL A 67 -8.17 -17.96 -5.24
CA VAL A 67 -7.98 -19.29 -5.77
C VAL A 67 -6.54 -19.46 -6.21
N GLU B 1 -4.27 -20.11 -8.21
CA GLU B 1 -3.26 -19.17 -8.72
C GLU B 1 -3.90 -18.13 -9.63
N LYS B 2 -5.02 -17.58 -9.18
CA LYS B 2 -5.74 -16.57 -9.94
C LYS B 2 -5.01 -15.23 -9.88
N TYR B 3 -5.03 -14.61 -8.70
CA TYR B 3 -4.39 -13.31 -8.47
C TYR B 3 -5.07 -12.22 -9.30
N ASN B 4 -5.84 -11.38 -8.63
CA ASN B 4 -6.56 -10.31 -9.30
C ASN B 4 -5.67 -9.08 -9.46
N PRO B 5 -5.98 -8.23 -10.47
CA PRO B 5 -5.20 -7.00 -10.76
C PRO B 5 -5.33 -5.91 -9.69
N GLY B 6 -5.74 -6.32 -8.51
CA GLY B 6 -5.88 -5.39 -7.41
C GLY B 6 -4.62 -5.32 -6.58
N PRO B 7 -4.57 -6.04 -5.45
CA PRO B 7 -3.40 -6.06 -4.56
C PRO B 7 -2.18 -6.66 -5.25
N GLN B 8 -2.42 -7.60 -6.16
CA GLN B 8 -1.32 -8.24 -6.89
C GLN B 8 -0.62 -7.23 -7.79
N ASP B 9 -1.40 -6.42 -8.48
CA ASP B 9 -0.87 -5.39 -9.37
C ASP B 9 -0.17 -4.31 -8.56
N PHE B 10 -0.73 -4.05 -7.38
CA PHE B 10 -0.20 -3.05 -6.47
C PHE B 10 1.26 -3.29 -6.16
N LEU B 11 1.62 -4.56 -6.09
CA LEU B 11 3.00 -4.96 -5.80
C LEU B 11 3.92 -4.50 -6.93
N LEU B 12 3.55 -4.84 -8.16
CA LEU B 12 4.36 -4.49 -9.33
C LEU B 12 4.30 -3.01 -9.65
N LYS B 13 3.41 -2.29 -8.97
CA LYS B 13 3.29 -0.85 -9.19
C LYS B 13 4.42 -0.12 -8.48
N MET B 14 5.06 -0.83 -7.56
CA MET B 14 6.17 -0.28 -6.80
C MET B 14 7.43 -0.23 -7.65
N PRO B 15 8.33 0.73 -7.37
CA PRO B 15 9.58 0.92 -8.12
C PRO B 15 10.63 -0.15 -7.82
N GLY B 16 10.29 -1.12 -6.98
CA GLY B 16 11.23 -2.17 -6.65
C GLY B 16 10.62 -3.55 -6.67
N VAL B 17 9.70 -3.77 -7.60
CA VAL B 17 9.04 -5.06 -7.72
C VAL B 17 8.84 -5.46 -9.18
N ASN B 18 9.01 -6.74 -9.44
CA ASN B 18 8.83 -7.32 -10.76
C ASN B 18 8.08 -8.63 -10.57
N ALA B 19 7.73 -9.30 -11.66
CA ALA B 19 6.97 -10.55 -11.56
C ALA B 19 7.79 -11.65 -10.86
N LYS B 20 9.11 -11.55 -10.95
CA LYS B 20 9.98 -12.56 -10.34
C LYS B 20 9.90 -12.55 -8.82
N ASN B 21 10.09 -11.40 -8.20
CA ASN B 21 10.05 -11.32 -6.74
C ASN B 21 8.63 -11.12 -6.24
N CYS B 22 7.70 -10.89 -7.16
CA CYS B 22 6.30 -10.69 -6.79
C CYS B 22 5.71 -12.01 -6.27
N ARG B 23 6.11 -13.12 -6.88
CA ARG B 23 5.61 -14.43 -6.47
C ARG B 23 5.97 -14.72 -5.01
N SER B 24 7.20 -14.39 -4.63
CA SER B 24 7.64 -14.60 -3.27
C SER B 24 7.03 -13.58 -2.32
N LEU B 25 6.88 -12.35 -2.80
CA LEU B 25 6.31 -11.28 -2.00
C LEU B 25 4.92 -11.66 -1.52
N MET B 26 4.06 -12.04 -2.45
CA MET B 26 2.69 -12.42 -2.11
C MET B 26 2.66 -13.70 -1.27
N HIS B 27 3.66 -14.54 -1.46
CA HIS B 27 3.74 -15.77 -0.70
C HIS B 27 4.18 -15.49 0.74
N HIS B 28 4.82 -14.34 0.94
CA HIS B 28 5.33 -13.97 2.27
C HIS B 28 4.43 -12.94 2.97
N VAL B 29 3.48 -12.38 2.26
CA VAL B 29 2.57 -11.40 2.86
C VAL B 29 1.11 -11.77 2.56
N LYS B 30 0.20 -11.46 3.48
CA LYS B 30 -1.22 -11.76 3.29
C LYS B 30 -1.78 -10.95 2.14
N ASN B 31 -1.44 -9.67 2.14
CA ASN B 31 -1.89 -8.72 1.15
C ASN B 31 -1.19 -7.39 1.43
N ILE B 32 -1.94 -6.30 1.36
CA ILE B 32 -1.39 -4.98 1.59
C ILE B 32 -0.93 -4.79 3.04
N ALA B 33 -1.64 -5.39 3.98
CA ALA B 33 -1.28 -5.27 5.39
C ALA B 33 0.14 -5.74 5.65
N GLU B 34 0.45 -6.97 5.24
CA GLU B 34 1.78 -7.52 5.43
C GLU B 34 2.79 -6.83 4.51
N LEU B 35 2.31 -6.39 3.35
CA LEU B 35 3.16 -5.70 2.37
C LEU B 35 3.81 -4.48 3.00
N ALA B 36 3.01 -3.66 3.67
CA ALA B 36 3.51 -2.46 4.32
C ALA B 36 4.11 -2.79 5.69
N ALA B 37 3.85 -4.01 6.16
CA ALA B 37 4.37 -4.46 7.45
C ALA B 37 5.80 -4.94 7.36
N LEU B 38 6.25 -5.18 6.13
CA LEU B 38 7.60 -5.66 5.89
C LEU B 38 8.64 -4.58 6.17
N SER B 39 9.81 -5.03 6.62
CA SER B 39 10.91 -4.14 6.93
C SER B 39 11.97 -4.29 5.84
N GLN B 40 12.91 -3.36 5.77
CA GLN B 40 13.96 -3.42 4.75
C GLN B 40 14.66 -4.79 4.78
N ASP B 41 14.88 -5.30 5.98
CA ASP B 41 15.52 -6.59 6.15
C ASP B 41 14.62 -7.70 5.63
N GLU B 42 13.33 -7.60 5.93
CA GLU B 42 12.35 -8.56 5.48
C GLU B 42 12.31 -8.60 3.96
N LEU B 43 12.31 -7.41 3.36
CA LEU B 43 12.24 -7.31 1.92
C LEU B 43 13.39 -8.04 1.24
N THR B 44 14.60 -7.89 1.76
CA THR B 44 15.74 -8.56 1.18
C THR B 44 15.62 -10.08 1.31
N SER B 45 15.04 -10.52 2.41
CA SER B 45 14.86 -11.93 2.68
C SER B 45 13.76 -12.52 1.80
N ILE B 46 12.81 -11.69 1.39
CA ILE B 46 11.69 -12.14 0.57
C ILE B 46 11.95 -11.90 -0.92
N LEU B 47 12.23 -10.65 -1.26
CA LEU B 47 12.49 -10.28 -2.65
C LEU B 47 13.76 -10.93 -3.16
N GLY B 48 14.75 -11.02 -2.29
CA GLY B 48 16.01 -11.64 -2.65
C GLY B 48 16.94 -10.66 -3.34
N ASN B 49 16.69 -9.37 -3.19
CA ASN B 49 17.54 -8.36 -3.81
C ASN B 49 17.49 -7.05 -3.04
N ALA B 50 18.67 -6.54 -2.69
CA ALA B 50 18.81 -5.30 -1.94
C ALA B 50 18.19 -4.11 -2.65
N ALA B 51 18.39 -4.01 -3.96
CA ALA B 51 17.86 -2.90 -4.74
C ALA B 51 16.35 -2.90 -4.71
N ASN B 52 15.79 -4.05 -5.05
CA ASN B 52 14.35 -4.23 -5.05
C ASN B 52 13.77 -3.98 -3.66
N ALA B 53 14.50 -4.43 -2.64
CA ALA B 53 14.09 -4.26 -1.26
C ALA B 53 14.05 -2.79 -0.84
N LYS B 54 15.15 -2.09 -1.08
CA LYS B 54 15.23 -0.68 -0.73
C LYS B 54 14.18 0.11 -1.49
N GLN B 55 14.06 -0.17 -2.78
CA GLN B 55 13.09 0.52 -3.63
C GLN B 55 11.67 0.31 -3.13
N LEU B 56 11.34 -0.92 -2.75
CA LEU B 56 10.01 -1.24 -2.26
C LEU B 56 9.77 -0.60 -0.89
N TYR B 57 10.67 -0.85 0.05
CA TYR B 57 10.54 -0.30 1.40
C TYR B 57 10.55 1.23 1.37
N ASP B 58 11.29 1.80 0.42
CA ASP B 58 11.37 3.24 0.30
C ASP B 58 10.01 3.82 -0.02
N PHE B 59 9.35 3.26 -1.04
CA PHE B 59 8.03 3.73 -1.44
C PHE B 59 7.03 3.56 -0.30
N ILE B 60 7.13 2.42 0.40
CA ILE B 60 6.23 2.15 1.52
C ILE B 60 6.39 3.23 2.58
N HIS B 61 7.59 3.77 2.69
CA HIS B 61 7.90 4.80 3.67
C HIS B 61 8.11 6.17 3.00
N THR B 62 7.48 6.35 1.84
CA THR B 62 7.61 7.61 1.12
C THR B 62 6.51 8.58 1.51
N SER B 63 6.89 9.67 2.17
CA SER B 63 5.95 10.69 2.60
C SER B 63 5.23 11.26 1.38
N PHE B 64 3.92 11.46 1.51
CA PHE B 64 3.10 11.99 0.42
C PHE B 64 3.69 13.27 -0.18
N ALA B 65 4.14 14.16 0.68
CA ALA B 65 4.71 15.40 0.22
C ALA B 65 6.07 15.64 0.81
N GLU B 66 7.03 15.93 -0.04
CA GLU B 66 8.36 16.25 0.39
C GLU B 66 8.30 17.62 1.06
N VAL B 67 7.52 18.49 0.44
CA VAL B 67 7.31 19.84 0.92
C VAL B 67 5.81 20.13 0.89
N GLU A 1 2.53 20.92 -6.20
CA GLU A 1 2.99 21.00 -4.80
C GLU A 1 4.07 19.97 -4.52
N LYS A 2 4.41 19.78 -3.25
CA LYS A 2 5.44 18.83 -2.86
C LYS A 2 4.86 17.44 -2.64
N TYR A 3 3.60 17.25 -2.97
CA TYR A 3 2.96 15.98 -2.81
C TYR A 3 3.29 15.08 -4.00
N ASN A 4 4.33 14.27 -3.82
CA ASN A 4 4.80 13.36 -4.85
C ASN A 4 3.66 12.47 -5.36
N PRO A 5 3.56 12.30 -6.70
CA PRO A 5 2.52 11.49 -7.35
C PRO A 5 2.69 9.99 -7.11
N GLY A 6 3.52 9.63 -6.16
CA GLY A 6 3.74 8.24 -5.84
C GLY A 6 2.78 7.78 -4.75
N PRO A 7 3.15 7.97 -3.47
CA PRO A 7 2.31 7.56 -2.33
C PRO A 7 0.99 8.34 -2.28
N GLN A 8 1.01 9.58 -2.75
CA GLN A 8 -0.18 10.43 -2.75
C GLN A 8 -1.21 9.88 -3.73
N ASP A 9 -0.75 9.47 -4.90
CA ASP A 9 -1.64 8.93 -5.92
C ASP A 9 -2.08 7.53 -5.53
N PHE A 10 -1.22 6.84 -4.81
CA PHE A 10 -1.49 5.49 -4.35
C PHE A 10 -2.79 5.44 -3.55
N LEU A 11 -3.06 6.51 -2.81
CA LEU A 11 -4.27 6.59 -2.01
C LEU A 11 -5.50 6.63 -2.91
N LEU A 12 -5.46 7.45 -3.95
CA LEU A 12 -6.59 7.59 -4.86
C LEU A 12 -6.71 6.39 -5.81
N LYS A 13 -5.73 5.50 -5.76
CA LYS A 13 -5.76 4.30 -6.60
C LYS A 13 -6.70 3.27 -6.00
N MET A 14 -7.16 3.56 -4.79
CA MET A 14 -8.08 2.69 -4.08
C MET A 14 -9.51 2.96 -4.53
N PRO A 15 -10.40 1.97 -4.44
CA PRO A 15 -11.79 2.12 -4.86
C PRO A 15 -12.64 2.88 -3.84
N GLY A 16 -12.02 3.31 -2.76
CA GLY A 16 -12.74 4.04 -1.74
C GLY A 16 -12.04 5.30 -1.30
N VAL A 17 -11.39 6.00 -2.23
CA VAL A 17 -10.70 7.24 -1.91
C VAL A 17 -10.88 8.30 -2.99
N ASN A 18 -10.96 9.55 -2.56
CA ASN A 18 -11.10 10.71 -3.43
C ASN A 18 -10.16 11.77 -2.93
N ALA A 19 -10.05 12.88 -3.64
CA ALA A 19 -9.16 13.96 -3.22
C ALA A 19 -9.61 14.59 -1.91
N LYS A 20 -10.93 14.57 -1.66
CA LYS A 20 -11.50 15.18 -0.46
C LYS A 20 -11.02 14.50 0.82
N ASN A 21 -11.05 13.18 0.85
CA ASN A 21 -10.63 12.45 2.03
C ASN A 21 -9.15 12.08 1.93
N CYS A 22 -8.57 12.34 0.77
CA CYS A 22 -7.15 12.04 0.55
C CYS A 22 -6.30 12.95 1.40
N ARG A 23 -6.63 14.25 1.41
CA ARG A 23 -5.88 15.24 2.20
C ARG A 23 -5.87 14.84 3.67
N SER A 24 -6.98 14.29 4.13
CA SER A 24 -7.11 13.86 5.51
C SER A 24 -6.30 12.58 5.74
N LEU A 25 -6.46 11.62 4.84
CA LEU A 25 -5.77 10.34 4.91
C LEU A 25 -4.26 10.54 5.01
N MET A 26 -3.71 11.26 4.06
CA MET A 26 -2.26 11.51 4.02
C MET A 26 -1.78 12.31 5.22
N HIS A 27 -2.66 13.14 5.76
CA HIS A 27 -2.28 13.94 6.91
C HIS A 27 -2.46 13.14 8.20
N HIS A 28 -3.14 12.01 8.09
CA HIS A 28 -3.39 11.16 9.26
C HIS A 28 -2.50 9.92 9.23
N VAL A 29 -1.83 9.70 8.13
CA VAL A 29 -0.92 8.55 8.01
C VAL A 29 0.42 9.05 7.48
N LYS A 30 1.51 8.44 7.89
CA LYS A 30 2.84 8.85 7.43
C LYS A 30 2.95 8.66 5.94
N ASN A 31 2.52 7.49 5.49
CA ASN A 31 2.57 7.12 4.09
C ASN A 31 1.82 5.82 3.91
N ILE A 32 2.44 4.85 3.26
CA ILE A 32 1.80 3.56 3.01
C ILE A 32 1.74 2.73 4.29
N ALA A 33 2.76 2.86 5.12
CA ALA A 33 2.84 2.13 6.38
C ALA A 33 1.61 2.37 7.25
N GLU A 34 1.31 3.64 7.53
CA GLU A 34 0.16 3.98 8.36
C GLU A 34 -1.14 3.78 7.58
N LEU A 35 -1.08 3.97 6.26
CA LEU A 35 -2.25 3.80 5.40
C LEU A 35 -2.85 2.40 5.57
N ALA A 36 -2.00 1.38 5.53
CA ALA A 36 -2.44 0.00 5.69
C ALA A 36 -2.60 -0.35 7.17
N ALA A 37 -2.09 0.52 8.04
CA ALA A 37 -2.16 0.31 9.48
C ALA A 37 -3.50 0.75 10.04
N LEU A 38 -4.25 1.52 9.25
CA LEU A 38 -5.54 2.02 9.68
C LEU A 38 -6.59 0.91 9.73
N SER A 39 -7.51 1.05 10.67
CA SER A 39 -8.58 0.08 10.83
C SER A 39 -9.88 0.66 10.31
N GLN A 40 -10.90 -0.17 10.20
CA GLN A 40 -12.20 0.25 9.68
C GLN A 40 -12.75 1.44 10.48
N ASP A 41 -12.46 1.45 11.78
CA ASP A 41 -12.90 2.53 12.65
C ASP A 41 -12.08 3.80 12.41
N GLU A 42 -10.80 3.61 12.11
CA GLU A 42 -9.92 4.73 11.83
C GLU A 42 -10.29 5.36 10.50
N LEU A 43 -10.51 4.52 9.48
CA LEU A 43 -10.85 5.01 8.16
C LEU A 43 -12.03 5.96 8.18
N THR A 44 -13.08 5.60 8.89
CA THR A 44 -14.26 6.45 8.96
C THR A 44 -13.98 7.75 9.69
N SER A 45 -13.13 7.69 10.71
CA SER A 45 -12.79 8.85 11.50
C SER A 45 -11.90 9.82 10.73
N ILE A 46 -11.18 9.31 9.74
CA ILE A 46 -10.28 10.13 8.95
C ILE A 46 -10.91 10.54 7.61
N LEU A 47 -11.48 9.59 6.91
CA LEU A 47 -12.10 9.85 5.62
C LEU A 47 -13.42 10.58 5.79
N GLY A 48 -14.12 10.26 6.87
CA GLY A 48 -15.38 10.91 7.15
C GLY A 48 -16.55 10.27 6.41
N ASN A 49 -16.32 9.08 5.85
CA ASN A 49 -17.36 8.40 5.11
C ASN A 49 -17.19 6.89 5.23
N ALA A 50 -18.26 6.23 5.65
CA ALA A 50 -18.27 4.78 5.85
C ALA A 50 -18.03 4.02 4.55
N ALA A 51 -18.62 4.49 3.46
CA ALA A 51 -18.47 3.83 2.17
C ALA A 51 -17.01 3.86 1.71
N ASN A 52 -16.42 5.02 1.80
CA ASN A 52 -15.03 5.22 1.42
C ASN A 52 -14.13 4.39 2.31
N ALA A 53 -14.47 4.33 3.60
CA ALA A 53 -13.71 3.59 4.58
C ALA A 53 -13.78 2.09 4.31
N LYS A 54 -15.00 1.60 4.13
CA LYS A 54 -15.25 0.18 3.87
C LYS A 54 -14.54 -0.26 2.60
N GLN A 55 -14.62 0.58 1.56
CA GLN A 55 -14.00 0.28 0.28
C GLN A 55 -12.48 0.29 0.39
N LEU A 56 -11.95 1.26 1.14
CA LEU A 56 -10.51 1.39 1.33
C LEU A 56 -9.97 0.23 2.16
N TYR A 57 -10.59 -0.01 3.32
CA TYR A 57 -10.18 -1.08 4.22
C TYR A 57 -10.26 -2.43 3.52
N ASP A 58 -11.22 -2.56 2.60
CA ASP A 58 -11.41 -3.79 1.85
C ASP A 58 -10.22 -4.06 0.93
N PHE A 59 -9.84 -3.07 0.13
CA PHE A 59 -8.72 -3.22 -0.80
C PHE A 59 -7.43 -3.52 -0.04
N ILE A 60 -7.20 -2.79 1.05
CA ILE A 60 -6.01 -2.97 1.87
C ILE A 60 -5.88 -4.43 2.33
N HIS A 61 -7.02 -5.07 2.52
CA HIS A 61 -7.05 -6.45 2.97
C HIS A 61 -7.58 -7.39 1.90
N THR A 62 -7.41 -7.00 0.64
CA THR A 62 -7.85 -7.83 -0.47
C THR A 62 -6.74 -8.80 -0.87
N SER A 63 -7.04 -10.09 -0.74
CA SER A 63 -6.08 -11.13 -1.08
C SER A 63 -5.67 -11.03 -2.55
N PHE A 64 -4.39 -11.23 -2.82
CA PHE A 64 -3.86 -11.15 -4.18
C PHE A 64 -4.60 -12.08 -5.14
N ALA A 65 -5.03 -13.23 -4.64
CA ALA A 65 -5.75 -14.18 -5.48
C ALA A 65 -6.92 -14.77 -4.74
N GLU A 66 -8.01 -14.93 -5.47
CA GLU A 66 -9.21 -15.54 -4.93
C GLU A 66 -9.03 -17.05 -4.94
N VAL A 67 -8.34 -17.51 -5.97
CA VAL A 67 -8.03 -18.91 -6.16
C VAL A 67 -6.58 -19.03 -6.63
N GLU B 1 -4.14 -20.29 -10.10
CA GLU B 1 -3.65 -18.99 -9.62
C GLU B 1 -4.32 -17.85 -10.38
N LYS B 2 -5.15 -17.08 -9.69
CA LYS B 2 -5.83 -15.96 -10.30
C LYS B 2 -4.96 -14.71 -10.34
N TYR B 3 -4.75 -14.11 -9.17
CA TYR B 3 -3.94 -12.90 -9.03
C TYR B 3 -4.47 -11.79 -9.94
N ASN B 4 -5.35 -10.97 -9.38
CA ASN B 4 -5.99 -9.89 -10.11
C ASN B 4 -5.10 -8.65 -10.14
N PRO B 5 -5.32 -7.76 -11.14
CA PRO B 5 -4.54 -6.53 -11.30
C PRO B 5 -4.79 -5.48 -10.21
N GLY B 6 -5.26 -5.92 -9.07
CA GLY B 6 -5.51 -5.02 -7.96
C GLY B 6 -4.31 -4.97 -7.04
N PRO B 7 -4.33 -5.71 -5.92
CA PRO B 7 -3.22 -5.72 -4.97
C PRO B 7 -1.96 -6.35 -5.58
N GLN B 8 -2.16 -7.22 -6.57
CA GLN B 8 -1.04 -7.87 -7.25
C GLN B 8 -0.25 -6.84 -8.05
N ASP B 9 -0.97 -5.94 -8.72
CA ASP B 9 -0.35 -4.89 -9.51
C ASP B 9 0.33 -3.89 -8.60
N PHE B 10 -0.29 -3.66 -7.45
CA PHE B 10 0.23 -2.72 -6.45
C PHE B 10 1.67 -3.05 -6.10
N LEU B 11 1.98 -4.33 -6.07
CA LEU B 11 3.32 -4.78 -5.76
C LEU B 11 4.29 -4.37 -6.85
N LEU B 12 3.95 -4.66 -8.09
CA LEU B 12 4.80 -4.35 -9.23
C LEU B 12 4.82 -2.85 -9.54
N LYS B 13 3.94 -2.10 -8.90
CA LYS B 13 3.87 -0.66 -9.11
C LYS B 13 4.95 0.03 -8.29
N MET B 14 5.57 -0.72 -7.40
CA MET B 14 6.62 -0.22 -6.55
C MET B 14 7.94 -0.12 -7.31
N PRO B 15 8.84 0.79 -6.90
CA PRO B 15 10.12 0.99 -7.56
C PRO B 15 11.13 -0.12 -7.26
N GLY B 16 10.74 -1.08 -6.43
CA GLY B 16 11.65 -2.15 -6.08
C GLY B 16 11.00 -3.52 -6.14
N VAL B 17 10.09 -3.71 -7.10
CA VAL B 17 9.41 -4.99 -7.24
C VAL B 17 9.23 -5.35 -8.71
N ASN B 18 9.31 -6.64 -9.00
CA ASN B 18 9.14 -7.19 -10.33
C ASN B 18 8.41 -8.51 -10.18
N ALA B 19 8.03 -9.13 -11.29
CA ALA B 19 7.30 -10.39 -11.23
C ALA B 19 8.12 -11.50 -10.57
N LYS B 20 9.43 -11.45 -10.75
CA LYS B 20 10.33 -12.47 -10.20
C LYS B 20 10.25 -12.58 -8.69
N ASN B 21 10.20 -11.45 -8.00
CA ASN B 21 10.13 -11.46 -6.54
C ASN B 21 8.70 -11.20 -6.06
N CYS B 22 7.80 -10.97 -7.01
CA CYS B 22 6.41 -10.71 -6.68
C CYS B 22 5.75 -11.97 -6.11
N ARG B 23 6.02 -13.11 -6.75
CA ARG B 23 5.46 -14.39 -6.32
C ARG B 23 5.78 -14.67 -4.85
N SER B 24 6.99 -14.32 -4.44
CA SER B 24 7.40 -14.53 -3.06
C SER B 24 6.73 -13.53 -2.13
N LEU B 25 6.69 -12.28 -2.56
CA LEU B 25 6.09 -11.21 -1.77
C LEU B 25 4.64 -11.54 -1.41
N MET B 26 3.86 -11.87 -2.43
CA MET B 26 2.44 -12.19 -2.23
C MET B 26 2.26 -13.47 -1.44
N HIS B 27 3.23 -14.37 -1.53
CA HIS B 27 3.14 -15.62 -0.80
C HIS B 27 3.68 -15.45 0.62
N HIS B 28 4.31 -14.31 0.87
CA HIS B 28 4.90 -14.04 2.17
C HIS B 28 4.06 -13.04 2.96
N VAL B 29 3.11 -12.38 2.30
CA VAL B 29 2.24 -11.42 2.96
C VAL B 29 0.79 -11.74 2.64
N LYS B 30 -0.14 -11.31 3.48
CA LYS B 30 -1.56 -11.58 3.24
C LYS B 30 -2.05 -10.77 2.05
N ASN B 31 -1.68 -9.50 2.06
CA ASN B 31 -2.04 -8.56 1.03
C ASN B 31 -1.30 -7.25 1.30
N ILE B 32 -2.00 -6.14 1.27
CA ILE B 32 -1.38 -4.84 1.51
C ILE B 32 -0.97 -4.69 2.98
N ALA B 33 -1.78 -5.27 3.87
CA ALA B 33 -1.51 -5.19 5.31
C ALA B 33 -0.11 -5.70 5.66
N GLU B 34 0.20 -6.93 5.24
CA GLU B 34 1.50 -7.51 5.51
C GLU B 34 2.57 -6.88 4.63
N LEU B 35 2.18 -6.45 3.43
CA LEU B 35 3.10 -5.80 2.51
C LEU B 35 3.78 -4.61 3.16
N ALA B 36 3.00 -3.79 3.84
CA ALA B 36 3.52 -2.61 4.53
C ALA B 36 4.03 -2.98 5.91
N ALA B 37 3.68 -4.17 6.36
CA ALA B 37 4.09 -4.67 7.67
C ALA B 37 5.51 -5.22 7.64
N LEU B 38 6.02 -5.44 6.45
CA LEU B 38 7.36 -5.99 6.27
C LEU B 38 8.44 -4.97 6.61
N SER B 39 9.56 -5.46 7.11
CA SER B 39 10.68 -4.62 7.48
C SER B 39 11.79 -4.77 6.44
N GLN B 40 12.76 -3.86 6.44
CA GLN B 40 13.87 -3.91 5.48
C GLN B 40 14.57 -5.27 5.53
N ASP B 41 14.72 -5.78 6.74
CA ASP B 41 15.36 -7.08 6.95
C ASP B 41 14.49 -8.20 6.39
N GLU B 42 13.18 -8.02 6.53
CA GLU B 42 12.22 -8.99 6.04
C GLU B 42 12.22 -9.02 4.52
N LEU B 43 12.24 -7.83 3.92
CA LEU B 43 12.22 -7.71 2.46
C LEU B 43 13.38 -8.44 1.81
N THR B 44 14.56 -8.29 2.37
CA THR B 44 15.74 -8.96 1.82
C THR B 44 15.61 -10.47 1.93
N SER B 45 14.94 -10.92 2.99
CA SER B 45 14.73 -12.33 3.24
C SER B 45 13.70 -12.92 2.27
N ILE B 46 12.76 -12.10 1.84
CA ILE B 46 11.71 -12.53 0.93
C ILE B 46 12.09 -12.28 -0.53
N LEU B 47 12.39 -11.03 -0.84
CA LEU B 47 12.75 -10.63 -2.19
C LEU B 47 14.09 -11.25 -2.60
N GLY B 48 14.99 -11.34 -1.64
CA GLY B 48 16.29 -11.92 -1.90
C GLY B 48 17.22 -10.94 -2.57
N ASN B 49 16.94 -9.65 -2.43
CA ASN B 49 17.76 -8.62 -3.03
C ASN B 49 17.68 -7.33 -2.22
N ALA B 50 18.85 -6.83 -1.80
CA ALA B 50 18.93 -5.63 -0.99
C ALA B 50 18.37 -4.40 -1.72
N ALA B 51 18.66 -4.30 -3.01
CA ALA B 51 18.19 -3.17 -3.80
C ALA B 51 16.68 -3.14 -3.86
N ASN B 52 16.09 -4.28 -4.20
CA ASN B 52 14.66 -4.43 -4.30
C ASN B 52 14.03 -4.18 -2.94
N ALA B 53 14.70 -4.67 -1.89
CA ALA B 53 14.22 -4.52 -0.53
C ALA B 53 14.19 -3.06 -0.11
N LYS B 54 15.31 -2.37 -0.29
CA LYS B 54 15.42 -0.96 0.09
C LYS B 54 14.41 -0.13 -0.72
N GLN B 55 14.36 -0.37 -2.01
CA GLN B 55 13.45 0.37 -2.88
C GLN B 55 11.98 0.19 -2.46
N LEU B 56 11.59 -1.05 -2.19
CA LEU B 56 10.23 -1.34 -1.77
C LEU B 56 9.95 -0.78 -0.38
N TYR B 57 10.84 -1.09 0.56
CA TYR B 57 10.72 -0.62 1.93
C TYR B 57 10.69 0.90 1.99
N ASP B 58 11.43 1.53 1.09
CA ASP B 58 11.51 2.99 1.03
C ASP B 58 10.18 3.57 0.62
N PHE B 59 9.62 3.08 -0.50
CA PHE B 59 8.33 3.58 -0.99
C PHE B 59 7.26 3.41 0.07
N ILE B 60 7.26 2.26 0.73
CA ILE B 60 6.30 1.96 1.79
C ILE B 60 6.37 3.04 2.88
N HIS B 61 7.57 3.57 3.07
CA HIS B 61 7.80 4.59 4.08
C HIS B 61 8.15 5.95 3.47
N THR B 62 7.63 6.21 2.28
CA THR B 62 7.88 7.48 1.60
C THR B 62 6.78 8.48 1.89
N SER B 63 7.14 9.58 2.55
CA SER B 63 6.21 10.64 2.88
C SER B 63 5.51 11.17 1.64
N PHE B 64 4.21 11.44 1.77
CA PHE B 64 3.42 11.97 0.66
C PHE B 64 4.00 13.28 0.13
N ALA B 65 4.43 14.13 1.04
CA ALA B 65 5.00 15.41 0.66
C ALA B 65 6.48 15.45 0.97
N GLU B 66 7.26 15.82 -0.03
CA GLU B 66 8.70 15.90 0.09
C GLU B 66 9.28 16.45 -1.21
N VAL B 67 10.61 16.52 -1.29
CA VAL B 67 11.30 17.03 -2.48
C VAL B 67 10.92 18.49 -2.74
N GLU A 1 2.91 21.96 -0.87
CA GLU A 1 2.41 20.81 -1.65
C GLU A 1 3.55 20.05 -2.30
N LYS A 2 4.26 19.27 -1.48
CA LYS A 2 5.38 18.47 -1.98
C LYS A 2 4.94 17.03 -2.20
N TYR A 3 3.63 16.83 -2.18
CA TYR A 3 3.05 15.52 -2.35
C TYR A 3 3.33 14.96 -3.74
N ASN A 4 4.35 14.11 -3.82
CA ASN A 4 4.73 13.49 -5.08
C ASN A 4 3.67 12.52 -5.56
N PRO A 5 3.59 12.28 -6.89
CA PRO A 5 2.60 11.36 -7.49
C PRO A 5 2.83 9.90 -7.10
N GLY A 6 3.71 9.68 -6.14
CA GLY A 6 3.99 8.34 -5.68
C GLY A 6 2.97 7.88 -4.66
N PRO A 7 3.27 8.05 -3.35
CA PRO A 7 2.37 7.63 -2.28
C PRO A 7 1.05 8.42 -2.26
N GLN A 8 1.08 9.64 -2.78
CA GLN A 8 -0.11 10.48 -2.81
C GLN A 8 -1.14 9.92 -3.78
N ASP A 9 -0.68 9.49 -4.94
CA ASP A 9 -1.53 8.94 -5.97
C ASP A 9 -1.99 7.54 -5.59
N PHE A 10 -1.15 6.84 -4.84
CA PHE A 10 -1.43 5.48 -4.39
C PHE A 10 -2.73 5.44 -3.58
N LEU A 11 -2.98 6.50 -2.84
CA LEU A 11 -4.19 6.58 -2.01
C LEU A 11 -5.44 6.58 -2.88
N LEU A 12 -5.46 7.45 -3.89
CA LEU A 12 -6.62 7.58 -4.76
C LEU A 12 -6.82 6.35 -5.64
N LYS A 13 -5.84 5.45 -5.67
CA LYS A 13 -5.95 4.23 -6.45
C LYS A 13 -6.92 3.26 -5.79
N MET A 14 -7.17 3.50 -4.51
CA MET A 14 -8.07 2.66 -3.74
C MET A 14 -9.52 2.96 -4.09
N PRO A 15 -10.41 1.95 -3.98
CA PRO A 15 -11.82 2.12 -4.30
C PRO A 15 -12.59 2.92 -3.26
N GLY A 16 -11.93 3.30 -2.18
CA GLY A 16 -12.58 4.06 -1.14
C GLY A 16 -11.85 5.34 -0.82
N VAL A 17 -11.22 5.93 -1.82
CA VAL A 17 -10.48 7.17 -1.61
C VAL A 17 -10.77 8.16 -2.74
N ASN A 18 -10.88 9.42 -2.36
CA ASN A 18 -11.16 10.51 -3.29
C ASN A 18 -10.24 11.66 -2.91
N ALA A 19 -10.20 12.70 -3.72
CA ALA A 19 -9.35 13.85 -3.43
C ALA A 19 -9.75 14.55 -2.13
N LYS A 20 -11.00 14.34 -1.72
CA LYS A 20 -11.50 14.97 -0.50
C LYS A 20 -10.92 14.36 0.77
N ASN A 21 -10.94 13.04 0.89
CA ASN A 21 -10.42 12.40 2.07
C ASN A 21 -8.94 12.07 1.93
N CYS A 22 -8.42 12.22 0.72
CA CYS A 22 -7.01 11.94 0.46
C CYS A 22 -6.14 12.91 1.26
N ARG A 23 -6.48 14.20 1.21
CA ARG A 23 -5.73 15.24 1.92
C ARG A 23 -5.65 14.92 3.41
N SER A 24 -6.75 14.47 3.95
CA SER A 24 -6.84 14.12 5.36
C SER A 24 -6.14 12.80 5.64
N LEU A 25 -6.29 11.85 4.73
CA LEU A 25 -5.67 10.53 4.86
C LEU A 25 -4.16 10.64 4.98
N MET A 26 -3.57 11.35 4.03
CA MET A 26 -2.13 11.55 4.00
C MET A 26 -1.65 12.33 5.21
N HIS A 27 -2.51 13.17 5.74
CA HIS A 27 -2.15 13.95 6.90
C HIS A 27 -2.32 13.14 8.17
N HIS A 28 -3.06 12.04 8.07
CA HIS A 28 -3.31 11.17 9.22
C HIS A 28 -2.40 9.96 9.22
N VAL A 29 -1.70 9.73 8.12
CA VAL A 29 -0.78 8.60 8.01
C VAL A 29 0.58 9.07 7.51
N LYS A 30 1.65 8.42 7.98
CA LYS A 30 3.00 8.76 7.57
C LYS A 30 3.16 8.58 6.07
N ASN A 31 2.64 7.46 5.60
CA ASN A 31 2.70 7.09 4.20
C ASN A 31 1.98 5.77 4.04
N ILE A 32 2.56 4.86 3.27
CA ILE A 32 1.95 3.57 3.02
C ILE A 32 1.88 2.73 4.30
N ALA A 33 2.90 2.87 5.14
CA ALA A 33 2.96 2.14 6.41
C ALA A 33 1.73 2.39 7.26
N GLU A 34 1.43 3.66 7.53
CA GLU A 34 0.26 4.01 8.34
C GLU A 34 -1.03 3.79 7.55
N LEU A 35 -0.96 3.96 6.24
CA LEU A 35 -2.11 3.75 5.37
C LEU A 35 -2.67 2.35 5.54
N ALA A 36 -1.79 1.36 5.52
CA ALA A 36 -2.19 -0.03 5.68
C ALA A 36 -2.35 -0.38 7.16
N ALA A 37 -1.87 0.52 8.01
CA ALA A 37 -1.94 0.34 9.45
C ALA A 37 -3.30 0.76 9.98
N LEU A 38 -3.98 1.61 9.22
CA LEU A 38 -5.29 2.11 9.60
C LEU A 38 -6.29 0.96 9.74
N SER A 39 -7.14 1.07 10.74
CA SER A 39 -8.15 0.05 10.98
C SER A 39 -9.50 0.59 10.54
N GLN A 40 -10.43 -0.31 10.26
CA GLN A 40 -11.77 0.07 9.78
C GLN A 40 -12.39 1.17 10.67
N ASP A 41 -12.10 1.12 11.96
CA ASP A 41 -12.63 2.11 12.90
C ASP A 41 -12.00 3.47 12.64
N GLU A 42 -10.68 3.49 12.41
CA GLU A 42 -9.96 4.74 12.16
C GLU A 42 -10.34 5.32 10.82
N LEU A 43 -10.58 4.47 9.85
CA LEU A 43 -10.92 4.93 8.52
C LEU A 43 -12.13 5.86 8.55
N THR A 44 -13.12 5.53 9.37
CA THR A 44 -14.31 6.36 9.48
C THR A 44 -13.98 7.69 10.16
N SER A 45 -13.03 7.66 11.08
CA SER A 45 -12.61 8.85 11.82
C SER A 45 -11.85 9.81 10.92
N ILE A 46 -11.16 9.28 9.92
CA ILE A 46 -10.37 10.09 9.01
C ILE A 46 -11.09 10.41 7.71
N LEU A 47 -11.64 9.37 7.08
CA LEU A 47 -12.35 9.53 5.82
C LEU A 47 -13.68 10.23 6.00
N GLY A 48 -14.28 10.07 7.17
CA GLY A 48 -15.55 10.70 7.46
C GLY A 48 -16.72 10.08 6.72
N ASN A 49 -16.57 8.82 6.33
CA ASN A 49 -17.64 8.13 5.62
C ASN A 49 -17.49 6.62 5.77
N ALA A 50 -18.54 5.99 6.29
CA ALA A 50 -18.54 4.54 6.53
C ALA A 50 -18.27 3.75 5.26
N ALA A 51 -18.88 4.17 4.15
CA ALA A 51 -18.70 3.49 2.88
C ALA A 51 -17.24 3.56 2.46
N ASN A 52 -16.70 4.77 2.42
CA ASN A 52 -15.32 5.02 2.04
C ASN A 52 -14.37 4.25 2.97
N ALA A 53 -14.73 4.20 4.25
CA ALA A 53 -13.93 3.50 5.24
C ALA A 53 -13.79 2.03 4.89
N LYS A 54 -14.91 1.40 4.57
CA LYS A 54 -14.91 0.00 4.23
C LYS A 54 -14.27 -0.20 2.87
N GLN A 55 -14.62 0.66 1.91
CA GLN A 55 -14.08 0.60 0.56
C GLN A 55 -12.55 0.64 0.58
N LEU A 56 -11.99 1.48 1.43
CA LEU A 56 -10.54 1.62 1.54
C LEU A 56 -9.93 0.42 2.25
N TYR A 57 -10.43 0.10 3.45
CA TYR A 57 -9.91 -1.02 4.21
C TYR A 57 -10.11 -2.34 3.48
N ASP A 58 -11.16 -2.40 2.67
CA ASP A 58 -11.46 -3.60 1.89
C ASP A 58 -10.28 -3.95 1.02
N PHE A 59 -9.80 -2.97 0.25
CA PHE A 59 -8.67 -3.16 -0.65
C PHE A 59 -7.41 -3.54 0.14
N ILE A 60 -7.21 -2.85 1.26
CA ILE A 60 -6.06 -3.10 2.13
C ILE A 60 -6.06 -4.56 2.59
N HIS A 61 -7.25 -5.10 2.79
CA HIS A 61 -7.40 -6.48 3.25
C HIS A 61 -7.76 -7.43 2.10
N THR A 62 -7.62 -6.96 0.87
CA THR A 62 -7.93 -7.79 -0.28
C THR A 62 -6.74 -8.64 -0.67
N SER A 63 -6.84 -9.94 -0.42
CA SER A 63 -5.78 -10.87 -0.76
C SER A 63 -5.59 -10.92 -2.28
N PHE A 64 -4.34 -11.07 -2.70
CA PHE A 64 -4.00 -11.12 -4.11
C PHE A 64 -4.82 -12.17 -4.84
N ALA A 65 -4.86 -13.36 -4.29
CA ALA A 65 -5.62 -14.45 -4.88
C ALA A 65 -6.60 -15.01 -3.87
N GLU A 66 -7.51 -15.83 -4.36
CA GLU A 66 -8.51 -16.45 -3.51
C GLU A 66 -7.87 -17.56 -2.68
N VAL A 67 -7.67 -17.27 -1.41
CA VAL A 67 -7.06 -18.24 -0.52
C VAL A 67 -8.12 -18.83 0.42
N GLU B 1 -5.84 -17.24 -13.68
CA GLU B 1 -5.38 -16.95 -12.30
C GLU B 1 -6.36 -16.02 -11.59
N LYS B 2 -6.63 -16.31 -10.33
CA LYS B 2 -7.55 -15.50 -9.53
C LYS B 2 -6.82 -14.34 -8.86
N TYR B 3 -5.59 -14.10 -9.28
CA TYR B 3 -4.80 -13.01 -8.71
C TYR B 3 -5.34 -11.67 -9.22
N ASN B 4 -6.15 -11.03 -8.38
CA ASN B 4 -6.76 -9.75 -8.70
C ASN B 4 -5.71 -8.71 -9.07
N PRO B 5 -5.93 -7.97 -10.19
CA PRO B 5 -5.00 -6.94 -10.68
C PRO B 5 -4.95 -5.70 -9.80
N GLY B 6 -5.46 -5.83 -8.60
CA GLY B 6 -5.45 -4.73 -7.65
C GLY B 6 -4.22 -4.78 -6.77
N PRO B 7 -4.26 -5.57 -5.68
CA PRO B 7 -3.13 -5.70 -4.77
C PRO B 7 -1.93 -6.36 -5.43
N GLN B 8 -2.19 -7.24 -6.40
CA GLN B 8 -1.13 -7.92 -7.13
C GLN B 8 -0.34 -6.93 -7.98
N ASP B 9 -1.06 -6.03 -8.64
CA ASP B 9 -0.45 -5.03 -9.49
C ASP B 9 0.27 -4.00 -8.64
N PHE B 10 -0.31 -3.74 -7.47
CA PHE B 10 0.23 -2.78 -6.52
C PHE B 10 1.69 -3.10 -6.19
N LEU B 11 2.00 -4.38 -6.14
CA LEU B 11 3.35 -4.83 -5.83
C LEU B 11 4.32 -4.36 -6.91
N LEU B 12 3.96 -4.57 -8.17
CA LEU B 12 4.83 -4.19 -9.29
C LEU B 12 4.79 -2.69 -9.54
N LYS B 13 3.93 -1.98 -8.83
CA LYS B 13 3.84 -0.53 -8.97
C LYS B 13 4.96 0.14 -8.18
N MET B 14 5.67 -0.66 -7.41
CA MET B 14 6.77 -0.18 -6.61
C MET B 14 8.06 -0.14 -7.42
N PRO B 15 9.01 0.74 -7.07
CA PRO B 15 10.28 0.86 -7.78
C PRO B 15 11.27 -0.26 -7.47
N GLY B 16 10.91 -1.15 -6.56
CA GLY B 16 11.79 -2.24 -6.19
C GLY B 16 11.13 -3.60 -6.24
N VAL B 17 10.21 -3.79 -7.18
CA VAL B 17 9.53 -5.06 -7.32
C VAL B 17 9.40 -5.44 -8.80
N ASN B 18 9.42 -6.74 -9.06
CA ASN B 18 9.32 -7.29 -10.40
C ASN B 18 8.50 -8.56 -10.32
N ALA B 19 8.12 -9.11 -11.46
CA ALA B 19 7.32 -10.34 -11.50
C ALA B 19 8.01 -11.50 -10.76
N LYS B 20 9.34 -11.49 -10.74
CA LYS B 20 10.11 -12.54 -10.09
C LYS B 20 9.89 -12.48 -8.57
N ASN B 21 9.94 -11.28 -8.02
CA ASN B 21 9.75 -11.09 -6.59
C ASN B 21 8.29 -11.14 -6.24
N CYS B 22 7.48 -10.70 -7.18
CA CYS B 22 6.04 -10.63 -7.02
C CYS B 22 5.44 -11.95 -6.55
N ARG B 23 5.82 -13.05 -7.20
CA ARG B 23 5.28 -14.38 -6.85
C ARG B 23 5.56 -14.73 -5.38
N SER B 24 6.78 -14.47 -4.94
CA SER B 24 7.18 -14.76 -3.57
C SER B 24 6.56 -13.77 -2.59
N LEU B 25 6.61 -12.49 -2.96
CA LEU B 25 6.09 -11.41 -2.13
C LEU B 25 4.65 -11.65 -1.71
N MET B 26 3.81 -11.97 -2.68
CA MET B 26 2.40 -12.22 -2.42
C MET B 26 2.20 -13.46 -1.56
N HIS B 27 3.13 -14.39 -1.66
CA HIS B 27 3.05 -15.61 -0.88
C HIS B 27 3.58 -15.38 0.52
N HIS B 28 4.32 -14.30 0.70
CA HIS B 28 4.91 -13.97 1.99
C HIS B 28 4.11 -12.92 2.74
N VAL B 29 3.15 -12.28 2.07
CA VAL B 29 2.29 -11.28 2.70
C VAL B 29 0.83 -11.60 2.42
N LYS B 30 -0.04 -11.26 3.34
CA LYS B 30 -1.48 -11.50 3.17
C LYS B 30 -2.00 -10.68 2.01
N ASN B 31 -1.61 -9.42 2.00
CA ASN B 31 -2.00 -8.46 1.00
C ASN B 31 -1.25 -7.17 1.27
N ILE B 32 -1.94 -6.04 1.26
CA ILE B 32 -1.33 -4.75 1.51
C ILE B 32 -0.88 -4.61 2.96
N ALA B 33 -1.67 -5.18 3.87
CA ALA B 33 -1.37 -5.10 5.29
C ALA B 33 0.04 -5.61 5.61
N GLU B 34 0.33 -6.84 5.16
CA GLU B 34 1.65 -7.43 5.37
C GLU B 34 2.69 -6.78 4.47
N LEU B 35 2.27 -6.34 3.29
CA LEU B 35 3.17 -5.70 2.33
C LEU B 35 3.87 -4.50 2.97
N ALA B 36 3.09 -3.66 3.65
CA ALA B 36 3.63 -2.48 4.31
C ALA B 36 4.18 -2.85 5.70
N ALA B 37 3.85 -4.05 6.14
CA ALA B 37 4.30 -4.55 7.43
C ALA B 37 5.70 -5.14 7.32
N LEU B 38 6.17 -5.30 6.10
CA LEU B 38 7.48 -5.86 5.86
C LEU B 38 8.57 -4.87 6.24
N SER B 39 9.69 -5.41 6.69
CA SER B 39 10.84 -4.60 7.09
C SER B 39 11.91 -4.73 6.02
N GLN B 40 12.83 -3.78 5.95
CA GLN B 40 13.90 -3.81 4.95
C GLN B 40 14.68 -5.11 5.07
N ASP B 41 14.74 -5.64 6.29
CA ASP B 41 15.42 -6.90 6.56
C ASP B 41 14.63 -8.06 5.96
N GLU B 42 13.32 -8.02 6.12
CA GLU B 42 12.43 -9.06 5.60
C GLU B 42 12.41 -9.03 4.08
N LEU B 43 12.41 -7.84 3.50
CA LEU B 43 12.38 -7.69 2.06
C LEU B 43 13.52 -8.44 1.38
N THR B 44 14.71 -8.35 1.94
CA THR B 44 15.86 -9.04 1.35
C THR B 44 15.64 -10.56 1.35
N SER B 45 14.92 -11.05 2.34
CA SER B 45 14.63 -12.46 2.46
C SER B 45 13.60 -12.91 1.41
N ILE B 46 12.59 -12.07 1.20
CA ILE B 46 11.51 -12.37 0.26
C ILE B 46 11.90 -12.06 -1.18
N LEU B 47 12.38 -10.85 -1.40
CA LEU B 47 12.79 -10.40 -2.72
C LEU B 47 14.08 -11.07 -3.16
N GLY B 48 14.95 -11.33 -2.19
CA GLY B 48 16.21 -11.98 -2.47
C GLY B 48 17.25 -11.05 -3.06
N ASN B 49 17.04 -9.75 -2.88
CA ASN B 49 17.97 -8.75 -3.41
C ASN B 49 17.92 -7.48 -2.59
N ALA B 50 19.10 -7.01 -2.19
CA ALA B 50 19.24 -5.81 -1.36
C ALA B 50 18.70 -4.56 -2.05
N ALA B 51 18.96 -4.43 -3.33
CA ALA B 51 18.51 -3.27 -4.09
C ALA B 51 16.99 -3.20 -4.12
N ASN B 52 16.40 -4.32 -4.48
CA ASN B 52 14.95 -4.44 -4.54
C ASN B 52 14.34 -4.20 -3.16
N ALA B 53 15.03 -4.70 -2.14
CA ALA B 53 14.57 -4.55 -0.77
C ALA B 53 14.54 -3.10 -0.34
N LYS B 54 15.66 -2.42 -0.54
CA LYS B 54 15.78 -1.02 -0.17
C LYS B 54 14.79 -0.18 -1.00
N GLN B 55 14.66 -0.52 -2.27
CA GLN B 55 13.77 0.20 -3.18
C GLN B 55 12.29 0.01 -2.80
N LEU B 56 11.90 -1.22 -2.50
CA LEU B 56 10.52 -1.51 -2.12
C LEU B 56 10.20 -0.87 -0.79
N TYR B 57 11.04 -1.11 0.21
CA TYR B 57 10.84 -0.55 1.54
C TYR B 57 10.91 0.97 1.49
N ASP B 58 11.65 1.49 0.51
CA ASP B 58 11.80 2.92 0.33
C ASP B 58 10.45 3.57 0.11
N PHE B 59 9.72 3.05 -0.88
CA PHE B 59 8.40 3.57 -1.20
C PHE B 59 7.45 3.41 -0.02
N ILE B 60 7.53 2.26 0.64
CA ILE B 60 6.68 1.99 1.81
C ILE B 60 6.94 3.01 2.90
N HIS B 61 8.18 3.47 2.97
CA HIS B 61 8.59 4.45 3.99
C HIS B 61 8.75 5.85 3.39
N THR B 62 8.08 6.10 2.26
CA THR B 62 8.15 7.40 1.61
C THR B 62 6.97 8.28 1.99
N SER B 63 7.23 9.27 2.83
CA SER B 63 6.19 10.20 3.27
C SER B 63 5.69 11.03 2.10
N PHE B 64 4.41 11.34 2.10
CA PHE B 64 3.81 12.14 1.03
C PHE B 64 4.47 13.51 0.95
N ALA B 65 4.38 14.26 2.05
CA ALA B 65 4.98 15.58 2.10
C ALA B 65 4.90 16.15 3.51
N GLU B 66 5.77 17.10 3.80
CA GLU B 66 5.80 17.78 5.09
C GLU B 66 4.88 18.99 5.01
N VAL B 67 4.77 19.55 3.82
CA VAL B 67 3.94 20.70 3.57
C VAL B 67 3.07 20.46 2.33
N GLU A 1 4.12 21.85 0.76
CA GLU A 1 3.03 21.72 -0.22
C GLU A 1 3.49 20.99 -1.48
N LYS A 2 4.45 20.08 -1.32
CA LYS A 2 4.97 19.33 -2.47
C LYS A 2 4.00 18.23 -2.88
N TYR A 3 3.83 17.24 -2.01
CA TYR A 3 2.95 16.10 -2.25
C TYR A 3 3.36 15.37 -3.53
N ASN A 4 4.42 14.59 -3.43
CA ASN A 4 4.96 13.85 -4.56
C ASN A 4 3.92 12.89 -5.14
N PRO A 5 3.92 12.72 -6.48
CA PRO A 5 2.96 11.85 -7.18
C PRO A 5 3.16 10.36 -6.90
N GLY A 6 4.02 10.07 -5.93
CA GLY A 6 4.27 8.70 -5.57
C GLY A 6 3.23 8.17 -4.58
N PRO A 7 3.47 8.35 -3.28
CA PRO A 7 2.54 7.88 -2.23
C PRO A 7 1.21 8.64 -2.22
N GLN A 8 1.25 9.91 -2.61
CA GLN A 8 0.04 10.73 -2.63
C GLN A 8 -0.95 10.20 -3.67
N ASP A 9 -0.45 9.94 -4.87
CA ASP A 9 -1.27 9.41 -5.95
C ASP A 9 -1.72 8.00 -5.65
N PHE A 10 -0.89 7.28 -4.90
CA PHE A 10 -1.15 5.91 -4.51
C PHE A 10 -2.47 5.80 -3.75
N LEU A 11 -2.74 6.81 -2.92
CA LEU A 11 -3.96 6.85 -2.13
C LEU A 11 -5.19 6.89 -3.02
N LEU A 12 -5.18 7.75 -4.02
CA LEU A 12 -6.32 7.91 -4.92
C LEU A 12 -6.46 6.74 -5.89
N LYS A 13 -5.51 5.81 -5.87
CA LYS A 13 -5.56 4.64 -6.73
C LYS A 13 -6.52 3.61 -6.14
N MET A 14 -6.92 3.85 -4.90
CA MET A 14 -7.82 2.97 -4.19
C MET A 14 -9.25 3.18 -4.65
N PRO A 15 -10.10 2.13 -4.54
CA PRO A 15 -11.51 2.21 -4.96
C PRO A 15 -12.39 3.00 -4.00
N GLY A 16 -11.82 3.47 -2.90
CA GLY A 16 -12.59 4.23 -1.94
C GLY A 16 -11.89 5.49 -1.50
N VAL A 17 -11.13 6.09 -2.40
CA VAL A 17 -10.41 7.31 -2.08
C VAL A 17 -10.57 8.34 -3.19
N ASN A 18 -10.80 9.57 -2.78
CA ASN A 18 -10.97 10.71 -3.66
C ASN A 18 -10.19 11.86 -3.05
N ALA A 19 -10.02 12.95 -3.78
CA ALA A 19 -9.29 14.10 -3.26
C ALA A 19 -9.99 14.68 -2.01
N LYS A 20 -11.28 14.38 -1.88
CA LYS A 20 -12.07 14.89 -0.75
C LYS A 20 -11.66 14.26 0.58
N ASN A 21 -11.42 12.96 0.60
CA ASN A 21 -11.04 12.28 1.83
C ASN A 21 -9.54 12.00 1.88
N CYS A 22 -8.86 12.22 0.77
CA CYS A 22 -7.42 12.00 0.68
C CYS A 22 -6.68 12.98 1.59
N ARG A 23 -7.19 14.20 1.67
CA ARG A 23 -6.60 15.26 2.49
C ARG A 23 -6.37 14.80 3.94
N SER A 24 -7.41 14.22 4.52
CA SER A 24 -7.34 13.74 5.89
C SER A 24 -6.53 12.46 6.00
N LEU A 25 -6.66 11.60 5.00
CA LEU A 25 -5.95 10.33 5.00
C LEU A 25 -4.46 10.55 5.17
N MET A 26 -3.90 11.38 4.30
CA MET A 26 -2.48 11.69 4.33
C MET A 26 -2.10 12.46 5.58
N HIS A 27 -3.05 13.20 6.12
CA HIS A 27 -2.80 13.97 7.32
C HIS A 27 -2.90 13.09 8.56
N HIS A 28 -3.48 11.90 8.40
CA HIS A 28 -3.64 10.97 9.53
C HIS A 28 -2.63 9.84 9.46
N VAL A 29 -1.96 9.70 8.34
CA VAL A 29 -0.97 8.65 8.19
C VAL A 29 0.37 9.24 7.72
N LYS A 30 1.47 8.59 8.09
CA LYS A 30 2.80 9.03 7.68
C LYS A 30 2.96 8.91 6.18
N ASN A 31 2.54 7.76 5.66
CA ASN A 31 2.61 7.45 4.26
C ASN A 31 1.94 6.10 4.03
N ILE A 32 2.60 5.22 3.29
CA ILE A 32 2.04 3.91 2.99
C ILE A 32 1.98 3.04 4.25
N ALA A 33 2.98 3.19 5.11
CA ALA A 33 3.06 2.42 6.35
C ALA A 33 1.81 2.60 7.20
N GLU A 34 1.44 3.84 7.49
CA GLU A 34 0.26 4.12 8.28
C GLU A 34 -1.01 3.90 7.47
N LEU A 35 -0.91 4.13 6.16
CA LEU A 35 -2.05 3.94 5.26
C LEU A 35 -2.59 2.51 5.35
N ALA A 36 -1.70 1.55 5.22
CA ALA A 36 -2.08 0.14 5.29
C ALA A 36 -2.27 -0.31 6.73
N ALA A 37 -1.80 0.52 7.67
CA ALA A 37 -1.91 0.23 9.09
C ALA A 37 -3.30 0.55 9.63
N LEU A 38 -4.02 1.38 8.89
CA LEU A 38 -5.35 1.81 9.29
C LEU A 38 -6.35 0.65 9.32
N SER A 39 -7.31 0.77 10.21
CA SER A 39 -8.36 -0.22 10.37
C SER A 39 -9.65 0.36 9.79
N GLN A 40 -10.66 -0.45 9.51
CA GLN A 40 -11.90 0.08 8.94
C GLN A 40 -12.50 1.13 9.87
N ASP A 41 -12.34 0.91 11.18
CA ASP A 41 -12.82 1.86 12.19
C ASP A 41 -12.05 3.17 12.04
N GLU A 42 -10.76 3.04 11.79
CA GLU A 42 -9.89 4.18 11.61
C GLU A 42 -10.34 4.94 10.37
N LEU A 43 -10.55 4.20 9.29
CA LEU A 43 -10.95 4.77 8.01
C LEU A 43 -12.19 5.65 8.17
N THR A 44 -13.20 5.16 8.86
CA THR A 44 -14.41 5.95 9.05
C THR A 44 -14.12 7.19 9.87
N SER A 45 -13.23 7.04 10.85
CA SER A 45 -12.86 8.14 11.72
C SER A 45 -12.03 9.20 10.98
N ILE A 46 -11.38 8.79 9.90
CA ILE A 46 -10.56 9.72 9.12
C ILE A 46 -11.29 10.24 7.89
N LEU A 47 -11.86 9.32 7.12
CA LEU A 47 -12.58 9.67 5.89
C LEU A 47 -13.92 10.31 6.19
N GLY A 48 -14.57 9.85 7.25
CA GLY A 48 -15.87 10.39 7.62
C GLY A 48 -17.01 9.75 6.85
N ASN A 49 -16.73 8.62 6.22
CA ASN A 49 -17.74 7.91 5.45
C ASN A 49 -17.49 6.42 5.46
N ALA A 50 -18.52 5.66 5.82
CA ALA A 50 -18.42 4.20 5.90
C ALA A 50 -18.18 3.57 4.54
N ALA A 51 -18.78 4.11 3.50
CA ALA A 51 -18.62 3.58 2.15
C ALA A 51 -17.17 3.70 1.70
N ASN A 52 -16.64 4.90 1.81
CA ASN A 52 -15.27 5.17 1.44
C ASN A 52 -14.33 4.33 2.29
N ALA A 53 -14.67 4.18 3.57
CA ALA A 53 -13.88 3.39 4.51
C ALA A 53 -13.82 1.94 4.08
N LYS A 54 -14.99 1.36 3.84
CA LYS A 54 -15.09 -0.03 3.43
C LYS A 54 -14.38 -0.25 2.09
N GLN A 55 -14.54 0.71 1.18
CA GLN A 55 -13.92 0.61 -0.13
C GLN A 55 -12.40 0.72 -0.05
N LEU A 56 -11.91 1.65 0.76
CA LEU A 56 -10.48 1.84 0.93
C LEU A 56 -9.88 0.64 1.65
N TYR A 57 -10.48 0.26 2.77
CA TYR A 57 -10.00 -0.88 3.56
C TYR A 57 -10.14 -2.17 2.76
N ASP A 58 -11.10 -2.19 1.84
CA ASP A 58 -11.32 -3.36 1.00
C ASP A 58 -10.05 -3.70 0.26
N PHE A 59 -9.52 -2.72 -0.47
CA PHE A 59 -8.31 -2.90 -1.25
C PHE A 59 -7.14 -3.31 -0.37
N ILE A 60 -6.98 -2.63 0.76
CA ILE A 60 -5.91 -2.92 1.70
C ILE A 60 -6.00 -4.35 2.22
N HIS A 61 -7.23 -4.85 2.35
CA HIS A 61 -7.48 -6.20 2.86
C HIS A 61 -7.73 -7.19 1.73
N THR A 62 -7.52 -6.75 0.49
CA THR A 62 -7.74 -7.63 -0.65
C THR A 62 -6.53 -8.51 -0.89
N SER A 63 -6.67 -9.79 -0.57
CA SER A 63 -5.60 -10.74 -0.79
C SER A 63 -5.37 -10.90 -2.28
N PHE A 64 -4.11 -10.95 -2.68
CA PHE A 64 -3.75 -11.09 -4.10
C PHE A 64 -4.50 -12.27 -4.71
N ALA A 65 -4.53 -13.36 -3.97
CA ALA A 65 -5.22 -14.57 -4.39
C ALA A 65 -5.54 -15.39 -3.16
N GLU A 66 -6.24 -16.50 -3.36
CA GLU A 66 -6.60 -17.37 -2.24
C GLU A 66 -5.36 -18.12 -1.76
N VAL A 67 -4.33 -18.13 -2.60
CA VAL A 67 -3.07 -18.79 -2.28
C VAL A 67 -1.90 -17.82 -2.42
N GLU B 1 -4.31 -16.82 -14.15
CA GLU B 1 -3.95 -16.41 -12.77
C GLU B 1 -5.15 -15.76 -12.09
N LYS B 2 -5.30 -16.01 -10.79
CA LYS B 2 -6.42 -15.46 -10.04
C LYS B 2 -5.96 -14.22 -9.27
N TYR B 3 -4.69 -13.91 -9.41
CA TYR B 3 -4.10 -12.75 -8.75
C TYR B 3 -4.68 -11.47 -9.33
N ASN B 4 -5.66 -10.91 -8.62
CA ASN B 4 -6.31 -9.67 -9.04
C ASN B 4 -5.31 -8.57 -9.38
N PRO B 5 -5.53 -7.88 -10.51
CA PRO B 5 -4.65 -6.79 -10.98
C PRO B 5 -4.69 -5.56 -10.07
N GLY B 6 -5.28 -5.72 -8.91
CA GLY B 6 -5.34 -4.62 -7.97
C GLY B 6 -4.15 -4.66 -7.02
N PRO B 7 -4.22 -5.48 -5.96
CA PRO B 7 -3.13 -5.61 -4.97
C PRO B 7 -1.87 -6.24 -5.58
N GLN B 8 -2.06 -7.12 -6.56
CA GLN B 8 -0.93 -7.79 -7.21
C GLN B 8 -0.11 -6.78 -8.01
N ASP B 9 -0.81 -5.95 -8.76
CA ASP B 9 -0.17 -4.93 -9.60
C ASP B 9 0.42 -3.84 -8.72
N PHE B 10 -0.23 -3.59 -7.58
CA PHE B 10 0.22 -2.58 -6.63
C PHE B 10 1.65 -2.86 -6.18
N LEU B 11 2.00 -4.13 -6.10
CA LEU B 11 3.34 -4.53 -5.70
C LEU B 11 4.36 -4.09 -6.75
N LEU B 12 4.02 -4.30 -8.02
CA LEU B 12 4.92 -3.96 -9.12
C LEU B 12 4.92 -2.46 -9.41
N LYS B 13 4.03 -1.72 -8.74
CA LYS B 13 3.97 -0.27 -8.91
C LYS B 13 5.17 0.37 -8.22
N MET B 14 5.80 -0.41 -7.36
CA MET B 14 6.95 0.05 -6.61
C MET B 14 8.21 0.02 -7.47
N PRO B 15 9.14 0.94 -7.20
CA PRO B 15 10.40 1.06 -7.95
C PRO B 15 11.40 -0.03 -7.63
N GLY B 16 11.01 -0.96 -6.78
CA GLY B 16 11.92 -2.04 -6.42
C GLY B 16 11.27 -3.40 -6.46
N VAL B 17 10.36 -3.61 -7.42
CA VAL B 17 9.67 -4.89 -7.56
C VAL B 17 9.54 -5.29 -9.03
N ASN B 18 9.60 -6.59 -9.28
CA ASN B 18 9.47 -7.15 -10.62
C ASN B 18 8.57 -8.37 -10.51
N ALA B 19 8.12 -8.90 -11.64
CA ALA B 19 7.24 -10.07 -11.63
C ALA B 19 7.90 -11.30 -11.01
N LYS B 20 9.23 -11.37 -11.11
CA LYS B 20 9.98 -12.51 -10.57
C LYS B 20 9.90 -12.58 -9.04
N ASN B 21 10.21 -11.49 -8.36
CA ASN B 21 10.19 -11.51 -6.90
C ASN B 21 8.81 -11.19 -6.35
N CYS B 22 7.93 -10.72 -7.23
CA CYS B 22 6.57 -10.38 -6.83
C CYS B 22 5.81 -11.62 -6.37
N ARG B 23 5.98 -12.72 -7.09
CA ARG B 23 5.29 -13.97 -6.77
C ARG B 23 5.64 -14.45 -5.36
N SER B 24 6.90 -14.30 -4.98
CA SER B 24 7.34 -14.70 -3.65
C SER B 24 6.86 -13.69 -2.61
N LEU B 25 7.00 -12.41 -2.95
CA LEU B 25 6.61 -11.32 -2.07
C LEU B 25 5.15 -11.47 -1.62
N MET B 26 4.29 -11.71 -2.58
CA MET B 26 2.86 -11.87 -2.29
C MET B 26 2.60 -13.09 -1.42
N HIS B 27 3.46 -14.08 -1.49
CA HIS B 27 3.28 -15.26 -0.67
C HIS B 27 3.76 -15.02 0.76
N HIS B 28 4.56 -13.96 0.94
CA HIS B 28 5.08 -13.63 2.27
C HIS B 28 4.20 -12.58 2.95
N VAL B 29 3.32 -11.97 2.20
CA VAL B 29 2.44 -10.96 2.76
C VAL B 29 0.99 -11.28 2.46
N LYS B 30 0.08 -10.93 3.37
CA LYS B 30 -1.34 -11.18 3.15
C LYS B 30 -1.84 -10.37 1.96
N ASN B 31 -1.44 -9.11 1.95
CA ASN B 31 -1.82 -8.18 0.91
C ASN B 31 -1.07 -6.86 1.14
N ILE B 32 -1.77 -5.75 1.14
CA ILE B 32 -1.15 -4.45 1.34
C ILE B 32 -0.71 -4.26 2.79
N ALA B 33 -1.49 -4.79 3.72
CA ALA B 33 -1.20 -4.67 5.14
C ALA B 33 0.20 -5.20 5.47
N GLU B 34 0.47 -6.45 5.09
CA GLU B 34 1.77 -7.06 5.34
C GLU B 34 2.85 -6.44 4.44
N LEU B 35 2.45 -6.00 3.25
CA LEU B 35 3.36 -5.38 2.31
C LEU B 35 4.07 -4.19 2.96
N ALA B 36 3.30 -3.37 3.67
CA ALA B 36 3.84 -2.20 4.35
C ALA B 36 4.39 -2.57 5.72
N ALA B 37 4.05 -3.76 6.19
CA ALA B 37 4.49 -4.25 7.48
C ALA B 37 5.90 -4.85 7.40
N LEU B 38 6.37 -5.04 6.18
CA LEU B 38 7.69 -5.62 5.96
C LEU B 38 8.80 -4.63 6.31
N SER B 39 9.95 -5.17 6.70
CA SER B 39 11.10 -4.37 7.05
C SER B 39 12.13 -4.47 5.95
N GLN B 40 13.16 -3.64 5.99
CA GLN B 40 14.21 -3.69 4.99
C GLN B 40 14.85 -5.07 4.98
N ASP B 41 14.99 -5.63 6.17
CA ASP B 41 15.57 -6.97 6.32
C ASP B 41 14.64 -8.00 5.71
N GLU B 42 13.35 -7.84 5.98
CA GLU B 42 12.33 -8.75 5.45
C GLU B 42 12.39 -8.75 3.93
N LEU B 43 12.45 -7.55 3.36
CA LEU B 43 12.48 -7.40 1.92
C LEU B 43 13.66 -8.13 1.29
N THR B 44 14.85 -8.02 1.89
CA THR B 44 16.02 -8.69 1.36
C THR B 44 15.87 -10.22 1.46
N SER B 45 15.19 -10.66 2.50
CA SER B 45 14.96 -12.07 2.71
C SER B 45 13.95 -12.65 1.72
N ILE B 46 12.95 -11.85 1.35
CA ILE B 46 11.92 -12.28 0.41
C ILE B 46 12.32 -12.00 -1.03
N LEU B 47 12.64 -10.75 -1.34
CA LEU B 47 13.01 -10.36 -2.69
C LEU B 47 14.34 -10.98 -3.10
N GLY B 48 15.24 -11.10 -2.14
CA GLY B 48 16.53 -11.69 -2.41
C GLY B 48 17.48 -10.73 -3.08
N ASN B 49 17.22 -9.43 -2.91
CA ASN B 49 18.07 -8.41 -3.51
C ASN B 49 18.00 -7.11 -2.71
N ALA B 50 19.16 -6.62 -2.30
CA ALA B 50 19.26 -5.40 -1.51
C ALA B 50 18.70 -4.19 -2.24
N ALA B 51 18.95 -4.09 -3.54
CA ALA B 51 18.48 -2.96 -4.33
C ALA B 51 16.96 -2.93 -4.36
N ASN B 52 16.37 -4.05 -4.73
CA ASN B 52 14.93 -4.19 -4.80
C ASN B 52 14.32 -3.91 -3.43
N ALA B 53 14.99 -4.41 -2.39
CA ALA B 53 14.53 -4.24 -1.01
C ALA B 53 14.53 -2.78 -0.59
N LYS B 54 15.66 -2.12 -0.79
CA LYS B 54 15.80 -0.71 -0.43
C LYS B 54 14.85 0.15 -1.23
N GLN B 55 14.69 -0.16 -2.50
CA GLN B 55 13.80 0.60 -3.37
C GLN B 55 12.34 0.46 -2.94
N LEU B 56 11.96 -0.76 -2.56
CA LEU B 56 10.60 -1.01 -2.12
C LEU B 56 10.35 -0.40 -0.74
N TYR B 57 11.21 -0.71 0.22
CA TYR B 57 11.06 -0.20 1.58
C TYR B 57 11.13 1.32 1.62
N ASP B 58 11.89 1.91 0.71
CA ASP B 58 12.03 3.36 0.64
C ASP B 58 10.68 4.00 0.33
N PHE B 59 10.00 3.47 -0.67
CA PHE B 59 8.69 3.99 -1.09
C PHE B 59 7.69 3.83 0.03
N ILE B 60 7.75 2.70 0.74
CA ILE B 60 6.85 2.42 1.85
C ILE B 60 6.91 3.52 2.91
N HIS B 61 8.11 4.05 3.16
CA HIS B 61 8.29 5.10 4.18
C HIS B 61 8.45 6.49 3.54
N THR B 62 7.94 6.64 2.33
CA THR B 62 8.05 7.91 1.63
C THR B 62 6.86 8.81 1.96
N SER B 63 7.11 9.90 2.69
CA SER B 63 6.06 10.83 3.06
C SER B 63 5.45 11.49 1.84
N PHE B 64 4.16 11.78 1.90
CA PHE B 64 3.45 12.42 0.81
C PHE B 64 4.05 13.80 0.52
N ALA B 65 4.13 14.62 1.55
CA ALA B 65 4.68 15.96 1.43
C ALA B 65 6.05 16.02 2.08
N GLU B 66 6.56 17.23 2.25
CA GLU B 66 7.87 17.43 2.86
C GLU B 66 7.83 17.23 4.37
N VAL B 67 7.68 15.99 4.79
CA VAL B 67 7.62 15.64 6.20
C VAL B 67 8.67 14.59 6.53
N GLU A 1 2.37 21.61 -4.98
CA GLU A 1 2.53 21.12 -3.60
C GLU A 1 3.75 20.23 -3.49
N LYS A 2 4.12 19.87 -2.27
CA LYS A 2 5.29 19.01 -2.06
C LYS A 2 4.87 17.55 -2.04
N TYR A 3 3.59 17.31 -2.25
CA TYR A 3 3.05 15.98 -2.25
C TYR A 3 3.47 15.24 -3.51
N ASN A 4 4.49 14.41 -3.38
CA ASN A 4 4.99 13.62 -4.50
C ASN A 4 3.88 12.77 -5.10
N PRO A 5 3.80 12.70 -6.45
CA PRO A 5 2.77 11.93 -7.16
C PRO A 5 2.93 10.42 -6.96
N GLY A 6 3.85 10.05 -6.09
CA GLY A 6 4.05 8.65 -5.79
C GLY A 6 3.08 8.18 -4.73
N PRO A 7 3.42 8.39 -3.45
CA PRO A 7 2.56 7.99 -2.33
C PRO A 7 1.24 8.76 -2.27
N GLN A 8 1.27 10.03 -2.68
CA GLN A 8 0.08 10.88 -2.66
C GLN A 8 -0.96 10.36 -3.65
N ASP A 9 -0.53 10.07 -4.87
CA ASP A 9 -1.41 9.57 -5.90
C ASP A 9 -1.82 8.13 -5.61
N PHE A 10 -0.95 7.40 -4.92
CA PHE A 10 -1.21 6.02 -4.55
C PHE A 10 -2.52 5.91 -3.78
N LEU A 11 -2.83 6.93 -3.00
CA LEU A 11 -4.06 6.95 -2.23
C LEU A 11 -5.25 7.02 -3.17
N LEU A 12 -5.15 7.88 -4.17
CA LEU A 12 -6.22 8.10 -5.14
C LEU A 12 -6.35 6.96 -6.15
N LYS A 13 -5.44 5.99 -6.08
CA LYS A 13 -5.48 4.85 -7.00
C LYS A 13 -6.47 3.79 -6.49
N MET A 14 -6.98 4.02 -5.29
CA MET A 14 -7.92 3.11 -4.65
C MET A 14 -9.35 3.33 -5.15
N PRO A 15 -10.22 2.32 -5.02
CA PRO A 15 -11.63 2.40 -5.44
C PRO A 15 -12.50 3.19 -4.46
N GLY A 16 -11.97 3.45 -3.27
CA GLY A 16 -12.72 4.19 -2.27
C GLY A 16 -11.97 5.41 -1.80
N VAL A 17 -11.60 6.26 -2.74
CA VAL A 17 -10.86 7.46 -2.42
C VAL A 17 -11.22 8.60 -3.37
N ASN A 18 -10.97 9.83 -2.91
CA ASN A 18 -11.21 11.02 -3.68
C ASN A 18 -10.22 12.07 -3.21
N ALA A 19 -10.19 13.21 -3.87
CA ALA A 19 -9.26 14.27 -3.47
C ALA A 19 -9.66 14.89 -2.15
N LYS A 20 -10.94 14.83 -1.83
CA LYS A 20 -11.45 15.42 -0.60
C LYS A 20 -10.97 14.70 0.66
N ASN A 21 -11.00 13.37 0.64
CA ASN A 21 -10.57 12.61 1.80
C ASN A 21 -9.09 12.29 1.71
N CYS A 22 -8.47 12.63 0.59
CA CYS A 22 -7.07 12.39 0.39
C CYS A 22 -6.24 13.31 1.29
N ARG A 23 -6.63 14.58 1.35
CA ARG A 23 -5.92 15.57 2.18
C ARG A 23 -5.87 15.16 3.65
N SER A 24 -6.99 14.65 4.14
CA SER A 24 -7.08 14.21 5.51
C SER A 24 -6.34 12.90 5.73
N LEU A 25 -6.42 12.02 4.74
CA LEU A 25 -5.76 10.72 4.82
C LEU A 25 -4.26 10.88 4.98
N MET A 26 -3.66 11.68 4.10
CA MET A 26 -2.22 11.92 4.15
C MET A 26 -1.82 12.65 5.42
N HIS A 27 -2.73 13.44 5.96
CA HIS A 27 -2.47 14.17 7.18
C HIS A 27 -2.62 13.25 8.39
N HIS A 28 -3.27 12.10 8.19
CA HIS A 28 -3.53 11.15 9.25
C HIS A 28 -2.56 9.97 9.21
N VAL A 29 -1.83 9.80 8.11
CA VAL A 29 -0.88 8.70 7.99
C VAL A 29 0.47 9.22 7.49
N LYS A 30 1.55 8.58 7.91
CA LYS A 30 2.91 8.99 7.50
C LYS A 30 3.07 8.84 6.00
N ASN A 31 2.60 7.70 5.51
CA ASN A 31 2.67 7.36 4.11
C ASN A 31 1.97 6.03 3.90
N ILE A 32 2.57 5.13 3.15
CA ILE A 32 1.99 3.84 2.86
C ILE A 32 1.91 2.98 4.12
N ALA A 33 2.92 3.11 4.99
CA ALA A 33 2.98 2.34 6.22
C ALA A 33 1.73 2.55 7.07
N GLU A 34 1.40 3.81 7.36
CA GLU A 34 0.23 4.13 8.17
C GLU A 34 -1.05 3.93 7.35
N LEU A 35 -0.97 4.15 6.05
CA LEU A 35 -2.12 3.99 5.15
C LEU A 35 -2.69 2.58 5.28
N ALA A 36 -1.83 1.58 5.24
CA ALA A 36 -2.24 0.20 5.35
C ALA A 36 -2.41 -0.21 6.82
N ALA A 37 -1.92 0.64 7.71
CA ALA A 37 -2.00 0.40 9.15
C ALA A 37 -3.35 0.80 9.72
N LEU A 38 -4.11 1.55 8.95
CA LEU A 38 -5.42 2.02 9.38
C LEU A 38 -6.47 0.91 9.42
N SER A 39 -7.49 1.10 10.22
CA SER A 39 -8.58 0.15 10.37
C SER A 39 -9.82 0.68 9.64
N GLN A 40 -10.85 -0.14 9.50
CA GLN A 40 -12.05 0.27 8.79
C GLN A 40 -12.73 1.37 9.58
N ASP A 41 -12.56 1.30 10.88
CA ASP A 41 -13.12 2.26 11.81
C ASP A 41 -12.34 3.56 11.71
N GLU A 42 -11.03 3.43 11.56
CA GLU A 42 -10.17 4.58 11.42
C GLU A 42 -10.49 5.29 10.13
N LEU A 43 -10.63 4.53 9.04
CA LEU A 43 -10.94 5.11 7.75
C LEU A 43 -12.22 5.94 7.80
N THR A 44 -13.24 5.45 8.48
CA THR A 44 -14.50 6.18 8.57
C THR A 44 -14.32 7.49 9.31
N SER A 45 -13.43 7.48 10.30
CA SER A 45 -13.16 8.64 11.11
C SER A 45 -12.36 9.69 10.32
N ILE A 46 -11.54 9.22 9.39
CA ILE A 46 -10.71 10.10 8.57
C ILE A 46 -11.39 10.52 7.28
N LEU A 47 -11.93 9.53 6.59
CA LEU A 47 -12.61 9.74 5.32
C LEU A 47 -13.97 10.38 5.51
N GLY A 48 -14.53 10.18 6.69
CA GLY A 48 -15.83 10.75 7.00
C GLY A 48 -16.95 10.13 6.19
N ASN A 49 -16.73 8.90 5.72
CA ASN A 49 -17.73 8.21 4.93
C ASN A 49 -17.52 6.71 4.98
N ALA A 50 -18.58 5.98 5.31
CA ALA A 50 -18.55 4.53 5.43
C ALA A 50 -18.21 3.84 4.11
N ALA A 51 -18.77 4.37 3.02
CA ALA A 51 -18.53 3.80 1.70
C ALA A 51 -17.07 3.89 1.32
N ASN A 52 -16.52 5.08 1.49
CA ASN A 52 -15.12 5.33 1.20
C ASN A 52 -14.23 4.48 2.10
N ALA A 53 -14.63 4.36 3.36
CA ALA A 53 -13.86 3.59 4.33
C ALA A 53 -13.86 2.11 3.98
N LYS A 54 -15.04 1.56 3.76
CA LYS A 54 -15.19 0.16 3.41
C LYS A 54 -14.48 -0.15 2.10
N GLN A 55 -14.58 0.75 1.13
CA GLN A 55 -13.94 0.54 -0.18
C GLN A 55 -12.42 0.68 -0.08
N LEU A 56 -11.95 1.65 0.69
CA LEU A 56 -10.51 1.87 0.84
C LEU A 56 -9.87 0.72 1.62
N TYR A 57 -10.47 0.38 2.76
CA TYR A 57 -9.95 -0.69 3.60
C TYR A 57 -10.08 -2.03 2.88
N ASP A 58 -11.07 -2.12 2.00
CA ASP A 58 -11.30 -3.34 1.24
C ASP A 58 -10.08 -3.70 0.43
N PHE A 59 -9.61 -2.76 -0.37
CA PHE A 59 -8.44 -2.98 -1.22
C PHE A 59 -7.21 -3.29 -0.38
N ILE A 60 -7.07 -2.60 0.74
CA ILE A 60 -5.94 -2.81 1.64
C ILE A 60 -5.95 -4.25 2.17
N HIS A 61 -7.14 -4.80 2.34
CA HIS A 61 -7.32 -6.16 2.85
C HIS A 61 -7.66 -7.13 1.72
N THR A 62 -7.47 -6.69 0.48
CA THR A 62 -7.77 -7.53 -0.67
C THR A 62 -6.61 -8.50 -0.93
N SER A 63 -6.81 -9.76 -0.58
CA SER A 63 -5.80 -10.77 -0.81
C SER A 63 -5.49 -10.89 -2.29
N PHE A 64 -4.22 -11.13 -2.61
CA PHE A 64 -3.79 -11.25 -4.00
C PHE A 64 -4.60 -12.31 -4.72
N ALA A 65 -4.84 -13.40 -4.01
CA ALA A 65 -5.63 -14.48 -4.57
C ALA A 65 -6.63 -14.98 -3.55
N GLU A 66 -7.84 -15.21 -4.01
CA GLU A 66 -8.86 -15.76 -3.15
C GLU A 66 -8.51 -17.22 -2.88
N VAL A 67 -7.92 -17.84 -3.90
CA VAL A 67 -7.46 -19.21 -3.84
C VAL A 67 -6.16 -19.32 -4.62
N GLU B 1 -4.89 -19.98 -7.78
CA GLU B 1 -4.30 -19.11 -8.83
C GLU B 1 -5.26 -17.97 -9.20
N LYS B 2 -6.02 -17.51 -8.21
CA LYS B 2 -6.99 -16.44 -8.42
C LYS B 2 -6.36 -15.06 -8.31
N TYR B 3 -5.04 -15.00 -8.36
CA TYR B 3 -4.31 -13.74 -8.25
C TYR B 3 -4.77 -12.77 -9.34
N ASN B 4 -5.58 -11.81 -8.95
CA ASN B 4 -6.11 -10.83 -9.88
C ASN B 4 -5.15 -9.64 -10.00
N PRO B 5 -5.16 -8.98 -11.17
CA PRO B 5 -4.29 -7.81 -11.47
C PRO B 5 -4.61 -6.56 -10.65
N GLY B 6 -5.18 -6.77 -9.48
CA GLY B 6 -5.49 -5.66 -8.59
C GLY B 6 -4.38 -5.46 -7.59
N PRO B 7 -4.45 -6.13 -6.43
CA PRO B 7 -3.40 -6.04 -5.40
C PRO B 7 -2.10 -6.66 -5.89
N GLN B 8 -2.23 -7.61 -6.82
CA GLN B 8 -1.08 -8.30 -7.41
C GLN B 8 -0.28 -7.30 -8.26
N ASP B 9 -1.00 -6.42 -8.94
CA ASP B 9 -0.38 -5.42 -9.79
C ASP B 9 0.24 -4.32 -8.96
N PHE B 10 -0.41 -4.01 -7.84
CA PHE B 10 0.05 -2.95 -6.93
C PHE B 10 1.50 -3.18 -6.52
N LEU B 11 1.89 -4.44 -6.40
CA LEU B 11 3.25 -4.79 -6.03
C LEU B 11 4.22 -4.34 -7.10
N LEU B 12 3.89 -4.62 -8.35
CA LEU B 12 4.75 -4.26 -9.48
C LEU B 12 4.68 -2.77 -9.80
N LYS B 13 3.78 -2.06 -9.13
CA LYS B 13 3.65 -0.63 -9.33
C LYS B 13 4.70 0.11 -8.52
N MET B 14 5.42 -0.65 -7.70
CA MET B 14 6.48 -0.09 -6.88
C MET B 14 7.78 -0.01 -7.68
N PRO B 15 8.65 0.95 -7.35
CA PRO B 15 9.93 1.13 -8.07
C PRO B 15 10.97 0.05 -7.78
N GLY B 16 10.60 -0.95 -6.98
CA GLY B 16 11.55 -1.99 -6.65
C GLY B 16 10.94 -3.38 -6.66
N VAL B 17 10.00 -3.61 -7.58
CA VAL B 17 9.36 -4.92 -7.68
C VAL B 17 9.17 -5.32 -9.14
N ASN B 18 9.36 -6.59 -9.43
CA ASN B 18 9.21 -7.13 -10.76
C ASN B 18 8.39 -8.41 -10.67
N ALA B 19 8.01 -8.96 -11.81
CA ALA B 19 7.20 -10.17 -11.85
C ALA B 19 7.91 -11.37 -11.19
N LYS B 20 9.22 -11.39 -11.23
CA LYS B 20 9.99 -12.50 -10.66
C LYS B 20 9.86 -12.59 -9.14
N ASN B 21 10.12 -11.50 -8.45
CA ASN B 21 10.05 -11.50 -6.99
C ASN B 21 8.64 -11.19 -6.50
N CYS B 22 7.72 -11.02 -7.46
CA CYS B 22 6.34 -10.73 -7.12
C CYS B 22 5.66 -11.95 -6.51
N ARG B 23 5.91 -13.13 -7.10
CA ARG B 23 5.29 -14.37 -6.62
C ARG B 23 5.68 -14.65 -5.18
N SER B 24 6.92 -14.35 -4.82
CA SER B 24 7.40 -14.56 -3.47
C SER B 24 6.81 -13.54 -2.52
N LEU B 25 6.87 -12.29 -2.92
CA LEU B 25 6.34 -11.19 -2.12
C LEU B 25 4.90 -11.44 -1.71
N MET B 26 4.07 -11.80 -2.68
CA MET B 26 2.66 -12.07 -2.42
C MET B 26 2.45 -13.31 -1.57
N HIS B 27 3.39 -14.25 -1.67
CA HIS B 27 3.30 -15.47 -0.89
C HIS B 27 3.79 -15.23 0.53
N HIS B 28 4.49 -14.13 0.74
CA HIS B 28 5.05 -13.80 2.04
C HIS B 28 4.21 -12.76 2.77
N VAL B 29 3.29 -12.12 2.06
CA VAL B 29 2.42 -11.11 2.66
C VAL B 29 0.96 -11.43 2.36
N LYS B 30 0.05 -11.03 3.25
CA LYS B 30 -1.38 -11.27 3.06
C LYS B 30 -1.89 -10.50 1.86
N ASN B 31 -1.50 -9.23 1.81
CA ASN B 31 -1.89 -8.33 0.75
C ASN B 31 -1.17 -7.01 0.98
N ILE B 32 -1.89 -5.90 0.90
CA ILE B 32 -1.29 -4.59 1.08
C ILE B 32 -0.86 -4.41 2.54
N ALA B 33 -1.64 -4.97 3.47
CA ALA B 33 -1.35 -4.87 4.90
C ALA B 33 0.07 -5.36 5.22
N GLU B 34 0.39 -6.59 4.84
CA GLU B 34 1.70 -7.15 5.10
C GLU B 34 2.75 -6.51 4.18
N LEU B 35 2.33 -6.12 2.98
CA LEU B 35 3.22 -5.47 2.02
C LEU B 35 3.88 -4.26 2.64
N ALA B 36 3.08 -3.42 3.29
CA ALA B 36 3.59 -2.22 3.93
C ALA B 36 4.12 -2.53 5.33
N ALA B 37 3.82 -3.72 5.81
CA ALA B 37 4.25 -4.17 7.13
C ALA B 37 5.67 -4.72 7.10
N LEU B 38 6.16 -5.02 5.90
CA LEU B 38 7.49 -5.55 5.72
C LEU B 38 8.55 -4.50 5.99
N SER B 39 9.71 -4.94 6.45
CA SER B 39 10.82 -4.03 6.73
C SER B 39 11.87 -4.19 5.65
N GLN B 40 12.81 -3.26 5.59
CA GLN B 40 13.87 -3.32 4.60
C GLN B 40 14.62 -4.64 4.72
N ASP B 41 14.75 -5.12 5.96
CA ASP B 41 15.42 -6.38 6.24
C ASP B 41 14.59 -7.54 5.71
N GLU B 42 13.28 -7.46 5.95
CA GLU B 42 12.34 -8.48 5.50
C GLU B 42 12.37 -8.58 3.98
N LEU B 43 12.34 -7.42 3.33
CA LEU B 43 12.31 -7.37 1.88
C LEU B 43 13.49 -8.09 1.24
N THR B 44 14.69 -7.93 1.78
CA THR B 44 15.85 -8.61 1.23
C THR B 44 15.72 -10.12 1.40
N SER B 45 15.10 -10.52 2.49
CA SER B 45 14.91 -11.93 2.80
C SER B 45 13.84 -12.55 1.91
N ILE B 46 12.95 -11.73 1.37
CA ILE B 46 11.88 -12.23 0.50
C ILE B 46 12.18 -12.01 -0.97
N LEU B 47 12.49 -10.77 -1.33
CA LEU B 47 12.79 -10.42 -2.71
C LEU B 47 14.10 -11.03 -3.17
N GLY B 48 15.03 -11.16 -2.25
CA GLY B 48 16.31 -11.75 -2.57
C GLY B 48 17.25 -10.79 -3.26
N ASN B 49 16.99 -9.49 -3.11
CA ASN B 49 17.84 -8.48 -3.73
C ASN B 49 17.74 -7.18 -2.94
N ALA B 50 18.90 -6.66 -2.55
CA ALA B 50 18.98 -5.44 -1.76
C ALA B 50 18.40 -4.22 -2.48
N ALA B 51 18.66 -4.12 -3.77
CA ALA B 51 18.17 -2.99 -4.56
C ALA B 51 16.65 -2.98 -4.60
N ASN B 52 16.08 -4.13 -4.91
CA ASN B 52 14.64 -4.29 -4.97
C ASN B 52 14.04 -4.03 -3.60
N ALA B 53 14.73 -4.48 -2.56
CA ALA B 53 14.27 -4.32 -1.19
C ALA B 53 14.26 -2.85 -0.79
N LYS B 54 15.37 -2.18 -1.03
CA LYS B 54 15.50 -0.77 -0.70
C LYS B 54 14.50 0.05 -1.50
N GLN B 55 14.40 -0.22 -2.79
CA GLN B 55 13.48 0.52 -3.67
C GLN B 55 12.02 0.32 -3.25
N LEU B 56 11.67 -0.91 -2.89
CA LEU B 56 10.30 -1.22 -2.46
C LEU B 56 10.01 -0.57 -1.12
N TYR B 57 10.87 -0.85 -0.13
CA TYR B 57 10.68 -0.29 1.21
C TYR B 57 10.76 1.23 1.16
N ASP B 58 11.55 1.75 0.23
CA ASP B 58 11.72 3.19 0.07
C ASP B 58 10.37 3.84 -0.16
N PHE B 59 9.65 3.33 -1.17
CA PHE B 59 8.34 3.85 -1.52
C PHE B 59 7.37 3.72 -0.35
N ILE B 60 7.41 2.58 0.32
CA ILE B 60 6.54 2.32 1.47
C ILE B 60 6.85 3.32 2.60
N HIS B 61 8.11 3.71 2.68
CA HIS B 61 8.57 4.64 3.71
C HIS B 61 8.81 6.05 3.14
N THR B 62 8.08 6.40 2.10
CA THR B 62 8.22 7.71 1.48
C THR B 62 7.08 8.64 1.89
N SER B 63 7.39 9.67 2.67
CA SER B 63 6.41 10.64 3.12
C SER B 63 5.73 11.28 1.91
N PHE B 64 4.43 11.54 2.04
CA PHE B 64 3.66 12.13 0.96
C PHE B 64 4.28 13.43 0.46
N ALA B 65 4.60 14.33 1.37
CA ALA B 65 5.18 15.60 1.01
C ALA B 65 6.64 15.68 1.40
N GLU B 66 7.42 16.34 0.56
CA GLU B 66 8.85 16.54 0.80
C GLU B 66 9.02 17.56 1.93
N VAL B 67 9.04 17.08 3.16
CA VAL B 67 9.20 17.96 4.30
C VAL B 67 10.66 18.04 4.70
N GLU A 1 2.46 22.17 -0.83
CA GLU A 1 1.94 21.26 -1.87
C GLU A 1 3.07 20.48 -2.51
N LYS A 2 3.88 19.85 -1.67
CA LYS A 2 5.02 19.07 -2.14
C LYS A 2 4.65 17.60 -2.31
N TYR A 3 3.35 17.32 -2.29
CA TYR A 3 2.83 15.97 -2.41
C TYR A 3 3.14 15.38 -3.78
N ASN A 4 4.16 14.54 -3.82
CA ASN A 4 4.56 13.86 -5.04
C ASN A 4 3.50 12.89 -5.52
N PRO A 5 3.34 12.73 -6.84
CA PRO A 5 2.35 11.83 -7.44
C PRO A 5 2.63 10.35 -7.20
N GLY A 6 3.57 10.08 -6.30
CA GLY A 6 3.90 8.72 -5.98
C GLY A 6 2.94 8.13 -4.96
N PRO A 7 3.25 8.23 -3.66
CA PRO A 7 2.40 7.71 -2.59
C PRO A 7 1.04 8.43 -2.50
N GLN A 8 1.02 9.70 -2.92
CA GLN A 8 -0.20 10.49 -2.88
C GLN A 8 -1.23 9.95 -3.86
N ASP A 9 -0.78 9.63 -5.06
CA ASP A 9 -1.65 9.10 -6.10
C ASP A 9 -2.08 7.68 -5.73
N PHE A 10 -1.21 6.99 -5.01
CA PHE A 10 -1.47 5.62 -4.57
C PHE A 10 -2.73 5.54 -3.73
N LEU A 11 -2.99 6.60 -2.98
CA LEU A 11 -4.16 6.67 -2.13
C LEU A 11 -5.44 6.64 -2.96
N LEU A 12 -5.46 7.43 -4.03
CA LEU A 12 -6.63 7.52 -4.89
C LEU A 12 -6.76 6.32 -5.81
N LYS A 13 -5.76 5.45 -5.84
CA LYS A 13 -5.80 4.25 -6.66
C LYS A 13 -6.73 3.21 -6.05
N MET A 14 -7.16 3.48 -4.83
CA MET A 14 -8.06 2.59 -4.11
C MET A 14 -9.51 2.86 -4.50
N PRO A 15 -10.36 1.83 -4.43
CA PRO A 15 -11.79 1.94 -4.77
C PRO A 15 -12.62 2.63 -3.70
N GLY A 16 -11.98 3.09 -2.64
CA GLY A 16 -12.69 3.74 -1.57
C GLY A 16 -12.02 5.03 -1.13
N VAL A 17 -11.42 5.74 -2.07
CA VAL A 17 -10.75 7.00 -1.76
C VAL A 17 -11.05 8.04 -2.85
N ASN A 18 -11.11 9.29 -2.44
CA ASN A 18 -11.38 10.40 -3.34
C ASN A 18 -10.47 11.55 -2.94
N ALA A 19 -10.43 12.59 -3.74
CA ALA A 19 -9.59 13.74 -3.42
C ALA A 19 -10.05 14.44 -2.14
N LYS A 20 -11.32 14.23 -1.79
CA LYS A 20 -11.90 14.85 -0.61
C LYS A 20 -11.31 14.31 0.69
N ASN A 21 -11.21 12.99 0.81
CA ASN A 21 -10.69 12.39 2.03
C ASN A 21 -9.21 12.10 1.91
N CYS A 22 -8.67 12.22 0.70
CA CYS A 22 -7.25 11.97 0.47
C CYS A 22 -6.41 12.96 1.27
N ARG A 23 -6.83 14.22 1.28
CA ARG A 23 -6.13 15.29 2.00
C ARG A 23 -6.00 14.94 3.48
N SER A 24 -7.07 14.42 4.04
CA SER A 24 -7.11 14.04 5.44
C SER A 24 -6.34 12.74 5.66
N LEU A 25 -6.52 11.79 4.76
CA LEU A 25 -5.86 10.49 4.84
C LEU A 25 -4.35 10.63 4.95
N MET A 26 -3.77 11.40 4.03
CA MET A 26 -2.33 11.61 4.01
C MET A 26 -1.84 12.34 5.25
N HIS A 27 -2.70 13.13 5.84
CA HIS A 27 -2.35 13.87 7.03
C HIS A 27 -2.47 12.98 8.27
N HIS A 28 -3.20 11.88 8.11
CA HIS A 28 -3.42 10.95 9.21
C HIS A 28 -2.48 9.73 9.14
N VAL A 29 -1.82 9.56 8.01
CA VAL A 29 -0.88 8.46 7.84
C VAL A 29 0.46 8.99 7.37
N LYS A 30 1.54 8.34 7.74
CA LYS A 30 2.88 8.77 7.32
C LYS A 30 3.02 8.61 5.82
N ASN A 31 2.57 7.47 5.35
CA ASN A 31 2.63 7.11 3.96
C ASN A 31 1.90 5.79 3.78
N ILE A 32 2.52 4.86 3.05
CA ILE A 32 1.91 3.57 2.80
C ILE A 32 1.88 2.73 4.08
N ALA A 33 2.92 2.88 4.90
CA ALA A 33 3.03 2.14 6.16
C ALA A 33 1.78 2.33 7.02
N GLU A 34 1.43 3.58 7.30
CA GLU A 34 0.27 3.89 8.12
C GLU A 34 -1.03 3.66 7.33
N LEU A 35 -0.99 3.88 6.02
CA LEU A 35 -2.15 3.68 5.17
C LEU A 35 -2.70 2.26 5.31
N ALA A 36 -1.81 1.29 5.26
CA ALA A 36 -2.19 -0.11 5.39
C ALA A 36 -2.32 -0.51 6.86
N ALA A 37 -1.81 0.35 7.73
CA ALA A 37 -1.84 0.11 9.17
C ALA A 37 -3.19 0.51 9.76
N LEU A 38 -3.93 1.33 9.02
CA LEU A 38 -5.24 1.80 9.45
C LEU A 38 -6.22 0.65 9.57
N SER A 39 -7.17 0.82 10.47
CA SER A 39 -8.21 -0.17 10.71
C SER A 39 -9.51 0.34 10.11
N GLN A 40 -10.44 -0.55 9.81
CA GLN A 40 -11.73 -0.15 9.23
C GLN A 40 -12.36 0.94 10.09
N ASP A 41 -12.15 0.84 11.39
CA ASP A 41 -12.67 1.81 12.35
C ASP A 41 -12.02 3.18 12.11
N GLU A 42 -10.70 3.19 12.02
CA GLU A 42 -9.95 4.43 11.77
C GLU A 42 -10.35 5.04 10.45
N LEU A 43 -10.54 4.19 9.45
CA LEU A 43 -10.90 4.65 8.13
C LEU A 43 -12.17 5.52 8.16
N THR A 44 -13.17 5.08 8.90
CA THR A 44 -14.41 5.84 9.00
C THR A 44 -14.18 7.21 9.63
N SER A 45 -13.23 7.27 10.57
CA SER A 45 -12.91 8.51 11.25
C SER A 45 -12.17 9.49 10.34
N ILE A 46 -11.25 8.96 9.54
CA ILE A 46 -10.45 9.78 8.63
C ILE A 46 -11.18 10.08 7.33
N LEU A 47 -11.77 9.06 6.74
CA LEU A 47 -12.47 9.19 5.48
C LEU A 47 -13.82 9.85 5.66
N GLY A 48 -14.37 9.71 6.85
CA GLY A 48 -15.64 10.33 7.16
C GLY A 48 -16.80 9.65 6.45
N ASN A 49 -16.61 8.37 6.10
CA ASN A 49 -17.65 7.63 5.42
C ASN A 49 -17.45 6.12 5.57
N ALA A 50 -18.51 5.42 5.92
CA ALA A 50 -18.46 3.98 6.12
C ALA A 50 -18.17 3.24 4.83
N ALA A 51 -18.78 3.69 3.74
CA ALA A 51 -18.58 3.06 2.44
C ALA A 51 -17.13 3.17 2.01
N ASN A 52 -16.62 4.38 2.07
CA ASN A 52 -15.24 4.66 1.71
C ASN A 52 -14.30 3.84 2.60
N ALA A 53 -14.65 3.75 3.88
CA ALA A 53 -13.85 3.02 4.84
C ALA A 53 -13.78 1.54 4.48
N LYS A 54 -14.94 0.95 4.24
CA LYS A 54 -15.01 -0.45 3.86
C LYS A 54 -14.34 -0.70 2.51
N GLN A 55 -14.57 0.19 1.56
CA GLN A 55 -14.00 0.07 0.22
C GLN A 55 -12.47 0.18 0.25
N LEU A 56 -11.96 1.15 1.00
CA LEU A 56 -10.52 1.34 1.10
C LEU A 56 -9.88 0.18 1.86
N TYR A 57 -10.45 -0.16 3.01
CA TYR A 57 -9.93 -1.26 3.81
C TYR A 57 -10.06 -2.59 3.08
N ASP A 58 -11.05 -2.68 2.21
CA ASP A 58 -11.29 -3.90 1.44
C ASP A 58 -10.09 -4.19 0.55
N PHE A 59 -9.66 -3.19 -0.21
CA PHE A 59 -8.50 -3.33 -1.10
C PHE A 59 -7.26 -3.68 -0.30
N ILE A 60 -7.07 -3.00 0.83
CA ILE A 60 -5.93 -3.24 1.70
C ILE A 60 -5.92 -4.69 2.19
N HIS A 61 -7.12 -5.24 2.40
CA HIS A 61 -7.27 -6.61 2.89
C HIS A 61 -7.57 -7.59 1.76
N THR A 62 -7.40 -7.15 0.53
CA THR A 62 -7.67 -8.01 -0.63
C THR A 62 -6.48 -8.89 -0.95
N SER A 63 -6.68 -10.20 -0.79
CA SER A 63 -5.62 -11.16 -1.08
C SER A 63 -5.29 -11.14 -2.57
N PHE A 64 -4.01 -11.34 -2.88
CA PHE A 64 -3.53 -11.33 -4.25
C PHE A 64 -4.28 -12.33 -5.13
N ALA A 65 -4.39 -13.56 -4.65
CA ALA A 65 -5.08 -14.60 -5.40
C ALA A 65 -6.30 -15.07 -4.63
N GLU A 66 -7.31 -15.50 -5.38
CA GLU A 66 -8.54 -15.99 -4.79
C GLU A 66 -8.31 -17.34 -4.12
N VAL A 67 -8.06 -17.32 -2.82
CA VAL A 67 -7.81 -18.52 -2.05
C VAL A 67 -9.01 -18.88 -1.19
N GLU B 1 -5.64 -17.16 -14.39
CA GLU B 1 -5.00 -16.94 -13.08
C GLU B 1 -5.93 -16.13 -12.18
N LYS B 2 -6.05 -16.54 -10.93
CA LYS B 2 -6.92 -15.87 -9.98
C LYS B 2 -6.20 -14.72 -9.28
N TYR B 3 -5.04 -14.35 -9.79
CA TYR B 3 -4.28 -13.26 -9.22
C TYR B 3 -4.86 -11.93 -9.66
N ASN B 4 -5.69 -11.36 -8.79
CA ASN B 4 -6.33 -10.08 -9.05
C ASN B 4 -5.29 -9.00 -9.36
N PRO B 5 -5.47 -8.28 -10.47
CA PRO B 5 -4.55 -7.21 -10.91
C PRO B 5 -4.59 -5.97 -10.02
N GLY B 6 -5.18 -6.11 -8.86
CA GLY B 6 -5.24 -5.01 -7.91
C GLY B 6 -4.03 -5.02 -7.01
N PRO B 7 -4.04 -5.81 -5.94
CA PRO B 7 -2.91 -5.90 -5.01
C PRO B 7 -1.69 -6.54 -5.66
N GLN B 8 -1.92 -7.38 -6.67
CA GLN B 8 -0.84 -8.05 -7.40
C GLN B 8 -0.05 -7.04 -8.22
N ASP B 9 -0.76 -6.14 -8.90
CA ASP B 9 -0.13 -5.12 -9.72
C ASP B 9 0.53 -4.06 -8.85
N PHE B 10 -0.10 -3.81 -7.72
CA PHE B 10 0.40 -2.81 -6.77
C PHE B 10 1.85 -3.10 -6.39
N LEU B 11 2.19 -4.37 -6.34
CA LEU B 11 3.54 -4.79 -6.00
C LEU B 11 4.54 -4.34 -7.06
N LEU B 12 4.23 -4.64 -8.32
CA LEU B 12 5.11 -4.30 -9.43
C LEU B 12 5.10 -2.82 -9.75
N LYS B 13 4.21 -2.07 -9.12
CA LYS B 13 4.13 -0.64 -9.35
C LYS B 13 5.18 0.09 -8.51
N MET B 14 5.90 -0.68 -7.71
CA MET B 14 6.95 -0.14 -6.85
C MET B 14 8.29 -0.10 -7.60
N PRO B 15 9.20 0.81 -7.20
CA PRO B 15 10.51 0.94 -7.86
C PRO B 15 11.48 -0.17 -7.48
N GLY B 16 11.09 -1.03 -6.55
CA GLY B 16 11.97 -2.10 -6.12
C GLY B 16 11.30 -3.47 -6.14
N VAL B 17 10.42 -3.69 -7.11
CA VAL B 17 9.74 -4.97 -7.24
C VAL B 17 9.65 -5.37 -8.71
N ASN B 18 9.69 -6.68 -8.96
CA ASN B 18 9.62 -7.22 -10.31
C ASN B 18 8.82 -8.51 -10.25
N ALA B 19 8.49 -9.08 -11.40
CA ALA B 19 7.73 -10.32 -11.46
C ALA B 19 8.38 -11.44 -10.65
N LYS B 20 9.70 -11.40 -10.54
CA LYS B 20 10.44 -12.41 -9.80
C LYS B 20 10.16 -12.30 -8.31
N ASN B 21 10.27 -11.08 -7.78
CA ASN B 21 10.03 -10.85 -6.36
C ASN B 21 8.57 -10.97 -6.06
N CYS B 22 7.77 -10.65 -7.06
CA CYS B 22 6.33 -10.64 -6.95
C CYS B 22 5.76 -11.95 -6.40
N ARG B 23 6.19 -13.09 -6.96
CA ARG B 23 5.68 -14.39 -6.51
C ARG B 23 5.98 -14.67 -5.04
N SER B 24 7.18 -14.35 -4.62
CA SER B 24 7.59 -14.57 -3.24
C SER B 24 6.98 -13.53 -2.31
N LEU B 25 7.01 -12.28 -2.73
CA LEU B 25 6.48 -11.16 -1.96
C LEU B 25 5.04 -11.40 -1.53
N MET B 26 4.20 -11.74 -2.48
CA MET B 26 2.79 -11.96 -2.22
C MET B 26 2.58 -13.20 -1.37
N HIS B 27 3.51 -14.14 -1.47
CA HIS B 27 3.41 -15.36 -0.70
C HIS B 27 3.89 -15.15 0.73
N HIS B 28 4.63 -14.07 0.94
CA HIS B 28 5.18 -13.77 2.26
C HIS B 28 4.29 -12.76 3.00
N VAL B 29 3.43 -12.07 2.27
CA VAL B 29 2.53 -11.10 2.89
C VAL B 29 1.08 -11.51 2.65
N LYS B 30 0.18 -11.06 3.52
CA LYS B 30 -1.23 -11.37 3.35
C LYS B 30 -1.77 -10.65 2.13
N ASN B 31 -1.42 -9.38 2.04
CA ASN B 31 -1.84 -8.50 0.97
C ASN B 31 -1.14 -7.16 1.16
N ILE B 32 -1.89 -6.07 1.06
CA ILE B 32 -1.32 -4.74 1.23
C ILE B 32 -0.87 -4.51 2.67
N ALA B 33 -1.64 -5.06 3.61
CA ALA B 33 -1.36 -4.91 5.04
C ALA B 33 0.06 -5.37 5.38
N GLU B 34 0.41 -6.59 5.01
CA GLU B 34 1.73 -7.11 5.29
C GLU B 34 2.77 -6.49 4.36
N LEU B 35 2.35 -6.14 3.15
CA LEU B 35 3.24 -5.51 2.18
C LEU B 35 3.87 -4.25 2.77
N ALA B 36 3.04 -3.40 3.38
CA ALA B 36 3.52 -2.17 3.99
C ALA B 36 4.05 -2.42 5.40
N ALA B 37 3.78 -3.62 5.91
CA ALA B 37 4.23 -4.01 7.25
C ALA B 37 5.66 -4.53 7.20
N LEU B 38 6.12 -4.84 6.00
CA LEU B 38 7.46 -5.37 5.80
C LEU B 38 8.52 -4.37 6.18
N SER B 39 9.59 -4.87 6.79
CA SER B 39 10.69 -4.02 7.21
C SER B 39 11.86 -4.23 6.26
N GLN B 40 12.78 -3.27 6.23
CA GLN B 40 13.94 -3.33 5.32
C GLN B 40 14.68 -4.67 5.45
N ASP B 41 14.77 -5.18 6.67
CA ASP B 41 15.44 -6.45 6.93
C ASP B 41 14.65 -7.62 6.35
N GLU B 42 13.33 -7.51 6.40
CA GLU B 42 12.45 -8.55 5.88
C GLU B 42 12.46 -8.55 4.36
N LEU B 43 12.48 -7.35 3.77
CA LEU B 43 12.46 -7.21 2.33
C LEU B 43 13.62 -7.95 1.67
N THR B 44 14.80 -7.87 2.25
CA THR B 44 15.95 -8.56 1.69
C THR B 44 15.74 -10.07 1.67
N SER B 45 15.03 -10.56 2.67
CA SER B 45 14.73 -11.97 2.80
C SER B 45 13.70 -12.42 1.77
N ILE B 46 12.71 -11.57 1.53
CA ILE B 46 11.62 -11.88 0.60
C ILE B 46 11.97 -11.55 -0.85
N LEU B 47 12.48 -10.36 -1.07
CA LEU B 47 12.86 -9.92 -2.41
C LEU B 47 14.12 -10.62 -2.87
N GLY B 48 15.01 -10.90 -1.93
CA GLY B 48 16.24 -11.59 -2.26
C GLY B 48 17.31 -10.66 -2.78
N ASN B 49 17.18 -9.37 -2.51
CA ASN B 49 18.17 -8.40 -2.98
C ASN B 49 18.11 -7.12 -2.16
N ALA B 50 19.28 -6.67 -1.71
CA ALA B 50 19.38 -5.47 -0.88
C ALA B 50 18.89 -4.22 -1.59
N ALA B 51 19.23 -4.08 -2.86
CA ALA B 51 18.83 -2.92 -3.64
C ALA B 51 17.32 -2.87 -3.77
N ASN B 52 16.74 -4.01 -4.15
CA ASN B 52 15.31 -4.14 -4.30
C ASN B 52 14.62 -3.87 -2.97
N ALA B 53 15.24 -4.37 -1.89
CA ALA B 53 14.71 -4.21 -0.54
C ALA B 53 14.62 -2.74 -0.15
N LYS B 54 15.73 -2.04 -0.32
CA LYS B 54 15.78 -0.63 0.01
C LYS B 54 14.85 0.16 -0.89
N GLN B 55 14.83 -0.19 -2.17
CA GLN B 55 13.97 0.48 -3.16
C GLN B 55 12.49 0.34 -2.81
N LEU B 56 12.05 -0.88 -2.53
CA LEU B 56 10.65 -1.11 -2.20
C LEU B 56 10.30 -0.49 -0.85
N TYR B 57 11.13 -0.75 0.16
CA TYR B 57 10.89 -0.22 1.49
C TYR B 57 10.91 1.30 1.48
N ASP B 58 11.71 1.88 0.59
CA ASP B 58 11.81 3.33 0.47
C ASP B 58 10.46 3.91 0.12
N PHE B 59 9.86 3.42 -0.96
CA PHE B 59 8.56 3.89 -1.42
C PHE B 59 7.51 3.71 -0.32
N ILE B 60 7.54 2.55 0.33
CA ILE B 60 6.60 2.25 1.40
C ILE B 60 6.77 3.24 2.55
N HIS B 61 8.01 3.67 2.75
CA HIS B 61 8.36 4.59 3.82
C HIS B 61 8.53 6.02 3.30
N THR B 62 7.98 6.32 2.13
CA THR B 62 8.10 7.64 1.55
C THR B 62 6.88 8.49 1.89
N SER B 63 7.06 9.45 2.78
CA SER B 63 5.99 10.34 3.18
C SER B 63 5.52 11.14 1.96
N PHE B 64 4.22 11.33 1.85
CA PHE B 64 3.64 12.06 0.72
C PHE B 64 4.31 13.42 0.56
N ALA B 65 4.35 14.18 1.65
CA ALA B 65 4.98 15.49 1.64
C ALA B 65 5.09 16.06 3.04
N GLU B 66 5.55 17.30 3.10
CA GLU B 66 5.72 18.00 4.35
C GLU B 66 4.57 18.99 4.52
N VAL B 67 4.29 19.73 3.44
CA VAL B 67 3.24 20.72 3.42
C VAL B 67 2.58 20.73 2.04
N GLU A 1 2.95 22.30 -1.71
CA GLU A 1 2.55 20.91 -2.00
C GLU A 1 3.69 20.16 -2.69
N LYS A 2 4.48 19.44 -1.91
CA LYS A 2 5.58 18.66 -2.45
C LYS A 2 5.17 17.21 -2.62
N TYR A 3 3.88 16.98 -2.47
CA TYR A 3 3.30 15.65 -2.57
C TYR A 3 3.60 14.98 -3.91
N ASN A 4 4.56 14.06 -3.88
CA ASN A 4 4.96 13.30 -5.06
C ASN A 4 3.81 12.46 -5.58
N PRO A 5 3.75 12.25 -6.91
CA PRO A 5 2.69 11.44 -7.55
C PRO A 5 2.80 9.95 -7.25
N GLY A 6 3.64 9.61 -6.30
CA GLY A 6 3.82 8.22 -5.92
C GLY A 6 2.82 7.79 -4.87
N PRO A 7 3.13 8.00 -3.59
CA PRO A 7 2.24 7.61 -2.49
C PRO A 7 0.94 8.42 -2.48
N GLN A 8 1.02 9.67 -2.94
CA GLN A 8 -0.16 10.54 -2.99
C GLN A 8 -1.19 9.99 -3.96
N ASP A 9 -0.72 9.56 -5.11
CA ASP A 9 -1.59 8.98 -6.14
C ASP A 9 -2.06 7.61 -5.72
N PHE A 10 -1.18 6.89 -5.03
CA PHE A 10 -1.47 5.54 -4.55
C PHE A 10 -2.74 5.53 -3.68
N LEU A 11 -2.95 6.61 -2.94
CA LEU A 11 -4.12 6.73 -2.08
C LEU A 11 -5.40 6.74 -2.90
N LEU A 12 -5.38 7.50 -4.00
CA LEU A 12 -6.56 7.63 -4.86
C LEU A 12 -6.75 6.41 -5.75
N LYS A 13 -5.80 5.47 -5.71
CA LYS A 13 -5.89 4.26 -6.51
C LYS A 13 -6.93 3.32 -5.91
N MET A 14 -7.29 3.60 -4.67
CA MET A 14 -8.25 2.81 -3.93
C MET A 14 -9.67 3.15 -4.35
N PRO A 15 -10.60 2.20 -4.23
CA PRO A 15 -12.01 2.39 -4.60
C PRO A 15 -12.81 3.14 -3.53
N GLY A 16 -12.13 3.63 -2.52
CA GLY A 16 -12.80 4.36 -1.46
C GLY A 16 -12.03 5.60 -1.06
N VAL A 17 -11.40 6.25 -2.03
CA VAL A 17 -10.64 7.46 -1.76
C VAL A 17 -10.84 8.48 -2.88
N ASN A 18 -10.83 9.75 -2.50
CA ASN A 18 -11.00 10.86 -3.43
C ASN A 18 -10.05 11.96 -3.01
N ALA A 19 -9.85 12.95 -3.88
CA ALA A 19 -8.94 14.06 -3.57
C ALA A 19 -9.36 14.81 -2.31
N LYS A 20 -10.64 14.69 -1.95
CA LYS A 20 -11.16 15.37 -0.77
C LYS A 20 -10.61 14.77 0.53
N ASN A 21 -10.72 13.46 0.70
CA ASN A 21 -10.24 12.83 1.93
C ASN A 21 -8.78 12.44 1.82
N CYS A 22 -8.24 12.50 0.61
CA CYS A 22 -6.85 12.16 0.37
C CYS A 22 -5.93 13.08 1.18
N ARG A 23 -6.21 14.38 1.15
CA ARG A 23 -5.41 15.39 1.87
C ARG A 23 -5.36 15.08 3.37
N SER A 24 -6.50 14.68 3.90
CA SER A 24 -6.62 14.35 5.30
C SER A 24 -5.97 12.99 5.61
N LEU A 25 -6.20 12.04 4.72
CA LEU A 25 -5.66 10.69 4.86
C LEU A 25 -4.14 10.73 4.96
N MET A 26 -3.52 11.42 4.01
CA MET A 26 -2.07 11.54 3.94
C MET A 26 -1.52 12.29 5.14
N HIS A 27 -2.33 13.16 5.71
CA HIS A 27 -1.90 13.91 6.86
C HIS A 27 -2.04 13.08 8.14
N HIS A 28 -2.83 12.01 8.04
CA HIS A 28 -3.06 11.12 9.18
C HIS A 28 -2.14 9.92 9.14
N VAL A 29 -1.53 9.67 8.00
CA VAL A 29 -0.62 8.55 7.86
C VAL A 29 0.73 9.02 7.33
N LYS A 30 1.80 8.33 7.68
CA LYS A 30 3.13 8.71 7.22
C LYS A 30 3.23 8.53 5.71
N ASN A 31 2.71 7.41 5.27
CA ASN A 31 2.72 7.05 3.87
C ASN A 31 1.97 5.74 3.71
N ILE A 32 2.56 4.79 3.00
CA ILE A 32 1.92 3.51 2.78
C ILE A 32 1.87 2.69 4.06
N ALA A 33 2.92 2.82 4.88
CA ALA A 33 3.00 2.08 6.14
C ALA A 33 1.79 2.32 7.03
N GLU A 34 1.50 3.59 7.31
CA GLU A 34 0.36 3.94 8.15
C GLU A 34 -0.96 3.76 7.39
N LEU A 35 -0.92 3.96 6.08
CA LEU A 35 -2.11 3.81 5.22
C LEU A 35 -2.72 2.41 5.40
N ALA A 36 -1.87 1.40 5.32
CA ALA A 36 -2.32 0.02 5.47
C ALA A 36 -2.47 -0.35 6.95
N ALA A 37 -1.93 0.50 7.81
CA ALA A 37 -2.00 0.28 9.25
C ALA A 37 -3.34 0.72 9.83
N LEU A 38 -4.05 1.53 9.06
CA LEU A 38 -5.33 2.06 9.49
C LEU A 38 -6.39 0.96 9.62
N SER A 39 -7.27 1.14 10.57
CA SER A 39 -8.35 0.19 10.81
C SER A 39 -9.65 0.80 10.31
N GLN A 40 -10.68 -0.04 10.09
CA GLN A 40 -11.96 0.45 9.59
C GLN A 40 -12.46 1.63 10.42
N ASP A 41 -12.26 1.54 11.74
CA ASP A 41 -12.66 2.60 12.67
C ASP A 41 -11.88 3.87 12.37
N GLU A 42 -10.57 3.72 12.21
CA GLU A 42 -9.70 4.85 11.92
C GLU A 42 -10.10 5.49 10.60
N LEU A 43 -10.39 4.66 9.60
CA LEU A 43 -10.77 5.15 8.28
C LEU A 43 -11.95 6.10 8.36
N THR A 44 -12.99 5.72 9.11
CA THR A 44 -14.16 6.58 9.26
C THR A 44 -13.81 7.89 9.95
N SER A 45 -12.85 7.83 10.86
CA SER A 45 -12.42 9.00 11.60
C SER A 45 -11.60 9.96 10.72
N ILE A 46 -10.97 9.42 9.68
CA ILE A 46 -10.15 10.22 8.78
C ILE A 46 -10.92 10.64 7.52
N LEU A 47 -11.53 9.65 6.88
CA LEU A 47 -12.29 9.86 5.66
C LEU A 47 -13.61 10.57 5.93
N GLY A 48 -14.12 10.38 7.13
CA GLY A 48 -15.37 11.01 7.52
C GLY A 48 -16.58 10.43 6.81
N ASN A 49 -16.43 9.19 6.34
CA ASN A 49 -17.51 8.52 5.63
C ASN A 49 -17.37 7.01 5.76
N ALA A 50 -18.44 6.37 6.20
CA ALA A 50 -18.46 4.92 6.40
C ALA A 50 -18.22 4.16 5.10
N ALA A 51 -18.83 4.64 4.02
CA ALA A 51 -18.69 3.99 2.72
C ALA A 51 -17.25 4.03 2.26
N ASN A 52 -16.68 5.22 2.25
CA ASN A 52 -15.29 5.42 1.86
C ASN A 52 -14.37 4.58 2.73
N ALA A 53 -14.68 4.50 4.02
CA ALA A 53 -13.89 3.74 4.97
C ALA A 53 -13.93 2.25 4.63
N LYS A 54 -15.14 1.75 4.42
CA LYS A 54 -15.34 0.35 4.09
C LYS A 54 -14.71 0.02 2.74
N GLN A 55 -14.77 0.98 1.82
CA GLN A 55 -14.21 0.80 0.48
C GLN A 55 -12.68 0.83 0.51
N LEU A 56 -12.14 1.75 1.29
CA LEU A 56 -10.68 1.86 1.42
C LEU A 56 -10.13 0.64 2.15
N TYR A 57 -10.73 0.31 3.29
CA TYR A 57 -10.30 -0.85 4.06
C TYR A 57 -10.51 -2.13 3.26
N ASP A 58 -11.47 -2.09 2.35
CA ASP A 58 -11.78 -3.24 1.50
C ASP A 58 -10.56 -3.63 0.68
N PHE A 59 -10.01 -2.66 -0.04
CA PHE A 59 -8.84 -2.89 -0.88
C PHE A 59 -7.65 -3.37 -0.05
N ILE A 60 -7.46 -2.74 1.12
CA ILE A 60 -6.38 -3.11 2.02
C ILE A 60 -6.56 -4.55 2.52
N HIS A 61 -7.81 -4.97 2.64
CA HIS A 61 -8.15 -6.30 3.14
C HIS A 61 -8.31 -7.31 1.98
N THR A 62 -8.12 -6.83 0.76
CA THR A 62 -8.27 -7.66 -0.43
C THR A 62 -7.04 -8.53 -0.66
N SER A 63 -7.25 -9.84 -0.68
CA SER A 63 -6.16 -10.77 -0.92
C SER A 63 -5.81 -10.76 -2.41
N PHE A 64 -4.54 -11.04 -2.74
CA PHE A 64 -4.10 -11.05 -4.12
C PHE A 64 -4.88 -12.04 -4.96
N ALA A 65 -5.23 -13.17 -4.35
CA ALA A 65 -5.97 -14.20 -5.05
C ALA A 65 -7.05 -14.78 -4.14
N GLU A 66 -7.97 -15.50 -4.74
CA GLU A 66 -9.05 -16.12 -4.00
C GLU A 66 -8.51 -17.32 -3.23
N VAL A 67 -8.82 -17.37 -1.94
CA VAL A 67 -8.36 -18.46 -1.09
C VAL A 67 -9.26 -19.69 -1.22
N GLU B 1 -6.89 -16.44 -14.18
CA GLU B 1 -6.33 -16.48 -12.81
C GLU B 1 -7.25 -15.74 -11.84
N LYS B 2 -7.17 -16.10 -10.57
CA LYS B 2 -7.97 -15.45 -9.54
C LYS B 2 -7.19 -14.34 -8.87
N TYR B 3 -6.07 -13.98 -9.49
CA TYR B 3 -5.22 -12.92 -8.96
C TYR B 3 -5.76 -11.58 -9.45
N ASN B 4 -6.63 -11.01 -8.64
CA ASN B 4 -7.27 -9.72 -8.95
C ASN B 4 -6.24 -8.65 -9.29
N PRO B 5 -6.49 -7.88 -10.37
CA PRO B 5 -5.60 -6.81 -10.83
C PRO B 5 -5.55 -5.61 -9.91
N GLY B 6 -6.00 -5.79 -8.69
CA GLY B 6 -5.97 -4.73 -7.72
C GLY B 6 -4.71 -4.78 -6.89
N PRO B 7 -4.71 -5.57 -5.80
CA PRO B 7 -3.53 -5.70 -4.92
C PRO B 7 -2.34 -6.33 -5.64
N GLN B 8 -2.62 -7.20 -6.61
CA GLN B 8 -1.57 -7.88 -7.37
C GLN B 8 -0.82 -6.85 -8.23
N ASP B 9 -1.58 -5.99 -8.87
CA ASP B 9 -1.03 -4.95 -9.74
C ASP B 9 -0.24 -3.95 -8.91
N PHE B 10 -0.73 -3.72 -7.69
CA PHE B 10 -0.12 -2.78 -6.76
C PHE B 10 1.34 -3.13 -6.51
N LEU B 11 1.63 -4.42 -6.48
CA LEU B 11 2.99 -4.90 -6.23
C LEU B 11 3.93 -4.45 -7.34
N LEU B 12 3.55 -4.72 -8.58
CA LEU B 12 4.39 -4.38 -9.72
C LEU B 12 4.36 -2.89 -10.04
N LYS B 13 3.52 -2.14 -9.33
CA LYS B 13 3.43 -0.70 -9.53
C LYS B 13 4.57 -0.01 -8.78
N MET B 14 5.28 -0.80 -8.00
CA MET B 14 6.40 -0.32 -7.20
C MET B 14 7.67 -0.25 -8.05
N PRO B 15 8.62 0.62 -7.67
CA PRO B 15 9.88 0.79 -8.40
C PRO B 15 10.89 -0.30 -8.11
N GLY B 16 10.54 -1.24 -7.25
CA GLY B 16 11.45 -2.31 -6.93
C GLY B 16 10.80 -3.68 -6.93
N VAL B 17 9.89 -3.89 -7.86
CA VAL B 17 9.19 -5.17 -7.97
C VAL B 17 9.05 -5.59 -9.43
N ASN B 18 9.10 -6.89 -9.68
CA ASN B 18 8.98 -7.45 -11.00
C ASN B 18 8.03 -8.63 -10.92
N ALA B 19 7.71 -9.24 -12.05
CA ALA B 19 6.80 -10.37 -12.06
C ALA B 19 7.44 -11.62 -11.46
N LYS B 20 8.77 -11.64 -11.44
CA LYS B 20 9.50 -12.78 -10.88
C LYS B 20 9.35 -12.86 -9.36
N ASN B 21 9.64 -11.78 -8.67
CA ASN B 21 9.53 -11.78 -7.20
C ASN B 21 8.12 -11.46 -6.75
N CYS B 22 7.25 -11.18 -7.72
CA CYS B 22 5.86 -10.87 -7.44
C CYS B 22 5.17 -12.07 -6.79
N ARG B 23 5.44 -13.26 -7.34
CA ARG B 23 4.83 -14.50 -6.81
C ARG B 23 5.24 -14.73 -5.37
N SER B 24 6.50 -14.46 -5.07
CA SER B 24 7.01 -14.63 -3.73
C SER B 24 6.45 -13.56 -2.79
N LEU B 25 6.47 -12.32 -3.27
CA LEU B 25 5.99 -11.18 -2.51
C LEU B 25 4.56 -11.41 -2.02
N MET B 26 3.69 -11.80 -2.93
CA MET B 26 2.28 -12.04 -2.60
C MET B 26 2.12 -13.28 -1.75
N HIS B 27 3.03 -14.22 -1.89
CA HIS B 27 2.97 -15.44 -1.11
C HIS B 27 3.48 -15.18 0.30
N HIS B 28 4.25 -14.10 0.47
CA HIS B 28 4.83 -13.76 1.76
C HIS B 28 4.02 -12.70 2.49
N VAL B 29 3.11 -12.03 1.80
CA VAL B 29 2.27 -11.02 2.44
C VAL B 29 0.79 -11.32 2.20
N LYS B 30 -0.04 -11.01 3.19
CA LYS B 30 -1.48 -11.24 3.07
C LYS B 30 -2.05 -10.42 1.93
N ASN B 31 -1.63 -9.17 1.88
CA ASN B 31 -2.06 -8.23 0.88
C ASN B 31 -1.30 -6.93 1.10
N ILE B 32 -2.00 -5.82 1.09
CA ILE B 32 -1.39 -4.52 1.27
C ILE B 32 -0.89 -4.35 2.71
N ALA B 33 -1.63 -4.93 3.65
CA ALA B 33 -1.28 -4.84 5.06
C ALA B 33 0.13 -5.36 5.33
N GLU B 34 0.40 -6.59 4.90
CA GLU B 34 1.72 -7.17 5.09
C GLU B 34 2.73 -6.55 4.13
N LEU B 35 2.27 -6.13 2.97
CA LEU B 35 3.13 -5.49 1.97
C LEU B 35 3.82 -4.28 2.58
N ALA B 36 3.05 -3.43 3.25
CA ALA B 36 3.58 -2.24 3.89
C ALA B 36 4.20 -2.57 5.24
N ALA B 37 3.94 -3.77 5.72
CA ALA B 37 4.47 -4.23 7.01
C ALA B 37 5.89 -4.76 6.85
N LEU B 38 6.24 -5.10 5.61
CA LEU B 38 7.56 -5.64 5.31
C LEU B 38 8.67 -4.65 5.65
N SER B 39 9.76 -5.19 6.16
CA SER B 39 10.91 -4.39 6.54
C SER B 39 12.02 -4.58 5.51
N GLN B 40 12.97 -3.66 5.46
CA GLN B 40 14.08 -3.73 4.51
C GLN B 40 14.72 -5.11 4.53
N ASP B 41 14.85 -5.68 5.73
CA ASP B 41 15.43 -7.01 5.90
C ASP B 41 14.53 -8.08 5.29
N GLU B 42 13.24 -7.95 5.53
CA GLU B 42 12.25 -8.89 4.99
C GLU B 42 12.21 -8.83 3.48
N LEU B 43 12.29 -7.62 2.93
CA LEU B 43 12.24 -7.45 1.49
C LEU B 43 13.34 -8.23 0.78
N THR B 44 14.54 -8.21 1.33
CA THR B 44 15.64 -8.94 0.72
C THR B 44 15.40 -10.44 0.77
N SER B 45 14.71 -10.87 1.82
CA SER B 45 14.41 -12.28 2.00
C SER B 45 13.32 -12.74 1.03
N ILE B 46 12.42 -11.84 0.68
CA ILE B 46 11.31 -12.16 -0.22
C ILE B 46 11.64 -11.84 -1.67
N LEU B 47 12.08 -10.62 -1.91
CA LEU B 47 12.42 -10.20 -3.27
C LEU B 47 13.68 -10.88 -3.76
N GLY B 48 14.57 -11.20 -2.84
CA GLY B 48 15.79 -11.89 -3.18
C GLY B 48 16.81 -10.99 -3.83
N ASN B 49 16.67 -9.68 -3.62
CA ASN B 49 17.59 -8.72 -4.20
C ASN B 49 17.60 -7.43 -3.38
N ALA B 50 18.79 -6.99 -3.00
CA ALA B 50 18.97 -5.79 -2.19
C ALA B 50 18.44 -4.53 -2.88
N ALA B 51 18.68 -4.44 -4.19
CA ALA B 51 18.23 -3.28 -4.96
C ALA B 51 16.71 -3.21 -4.95
N ASN B 52 16.09 -4.33 -5.26
CA ASN B 52 14.64 -4.44 -5.26
C ASN B 52 14.09 -4.13 -3.89
N ALA B 53 14.78 -4.63 -2.86
CA ALA B 53 14.37 -4.43 -1.48
C ALA B 53 14.37 -2.97 -1.09
N LYS B 54 15.48 -2.30 -1.33
CA LYS B 54 15.59 -0.89 -1.00
C LYS B 54 14.59 -0.07 -1.80
N GLN B 55 14.46 -0.39 -3.09
CA GLN B 55 13.54 0.31 -3.97
C GLN B 55 12.09 0.17 -3.50
N LEU B 56 11.70 -1.04 -3.13
CA LEU B 56 10.35 -1.29 -2.66
C LEU B 56 10.10 -0.66 -1.30
N TYR B 57 10.98 -0.96 -0.33
CA TYR B 57 10.86 -0.42 1.02
C TYR B 57 10.90 1.10 1.00
N ASP B 58 11.68 1.64 0.06
CA ASP B 58 11.81 3.09 -0.07
C ASP B 58 10.47 3.71 -0.36
N PHE B 59 9.78 3.18 -1.36
CA PHE B 59 8.48 3.67 -1.76
C PHE B 59 7.49 3.55 -0.60
N ILE B 60 7.51 2.42 0.08
CA ILE B 60 6.63 2.17 1.20
C ILE B 60 6.86 3.18 2.32
N HIS B 61 8.12 3.56 2.50
CA HIS B 61 8.52 4.50 3.54
C HIS B 61 8.61 5.94 3.01
N THR B 62 8.11 6.16 1.80
CA THR B 62 8.17 7.48 1.20
C THR B 62 6.98 8.33 1.61
N SER B 63 7.23 9.29 2.49
CA SER B 63 6.20 10.19 2.95
C SER B 63 5.67 11.00 1.77
N PHE B 64 4.36 11.24 1.74
CA PHE B 64 3.74 12.00 0.66
C PHE B 64 4.44 13.34 0.48
N ALA B 65 4.51 14.09 1.58
CA ALA B 65 5.17 15.39 1.60
C ALA B 65 5.08 16.01 2.98
N GLU B 66 5.95 16.98 3.22
CA GLU B 66 5.97 17.69 4.47
C GLU B 66 5.10 18.95 4.35
N VAL B 67 5.18 19.56 3.17
CA VAL B 67 4.42 20.77 2.86
C VAL B 67 3.87 20.70 1.44
N GLU A 1 1.67 21.76 -5.12
CA GLU A 1 2.13 21.42 -3.75
C GLU A 1 3.31 20.47 -3.83
N LYS A 2 3.96 20.23 -2.69
CA LYS A 2 5.12 19.35 -2.64
C LYS A 2 4.74 17.89 -2.47
N TYR A 3 3.47 17.59 -2.63
CA TYR A 3 3.00 16.23 -2.50
C TYR A 3 3.31 15.44 -3.77
N ASN A 4 4.41 14.69 -3.70
CA ASN A 4 4.86 13.86 -4.82
C ASN A 4 3.76 12.92 -5.28
N PRO A 5 3.66 12.72 -6.61
CA PRO A 5 2.64 11.85 -7.23
C PRO A 5 2.86 10.37 -6.97
N GLY A 6 3.72 10.06 -6.01
CA GLY A 6 3.99 8.69 -5.67
C GLY A 6 3.03 8.18 -4.62
N PRO A 7 3.40 8.27 -3.33
CA PRO A 7 2.56 7.82 -2.21
C PRO A 7 1.24 8.59 -2.12
N GLN A 8 1.25 9.83 -2.60
CA GLN A 8 0.05 10.67 -2.56
C GLN A 8 -0.98 10.14 -3.55
N ASP A 9 -0.53 9.78 -4.74
CA ASP A 9 -1.42 9.26 -5.77
C ASP A 9 -1.88 7.87 -5.40
N PHE A 10 -1.01 7.15 -4.70
CA PHE A 10 -1.30 5.80 -4.25
C PHE A 10 -2.58 5.76 -3.43
N LEU A 11 -2.82 6.84 -2.70
CA LEU A 11 -4.01 6.96 -1.88
C LEU A 11 -5.27 7.01 -2.74
N LEU A 12 -5.23 7.86 -3.77
CA LEU A 12 -6.37 8.04 -4.66
C LEU A 12 -6.54 6.83 -5.60
N LYS A 13 -5.60 5.90 -5.55
CA LYS A 13 -5.67 4.71 -6.38
C LYS A 13 -6.53 3.65 -5.70
N MET A 14 -7.03 3.98 -4.51
CA MET A 14 -7.86 3.07 -3.76
C MET A 14 -9.33 3.27 -4.12
N PRO A 15 -10.14 2.21 -4.01
CA PRO A 15 -11.58 2.26 -4.35
C PRO A 15 -12.40 3.16 -3.42
N GLY A 16 -11.83 3.54 -2.29
CA GLY A 16 -12.55 4.37 -1.35
C GLY A 16 -11.81 5.62 -0.95
N VAL A 17 -11.04 6.19 -1.87
CA VAL A 17 -10.30 7.40 -1.58
C VAL A 17 -10.42 8.40 -2.72
N ASN A 18 -10.54 9.66 -2.36
CA ASN A 18 -10.65 10.75 -3.29
C ASN A 18 -9.78 11.88 -2.78
N ALA A 19 -9.67 12.97 -3.53
CA ALA A 19 -8.84 14.09 -3.10
C ALA A 19 -9.42 14.77 -1.88
N LYS A 20 -10.74 14.65 -1.69
CA LYS A 20 -11.43 15.28 -0.57
C LYS A 20 -11.00 14.70 0.78
N ASN A 21 -10.85 13.38 0.86
CA ASN A 21 -10.47 12.74 2.12
C ASN A 21 -8.99 12.40 2.12
N CYS A 22 -8.33 12.66 0.99
CA CYS A 22 -6.90 12.39 0.86
C CYS A 22 -6.11 13.30 1.80
N ARG A 23 -6.53 14.56 1.90
CA ARG A 23 -5.87 15.54 2.77
C ARG A 23 -5.79 15.04 4.20
N SER A 24 -6.87 14.46 4.67
CA SER A 24 -6.94 13.94 6.02
C SER A 24 -6.17 12.64 6.17
N LEU A 25 -6.18 11.83 5.12
CA LEU A 25 -5.47 10.56 5.13
C LEU A 25 -3.99 10.79 5.34
N MET A 26 -3.41 11.65 4.54
CA MET A 26 -1.98 11.97 4.64
C MET A 26 -1.68 12.67 5.96
N HIS A 27 -2.67 13.38 6.49
CA HIS A 27 -2.48 14.08 7.76
C HIS A 27 -2.69 13.12 8.93
N HIS A 28 -3.19 11.93 8.63
CA HIS A 28 -3.45 10.94 9.66
C HIS A 28 -2.43 9.83 9.67
N VAL A 29 -1.72 9.65 8.57
CA VAL A 29 -0.74 8.59 8.47
C VAL A 29 0.61 9.14 8.00
N LYS A 30 1.69 8.47 8.36
CA LYS A 30 3.03 8.90 7.96
C LYS A 30 3.20 8.78 6.45
N ASN A 31 2.77 7.65 5.92
CA ASN A 31 2.85 7.36 4.50
C ASN A 31 2.12 6.04 4.25
N ILE A 32 2.75 5.13 3.52
CA ILE A 32 2.15 3.85 3.20
C ILE A 32 2.04 2.96 4.44
N ALA A 33 3.04 3.04 5.32
CA ALA A 33 3.07 2.23 6.54
C ALA A 33 1.82 2.44 7.39
N GLU A 34 1.53 3.69 7.73
CA GLU A 34 0.37 4.01 8.54
C GLU A 34 -0.92 3.86 7.72
N LEU A 35 -0.81 4.11 6.42
CA LEU A 35 -1.96 3.99 5.51
C LEU A 35 -2.60 2.60 5.61
N ALA A 36 -1.76 1.58 5.61
CA ALA A 36 -2.23 0.20 5.68
C ALA A 36 -2.45 -0.21 7.14
N ALA A 37 -1.95 0.59 8.08
CA ALA A 37 -2.09 0.31 9.50
C ALA A 37 -3.47 0.70 10.01
N LEU A 38 -4.14 1.57 9.28
CA LEU A 38 -5.46 2.05 9.65
C LEU A 38 -6.49 0.93 9.74
N SER A 39 -7.39 1.06 10.72
CA SER A 39 -8.46 0.10 10.93
C SER A 39 -9.77 0.68 10.44
N GLN A 40 -10.80 -0.14 10.27
CA GLN A 40 -12.10 0.31 9.77
C GLN A 40 -12.64 1.51 10.54
N ASP A 41 -12.63 1.42 11.86
CA ASP A 41 -13.13 2.50 12.71
C ASP A 41 -12.23 3.73 12.60
N GLU A 42 -10.97 3.48 12.31
CA GLU A 42 -9.99 4.54 12.16
C GLU A 42 -10.26 5.28 10.85
N LEU A 43 -10.57 4.52 9.80
CA LEU A 43 -10.83 5.09 8.49
C LEU A 43 -12.00 6.07 8.54
N THR A 44 -13.08 5.70 9.20
CA THR A 44 -14.24 6.57 9.31
C THR A 44 -13.88 7.86 10.05
N SER A 45 -12.97 7.73 11.00
CA SER A 45 -12.51 8.87 11.79
C SER A 45 -11.61 9.79 10.97
N ILE A 46 -11.05 9.26 9.90
CA ILE A 46 -10.14 10.01 9.03
C ILE A 46 -10.82 10.50 7.76
N LEU A 47 -11.52 9.59 7.13
CA LEU A 47 -12.21 9.89 5.88
C LEU A 47 -13.53 10.62 6.14
N GLY A 48 -14.13 10.34 7.27
CA GLY A 48 -15.40 10.98 7.62
C GLY A 48 -16.57 10.39 6.89
N ASN A 49 -16.39 9.20 6.33
CA ASN A 49 -17.45 8.54 5.59
C ASN A 49 -17.30 7.02 5.68
N ALA A 50 -18.37 6.37 6.11
CA ALA A 50 -18.39 4.91 6.27
C ALA A 50 -18.11 4.17 4.96
N ALA A 51 -18.68 4.66 3.87
CA ALA A 51 -18.50 4.03 2.56
C ALA A 51 -17.05 4.07 2.13
N ASN A 52 -16.48 5.26 2.17
CA ASN A 52 -15.09 5.48 1.82
C ASN A 52 -14.18 4.65 2.71
N ALA A 53 -14.53 4.59 4.00
CA ALA A 53 -13.76 3.85 4.98
C ALA A 53 -13.78 2.36 4.67
N LYS A 54 -14.97 1.82 4.49
CA LYS A 54 -15.14 0.41 4.19
C LYS A 54 -14.42 0.04 2.90
N GLN A 55 -14.58 0.87 1.87
CA GLN A 55 -13.96 0.62 0.58
C GLN A 55 -12.44 0.59 0.69
N LEU A 56 -11.87 1.56 1.39
CA LEU A 56 -10.42 1.64 1.55
C LEU A 56 -9.93 0.49 2.42
N TYR A 57 -10.57 0.30 3.56
CA TYR A 57 -10.21 -0.75 4.50
C TYR A 57 -10.28 -2.12 3.85
N ASP A 58 -11.26 -2.29 2.97
CA ASP A 58 -11.46 -3.55 2.25
C ASP A 58 -10.26 -3.86 1.38
N PHE A 59 -9.91 -2.90 0.50
CA PHE A 59 -8.79 -3.08 -0.43
C PHE A 59 -7.49 -3.33 0.31
N ILE A 60 -7.24 -2.56 1.38
CA ILE A 60 -6.03 -2.71 2.17
C ILE A 60 -5.88 -4.13 2.69
N HIS A 61 -7.02 -4.77 2.96
CA HIS A 61 -7.02 -6.12 3.50
C HIS A 61 -7.57 -7.12 2.50
N THR A 62 -7.57 -6.75 1.23
CA THR A 62 -8.05 -7.65 0.18
C THR A 62 -6.95 -8.63 -0.18
N SER A 63 -7.09 -9.87 0.28
CA SER A 63 -6.12 -10.90 -0.01
C SER A 63 -6.00 -11.08 -1.52
N PHE A 64 -4.76 -11.17 -2.00
CA PHE A 64 -4.49 -11.33 -3.43
C PHE A 64 -5.34 -12.43 -4.03
N ALA A 65 -5.41 -13.56 -3.34
CA ALA A 65 -6.21 -14.69 -3.78
C ALA A 65 -6.48 -15.63 -2.65
N GLU A 66 -7.64 -16.26 -2.69
CA GLU A 66 -8.02 -17.24 -1.70
C GLU A 66 -7.34 -18.55 -2.03
N VAL A 67 -6.07 -18.66 -1.64
CA VAL A 67 -5.25 -19.83 -1.90
C VAL A 67 -4.95 -19.92 -3.39
N GLU B 1 -5.71 -18.93 -6.36
CA GLU B 1 -5.33 -19.11 -7.78
C GLU B 1 -5.75 -17.91 -8.63
N LYS B 2 -6.88 -17.29 -8.25
CA LYS B 2 -7.42 -16.13 -8.98
C LYS B 2 -6.41 -15.00 -9.10
N TYR B 3 -6.12 -14.34 -7.99
CA TYR B 3 -5.19 -13.21 -7.94
C TYR B 3 -5.67 -12.06 -8.81
N ASN B 4 -6.58 -11.27 -8.24
CA ASN B 4 -7.16 -10.11 -8.91
C ASN B 4 -6.10 -9.05 -9.19
N PRO B 5 -6.25 -8.32 -10.31
CA PRO B 5 -5.31 -7.25 -10.70
C PRO B 5 -5.35 -6.04 -9.77
N GLY B 6 -6.02 -6.16 -8.65
CA GLY B 6 -6.10 -5.09 -7.70
C GLY B 6 -4.87 -5.05 -6.81
N PRO B 7 -4.86 -5.83 -5.72
CA PRO B 7 -3.73 -5.87 -4.79
C PRO B 7 -2.50 -6.54 -5.41
N GLN B 8 -2.74 -7.43 -6.38
CA GLN B 8 -1.65 -8.13 -7.05
C GLN B 8 -0.82 -7.18 -7.91
N ASP B 9 -1.50 -6.32 -8.65
CA ASP B 9 -0.82 -5.36 -9.52
C ASP B 9 -0.23 -4.24 -8.69
N PHE B 10 -0.87 -3.96 -7.55
CA PHE B 10 -0.43 -2.91 -6.64
C PHE B 10 1.02 -3.15 -6.22
N LEU B 11 1.40 -4.42 -6.11
CA LEU B 11 2.76 -4.76 -5.74
C LEU B 11 3.72 -4.33 -6.85
N LEU B 12 3.29 -4.58 -8.09
CA LEU B 12 4.09 -4.26 -9.26
C LEU B 12 4.10 -2.75 -9.58
N LYS B 13 3.33 -1.99 -8.80
CA LYS B 13 3.26 -0.54 -8.99
C LYS B 13 4.48 0.14 -8.35
N MET B 14 5.24 -0.65 -7.60
CA MET B 14 6.40 -0.15 -6.89
C MET B 14 7.63 -0.06 -7.81
N PRO B 15 8.61 0.79 -7.42
CA PRO B 15 9.83 0.97 -8.21
C PRO B 15 10.87 -0.12 -7.96
N GLY B 16 10.54 -1.06 -7.09
CA GLY B 16 11.44 -2.15 -6.78
C GLY B 16 10.71 -3.47 -6.77
N VAL B 17 10.04 -3.76 -7.87
CA VAL B 17 9.28 -4.98 -7.98
C VAL B 17 9.28 -5.52 -9.42
N ASN B 18 9.01 -6.81 -9.53
CA ASN B 18 8.93 -7.50 -10.81
C ASN B 18 8.01 -8.70 -10.61
N ALA B 19 7.75 -9.47 -11.65
CA ALA B 19 6.87 -10.62 -11.52
C ALA B 19 7.56 -11.79 -10.82
N LYS B 20 8.89 -11.80 -10.87
CA LYS B 20 9.67 -12.87 -10.26
C LYS B 20 9.56 -12.86 -8.74
N ASN B 21 9.64 -11.68 -8.14
CA ASN B 21 9.57 -11.57 -6.68
C ASN B 21 8.14 -11.29 -6.23
N CYS B 22 7.27 -10.99 -7.18
CA CYS B 22 5.88 -10.71 -6.88
C CYS B 22 5.19 -11.95 -6.30
N ARG B 23 5.46 -13.12 -6.88
CA ARG B 23 4.86 -14.37 -6.42
C ARG B 23 5.21 -14.61 -4.95
N SER B 24 6.44 -14.32 -4.58
CA SER B 24 6.89 -14.50 -3.21
C SER B 24 6.31 -13.43 -2.30
N LEU B 25 6.34 -12.18 -2.77
CA LEU B 25 5.83 -11.05 -2.00
C LEU B 25 4.39 -11.30 -1.55
N MET B 26 3.55 -11.66 -2.50
CA MET B 26 2.14 -11.92 -2.21
C MET B 26 1.95 -13.14 -1.35
N HIS B 27 2.88 -14.08 -1.45
CA HIS B 27 2.81 -15.28 -0.65
C HIS B 27 3.36 -15.04 0.73
N HIS B 28 4.11 -13.97 0.89
CA HIS B 28 4.73 -13.63 2.16
C HIS B 28 3.93 -12.58 2.91
N VAL B 29 3.01 -11.93 2.21
CA VAL B 29 2.17 -10.92 2.84
C VAL B 29 0.70 -11.25 2.62
N LYS B 30 -0.15 -10.86 3.56
CA LYS B 30 -1.59 -11.12 3.43
C LYS B 30 -2.16 -10.34 2.25
N ASN B 31 -1.75 -9.09 2.17
CA ASN B 31 -2.18 -8.18 1.14
C ASN B 31 -1.42 -6.87 1.33
N ILE B 32 -2.10 -5.75 1.24
CA ILE B 32 -1.47 -4.45 1.40
C ILE B 32 -0.99 -4.24 2.83
N ALA B 33 -1.75 -4.78 3.78
CA ALA B 33 -1.42 -4.65 5.21
C ALA B 33 -0.01 -5.17 5.50
N GLU B 34 0.29 -6.40 5.10
CA GLU B 34 1.60 -6.98 5.33
C GLU B 34 2.63 -6.39 4.37
N LEU B 35 2.18 -6.00 3.18
CA LEU B 35 3.06 -5.40 2.18
C LEU B 35 3.79 -4.19 2.78
N ALA B 36 3.03 -3.35 3.48
CA ALA B 36 3.60 -2.17 4.11
C ALA B 36 4.19 -2.50 5.49
N ALA B 37 3.88 -3.69 5.98
CA ALA B 37 4.34 -4.14 7.28
C ALA B 37 5.74 -4.77 7.19
N LEU B 38 6.22 -4.93 5.97
CA LEU B 38 7.54 -5.51 5.74
C LEU B 38 8.64 -4.51 5.98
N SER B 39 9.78 -5.00 6.45
CA SER B 39 10.93 -4.17 6.70
C SER B 39 11.98 -4.41 5.62
N GLN B 40 12.91 -3.49 5.45
CA GLN B 40 13.94 -3.61 4.42
C GLN B 40 14.61 -4.99 4.48
N ASP B 41 14.92 -5.44 5.69
CA ASP B 41 15.53 -6.74 5.89
C ASP B 41 14.63 -7.85 5.36
N GLU B 42 13.36 -7.80 5.76
CA GLU B 42 12.38 -8.78 5.34
C GLU B 42 12.29 -8.83 3.83
N LEU B 43 12.33 -7.66 3.20
CA LEU B 43 12.23 -7.58 1.77
C LEU B 43 13.33 -8.38 1.06
N THR B 44 14.56 -8.23 1.52
CA THR B 44 15.66 -8.96 0.91
C THR B 44 15.48 -10.46 1.05
N SER B 45 14.89 -10.87 2.15
CA SER B 45 14.63 -12.27 2.42
C SER B 45 13.53 -12.82 1.51
N ILE B 46 12.60 -11.96 1.13
CA ILE B 46 11.49 -12.37 0.26
C ILE B 46 11.83 -12.17 -1.22
N LEU B 47 12.27 -10.97 -1.54
CA LEU B 47 12.62 -10.62 -2.92
C LEU B 47 13.91 -11.29 -3.36
N GLY B 48 14.85 -11.40 -2.44
CA GLY B 48 16.12 -12.02 -2.74
C GLY B 48 17.07 -11.08 -3.45
N ASN B 49 16.82 -9.78 -3.34
CA ASN B 49 17.66 -8.77 -3.99
C ASN B 49 17.66 -7.48 -3.17
N ALA B 50 18.85 -7.00 -2.86
CA ALA B 50 19.03 -5.80 -2.05
C ALA B 50 18.46 -4.56 -2.74
N ALA B 51 18.66 -4.46 -4.05
CA ALA B 51 18.17 -3.31 -4.80
C ALA B 51 16.65 -3.24 -4.78
N ASN B 52 16.03 -4.37 -5.08
CA ASN B 52 14.59 -4.47 -5.09
C ASN B 52 14.04 -4.21 -3.70
N ALA B 53 14.74 -4.72 -2.69
CA ALA B 53 14.32 -4.54 -1.31
C ALA B 53 14.35 -3.07 -0.93
N LYS B 54 15.46 -2.43 -1.23
CA LYS B 54 15.65 -1.02 -0.93
C LYS B 54 14.62 -0.18 -1.69
N GLN B 55 14.46 -0.45 -2.98
CA GLN B 55 13.52 0.29 -3.82
C GLN B 55 12.08 0.09 -3.38
N LEU B 56 11.72 -1.14 -3.03
CA LEU B 56 10.37 -1.46 -2.59
C LEU B 56 10.08 -0.81 -1.24
N TYR B 57 10.95 -1.05 -0.27
CA TYR B 57 10.75 -0.48 1.06
C TYR B 57 10.84 1.03 1.04
N ASP B 58 11.61 1.57 0.10
CA ASP B 58 11.78 3.01 -0.02
C ASP B 58 10.43 3.69 -0.19
N PHE B 59 9.67 3.23 -1.18
CA PHE B 59 8.35 3.79 -1.47
C PHE B 59 7.44 3.66 -0.25
N ILE B 60 7.53 2.52 0.43
CA ILE B 60 6.73 2.26 1.61
C ILE B 60 7.02 3.28 2.71
N HIS B 61 8.29 3.65 2.84
CA HIS B 61 8.73 4.61 3.85
C HIS B 61 9.00 5.98 3.21
N THR B 62 8.11 6.40 2.33
CA THR B 62 8.25 7.68 1.65
C THR B 62 7.10 8.61 2.02
N SER B 63 7.44 9.76 2.60
CA SER B 63 6.44 10.74 2.98
C SER B 63 5.72 11.30 1.75
N PHE B 64 4.44 11.60 1.90
CA PHE B 64 3.63 12.13 0.79
C PHE B 64 4.24 13.42 0.24
N ALA B 65 4.68 14.29 1.13
CA ALA B 65 5.30 15.54 0.73
C ALA B 65 6.72 15.60 1.23
N GLU B 66 7.62 16.04 0.35
CA GLU B 66 9.03 16.16 0.65
C GLU B 66 9.68 14.79 0.88
N VAL B 67 10.26 14.25 -0.17
CA VAL B 67 10.92 12.96 -0.11
C VAL B 67 12.39 13.15 0.20
N GLU A 1 4.86 21.60 0.26
CA GLU A 1 3.66 21.43 -0.58
C GLU A 1 4.01 20.73 -1.90
N LYS A 2 5.05 19.89 -1.86
CA LYS A 2 5.48 19.17 -3.06
C LYS A 2 4.50 18.05 -3.40
N TYR A 3 4.44 17.05 -2.53
CA TYR A 3 3.58 15.89 -2.70
C TYR A 3 3.98 15.09 -3.94
N ASN A 4 4.86 14.12 -3.72
CA ASN A 4 5.37 13.28 -4.79
C ASN A 4 4.26 12.44 -5.42
N PRO A 5 4.29 12.29 -6.76
CA PRO A 5 3.26 11.53 -7.50
C PRO A 5 3.29 10.03 -7.22
N GLY A 6 4.11 9.62 -6.27
CA GLY A 6 4.19 8.23 -5.92
C GLY A 6 3.16 7.88 -4.87
N PRO A 7 3.48 8.11 -3.59
CA PRO A 7 2.56 7.82 -2.47
C PRO A 7 1.27 8.65 -2.50
N GLN A 8 1.38 9.89 -2.97
CA GLN A 8 0.22 10.78 -3.05
C GLN A 8 -0.81 10.26 -4.05
N ASP A 9 -0.32 9.87 -5.22
CA ASP A 9 -1.18 9.35 -6.28
C ASP A 9 -1.71 7.98 -5.89
N PHE A 10 -0.90 7.24 -5.13
CA PHE A 10 -1.25 5.91 -4.67
C PHE A 10 -2.53 5.91 -3.85
N LEU A 11 -2.74 6.98 -3.11
CA LEU A 11 -3.93 7.13 -2.29
C LEU A 11 -5.19 7.17 -3.15
N LEU A 12 -5.16 8.01 -4.18
CA LEU A 12 -6.31 8.18 -5.06
C LEU A 12 -6.53 6.98 -5.98
N LYS A 13 -5.62 6.01 -5.93
CA LYS A 13 -5.74 4.81 -6.76
C LYS A 13 -6.81 3.90 -6.18
N MET A 14 -7.09 4.10 -4.91
CA MET A 14 -8.08 3.31 -4.20
C MET A 14 -9.49 3.70 -4.63
N PRO A 15 -10.45 2.76 -4.52
CA PRO A 15 -11.84 3.00 -4.93
C PRO A 15 -12.59 3.88 -3.92
N GLY A 16 -12.05 4.01 -2.72
CA GLY A 16 -12.71 4.80 -1.71
C GLY A 16 -11.91 6.03 -1.32
N VAL A 17 -11.16 6.55 -2.28
CA VAL A 17 -10.36 7.75 -2.03
C VAL A 17 -10.54 8.77 -3.15
N ASN A 18 -10.62 10.02 -2.75
CA ASN A 18 -10.78 11.14 -3.64
C ASN A 18 -9.90 12.26 -3.12
N ALA A 19 -9.80 13.35 -3.85
CA ALA A 19 -8.96 14.47 -3.41
C ALA A 19 -9.49 15.11 -2.13
N LYS A 20 -10.78 14.93 -1.86
CA LYS A 20 -11.42 15.50 -0.68
C LYS A 20 -10.95 14.86 0.62
N ASN A 21 -10.78 13.55 0.63
CA ASN A 21 -10.35 12.85 1.83
C ASN A 21 -8.87 12.50 1.76
N CYS A 22 -8.27 12.71 0.59
CA CYS A 22 -6.85 12.44 0.40
C CYS A 22 -6.01 13.36 1.28
N ARG A 23 -6.44 14.61 1.38
CA ARG A 23 -5.75 15.63 2.19
C ARG A 23 -5.58 15.16 3.63
N SER A 24 -6.65 14.61 4.19
CA SER A 24 -6.64 14.11 5.55
C SER A 24 -5.84 12.82 5.68
N LEU A 25 -6.01 11.94 4.69
CA LEU A 25 -5.33 10.65 4.69
C LEU A 25 -3.82 10.82 4.84
N MET A 26 -3.24 11.62 3.95
CA MET A 26 -1.81 11.87 3.96
C MET A 26 -1.37 12.62 5.20
N HIS A 27 -2.26 13.41 5.76
CA HIS A 27 -1.94 14.17 6.96
C HIS A 27 -2.08 13.30 8.21
N HIS A 28 -2.74 12.15 8.06
CA HIS A 28 -2.95 11.26 9.19
C HIS A 28 -2.02 10.05 9.13
N VAL A 29 -1.41 9.82 7.99
CA VAL A 29 -0.48 8.71 7.84
C VAL A 29 0.87 9.22 7.33
N LYS A 30 1.94 8.55 7.71
CA LYS A 30 3.28 8.94 7.26
C LYS A 30 3.38 8.79 5.76
N ASN A 31 2.90 7.65 5.30
CA ASN A 31 2.91 7.31 3.89
C ASN A 31 2.17 5.99 3.70
N ILE A 32 2.75 5.06 2.96
CA ILE A 32 2.12 3.77 2.70
C ILE A 32 2.05 2.92 3.97
N ALA A 33 3.10 3.02 4.79
CA ALA A 33 3.18 2.25 6.03
C ALA A 33 1.95 2.50 6.92
N GLU A 34 1.68 3.77 7.21
CA GLU A 34 0.53 4.12 8.04
C GLU A 34 -0.78 3.96 7.27
N LEU A 35 -0.72 4.17 5.96
CA LEU A 35 -1.90 4.04 5.09
C LEU A 35 -2.53 2.65 5.25
N ALA A 36 -1.71 1.61 5.13
CA ALA A 36 -2.19 0.25 5.27
C ALA A 36 -2.35 -0.14 6.73
N ALA A 37 -1.76 0.68 7.62
CA ALA A 37 -1.83 0.45 9.05
C ALA A 37 -3.16 0.91 9.61
N LEU A 38 -3.90 1.68 8.81
CA LEU A 38 -5.19 2.20 9.23
C LEU A 38 -6.23 1.10 9.29
N SER A 39 -7.16 1.25 10.23
CA SER A 39 -8.24 0.29 10.41
C SER A 39 -9.52 0.89 9.87
N GLN A 40 -10.52 0.07 9.57
CA GLN A 40 -11.78 0.57 9.04
C GLN A 40 -12.34 1.69 9.91
N ASP A 41 -12.20 1.51 11.23
CA ASP A 41 -12.66 2.51 12.19
C ASP A 41 -11.85 3.79 12.05
N GLU A 42 -10.53 3.64 11.90
CA GLU A 42 -9.63 4.78 11.73
C GLU A 42 -10.01 5.55 10.48
N LEU A 43 -10.28 4.83 9.40
CA LEU A 43 -10.62 5.43 8.12
C LEU A 43 -11.80 6.39 8.24
N THR A 44 -12.85 5.97 8.94
CA THR A 44 -14.02 6.83 9.11
C THR A 44 -13.67 8.09 9.89
N SER A 45 -12.75 7.95 10.82
CA SER A 45 -12.31 9.07 11.65
C SER A 45 -11.45 10.05 10.87
N ILE A 46 -10.82 9.57 9.80
CA ILE A 46 -9.96 10.41 8.98
C ILE A 46 -10.68 10.93 7.73
N LEU A 47 -11.39 10.03 7.08
CA LEU A 47 -12.12 10.35 5.86
C LEU A 47 -13.44 11.05 6.17
N GLY A 48 -14.05 10.67 7.28
CA GLY A 48 -15.30 11.28 7.67
C GLY A 48 -16.48 10.71 6.91
N ASN A 49 -16.31 9.52 6.33
CA ASN A 49 -17.38 8.90 5.57
C ASN A 49 -17.24 7.39 5.63
N ALA A 50 -18.31 6.72 6.04
CA ALA A 50 -18.34 5.27 6.17
C ALA A 50 -18.11 4.55 4.85
N ALA A 51 -18.72 5.07 3.79
CA ALA A 51 -18.61 4.47 2.47
C ALA A 51 -17.17 4.52 1.97
N ASN A 52 -16.59 5.70 2.04
CA ASN A 52 -15.22 5.92 1.61
C ASN A 52 -14.26 5.09 2.46
N ALA A 53 -14.58 4.96 3.75
CA ALA A 53 -13.76 4.20 4.68
C ALA A 53 -13.76 2.72 4.34
N LYS A 54 -14.96 2.17 4.14
CA LYS A 54 -15.10 0.76 3.81
C LYS A 54 -14.47 0.47 2.46
N GLN A 55 -14.72 1.35 1.49
CA GLN A 55 -14.18 1.19 0.15
C GLN A 55 -12.65 1.21 0.15
N LEU A 56 -12.07 2.08 0.97
CA LEU A 56 -10.62 2.19 1.06
C LEU A 56 -10.03 1.00 1.82
N TYR A 57 -10.58 0.72 2.99
CA TYR A 57 -10.11 -0.39 3.81
C TYR A 57 -10.27 -1.73 3.10
N ASP A 58 -11.31 -1.85 2.29
CA ASP A 58 -11.58 -3.09 1.57
C ASP A 58 -10.43 -3.43 0.66
N PHE A 59 -9.94 -2.45 -0.09
CA PHE A 59 -8.82 -2.66 -1.01
C PHE A 59 -7.57 -3.07 -0.24
N ILE A 60 -7.34 -2.41 0.89
CA ILE A 60 -6.18 -2.70 1.74
C ILE A 60 -6.27 -4.12 2.25
N HIS A 61 -7.49 -4.58 2.47
CA HIS A 61 -7.75 -5.92 2.98
C HIS A 61 -8.08 -6.92 1.87
N THR A 62 -7.95 -6.48 0.62
CA THR A 62 -8.25 -7.35 -0.52
C THR A 62 -7.07 -8.25 -0.84
N SER A 63 -7.24 -9.54 -0.57
CA SER A 63 -6.22 -10.53 -0.85
C SER A 63 -6.00 -10.63 -2.35
N PHE A 64 -4.77 -10.92 -2.76
CA PHE A 64 -4.44 -11.04 -4.18
C PHE A 64 -5.26 -12.16 -4.82
N ALA A 65 -5.37 -13.25 -4.09
CA ALA A 65 -6.13 -14.41 -4.54
C ALA A 65 -6.67 -15.14 -3.33
N GLU A 66 -7.33 -16.26 -3.56
CA GLU A 66 -7.89 -17.05 -2.47
C GLU A 66 -6.79 -17.88 -1.81
N VAL A 67 -5.70 -18.09 -2.53
CA VAL A 67 -4.58 -18.87 -2.05
C VAL A 67 -3.28 -18.30 -2.59
N GLU B 1 -5.16 -17.60 -13.80
CA GLU B 1 -4.81 -17.10 -12.45
C GLU B 1 -5.96 -16.30 -11.87
N LYS B 2 -6.19 -16.44 -10.58
CA LYS B 2 -7.27 -15.72 -9.91
C LYS B 2 -6.71 -14.52 -9.17
N TYR B 3 -5.47 -14.19 -9.45
CA TYR B 3 -4.83 -13.06 -8.81
C TYR B 3 -5.32 -11.77 -9.45
N ASN B 4 -6.32 -11.17 -8.84
CA ASN B 4 -6.93 -9.93 -9.33
C ASN B 4 -5.88 -8.83 -9.55
N PRO B 5 -6.01 -8.09 -10.67
CA PRO B 5 -5.08 -7.00 -11.04
C PRO B 5 -5.16 -5.79 -10.12
N GLY B 6 -5.87 -5.92 -9.02
CA GLY B 6 -5.97 -4.84 -8.07
C GLY B 6 -4.75 -4.78 -7.17
N PRO B 7 -4.74 -5.57 -6.10
CA PRO B 7 -3.62 -5.62 -5.16
C PRO B 7 -2.38 -6.29 -5.77
N GLN B 8 -2.59 -7.22 -6.69
CA GLN B 8 -1.49 -7.92 -7.34
C GLN B 8 -0.66 -6.95 -8.16
N ASP B 9 -1.33 -6.05 -8.85
CA ASP B 9 -0.68 -5.06 -9.69
C ASP B 9 0.00 -4.01 -8.83
N PHE B 10 -0.59 -3.75 -7.67
CA PHE B 10 -0.07 -2.77 -6.72
C PHE B 10 1.37 -3.09 -6.33
N LEU B 11 1.67 -4.38 -6.26
CA LEU B 11 3.00 -4.84 -5.91
C LEU B 11 4.01 -4.42 -6.98
N LEU B 12 3.65 -4.67 -8.23
CA LEU B 12 4.53 -4.36 -9.35
C LEU B 12 4.58 -2.87 -9.65
N LYS B 13 3.77 -2.09 -8.96
CA LYS B 13 3.76 -0.64 -9.14
C LYS B 13 4.93 -0.03 -8.39
N MET B 14 5.51 -0.82 -7.50
CA MET B 14 6.65 -0.38 -6.72
C MET B 14 7.91 -0.39 -7.55
N PRO B 15 8.86 0.50 -7.22
CA PRO B 15 10.13 0.62 -7.95
C PRO B 15 11.10 -0.51 -7.67
N GLY B 16 10.69 -1.47 -6.85
CA GLY B 16 11.56 -2.58 -6.53
C GLY B 16 10.86 -3.92 -6.58
N VAL B 17 9.93 -4.08 -7.51
CA VAL B 17 9.20 -5.34 -7.66
C VAL B 17 9.01 -5.71 -9.12
N ASN B 18 9.07 -7.00 -9.41
CA ASN B 18 8.90 -7.53 -10.75
C ASN B 18 7.99 -8.76 -10.65
N ALA B 19 7.58 -9.31 -11.78
CA ALA B 19 6.69 -10.47 -11.78
C ALA B 19 7.36 -11.71 -11.19
N LYS B 20 8.68 -11.76 -11.24
CA LYS B 20 9.42 -12.91 -10.72
C LYS B 20 9.30 -13.03 -9.20
N ASN B 21 9.61 -11.97 -8.49
CA ASN B 21 9.57 -11.99 -7.03
C ASN B 21 8.17 -11.64 -6.51
N CYS B 22 7.29 -11.26 -7.42
CA CYS B 22 5.92 -10.92 -7.04
C CYS B 22 5.19 -12.12 -6.48
N ARG B 23 5.39 -13.29 -7.12
CA ARG B 23 4.73 -14.52 -6.69
C ARG B 23 5.08 -14.87 -5.25
N SER B 24 6.33 -14.65 -4.88
CA SER B 24 6.77 -14.93 -3.53
C SER B 24 6.26 -13.86 -2.57
N LEU B 25 6.37 -12.61 -2.99
CA LEU B 25 5.92 -11.47 -2.19
C LEU B 25 4.47 -11.62 -1.75
N MET B 26 3.61 -11.91 -2.70
CA MET B 26 2.19 -12.07 -2.44
C MET B 26 1.91 -13.27 -1.54
N HIS B 27 2.79 -14.26 -1.60
CA HIS B 27 2.62 -15.43 -0.78
C HIS B 27 3.13 -15.18 0.64
N HIS B 28 3.91 -14.13 0.81
CA HIS B 28 4.47 -13.78 2.12
C HIS B 28 3.63 -12.70 2.80
N VAL B 29 2.75 -12.06 2.05
CA VAL B 29 1.89 -11.03 2.62
C VAL B 29 0.43 -11.34 2.30
N LYS B 30 -0.48 -10.88 3.15
CA LYS B 30 -1.90 -11.12 2.92
C LYS B 30 -2.37 -10.30 1.72
N ASN B 31 -1.95 -9.05 1.71
CA ASN B 31 -2.31 -8.11 0.66
C ASN B 31 -1.49 -6.84 0.84
N ILE B 32 -2.16 -5.72 1.09
CA ILE B 32 -1.46 -4.46 1.25
C ILE B 32 -1.00 -4.28 2.70
N ALA B 33 -1.82 -4.76 3.63
CA ALA B 33 -1.52 -4.66 5.06
C ALA B 33 -0.14 -5.22 5.39
N GLU B 34 0.11 -6.47 4.99
CA GLU B 34 1.39 -7.11 5.23
C GLU B 34 2.48 -6.56 4.32
N LEU B 35 2.09 -6.15 3.12
CA LEU B 35 3.03 -5.57 2.14
C LEU B 35 3.75 -4.37 2.75
N ALA B 36 2.99 -3.49 3.38
CA ALA B 36 3.55 -2.30 4.00
C ALA B 36 4.11 -2.63 5.38
N ALA B 37 3.80 -3.81 5.88
CA ALA B 37 4.25 -4.26 7.18
C ALA B 37 5.65 -4.86 7.13
N LEU B 38 6.06 -5.27 5.93
CA LEU B 38 7.36 -5.88 5.73
C LEU B 38 8.50 -4.90 6.00
N SER B 39 9.62 -5.44 6.47
CA SER B 39 10.79 -4.63 6.78
C SER B 39 11.86 -4.88 5.73
N GLN B 40 12.84 -3.98 5.63
CA GLN B 40 13.92 -4.10 4.65
C GLN B 40 14.58 -5.48 4.71
N ASP B 41 14.82 -5.95 5.93
CA ASP B 41 15.46 -7.26 6.14
C ASP B 41 14.53 -8.39 5.70
N GLU B 42 13.23 -8.16 5.84
CA GLU B 42 12.23 -9.13 5.44
C GLU B 42 12.17 -9.20 3.93
N LEU B 43 12.21 -8.04 3.29
CA LEU B 43 12.12 -7.96 1.84
C LEU B 43 13.24 -8.72 1.16
N THR B 44 14.46 -8.58 1.65
CA THR B 44 15.60 -9.28 1.07
C THR B 44 15.41 -10.79 1.17
N SER B 45 14.76 -11.20 2.24
CA SER B 45 14.50 -12.60 2.50
C SER B 45 13.45 -13.15 1.53
N ILE B 46 12.43 -12.33 1.25
CA ILE B 46 11.34 -12.74 0.36
C ILE B 46 11.69 -12.53 -1.11
N LEU B 47 12.12 -11.32 -1.43
CA LEU B 47 12.47 -10.97 -2.80
C LEU B 47 13.76 -11.65 -3.25
N GLY B 48 14.69 -11.79 -2.32
CA GLY B 48 15.95 -12.44 -2.62
C GLY B 48 16.93 -11.51 -3.32
N ASN B 49 16.69 -10.21 -3.20
CA ASN B 49 17.55 -9.23 -3.82
C ASN B 49 17.54 -7.93 -3.03
N ALA B 50 18.73 -7.45 -2.69
CA ALA B 50 18.90 -6.22 -1.92
C ALA B 50 18.33 -4.99 -2.61
N ALA B 51 18.53 -4.89 -3.92
CA ALA B 51 18.05 -3.75 -4.69
C ALA B 51 16.54 -3.69 -4.68
N ASN B 52 15.92 -4.81 -4.97
CA ASN B 52 14.48 -4.92 -4.99
C ASN B 52 13.91 -4.63 -3.60
N ALA B 53 14.61 -5.12 -2.58
CA ALA B 53 14.19 -4.92 -1.20
C ALA B 53 14.27 -3.47 -0.79
N LYS B 54 15.43 -2.86 -1.01
CA LYS B 54 15.66 -1.47 -0.66
C LYS B 54 14.66 -0.57 -1.39
N GLN B 55 14.49 -0.79 -2.69
CA GLN B 55 13.57 0.00 -3.51
C GLN B 55 12.13 -0.14 -3.04
N LEU B 56 11.69 -1.37 -2.82
CA LEU B 56 10.32 -1.63 -2.38
C LEU B 56 10.05 -1.01 -1.02
N TYR B 57 10.87 -1.34 -0.04
CA TYR B 57 10.69 -0.84 1.32
C TYR B 57 10.80 0.69 1.37
N ASP B 58 11.61 1.26 0.47
CA ASP B 58 11.79 2.70 0.43
C ASP B 58 10.48 3.40 0.11
N PHE B 59 9.85 2.98 -0.98
CA PHE B 59 8.57 3.55 -1.41
C PHE B 59 7.53 3.45 -0.30
N ILE B 60 7.51 2.31 0.37
CA ILE B 60 6.57 2.06 1.46
C ILE B 60 6.68 3.13 2.56
N HIS B 61 7.90 3.61 2.81
CA HIS B 61 8.12 4.62 3.85
C HIS B 61 8.42 5.99 3.26
N THR B 62 8.05 6.19 2.01
CA THR B 62 8.29 7.47 1.34
C THR B 62 7.14 8.44 1.62
N SER B 63 7.43 9.47 2.41
CA SER B 63 6.43 10.48 2.75
C SER B 63 5.87 11.16 1.50
N PHE B 64 4.61 11.54 1.57
CA PHE B 64 3.94 12.20 0.46
C PHE B 64 4.61 13.52 0.12
N ALA B 65 4.73 14.38 1.12
CA ALA B 65 5.34 15.68 0.93
C ALA B 65 6.73 15.71 1.56
N GLU B 66 7.26 16.93 1.73
CA GLU B 66 8.58 17.11 2.32
C GLU B 66 8.57 16.90 3.83
N VAL B 67 8.08 15.74 4.24
CA VAL B 67 8.01 15.39 5.65
C VAL B 67 8.96 14.24 5.94
N GLU A 1 2.48 20.46 -6.18
CA GLU A 1 2.42 20.69 -4.72
C GLU A 1 3.47 19.83 -4.01
N LYS A 2 3.53 19.93 -2.68
CA LYS A 2 4.47 19.15 -1.90
C LYS A 2 4.05 17.69 -1.85
N TYR A 3 2.77 17.48 -2.03
CA TYR A 3 2.20 16.15 -2.01
C TYR A 3 2.58 15.40 -3.28
N ASN A 4 3.70 14.72 -3.21
CA ASN A 4 4.22 13.92 -4.31
C ASN A 4 3.16 12.97 -4.89
N PRO A 5 3.12 12.83 -6.23
CA PRO A 5 2.15 11.98 -6.93
C PRO A 5 2.38 10.49 -6.70
N GLY A 6 3.25 10.17 -5.76
CA GLY A 6 3.53 8.79 -5.46
C GLY A 6 2.54 8.25 -4.44
N PRO A 7 2.84 8.39 -3.14
CA PRO A 7 1.96 7.90 -2.07
C PRO A 7 0.61 8.64 -2.03
N GLN A 8 0.61 9.90 -2.43
CA GLN A 8 -0.62 10.70 -2.43
C GLN A 8 -1.62 10.15 -3.44
N ASP A 9 -1.13 9.82 -4.62
CA ASP A 9 -1.96 9.26 -5.68
C ASP A 9 -2.38 7.84 -5.33
N PHE A 10 -1.49 7.15 -4.63
CA PHE A 10 -1.74 5.76 -4.22
C PHE A 10 -3.02 5.65 -3.40
N LEU A 11 -3.30 6.69 -2.63
CA LEU A 11 -4.49 6.71 -1.80
C LEU A 11 -5.75 6.70 -2.65
N LEU A 12 -5.77 7.53 -3.69
CA LEU A 12 -6.93 7.65 -4.56
C LEU A 12 -7.04 6.46 -5.52
N LYS A 13 -6.03 5.60 -5.54
CA LYS A 13 -6.07 4.42 -6.40
C LYS A 13 -6.93 3.35 -5.77
N MET A 14 -7.35 3.60 -4.54
CA MET A 14 -8.18 2.67 -3.80
C MET A 14 -9.65 2.85 -4.22
N PRO A 15 -10.45 1.79 -4.12
CA PRO A 15 -11.87 1.82 -4.51
C PRO A 15 -12.74 2.58 -3.50
N GLY A 16 -12.14 3.02 -2.40
CA GLY A 16 -12.89 3.74 -1.40
C GLY A 16 -12.23 5.01 -0.95
N VAL A 17 -11.61 5.73 -1.87
CA VAL A 17 -10.94 6.99 -1.55
C VAL A 17 -11.20 8.04 -2.63
N ASN A 18 -11.36 9.28 -2.19
CA ASN A 18 -11.60 10.42 -3.06
C ASN A 18 -10.74 11.56 -2.58
N ALA A 19 -10.74 12.68 -3.28
CA ALA A 19 -9.92 13.81 -2.88
C ALA A 19 -10.48 14.46 -1.61
N LYS A 20 -11.76 14.23 -1.36
CA LYS A 20 -12.43 14.81 -0.19
C LYS A 20 -11.92 14.23 1.11
N ASN A 21 -11.71 12.92 1.17
CA ASN A 21 -11.23 12.28 2.38
C ASN A 21 -9.74 12.00 2.32
N CYS A 22 -9.15 12.18 1.14
CA CYS A 22 -7.72 11.95 0.95
C CYS A 22 -6.92 12.90 1.86
N ARG A 23 -7.43 14.12 1.99
CA ARG A 23 -6.79 15.15 2.83
C ARG A 23 -6.62 14.63 4.25
N SER A 24 -7.62 13.93 4.73
CA SER A 24 -7.63 13.36 6.07
C SER A 24 -6.70 12.17 6.18
N LEU A 25 -6.76 11.30 5.20
CA LEU A 25 -5.94 10.10 5.18
C LEU A 25 -4.46 10.42 5.30
N MET A 26 -3.97 11.26 4.41
CA MET A 26 -2.55 11.64 4.41
C MET A 26 -2.16 12.41 5.66
N HIS A 27 -3.12 13.12 6.23
CA HIS A 27 -2.85 13.89 7.44
C HIS A 27 -2.92 12.99 8.67
N HIS A 28 -3.53 11.82 8.51
CA HIS A 28 -3.69 10.89 9.62
C HIS A 28 -2.71 9.74 9.56
N VAL A 29 -2.04 9.58 8.43
CA VAL A 29 -1.06 8.51 8.30
C VAL A 29 0.26 9.05 7.79
N LYS A 30 1.35 8.39 8.17
CA LYS A 30 2.69 8.79 7.73
C LYS A 30 2.81 8.66 6.22
N ASN A 31 2.34 7.52 5.74
CA ASN A 31 2.38 7.20 4.33
C ASN A 31 1.67 5.87 4.14
N ILE A 32 2.26 4.98 3.38
CA ILE A 32 1.67 3.69 3.11
C ILE A 32 1.64 2.82 4.37
N ALA A 33 2.66 2.97 5.20
CA ALA A 33 2.77 2.21 6.44
C ALA A 33 1.55 2.40 7.34
N GLU A 34 1.22 3.66 7.67
CA GLU A 34 0.07 3.96 8.51
C GLU A 34 -1.22 3.75 7.75
N LEU A 35 -1.18 3.98 6.44
CA LEU A 35 -2.34 3.78 5.57
C LEU A 35 -2.94 2.38 5.75
N ALA A 36 -2.06 1.38 5.76
CA ALA A 36 -2.49 0.00 5.93
C ALA A 36 -2.62 -0.35 7.41
N ALA A 37 -2.09 0.52 8.26
CA ALA A 37 -2.13 0.30 9.71
C ALA A 37 -3.48 0.68 10.31
N LEU A 38 -4.22 1.53 9.61
CA LEU A 38 -5.52 2.00 10.07
C LEU A 38 -6.52 0.85 10.18
N SER A 39 -7.44 0.98 11.12
CA SER A 39 -8.47 -0.02 11.32
C SER A 39 -9.80 0.52 10.83
N GLN A 40 -10.79 -0.35 10.71
CA GLN A 40 -12.11 0.05 10.22
C GLN A 40 -12.70 1.16 11.09
N ASP A 41 -12.46 1.09 12.40
CA ASP A 41 -12.97 2.10 13.32
C ASP A 41 -12.27 3.43 13.09
N GLU A 42 -10.99 3.35 12.73
CA GLU A 42 -10.20 4.55 12.46
C GLU A 42 -10.61 5.18 11.15
N LEU A 43 -10.80 4.33 10.12
CA LEU A 43 -11.16 4.82 8.79
C LEU A 43 -12.38 5.72 8.82
N THR A 44 -13.42 5.33 9.55
CA THR A 44 -14.63 6.12 9.64
C THR A 44 -14.39 7.45 10.33
N SER A 45 -13.51 7.45 11.32
CA SER A 45 -13.18 8.65 12.06
C SER A 45 -12.33 9.62 11.24
N ILE A 46 -11.58 9.08 10.29
CA ILE A 46 -10.72 9.88 9.44
C ILE A 46 -11.41 10.27 8.13
N LEU A 47 -11.97 9.27 7.47
CA LEU A 47 -12.64 9.49 6.19
C LEU A 47 -13.99 10.17 6.38
N GLY A 48 -14.64 9.86 7.49
CA GLY A 48 -15.92 10.46 7.79
C GLY A 48 -17.05 9.83 7.01
N ASN A 49 -16.82 8.61 6.53
CA ASN A 49 -17.82 7.89 5.76
C ASN A 49 -17.62 6.39 5.89
N ALA A 50 -18.68 5.71 6.30
CA ALA A 50 -18.65 4.27 6.49
C ALA A 50 -18.33 3.50 5.21
N ALA A 51 -18.89 3.95 4.09
CA ALA A 51 -18.67 3.30 2.81
C ALA A 51 -17.21 3.38 2.39
N ASN A 52 -16.67 4.59 2.45
CA ASN A 52 -15.28 4.84 2.10
C ASN A 52 -14.37 4.05 3.03
N ALA A 53 -14.74 4.00 4.31
CA ALA A 53 -13.97 3.29 5.31
C ALA A 53 -13.93 1.81 5.01
N LYS A 54 -15.09 1.23 4.75
CA LYS A 54 -15.20 -0.18 4.45
C LYS A 54 -14.47 -0.52 3.15
N GLN A 55 -14.69 0.26 2.11
CA GLN A 55 -14.06 0.04 0.81
C GLN A 55 -12.54 0.08 0.92
N LEU A 56 -12.03 1.09 1.62
CA LEU A 56 -10.58 1.24 1.81
C LEU A 56 -10.02 0.09 2.66
N TYR A 57 -10.63 -0.12 3.83
CA TYR A 57 -10.21 -1.16 4.75
C TYR A 57 -10.25 -2.53 4.10
N ASP A 58 -11.22 -2.73 3.22
CA ASP A 58 -11.40 -3.98 2.51
C ASP A 58 -10.23 -4.23 1.56
N PHE A 59 -9.90 -3.22 0.74
CA PHE A 59 -8.80 -3.35 -0.22
C PHE A 59 -7.49 -3.60 0.51
N ILE A 60 -7.28 -2.89 1.62
CA ILE A 60 -6.07 -3.06 2.41
C ILE A 60 -5.91 -4.52 2.83
N HIS A 61 -7.04 -5.20 3.02
CA HIS A 61 -7.05 -6.60 3.44
C HIS A 61 -7.51 -7.51 2.31
N THR A 62 -7.38 -7.06 1.07
CA THR A 62 -7.78 -7.85 -0.08
C THR A 62 -6.63 -8.73 -0.55
N SER A 63 -6.80 -10.04 -0.41
CA SER A 63 -5.80 -11.00 -0.81
C SER A 63 -5.53 -10.91 -2.31
N PHE A 64 -4.28 -11.14 -2.69
CA PHE A 64 -3.86 -11.08 -4.09
C PHE A 64 -4.64 -12.08 -4.94
N ALA A 65 -4.89 -13.24 -4.38
CA ALA A 65 -5.64 -14.25 -5.08
C ALA A 65 -6.65 -14.92 -4.18
N GLU A 66 -7.84 -15.06 -4.69
CA GLU A 66 -8.91 -15.71 -3.97
C GLU A 66 -9.00 -17.15 -4.43
N VAL A 67 -8.67 -17.35 -5.70
CA VAL A 67 -8.69 -18.67 -6.32
C VAL A 67 -7.43 -18.83 -7.16
N GLU B 1 -4.82 -20.01 -9.00
CA GLU B 1 -3.93 -18.83 -8.97
C GLU B 1 -4.39 -17.79 -10.00
N LYS B 2 -5.47 -17.09 -9.67
CA LYS B 2 -6.00 -16.07 -10.55
C LYS B 2 -5.20 -14.78 -10.43
N TYR B 3 -5.17 -14.24 -9.21
CA TYR B 3 -4.46 -13.00 -8.91
C TYR B 3 -5.04 -11.84 -9.72
N ASN B 4 -5.86 -11.02 -9.06
CA ASN B 4 -6.51 -9.92 -9.71
C ASN B 4 -5.59 -8.69 -9.81
N PRO B 5 -5.89 -7.77 -10.73
CA PRO B 5 -5.09 -6.54 -10.94
C PRO B 5 -5.25 -5.53 -9.81
N GLY B 6 -5.81 -5.96 -8.70
CA GLY B 6 -5.99 -5.10 -7.55
C GLY B 6 -4.73 -4.99 -6.74
N PRO B 7 -4.64 -5.72 -5.62
CA PRO B 7 -3.46 -5.69 -4.74
C PRO B 7 -2.23 -6.29 -5.43
N GLN B 8 -2.45 -7.21 -6.37
CA GLN B 8 -1.34 -7.85 -7.09
C GLN B 8 -0.60 -6.82 -7.94
N ASP B 9 -1.35 -5.96 -8.61
CA ASP B 9 -0.76 -4.92 -9.44
C ASP B 9 -0.12 -3.86 -8.57
N PHE B 10 -0.70 -3.66 -7.39
CA PHE B 10 -0.21 -2.67 -6.44
C PHE B 10 1.26 -2.92 -6.10
N LEU B 11 1.63 -4.19 -6.08
CA LEU B 11 2.99 -4.60 -5.79
C LEU B 11 3.92 -4.12 -6.91
N LEU B 12 3.54 -4.39 -8.14
CA LEU B 12 4.36 -4.01 -9.29
C LEU B 12 4.28 -2.50 -9.57
N LYS B 13 3.41 -1.82 -8.85
CA LYS B 13 3.26 -0.37 -9.01
C LYS B 13 4.33 0.34 -8.18
N MET B 14 5.10 -0.45 -7.46
CA MET B 14 6.18 0.08 -6.65
C MET B 14 7.44 0.20 -7.47
N PRO B 15 8.31 1.17 -7.13
CA PRO B 15 9.56 1.39 -7.88
C PRO B 15 10.61 0.32 -7.66
N GLY B 16 10.33 -0.64 -6.77
CA GLY B 16 11.29 -1.68 -6.50
C GLY B 16 10.68 -3.08 -6.56
N VAL B 17 9.75 -3.29 -7.47
CA VAL B 17 9.11 -4.59 -7.61
C VAL B 17 8.91 -4.95 -9.08
N ASN B 18 9.09 -6.23 -9.39
CA ASN B 18 8.94 -6.75 -10.73
C ASN B 18 8.19 -8.07 -10.63
N ALA B 19 7.93 -8.71 -11.76
CA ALA B 19 7.20 -9.97 -11.76
C ALA B 19 8.04 -11.11 -11.18
N LYS B 20 9.36 -10.94 -11.23
CA LYS B 20 10.29 -11.96 -10.73
C LYS B 20 10.23 -12.11 -9.21
N ASN B 21 10.15 -10.99 -8.49
CA ASN B 21 10.11 -11.03 -7.04
C ASN B 21 8.69 -10.84 -6.52
N CYS B 22 7.76 -10.56 -7.42
CA CYS B 22 6.37 -10.36 -7.04
C CYS B 22 5.78 -11.64 -6.44
N ARG B 23 6.10 -12.78 -7.05
CA ARG B 23 5.61 -14.07 -6.58
C ARG B 23 5.97 -14.30 -5.11
N SER B 24 7.18 -13.92 -4.75
CA SER B 24 7.64 -14.08 -3.39
C SER B 24 6.97 -13.09 -2.46
N LEU B 25 6.88 -11.85 -2.90
CA LEU B 25 6.26 -10.79 -2.11
C LEU B 25 4.85 -11.16 -1.70
N MET B 26 4.03 -11.56 -2.67
CA MET B 26 2.65 -11.93 -2.41
C MET B 26 2.56 -13.21 -1.59
N HIS B 27 3.56 -14.06 -1.75
CA HIS B 27 3.57 -15.31 -1.01
C HIS B 27 4.07 -15.07 0.41
N HIS B 28 4.72 -13.94 0.62
CA HIS B 28 5.27 -13.60 1.93
C HIS B 28 4.40 -12.58 2.67
N VAL B 29 3.40 -12.02 2.00
CA VAL B 29 2.52 -11.06 2.65
C VAL B 29 1.07 -11.43 2.38
N LYS B 30 0.20 -11.20 3.35
CA LYS B 30 -1.23 -11.51 3.19
C LYS B 30 -1.81 -10.69 2.05
N ASN B 31 -1.48 -9.41 2.06
CA ASN B 31 -1.94 -8.46 1.09
C ASN B 31 -1.23 -7.14 1.36
N ILE B 32 -1.97 -6.04 1.34
CA ILE B 32 -1.40 -4.72 1.58
C ILE B 32 -0.92 -4.57 3.02
N ALA B 33 -1.65 -5.18 3.96
CA ALA B 33 -1.29 -5.09 5.38
C ALA B 33 0.13 -5.57 5.64
N GLU B 34 0.44 -6.78 5.23
CA GLU B 34 1.77 -7.33 5.43
C GLU B 34 2.78 -6.68 4.50
N LEU B 35 2.31 -6.26 3.32
CA LEU B 35 3.16 -5.59 2.34
C LEU B 35 3.86 -4.40 2.97
N ALA B 36 3.11 -3.59 3.70
CA ALA B 36 3.65 -2.41 4.36
C ALA B 36 4.27 -2.77 5.71
N ALA B 37 4.00 -3.98 6.17
CA ALA B 37 4.52 -4.45 7.47
C ALA B 37 5.96 -4.97 7.35
N LEU B 38 6.38 -5.26 6.13
CA LEU B 38 7.71 -5.78 5.88
C LEU B 38 8.79 -4.75 6.18
N SER B 39 9.95 -5.24 6.61
CA SER B 39 11.08 -4.38 6.94
C SER B 39 12.11 -4.47 5.82
N GLN B 40 13.05 -3.53 5.78
CA GLN B 40 14.08 -3.52 4.74
C GLN B 40 14.80 -4.87 4.70
N ASP B 41 15.05 -5.43 5.87
CA ASP B 41 15.73 -6.72 5.99
C ASP B 41 14.83 -7.84 5.48
N GLU B 42 13.53 -7.68 5.69
CA GLU B 42 12.55 -8.65 5.23
C GLU B 42 12.49 -8.62 3.73
N LEU B 43 12.44 -7.40 3.18
CA LEU B 43 12.34 -7.22 1.74
C LEU B 43 13.49 -7.88 1.01
N THR B 44 14.69 -7.75 1.52
CA THR B 44 15.85 -8.37 0.88
C THR B 44 15.75 -9.88 0.92
N SER B 45 15.24 -10.41 2.02
CA SER B 45 15.09 -11.84 2.21
C SER B 45 13.95 -12.40 1.35
N ILE B 46 13.02 -11.54 0.98
CA ILE B 46 11.87 -11.95 0.17
C ILE B 46 12.06 -11.62 -1.30
N LEU B 47 12.36 -10.36 -1.59
CA LEU B 47 12.57 -9.92 -2.96
C LEU B 47 13.83 -10.56 -3.53
N GLY B 48 14.82 -10.73 -2.68
CA GLY B 48 16.06 -11.35 -3.10
C GLY B 48 17.03 -10.36 -3.71
N ASN B 49 16.78 -9.07 -3.48
CA ASN B 49 17.65 -8.03 -4.02
C ASN B 49 17.59 -6.78 -3.16
N ALA B 50 18.76 -6.30 -2.75
CA ALA B 50 18.86 -5.11 -1.91
C ALA B 50 18.30 -3.86 -2.59
N ALA B 51 18.55 -3.72 -3.88
CA ALA B 51 18.07 -2.56 -4.64
C ALA B 51 16.55 -2.53 -4.66
N ASN B 52 15.97 -3.67 -4.99
CA ASN B 52 14.52 -3.82 -5.04
C ASN B 52 13.93 -3.58 -3.66
N ALA B 53 14.61 -4.10 -2.65
CA ALA B 53 14.17 -3.96 -1.26
C ALA B 53 14.20 -2.50 -0.83
N LYS B 54 15.33 -1.85 -1.08
CA LYS B 54 15.52 -0.45 -0.73
C LYS B 54 14.44 0.41 -1.39
N GLN B 55 14.17 0.12 -2.66
CA GLN B 55 13.18 0.88 -3.42
C GLN B 55 11.77 0.64 -2.89
N LEU B 56 11.43 -0.61 -2.61
CA LEU B 56 10.10 -0.96 -2.11
C LEU B 56 9.90 -0.38 -0.71
N TYR B 57 10.82 -0.66 0.20
CA TYR B 57 10.73 -0.18 1.57
C TYR B 57 10.66 1.34 1.60
N ASP B 58 11.34 1.97 0.65
CA ASP B 58 11.37 3.43 0.56
C ASP B 58 9.99 3.99 0.27
N PHE B 59 9.38 3.50 -0.80
CA PHE B 59 8.04 3.96 -1.21
C PHE B 59 7.02 3.72 -0.09
N ILE B 60 7.09 2.55 0.52
CA ILE B 60 6.19 2.19 1.61
C ILE B 60 6.24 3.22 2.73
N HIS B 61 7.43 3.81 2.92
CA HIS B 61 7.63 4.79 3.97
C HIS B 61 7.93 6.17 3.39
N THR B 62 7.37 6.47 2.22
CA THR B 62 7.57 7.75 1.59
C THR B 62 6.47 8.72 2.00
N SER B 63 6.84 9.74 2.78
CA SER B 63 5.90 10.74 3.24
C SER B 63 5.20 11.39 2.05
N PHE B 64 3.89 11.63 2.20
CA PHE B 64 3.10 12.23 1.13
C PHE B 64 3.68 13.56 0.69
N ALA B 65 4.00 14.41 1.64
CA ALA B 65 4.58 15.70 1.35
C ALA B 65 5.99 15.76 1.88
N GLU B 66 6.92 16.15 1.02
CA GLU B 66 8.33 16.25 1.39
C GLU B 66 9.15 16.79 0.23
N VAL B 67 10.47 16.71 0.37
CA VAL B 67 11.41 17.19 -0.64
C VAL B 67 11.23 18.67 -0.90
N GLU A 1 4.02 21.94 -1.59
CA GLU A 1 3.47 20.62 -1.96
C GLU A 1 4.52 19.78 -2.69
N LYS A 2 5.34 19.08 -1.92
CA LYS A 2 6.39 18.23 -2.48
C LYS A 2 5.88 16.81 -2.68
N TYR A 3 4.57 16.66 -2.58
CA TYR A 3 3.92 15.38 -2.69
C TYR A 3 4.21 14.71 -4.04
N ASN A 4 5.07 13.70 -3.99
CA ASN A 4 5.46 12.94 -5.18
C ASN A 4 4.30 12.10 -5.69
N PRO A 5 4.22 11.90 -7.02
CA PRO A 5 3.15 11.09 -7.65
C PRO A 5 3.27 9.60 -7.34
N GLY A 6 4.15 9.27 -6.41
CA GLY A 6 4.33 7.89 -6.03
C GLY A 6 3.33 7.48 -4.96
N PRO A 7 3.67 7.68 -3.69
CA PRO A 7 2.78 7.32 -2.57
C PRO A 7 1.48 8.13 -2.56
N GLN A 8 1.54 9.36 -3.08
CA GLN A 8 0.38 10.23 -3.13
C GLN A 8 -0.67 9.68 -4.10
N ASP A 9 -0.20 9.22 -5.24
CA ASP A 9 -1.07 8.66 -6.27
C ASP A 9 -1.63 7.33 -5.81
N PHE A 10 -0.83 6.62 -5.03
CA PHE A 10 -1.21 5.31 -4.51
C PHE A 10 -2.51 5.40 -3.71
N LEU A 11 -2.69 6.52 -3.04
CA LEU A 11 -3.88 6.76 -2.24
C LEU A 11 -5.12 6.77 -3.12
N LEU A 12 -5.09 7.57 -4.18
CA LEU A 12 -6.22 7.71 -5.08
C LEU A 12 -6.40 6.46 -5.95
N LYS A 13 -5.45 5.54 -5.88
CA LYS A 13 -5.52 4.31 -6.65
C LYS A 13 -6.40 3.29 -5.92
N MET A 14 -7.01 3.74 -4.84
CA MET A 14 -7.88 2.89 -4.04
C MET A 14 -9.35 3.18 -4.35
N PRO A 15 -10.22 2.17 -4.19
CA PRO A 15 -11.65 2.32 -4.47
C PRO A 15 -12.40 3.14 -3.42
N GLY A 16 -11.68 3.63 -2.43
CA GLY A 16 -12.31 4.41 -1.38
C GLY A 16 -11.57 5.68 -1.07
N VAL A 17 -10.93 6.27 -2.08
CA VAL A 17 -10.19 7.51 -1.89
C VAL A 17 -10.42 8.48 -3.05
N ASN A 18 -10.45 9.76 -2.72
CA ASN A 18 -10.65 10.83 -3.69
C ASN A 18 -9.72 11.97 -3.30
N ALA A 19 -9.57 12.94 -4.18
CA ALA A 19 -8.69 14.07 -3.90
C ALA A 19 -9.13 14.86 -2.67
N LYS A 20 -10.43 14.79 -2.35
CA LYS A 20 -10.98 15.50 -1.21
C LYS A 20 -10.44 14.96 0.11
N ASN A 21 -10.49 13.65 0.31
CA ASN A 21 -10.02 13.07 1.56
C ASN A 21 -8.55 12.70 1.47
N CYS A 22 -7.99 12.77 0.28
CA CYS A 22 -6.59 12.45 0.06
C CYS A 22 -5.70 13.42 0.82
N ARG A 23 -6.07 14.70 0.82
CA ARG A 23 -5.30 15.73 1.51
C ARG A 23 -5.18 15.41 2.99
N SER A 24 -6.28 14.94 3.57
CA SER A 24 -6.32 14.58 4.98
C SER A 24 -5.60 13.25 5.22
N LEU A 25 -5.81 12.30 4.31
CA LEU A 25 -5.20 10.98 4.41
C LEU A 25 -3.68 11.09 4.53
N MET A 26 -3.07 11.78 3.58
CA MET A 26 -1.62 11.96 3.58
C MET A 26 -1.15 12.75 4.79
N HIS A 27 -2.02 13.61 5.29
CA HIS A 27 -1.70 14.41 6.45
C HIS A 27 -1.90 13.60 7.73
N HIS A 28 -2.59 12.48 7.60
CA HIS A 28 -2.89 11.62 8.74
C HIS A 28 -2.02 10.37 8.77
N VAL A 29 -1.31 10.09 7.67
CA VAL A 29 -0.42 8.94 7.61
C VAL A 29 0.93 9.37 7.06
N LYS A 30 1.99 8.70 7.50
CA LYS A 30 3.34 9.03 7.01
C LYS A 30 3.46 8.69 5.54
N ASN A 31 2.94 7.54 5.19
CA ASN A 31 2.96 7.03 3.84
C ASN A 31 2.17 5.74 3.80
N ILE A 32 2.70 4.74 3.11
CA ILE A 32 2.03 3.47 2.97
C ILE A 32 1.96 2.73 4.30
N ALA A 33 3.00 2.88 5.11
CA ALA A 33 3.07 2.24 6.42
C ALA A 33 1.86 2.59 7.28
N GLU A 34 1.61 3.88 7.46
CA GLU A 34 0.48 4.34 8.25
C GLU A 34 -0.84 4.15 7.49
N LEU A 35 -0.77 4.26 6.17
CA LEU A 35 -1.95 4.08 5.33
C LEU A 35 -2.59 2.71 5.56
N ALA A 36 -1.76 1.67 5.59
CA ALA A 36 -2.24 0.32 5.81
C ALA A 36 -2.47 0.07 7.30
N ALA A 37 -1.95 0.97 8.12
CA ALA A 37 -2.09 0.85 9.57
C ALA A 37 -3.45 1.35 10.03
N LEU A 38 -4.10 2.14 9.18
CA LEU A 38 -5.40 2.69 9.50
C LEU A 38 -6.47 1.61 9.59
N SER A 39 -7.36 1.76 10.56
CA SER A 39 -8.45 0.81 10.76
C SER A 39 -9.75 1.44 10.29
N GLN A 40 -10.81 0.65 10.18
CA GLN A 40 -12.11 1.15 9.71
C GLN A 40 -12.54 2.38 10.51
N ASP A 41 -12.24 2.37 11.80
CA ASP A 41 -12.58 3.49 12.67
C ASP A 41 -11.76 4.71 12.32
N GLU A 42 -10.48 4.50 12.06
CA GLU A 42 -9.58 5.58 11.68
C GLU A 42 -9.98 6.14 10.33
N LEU A 43 -10.24 5.24 9.37
CA LEU A 43 -10.61 5.65 8.02
C LEU A 43 -11.81 6.59 8.04
N THR A 44 -12.84 6.26 8.80
CA THR A 44 -14.02 7.10 8.86
C THR A 44 -13.72 8.44 9.52
N SER A 45 -12.83 8.42 10.50
CA SER A 45 -12.47 9.62 11.22
C SER A 45 -11.61 10.55 10.35
N ILE A 46 -10.94 9.99 9.36
CA ILE A 46 -10.08 10.78 8.48
C ILE A 46 -10.75 11.09 7.14
N LEU A 47 -11.31 10.05 6.52
CA LEU A 47 -11.96 10.20 5.24
C LEU A 47 -13.29 10.93 5.36
N GLY A 48 -13.95 10.76 6.51
CA GLY A 48 -15.21 11.43 6.75
C GLY A 48 -16.37 10.77 6.05
N ASN A 49 -16.20 9.53 5.65
CA ASN A 49 -17.25 8.79 4.96
C ASN A 49 -17.11 7.30 5.21
N ALA A 50 -18.21 6.66 5.59
CA ALA A 50 -18.22 5.23 5.88
C ALA A 50 -17.91 4.40 4.64
N ALA A 51 -18.45 4.81 3.50
CA ALA A 51 -18.24 4.08 2.25
C ALA A 51 -16.77 4.12 1.86
N ASN A 52 -16.23 5.33 1.80
CA ASN A 52 -14.84 5.53 1.45
C ASN A 52 -13.94 4.74 2.39
N ALA A 53 -14.30 4.73 3.67
CA ALA A 53 -13.55 4.02 4.69
C ALA A 53 -13.59 2.52 4.44
N LYS A 54 -14.80 2.00 4.27
CA LYS A 54 -14.98 0.57 4.03
C LYS A 54 -14.27 0.13 2.76
N GLN A 55 -14.41 0.92 1.70
CA GLN A 55 -13.77 0.62 0.42
C GLN A 55 -12.25 0.62 0.53
N LEU A 56 -11.71 1.61 1.20
CA LEU A 56 -10.26 1.72 1.38
C LEU A 56 -9.77 0.58 2.28
N TYR A 57 -10.44 0.41 3.41
CA TYR A 57 -10.09 -0.64 4.37
C TYR A 57 -10.19 -2.00 3.71
N ASP A 58 -11.12 -2.12 2.76
CA ASP A 58 -11.34 -3.35 2.02
C ASP A 58 -10.14 -3.69 1.16
N PHE A 59 -9.74 -2.75 0.32
CA PHE A 59 -8.61 -2.95 -0.59
C PHE A 59 -7.34 -3.27 0.19
N ILE A 60 -7.10 -2.52 1.27
CA ILE A 60 -5.93 -2.72 2.12
C ILE A 60 -5.87 -4.16 2.61
N HIS A 61 -7.05 -4.76 2.83
CA HIS A 61 -7.13 -6.13 3.33
C HIS A 61 -7.70 -7.07 2.27
N THR A 62 -7.42 -6.78 1.01
CA THR A 62 -7.88 -7.63 -0.08
C THR A 62 -6.76 -8.55 -0.54
N SER A 63 -6.98 -9.85 -0.36
CA SER A 63 -6.00 -10.85 -0.76
C SER A 63 -5.74 -10.78 -2.26
N PHE A 64 -4.50 -11.05 -2.65
CA PHE A 64 -4.11 -11.01 -4.06
C PHE A 64 -4.90 -12.02 -4.88
N ALA A 65 -5.24 -13.13 -4.25
CA ALA A 65 -5.99 -14.18 -4.90
C ALA A 65 -7.25 -14.50 -4.12
N GLU A 66 -8.07 -15.37 -4.68
CA GLU A 66 -9.31 -15.77 -4.03
C GLU A 66 -9.47 -17.27 -4.18
N VAL A 67 -9.07 -18.00 -3.15
CA VAL A 67 -9.19 -19.44 -3.16
C VAL A 67 -10.53 -19.86 -2.58
N GLU B 1 -6.27 -20.30 -9.66
CA GLU B 1 -5.44 -19.11 -9.36
C GLU B 1 -5.91 -17.93 -10.20
N LYS B 2 -6.46 -16.92 -9.53
CA LYS B 2 -6.97 -15.74 -10.22
C LYS B 2 -5.95 -14.59 -10.18
N TYR B 3 -5.77 -14.01 -8.99
CA TYR B 3 -4.85 -12.88 -8.80
C TYR B 3 -5.32 -11.68 -9.62
N ASN B 4 -6.16 -10.85 -9.01
CA ASN B 4 -6.70 -9.69 -9.70
C ASN B 4 -5.70 -8.56 -9.79
N PRO B 5 -5.84 -7.68 -10.80
CA PRO B 5 -4.94 -6.54 -11.04
C PRO B 5 -5.03 -5.45 -9.98
N GLY B 6 -5.50 -5.81 -8.81
CA GLY B 6 -5.61 -4.87 -7.72
C GLY B 6 -4.37 -4.90 -6.85
N PRO B 7 -4.42 -5.61 -5.71
CA PRO B 7 -3.26 -5.71 -4.80
C PRO B 7 -2.10 -6.45 -5.45
N GLN B 8 -2.41 -7.33 -6.40
CA GLN B 8 -1.39 -8.09 -7.11
C GLN B 8 -0.55 -7.16 -7.98
N ASP B 9 -1.23 -6.23 -8.63
CA ASP B 9 -0.56 -5.26 -9.51
C ASP B 9 0.15 -4.21 -8.68
N PHE B 10 -0.43 -3.92 -7.51
CA PHE B 10 0.12 -2.92 -6.59
C PHE B 10 1.56 -3.25 -6.23
N LEU B 11 1.85 -4.54 -6.11
CA LEU B 11 3.20 -4.99 -5.78
C LEU B 11 4.19 -4.56 -6.86
N LEU B 12 3.82 -4.77 -8.12
CA LEU B 12 4.69 -4.45 -9.24
C LEU B 12 4.75 -2.94 -9.49
N LYS B 13 3.93 -2.19 -8.76
CA LYS B 13 3.91 -0.73 -8.90
C LYS B 13 5.03 -0.10 -8.08
N MET B 14 5.80 -0.95 -7.41
CA MET B 14 6.90 -0.52 -6.57
C MET B 14 8.19 -0.48 -7.39
N PRO B 15 9.16 0.35 -6.97
CA PRO B 15 10.45 0.50 -7.68
C PRO B 15 11.41 -0.67 -7.44
N GLY B 16 11.01 -1.62 -6.61
CA GLY B 16 11.87 -2.75 -6.33
C GLY B 16 11.14 -4.06 -6.41
N VAL B 17 10.21 -4.17 -7.35
CA VAL B 17 9.45 -5.40 -7.53
C VAL B 17 9.29 -5.72 -9.01
N ASN B 18 9.29 -7.01 -9.30
CA ASN B 18 9.13 -7.51 -10.66
C ASN B 18 8.20 -8.70 -10.61
N ALA B 19 7.86 -9.26 -11.77
CA ALA B 19 6.94 -10.39 -11.83
C ALA B 19 7.53 -11.65 -11.19
N LYS B 20 8.85 -11.70 -11.09
CA LYS B 20 9.51 -12.87 -10.51
C LYS B 20 9.38 -12.94 -8.99
N ASN B 21 9.73 -11.87 -8.31
CA ASN B 21 9.69 -11.85 -6.84
C ASN B 21 8.30 -11.46 -6.32
N CYS B 22 7.40 -11.18 -7.24
CA CYS B 22 6.04 -10.79 -6.88
C CYS B 22 5.25 -11.99 -6.38
N ARG B 23 5.42 -13.13 -7.05
CA ARG B 23 4.70 -14.35 -6.69
C ARG B 23 4.98 -14.76 -5.25
N SER B 24 6.23 -14.66 -4.84
CA SER B 24 6.61 -15.01 -3.49
C SER B 24 6.18 -13.93 -2.49
N LEU B 25 6.33 -12.67 -2.89
CA LEU B 25 5.95 -11.54 -2.06
C LEU B 25 4.51 -11.66 -1.60
N MET B 26 3.62 -11.89 -2.55
CA MET B 26 2.20 -12.02 -2.27
C MET B 26 1.90 -13.27 -1.48
N HIS B 27 2.74 -14.27 -1.61
CA HIS B 27 2.55 -15.52 -0.88
C HIS B 27 3.11 -15.41 0.53
N HIS B 28 3.89 -14.37 0.77
CA HIS B 28 4.50 -14.15 2.09
C HIS B 28 3.72 -13.11 2.88
N VAL B 29 2.90 -12.35 2.20
CA VAL B 29 2.07 -11.35 2.87
C VAL B 29 0.61 -11.63 2.60
N LYS B 30 -0.28 -11.22 3.50
CA LYS B 30 -1.71 -11.43 3.32
C LYS B 30 -2.22 -10.60 2.16
N ASN B 31 -1.80 -9.35 2.15
CA ASN B 31 -2.18 -8.40 1.15
C ASN B 31 -1.39 -7.11 1.39
N ILE B 32 -2.05 -5.97 1.31
CA ILE B 32 -1.39 -4.69 1.50
C ILE B 32 -0.92 -4.53 2.94
N ALA B 33 -1.69 -5.07 3.88
CA ALA B 33 -1.36 -4.97 5.30
C ALA B 33 0.03 -5.54 5.60
N GLU B 34 0.26 -6.79 5.21
CA GLU B 34 1.55 -7.43 5.44
C GLU B 34 2.61 -6.86 4.51
N LEU B 35 2.18 -6.42 3.33
CA LEU B 35 3.10 -5.83 2.35
C LEU B 35 3.85 -4.64 2.97
N ALA B 36 3.10 -3.78 3.65
CA ALA B 36 3.69 -2.60 4.29
C ALA B 36 4.25 -2.95 5.67
N ALA B 37 3.91 -4.14 6.15
CA ALA B 37 4.35 -4.61 7.46
C ALA B 37 5.74 -5.24 7.38
N LEU B 38 6.18 -5.53 6.18
CA LEU B 38 7.48 -6.15 5.96
C LEU B 38 8.64 -5.23 6.32
N SER B 39 9.73 -5.84 6.77
CA SER B 39 10.93 -5.11 7.14
C SER B 39 11.98 -5.31 6.06
N GLN B 40 12.97 -4.43 6.01
CA GLN B 40 14.02 -4.52 4.99
C GLN B 40 14.69 -5.90 5.01
N ASP B 41 14.90 -6.42 6.22
CA ASP B 41 15.52 -7.74 6.40
C ASP B 41 14.58 -8.83 5.93
N GLU B 42 13.29 -8.59 6.06
CA GLU B 42 12.28 -9.54 5.63
C GLU B 42 12.21 -9.57 4.11
N LEU B 43 12.27 -8.39 3.50
CA LEU B 43 12.19 -8.27 2.06
C LEU B 43 13.27 -9.09 1.35
N THR B 44 14.49 -9.04 1.87
CA THR B 44 15.59 -9.79 1.27
C THR B 44 15.34 -11.29 1.37
N SER B 45 14.67 -11.69 2.44
CA SER B 45 14.36 -13.08 2.68
C SER B 45 13.26 -13.58 1.73
N ILE B 46 12.43 -12.67 1.23
CA ILE B 46 11.35 -13.02 0.33
C ILE B 46 11.74 -12.79 -1.12
N LEU B 47 12.14 -11.57 -1.41
CA LEU B 47 12.52 -11.16 -2.76
C LEU B 47 13.81 -11.85 -3.21
N GLY B 48 14.71 -12.07 -2.26
CA GLY B 48 15.96 -12.73 -2.57
C GLY B 48 16.98 -11.79 -3.16
N ASN B 49 16.77 -10.49 -2.99
CA ASN B 49 17.70 -9.50 -3.52
C ASN B 49 17.64 -8.23 -2.67
N ALA B 50 18.82 -7.76 -2.26
CA ALA B 50 18.94 -6.58 -1.41
C ALA B 50 18.46 -5.32 -2.13
N ALA B 51 18.76 -5.21 -3.40
CA ALA B 51 18.36 -4.04 -4.18
C ALA B 51 16.84 -3.94 -4.23
N ASN B 52 16.21 -5.04 -4.63
CA ASN B 52 14.77 -5.13 -4.72
C ASN B 52 14.16 -4.84 -3.34
N ALA B 53 14.81 -5.37 -2.30
CA ALA B 53 14.36 -5.20 -0.93
C ALA B 53 14.40 -3.74 -0.52
N LYS B 54 15.56 -3.11 -0.71
CA LYS B 54 15.73 -1.71 -0.35
C LYS B 54 14.78 -0.83 -1.14
N GLN B 55 14.66 -1.11 -2.43
CA GLN B 55 13.79 -0.33 -3.32
C GLN B 55 12.33 -0.44 -2.89
N LEU B 56 11.89 -1.65 -2.55
CA LEU B 56 10.52 -1.86 -2.12
C LEU B 56 10.30 -1.21 -0.76
N TYR B 57 11.18 -1.51 0.20
CA TYR B 57 11.06 -0.94 1.53
C TYR B 57 11.14 0.58 1.48
N ASP B 58 11.91 1.09 0.52
CA ASP B 58 12.08 2.51 0.33
C ASP B 58 10.73 3.17 0.08
N PHE B 59 10.02 2.67 -0.92
CA PHE B 59 8.71 3.20 -1.28
C PHE B 59 7.73 3.08 -0.12
N ILE B 60 7.76 1.94 0.55
CA ILE B 60 6.89 1.69 1.70
C ILE B 60 7.12 2.73 2.79
N HIS B 61 8.36 3.18 2.90
CA HIS B 61 8.74 4.17 3.90
C HIS B 61 8.92 5.56 3.29
N THR B 62 8.39 5.76 2.08
CA THR B 62 8.51 7.04 1.39
C THR B 62 7.34 7.95 1.74
N SER B 63 7.62 8.94 2.58
CA SER B 63 6.58 9.90 2.97
C SER B 63 6.18 10.75 1.77
N PHE B 64 4.89 11.07 1.68
CA PHE B 64 4.40 11.88 0.57
C PHE B 64 5.11 13.22 0.54
N ALA B 65 4.97 13.98 1.61
CA ALA B 65 5.60 15.28 1.76
C ALA B 65 5.23 15.93 3.07
N GLU B 66 6.09 16.81 3.54
CA GLU B 66 5.86 17.54 4.76
C GLU B 66 5.00 18.76 4.47
N VAL B 67 5.20 19.31 3.28
CA VAL B 67 4.50 20.49 2.83
C VAL B 67 4.81 20.72 1.35
N GLU A 1 3.19 22.47 -1.48
CA GLU A 1 2.62 21.13 -1.72
C GLU A 1 3.51 20.30 -2.63
N LYS A 2 4.50 19.62 -2.03
CA LYS A 2 5.42 18.77 -2.76
C LYS A 2 4.68 17.52 -3.24
N TYR A 3 4.30 16.71 -2.26
CA TYR A 3 3.55 15.46 -2.47
C TYR A 3 3.96 14.68 -3.72
N ASN A 4 4.91 13.77 -3.54
CA ASN A 4 5.38 12.93 -4.63
C ASN A 4 4.24 12.08 -5.19
N PRO A 5 4.13 12.00 -6.53
CA PRO A 5 3.06 11.23 -7.20
C PRO A 5 3.20 9.72 -7.04
N GLY A 6 3.97 9.32 -6.06
CA GLY A 6 4.15 7.92 -5.78
C GLY A 6 3.19 7.46 -4.72
N PRO A 7 3.52 7.67 -3.43
CA PRO A 7 2.65 7.28 -2.32
C PRO A 7 1.35 8.08 -2.30
N GLN A 8 1.40 9.31 -2.80
CA GLN A 8 0.22 10.17 -2.85
C GLN A 8 -0.79 9.61 -3.83
N ASP A 9 -0.29 9.16 -4.97
CA ASP A 9 -1.13 8.60 -6.01
C ASP A 9 -1.67 7.26 -5.56
N PHE A 10 -0.86 6.56 -4.79
CA PHE A 10 -1.20 5.24 -4.28
C PHE A 10 -2.50 5.28 -3.48
N LEU A 11 -2.72 6.40 -2.81
CA LEU A 11 -3.92 6.59 -2.03
C LEU A 11 -5.16 6.62 -2.92
N LEU A 12 -5.12 7.48 -3.93
CA LEU A 12 -6.25 7.64 -4.84
C LEU A 12 -6.40 6.42 -5.75
N LYS A 13 -5.39 5.57 -5.79
CA LYS A 13 -5.44 4.37 -6.61
C LYS A 13 -6.32 3.31 -5.94
N MET A 14 -6.77 3.61 -4.73
CA MET A 14 -7.62 2.71 -3.99
C MET A 14 -9.08 2.99 -4.31
N PRO A 15 -9.94 1.96 -4.24
CA PRO A 15 -11.37 2.08 -4.54
C PRO A 15 -12.16 2.82 -3.46
N GLY A 16 -11.46 3.29 -2.44
CA GLY A 16 -12.12 4.00 -1.36
C GLY A 16 -11.46 5.32 -1.02
N VAL A 17 -10.75 5.88 -1.98
CA VAL A 17 -10.08 7.15 -1.76
C VAL A 17 -10.28 8.10 -2.94
N ASN A 18 -10.48 9.36 -2.60
CA ASN A 18 -10.69 10.43 -3.56
C ASN A 18 -9.87 11.62 -3.08
N ALA A 19 -9.84 12.69 -3.86
CA ALA A 19 -9.06 13.85 -3.49
C ALA A 19 -9.60 14.51 -2.21
N LYS A 20 -10.88 14.30 -1.94
CA LYS A 20 -11.53 14.89 -0.77
C LYS A 20 -11.03 14.31 0.55
N ASN A 21 -10.85 13.00 0.61
CA ASN A 21 -10.39 12.37 1.85
C ASN A 21 -8.91 12.08 1.77
N CYS A 22 -8.31 12.28 0.60
CA CYS A 22 -6.88 12.04 0.43
C CYS A 22 -6.09 13.02 1.29
N ARG A 23 -6.51 14.29 1.28
CA ARG A 23 -5.85 15.33 2.07
C ARG A 23 -5.80 14.92 3.55
N SER A 24 -6.88 14.30 4.00
CA SER A 24 -6.99 13.86 5.37
C SER A 24 -6.13 12.64 5.61
N LEU A 25 -6.17 11.69 4.67
CA LEU A 25 -5.42 10.46 4.77
C LEU A 25 -3.92 10.74 4.94
N MET A 26 -3.36 11.50 4.01
CA MET A 26 -1.93 11.83 4.06
C MET A 26 -1.58 12.67 5.28
N HIS A 27 -2.54 13.47 5.75
CA HIS A 27 -2.32 14.30 6.91
C HIS A 27 -2.47 13.50 8.19
N HIS A 28 -3.04 12.32 8.07
CA HIS A 28 -3.29 11.48 9.22
C HIS A 28 -2.25 10.37 9.35
N VAL A 29 -1.69 9.96 8.23
CA VAL A 29 -0.70 8.88 8.23
C VAL A 29 0.64 9.38 7.71
N LYS A 30 1.71 8.68 8.06
CA LYS A 30 3.05 9.05 7.60
C LYS A 30 3.18 8.80 6.10
N ASN A 31 2.75 7.62 5.70
CA ASN A 31 2.82 7.18 4.33
C ASN A 31 2.08 5.85 4.21
N ILE A 32 2.69 4.89 3.51
CA ILE A 32 2.08 3.59 3.32
C ILE A 32 2.00 2.82 4.64
N ALA A 33 3.00 3.01 5.49
CA ALA A 33 3.06 2.33 6.79
C ALA A 33 1.82 2.61 7.63
N GLU A 34 1.52 3.89 7.85
CA GLU A 34 0.35 4.28 8.64
C GLU A 34 -0.93 4.04 7.84
N LEU A 35 -0.84 4.16 6.52
CA LEU A 35 -1.98 3.95 5.63
C LEU A 35 -2.58 2.56 5.85
N ALA A 36 -1.72 1.54 5.83
CA ALA A 36 -2.15 0.17 6.03
C ALA A 36 -2.34 -0.13 7.52
N ALA A 37 -1.83 0.76 8.36
CA ALA A 37 -1.92 0.62 9.81
C ALA A 37 -3.29 1.03 10.33
N LEU A 38 -4.03 1.75 9.49
CA LEU A 38 -5.36 2.22 9.88
C LEU A 38 -6.38 1.11 9.87
N SER A 39 -7.32 1.16 10.82
CA SER A 39 -8.38 0.17 10.92
C SER A 39 -9.68 0.80 10.44
N GLN A 40 -10.70 -0.02 10.22
CA GLN A 40 -12.00 0.46 9.73
C GLN A 40 -12.55 1.58 10.62
N ASP A 41 -12.29 1.48 11.91
CA ASP A 41 -12.75 2.48 12.86
C ASP A 41 -11.99 3.79 12.67
N GLU A 42 -10.70 3.67 12.38
CA GLU A 42 -9.86 4.85 12.17
C GLU A 42 -10.20 5.48 10.82
N LEU A 43 -10.37 4.65 9.79
CA LEU A 43 -10.66 5.14 8.45
C LEU A 43 -11.87 6.07 8.43
N THR A 44 -12.94 5.70 9.12
CA THR A 44 -14.13 6.54 9.15
C THR A 44 -13.85 7.88 9.82
N SER A 45 -13.00 7.87 10.83
CA SER A 45 -12.65 9.07 11.55
C SER A 45 -11.74 9.98 10.72
N ILE A 46 -11.05 9.40 9.74
CA ILE A 46 -10.13 10.15 8.89
C ILE A 46 -10.75 10.53 7.55
N LEU A 47 -11.40 9.57 6.93
CA LEU A 47 -12.02 9.76 5.63
C LEU A 47 -13.35 10.50 5.78
N GLY A 48 -14.03 10.24 6.88
CA GLY A 48 -15.29 10.90 7.14
C GLY A 48 -16.47 10.18 6.52
N ASN A 49 -16.21 8.99 5.98
CA ASN A 49 -17.27 8.23 5.33
C ASN A 49 -17.03 6.74 5.54
N ALA A 50 -18.09 6.04 5.97
CA ALA A 50 -18.02 4.61 6.23
C ALA A 50 -17.75 3.79 4.96
N ALA A 51 -18.34 4.21 3.85
CA ALA A 51 -18.16 3.51 2.58
C ALA A 51 -16.71 3.59 2.14
N ASN A 52 -16.18 4.81 2.11
CA ASN A 52 -14.79 5.06 1.73
C ASN A 52 -13.87 4.27 2.64
N ALA A 53 -14.21 4.25 3.92
CA ALA A 53 -13.43 3.53 4.92
C ALA A 53 -13.42 2.04 4.63
N LYS A 54 -14.61 1.50 4.38
CA LYS A 54 -14.78 0.09 4.09
C LYS A 54 -14.01 -0.29 2.83
N GLN A 55 -14.21 0.47 1.76
CA GLN A 55 -13.55 0.22 0.48
C GLN A 55 -12.03 0.27 0.62
N LEU A 56 -11.52 1.27 1.32
CA LEU A 56 -10.09 1.43 1.51
C LEU A 56 -9.53 0.31 2.39
N TYR A 57 -10.15 0.12 3.56
CA TYR A 57 -9.71 -0.90 4.49
C TYR A 57 -9.77 -2.28 3.84
N ASP A 58 -10.77 -2.48 2.99
CA ASP A 58 -10.95 -3.74 2.30
C ASP A 58 -9.79 -3.99 1.35
N PHE A 59 -9.46 -3.00 0.52
CA PHE A 59 -8.36 -3.13 -0.42
C PHE A 59 -7.06 -3.43 0.30
N ILE A 60 -6.82 -2.72 1.40
CA ILE A 60 -5.62 -2.91 2.20
C ILE A 60 -5.53 -4.36 2.67
N HIS A 61 -6.69 -4.97 2.88
CA HIS A 61 -6.76 -6.35 3.34
C HIS A 61 -7.34 -7.28 2.27
N THR A 62 -7.09 -6.95 1.01
CA THR A 62 -7.56 -7.78 -0.09
C THR A 62 -6.46 -8.74 -0.52
N SER A 63 -6.71 -10.04 -0.35
CA SER A 63 -5.74 -11.05 -0.72
C SER A 63 -5.50 -11.01 -2.23
N PHE A 64 -4.23 -11.16 -2.62
CA PHE A 64 -3.84 -11.14 -4.02
C PHE A 64 -4.63 -12.17 -4.82
N ALA A 65 -4.78 -13.35 -4.24
CA ALA A 65 -5.52 -14.41 -4.86
C ALA A 65 -6.79 -14.67 -4.06
N GLU A 66 -7.76 -15.31 -4.67
CA GLU A 66 -9.02 -15.59 -4.00
C GLU A 66 -9.21 -17.09 -3.85
N VAL A 67 -9.46 -17.52 -2.62
CA VAL A 67 -9.68 -18.93 -2.34
C VAL A 67 -11.16 -19.18 -2.12
N GLU B 1 -5.60 -19.97 -10.44
CA GLU B 1 -4.95 -18.77 -9.87
C GLU B 1 -5.73 -17.52 -10.25
N LYS B 2 -6.09 -16.72 -9.25
CA LYS B 2 -6.85 -15.51 -9.49
C LYS B 2 -5.94 -14.31 -9.71
N TYR B 3 -5.30 -13.86 -8.63
CA TYR B 3 -4.38 -12.71 -8.66
C TYR B 3 -4.96 -11.54 -9.44
N ASN B 4 -5.81 -10.76 -8.76
CA ASN B 4 -6.45 -9.62 -9.38
C ASN B 4 -5.49 -8.44 -9.54
N PRO B 5 -5.78 -7.51 -10.47
CA PRO B 5 -4.93 -6.34 -10.73
C PRO B 5 -4.91 -5.33 -9.59
N GLY B 6 -5.46 -5.71 -8.46
CA GLY B 6 -5.50 -4.83 -7.31
C GLY B 6 -4.19 -4.89 -6.53
N PRO B 7 -4.17 -5.62 -5.42
CA PRO B 7 -2.99 -5.74 -4.57
C PRO B 7 -1.82 -6.42 -5.29
N GLN B 8 -2.13 -7.34 -6.21
CA GLN B 8 -1.11 -8.05 -6.96
C GLN B 8 -0.33 -7.08 -7.85
N ASP B 9 -1.05 -6.20 -8.53
CA ASP B 9 -0.42 -5.21 -9.41
C ASP B 9 0.28 -4.16 -8.58
N PHE B 10 -0.28 -3.88 -7.41
CA PHE B 10 0.26 -2.88 -6.50
C PHE B 10 1.73 -3.17 -6.17
N LEU B 11 2.07 -4.44 -6.12
CA LEU B 11 3.44 -4.84 -5.83
C LEU B 11 4.38 -4.41 -6.95
N LEU B 12 3.97 -4.66 -8.19
CA LEU B 12 4.79 -4.31 -9.35
C LEU B 12 4.74 -2.81 -9.62
N LYS B 13 3.91 -2.09 -8.87
CA LYS B 13 3.79 -0.66 -9.04
C LYS B 13 4.88 0.03 -8.20
N MET B 14 5.64 -0.79 -7.48
CA MET B 14 6.72 -0.30 -6.64
C MET B 14 8.01 -0.23 -7.45
N PRO B 15 8.93 0.66 -7.05
CA PRO B 15 10.21 0.85 -7.74
C PRO B 15 11.22 -0.26 -7.46
N GLY B 16 10.81 -1.27 -6.71
CA GLY B 16 11.72 -2.35 -6.39
C GLY B 16 11.06 -3.72 -6.44
N VAL B 17 10.10 -3.89 -7.34
CA VAL B 17 9.40 -5.16 -7.47
C VAL B 17 9.19 -5.52 -8.94
N ASN B 18 9.31 -6.80 -9.24
CA ASN B 18 9.14 -7.33 -10.59
C ASN B 18 8.33 -8.60 -10.49
N ALA B 19 7.98 -9.19 -11.64
CA ALA B 19 7.18 -10.41 -11.65
C ALA B 19 7.90 -11.57 -10.97
N LYS B 20 9.23 -11.55 -10.99
CA LYS B 20 10.03 -12.61 -10.40
C LYS B 20 9.87 -12.71 -8.89
N ASN B 21 10.00 -11.60 -8.20
CA ASN B 21 9.90 -11.58 -6.74
C ASN B 21 8.48 -11.27 -6.29
N CYS B 22 7.60 -11.03 -7.25
CA CYS B 22 6.22 -10.73 -6.94
C CYS B 22 5.53 -11.95 -6.34
N ARG B 23 5.76 -13.11 -6.94
CA ARG B 23 5.17 -14.37 -6.47
C ARG B 23 5.57 -14.64 -5.02
N SER B 24 6.79 -14.29 -4.66
CA SER B 24 7.29 -14.49 -3.32
C SER B 24 6.64 -13.50 -2.35
N LEU B 25 6.67 -12.24 -2.74
CA LEU B 25 6.13 -11.16 -1.92
C LEU B 25 4.68 -11.42 -1.53
N MET B 26 3.86 -11.73 -2.51
CA MET B 26 2.44 -11.98 -2.28
C MET B 26 2.22 -13.27 -1.50
N HIS B 27 3.11 -14.22 -1.64
CA HIS B 27 2.99 -15.48 -0.94
C HIS B 27 3.54 -15.36 0.47
N HIS B 28 4.25 -14.28 0.74
CA HIS B 28 4.84 -14.06 2.04
C HIS B 28 4.00 -13.08 2.87
N VAL B 29 3.21 -12.27 2.21
CA VAL B 29 2.36 -11.31 2.91
C VAL B 29 0.89 -11.62 2.62
N LYS B 30 0.00 -11.23 3.53
CA LYS B 30 -1.43 -11.45 3.34
C LYS B 30 -1.93 -10.62 2.18
N ASN B 31 -1.51 -9.37 2.18
CA ASN B 31 -1.91 -8.41 1.18
C ASN B 31 -1.13 -7.13 1.43
N ILE B 32 -1.82 -6.00 1.37
CA ILE B 32 -1.19 -4.71 1.58
C ILE B 32 -0.75 -4.54 3.04
N ALA B 33 -1.53 -5.12 3.96
CA ALA B 33 -1.22 -5.04 5.38
C ALA B 33 0.18 -5.57 5.69
N GLU B 34 0.45 -6.80 5.27
CA GLU B 34 1.76 -7.41 5.49
C GLU B 34 2.81 -6.78 4.57
N LEU B 35 2.37 -6.34 3.38
CA LEU B 35 3.27 -5.70 2.41
C LEU B 35 3.99 -4.51 3.05
N ALA B 36 3.24 -3.68 3.75
CA ALA B 36 3.81 -2.51 4.43
C ALA B 36 4.35 -2.89 5.81
N ALA B 37 4.01 -4.09 6.26
CA ALA B 37 4.45 -4.58 7.56
C ALA B 37 5.84 -5.21 7.49
N LEU B 38 6.34 -5.37 6.27
CA LEU B 38 7.65 -5.95 6.05
C LEU B 38 8.76 -4.95 6.37
N SER B 39 9.89 -5.48 6.81
CA SER B 39 11.04 -4.66 7.13
C SER B 39 12.10 -4.83 6.05
N GLN B 40 13.06 -3.91 5.97
CA GLN B 40 14.11 -4.00 4.96
C GLN B 40 14.80 -5.37 5.01
N ASP B 41 14.95 -5.89 6.21
CA ASP B 41 15.56 -7.20 6.44
C ASP B 41 14.69 -8.29 5.84
N GLU B 42 13.39 -8.18 6.07
CA GLU B 42 12.44 -9.14 5.57
C GLU B 42 12.39 -9.14 4.06
N LEU B 43 12.41 -7.95 3.47
CA LEU B 43 12.33 -7.81 2.02
C LEU B 43 13.46 -8.57 1.32
N THR B 44 14.66 -8.49 1.84
CA THR B 44 15.79 -9.19 1.21
C THR B 44 15.60 -10.70 1.27
N SER B 45 14.97 -11.16 2.34
CA SER B 45 14.72 -12.58 2.54
C SER B 45 13.65 -13.09 1.57
N ILE B 46 12.70 -12.22 1.22
CA ILE B 46 11.62 -12.59 0.32
C ILE B 46 11.98 -12.31 -1.14
N LEU B 47 12.34 -11.06 -1.41
CA LEU B 47 12.68 -10.64 -2.76
C LEU B 47 13.96 -11.31 -3.23
N GLY B 48 14.88 -11.52 -2.29
CA GLY B 48 16.14 -12.15 -2.62
C GLY B 48 17.12 -11.19 -3.27
N ASN B 49 16.93 -9.90 -3.04
CA ASN B 49 17.82 -8.90 -3.61
C ASN B 49 17.81 -7.63 -2.77
N ALA B 50 18.99 -7.16 -2.40
CA ALA B 50 19.14 -5.97 -1.58
C ALA B 50 18.61 -4.72 -2.27
N ALA B 51 18.83 -4.61 -3.57
CA ALA B 51 18.36 -3.44 -4.32
C ALA B 51 16.84 -3.39 -4.33
N ASN B 52 16.25 -4.50 -4.70
CA ASN B 52 14.80 -4.62 -4.75
C ASN B 52 14.20 -4.36 -3.37
N ALA B 53 14.88 -4.87 -2.34
CA ALA B 53 14.44 -4.72 -0.95
C ALA B 53 14.47 -3.25 -0.54
N LYS B 54 15.61 -2.61 -0.74
CA LYS B 54 15.77 -1.20 -0.39
C LYS B 54 14.79 -0.33 -1.16
N GLN B 55 14.68 -0.60 -2.46
CA GLN B 55 13.78 0.17 -3.32
C GLN B 55 12.32 0.04 -2.87
N LEU B 56 11.91 -1.16 -2.54
CA LEU B 56 10.53 -1.40 -2.10
C LEU B 56 10.28 -0.80 -0.72
N TYR B 57 11.15 -1.11 0.23
CA TYR B 57 11.00 -0.59 1.58
C TYR B 57 11.09 0.93 1.61
N ASP B 58 11.90 1.50 0.71
CA ASP B 58 12.06 2.94 0.64
C ASP B 58 10.73 3.61 0.30
N PHE B 59 10.01 3.02 -0.65
CA PHE B 59 8.72 3.54 -1.06
C PHE B 59 7.74 3.48 0.11
N ILE B 60 7.78 2.36 0.82
CA ILE B 60 6.91 2.18 1.99
C ILE B 60 7.27 3.19 3.07
N HIS B 61 8.54 3.57 3.13
CA HIS B 61 9.03 4.53 4.11
C HIS B 61 9.16 5.91 3.49
N THR B 62 8.35 6.21 2.48
CA THR B 62 8.39 7.50 1.81
C THR B 62 7.13 8.30 2.11
N SER B 63 7.28 9.36 2.90
CA SER B 63 6.17 10.22 3.24
C SER B 63 5.74 11.03 2.03
N PHE B 64 4.44 11.26 1.90
CA PHE B 64 3.90 12.03 0.79
C PHE B 64 4.54 13.41 0.78
N ALA B 65 4.31 14.15 1.85
CA ALA B 65 4.87 15.49 2.03
C ALA B 65 4.31 16.12 3.29
N GLU B 66 4.78 17.33 3.58
CA GLU B 66 4.35 18.08 4.74
C GLU B 66 4.43 19.57 4.42
N VAL B 67 4.69 19.85 3.15
CA VAL B 67 4.83 21.21 2.66
C VAL B 67 4.80 21.18 1.14
N GLU A 1 0.72 22.29 -4.51
CA GLU A 1 1.11 21.29 -3.49
C GLU A 1 2.42 20.61 -3.88
N LYS A 2 3.30 20.44 -2.90
CA LYS A 2 4.59 19.79 -3.13
C LYS A 2 4.49 18.29 -2.90
N TYR A 3 3.27 17.80 -2.75
CA TYR A 3 3.04 16.39 -2.53
C TYR A 3 3.38 15.59 -3.78
N ASN A 4 4.54 14.94 -3.74
CA ASN A 4 5.04 14.13 -4.84
C ASN A 4 3.98 13.16 -5.36
N PRO A 5 3.87 13.05 -6.70
CA PRO A 5 2.88 12.18 -7.36
C PRO A 5 3.11 10.69 -7.16
N GLY A 6 4.01 10.35 -6.25
CA GLY A 6 4.29 8.96 -5.98
C GLY A 6 3.30 8.40 -4.97
N PRO A 7 3.63 8.47 -3.67
CA PRO A 7 2.75 7.97 -2.59
C PRO A 7 1.43 8.73 -2.50
N GLN A 8 1.45 10.00 -2.88
CA GLN A 8 0.25 10.84 -2.83
C GLN A 8 -0.79 10.32 -3.81
N ASP A 9 -0.34 9.96 -5.01
CA ASP A 9 -1.23 9.45 -6.04
C ASP A 9 -1.65 8.02 -5.73
N PHE A 10 -0.77 7.31 -5.02
CA PHE A 10 -1.02 5.93 -4.64
C PHE A 10 -2.32 5.81 -3.85
N LEU A 11 -2.60 6.83 -3.05
CA LEU A 11 -3.81 6.85 -2.25
C LEU A 11 -5.03 6.93 -3.15
N LEU A 12 -4.95 7.78 -4.17
CA LEU A 12 -6.05 7.99 -5.10
C LEU A 12 -6.24 6.83 -6.07
N LYS A 13 -5.36 5.83 -6.01
CA LYS A 13 -5.45 4.67 -6.90
C LYS A 13 -6.37 3.61 -6.29
N MET A 14 -6.96 3.93 -5.15
CA MET A 14 -7.85 3.02 -4.46
C MET A 14 -9.29 3.22 -4.93
N PRO A 15 -10.14 2.17 -4.80
CA PRO A 15 -11.54 2.25 -5.21
C PRO A 15 -12.40 3.04 -4.23
N GLY A 16 -11.83 3.39 -3.09
CA GLY A 16 -12.55 4.15 -2.09
C GLY A 16 -11.78 5.37 -1.66
N VAL A 17 -11.43 6.21 -2.62
CA VAL A 17 -10.68 7.41 -2.33
C VAL A 17 -11.05 8.55 -3.27
N ASN A 18 -10.77 9.76 -2.84
CA ASN A 18 -11.03 10.97 -3.60
C ASN A 18 -10.00 12.01 -3.17
N ALA A 19 -10.00 13.16 -3.81
CA ALA A 19 -9.05 14.21 -3.45
C ALA A 19 -9.43 14.87 -2.13
N LYS A 20 -10.70 14.76 -1.76
CA LYS A 20 -11.21 15.37 -0.53
C LYS A 20 -10.68 14.68 0.72
N ASN A 21 -10.70 13.36 0.74
CA ASN A 21 -10.24 12.62 1.90
C ASN A 21 -8.75 12.31 1.80
N CYS A 22 -8.19 12.54 0.61
CA CYS A 22 -6.79 12.30 0.38
C CYS A 22 -5.94 13.23 1.23
N ARG A 23 -6.33 14.52 1.27
CA ARG A 23 -5.59 15.53 2.04
C ARG A 23 -5.53 15.14 3.52
N SER A 24 -6.64 14.65 4.03
CA SER A 24 -6.73 14.24 5.41
C SER A 24 -6.00 12.91 5.64
N LEU A 25 -6.13 12.01 4.66
CA LEU A 25 -5.49 10.70 4.73
C LEU A 25 -3.99 10.84 4.88
N MET A 26 -3.39 11.60 3.98
CA MET A 26 -1.95 11.81 3.99
C MET A 26 -1.50 12.54 5.25
N HIS A 27 -2.39 13.32 5.81
CA HIS A 27 -2.08 14.05 7.03
C HIS A 27 -2.27 13.15 8.25
N HIS A 28 -2.95 12.03 8.04
CA HIS A 28 -3.22 11.09 9.13
C HIS A 28 -2.28 9.88 9.06
N VAL A 29 -1.53 9.75 7.98
CA VAL A 29 -0.59 8.65 7.84
C VAL A 29 0.77 9.18 7.37
N LYS A 30 1.85 8.52 7.77
CA LYS A 30 3.20 8.95 7.36
C LYS A 30 3.35 8.79 5.86
N ASN A 31 2.90 7.65 5.38
CA ASN A 31 2.97 7.31 3.98
C ASN A 31 2.25 5.98 3.76
N ILE A 32 2.87 5.07 3.04
CA ILE A 32 2.28 3.77 2.75
C ILE A 32 2.19 2.92 4.02
N ALA A 33 3.20 3.05 4.89
CA ALA A 33 3.25 2.29 6.14
C ALA A 33 1.99 2.50 6.98
N GLU A 34 1.66 3.76 7.26
CA GLU A 34 0.48 4.08 8.05
C GLU A 34 -0.80 3.90 7.23
N LEU A 35 -0.71 4.12 5.91
CA LEU A 35 -1.85 3.97 5.02
C LEU A 35 -2.48 2.58 5.16
N ALA A 36 -1.65 1.56 5.12
CA ALA A 36 -2.13 0.19 5.24
C ALA A 36 -2.31 -0.20 6.70
N ALA A 37 -1.79 0.64 7.60
CA ALA A 37 -1.88 0.41 9.04
C ALA A 37 -3.23 0.85 9.58
N LEU A 38 -3.95 1.64 8.80
CA LEU A 38 -5.25 2.15 9.21
C LEU A 38 -6.29 1.03 9.30
N SER A 39 -7.22 1.18 10.21
CA SER A 39 -8.29 0.22 10.40
C SER A 39 -9.55 0.75 9.74
N GLN A 40 -10.52 -0.11 9.45
CA GLN A 40 -11.74 0.31 8.79
C GLN A 40 -12.41 1.40 9.61
N ASP A 41 -12.33 1.19 10.91
CA ASP A 41 -12.86 2.12 11.89
C ASP A 41 -12.14 3.46 11.78
N GLU A 42 -10.81 3.39 11.68
CA GLU A 42 -9.99 4.57 11.55
C GLU A 42 -10.32 5.31 10.27
N LEU A 43 -10.49 4.55 9.18
CA LEU A 43 -10.80 5.13 7.89
C LEU A 43 -12.03 6.02 7.96
N THR A 44 -13.08 5.54 8.61
CA THR A 44 -14.30 6.33 8.73
C THR A 44 -14.04 7.65 9.46
N SER A 45 -13.16 7.59 10.45
CA SER A 45 -12.82 8.75 11.25
C SER A 45 -11.95 9.75 10.48
N ILE A 46 -11.18 9.24 9.52
CA ILE A 46 -10.29 10.09 8.72
C ILE A 46 -10.95 10.55 7.43
N LEU A 47 -11.59 9.61 6.75
CA LEU A 47 -12.26 9.88 5.50
C LEU A 47 -13.59 10.60 5.69
N GLY A 48 -14.22 10.31 6.82
CA GLY A 48 -15.50 10.93 7.13
C GLY A 48 -16.64 10.32 6.34
N ASN A 49 -16.44 9.10 5.86
CA ASN A 49 -17.47 8.42 5.08
C ASN A 49 -17.28 6.91 5.18
N ALA A 50 -18.36 6.20 5.48
CA ALA A 50 -18.31 4.75 5.63
C ALA A 50 -18.05 4.05 4.30
N ALA A 51 -18.64 4.56 3.24
CA ALA A 51 -18.47 3.96 1.92
C ALA A 51 -17.02 4.04 1.48
N ASN A 52 -16.44 5.22 1.61
CA ASN A 52 -15.05 5.46 1.26
C ASN A 52 -14.15 4.63 2.16
N ALA A 53 -14.51 4.54 3.44
CA ALA A 53 -13.75 3.79 4.41
C ALA A 53 -13.72 2.31 4.08
N LYS A 54 -14.90 1.74 3.82
CA LYS A 54 -15.01 0.34 3.48
C LYS A 54 -14.27 0.06 2.19
N GLN A 55 -14.53 0.87 1.17
CA GLN A 55 -13.89 0.69 -0.14
C GLN A 55 -12.37 0.82 -0.06
N LEU A 56 -11.89 1.78 0.72
CA LEU A 56 -10.46 2.00 0.87
C LEU A 56 -9.82 0.82 1.61
N TYR A 57 -10.37 0.49 2.77
CA TYR A 57 -9.86 -0.62 3.57
C TYR A 57 -10.05 -1.94 2.84
N ASP A 58 -11.08 -1.99 2.00
CA ASP A 58 -11.39 -3.18 1.22
C ASP A 58 -10.19 -3.60 0.40
N PHE A 59 -9.64 -2.66 -0.37
CA PHE A 59 -8.49 -2.93 -1.22
C PHE A 59 -7.26 -3.25 -0.36
N ILE A 60 -7.10 -2.50 0.74
CA ILE A 60 -5.98 -2.73 1.64
C ILE A 60 -6.03 -4.14 2.21
N HIS A 61 -7.24 -4.65 2.38
CA HIS A 61 -7.47 -5.98 2.93
C HIS A 61 -7.77 -6.99 1.82
N THR A 62 -7.61 -6.58 0.57
CA THR A 62 -7.88 -7.46 -0.55
C THR A 62 -6.74 -8.45 -0.77
N SER A 63 -7.01 -9.72 -0.54
CA SER A 63 -6.02 -10.77 -0.72
C SER A 63 -5.64 -10.83 -2.20
N PHE A 64 -4.39 -11.13 -2.48
CA PHE A 64 -3.92 -11.21 -3.85
C PHE A 64 -4.70 -12.23 -4.66
N ALA A 65 -5.17 -13.26 -3.97
CA ALA A 65 -5.94 -14.30 -4.61
C ALA A 65 -6.95 -14.91 -3.65
N GLU A 66 -8.15 -15.17 -4.14
CA GLU A 66 -9.18 -15.81 -3.33
C GLU A 66 -8.70 -17.23 -3.03
N VAL A 67 -8.00 -17.78 -4.01
CA VAL A 67 -7.43 -19.11 -3.93
C VAL A 67 -6.04 -19.10 -4.54
N GLU B 1 -4.98 -19.81 -7.75
CA GLU B 1 -4.43 -19.01 -8.88
C GLU B 1 -5.38 -17.90 -9.28
N LYS B 2 -6.11 -17.35 -8.31
CA LYS B 2 -7.09 -16.29 -8.54
C LYS B 2 -6.48 -14.90 -8.45
N TYR B 3 -5.17 -14.81 -8.50
CA TYR B 3 -4.46 -13.54 -8.39
C TYR B 3 -4.92 -12.52 -9.43
N ASN B 4 -5.69 -11.55 -8.96
CA ASN B 4 -6.23 -10.49 -9.79
C ASN B 4 -5.26 -9.33 -9.92
N PRO B 5 -5.37 -8.51 -10.98
CA PRO B 5 -4.50 -7.36 -11.22
C PRO B 5 -4.73 -6.19 -10.25
N GLY B 6 -5.29 -6.50 -9.11
CA GLY B 6 -5.54 -5.49 -8.11
C GLY B 6 -4.35 -5.32 -7.19
N PRO B 7 -4.37 -5.96 -6.01
CA PRO B 7 -3.28 -5.89 -5.05
C PRO B 7 -2.02 -6.56 -5.60
N GLN B 8 -2.21 -7.51 -6.51
CA GLN B 8 -1.08 -8.21 -7.12
C GLN B 8 -0.25 -7.24 -7.96
N ASP B 9 -0.95 -6.36 -8.66
CA ASP B 9 -0.29 -5.36 -9.51
C ASP B 9 0.34 -4.27 -8.66
N PHE B 10 -0.31 -3.98 -7.53
CA PHE B 10 0.15 -2.95 -6.61
C PHE B 10 1.59 -3.21 -6.20
N LEU B 11 1.95 -4.49 -6.09
CA LEU B 11 3.30 -4.87 -5.71
C LEU B 11 4.29 -4.42 -6.79
N LEU B 12 3.95 -4.68 -8.04
CA LEU B 12 4.81 -4.34 -9.17
C LEU B 12 4.78 -2.84 -9.47
N LYS B 13 3.92 -2.10 -8.78
CA LYS B 13 3.83 -0.66 -8.98
C LYS B 13 4.90 0.05 -8.17
N MET B 14 5.71 -0.75 -7.48
CA MET B 14 6.79 -0.23 -6.67
C MET B 14 8.08 -0.21 -7.48
N PRO B 15 9.00 0.70 -7.15
CA PRO B 15 10.27 0.84 -7.87
C PRO B 15 11.27 -0.29 -7.58
N GLY B 16 10.87 -1.27 -6.78
CA GLY B 16 11.78 -2.36 -6.48
C GLY B 16 11.09 -3.71 -6.47
N VAL B 17 10.20 -3.94 -7.41
CA VAL B 17 9.49 -5.21 -7.49
C VAL B 17 9.36 -5.66 -8.95
N ASN B 18 9.38 -6.98 -9.16
CA ASN B 18 9.25 -7.58 -10.48
C ASN B 18 8.38 -8.82 -10.35
N ALA B 19 7.94 -9.37 -11.48
CA ALA B 19 7.08 -10.55 -11.46
C ALA B 19 7.74 -11.76 -10.78
N LYS B 20 9.06 -11.81 -10.81
CA LYS B 20 9.80 -12.91 -10.21
C LYS B 20 9.64 -12.96 -8.69
N ASN B 21 9.91 -11.86 -8.01
CA ASN B 21 9.79 -11.84 -6.55
C ASN B 21 8.37 -11.53 -6.12
N CYS B 22 7.54 -11.14 -7.07
CA CYS B 22 6.14 -10.82 -6.79
C CYS B 22 5.40 -12.03 -6.24
N ARG B 23 5.56 -13.18 -6.90
CA ARG B 23 4.89 -14.42 -6.48
C ARG B 23 5.26 -14.81 -5.06
N SER B 24 6.51 -14.59 -4.69
CA SER B 24 6.98 -14.91 -3.36
C SER B 24 6.47 -13.88 -2.35
N LEU B 25 6.60 -12.61 -2.70
CA LEU B 25 6.16 -11.51 -1.85
C LEU B 25 4.71 -11.66 -1.43
N MET B 26 3.84 -11.90 -2.40
CA MET B 26 2.41 -12.05 -2.15
C MET B 26 2.12 -13.25 -1.26
N HIS B 27 2.98 -14.25 -1.32
CA HIS B 27 2.79 -15.44 -0.50
C HIS B 27 3.31 -15.20 0.90
N HIS B 28 4.12 -14.16 1.05
CA HIS B 28 4.71 -13.83 2.34
C HIS B 28 3.93 -12.74 3.06
N VAL B 29 2.98 -12.13 2.36
CA VAL B 29 2.14 -11.10 2.96
C VAL B 29 0.68 -11.37 2.65
N LYS B 30 -0.23 -10.94 3.53
CA LYS B 30 -1.66 -11.15 3.31
C LYS B 30 -2.13 -10.35 2.11
N ASN B 31 -1.68 -9.10 2.07
CA ASN B 31 -2.03 -8.17 1.02
C ASN B 31 -1.26 -6.89 1.26
N ILE B 32 -1.93 -5.76 1.17
CA ILE B 32 -1.28 -4.47 1.37
C ILE B 32 -0.85 -4.28 2.82
N ALA B 33 -1.67 -4.81 3.75
CA ALA B 33 -1.39 -4.69 5.17
C ALA B 33 0.00 -5.24 5.52
N GLU B 34 0.27 -6.48 5.13
CA GLU B 34 1.57 -7.10 5.41
C GLU B 34 2.64 -6.54 4.49
N LEU B 35 2.25 -6.14 3.28
CA LEU B 35 3.17 -5.56 2.30
C LEU B 35 3.91 -4.36 2.91
N ALA B 36 3.16 -3.47 3.54
CA ALA B 36 3.74 -2.28 4.16
C ALA B 36 4.25 -2.60 5.57
N ALA B 37 3.88 -3.77 6.07
CA ALA B 37 4.29 -4.21 7.41
C ALA B 37 5.70 -4.77 7.41
N LEU B 38 6.16 -5.21 6.25
CA LEU B 38 7.49 -5.79 6.11
C LEU B 38 8.59 -4.77 6.37
N SER B 39 9.75 -5.27 6.80
CA SER B 39 10.89 -4.42 7.06
C SER B 39 11.91 -4.60 5.96
N GLN B 40 12.88 -3.71 5.90
CA GLN B 40 13.92 -3.81 4.87
C GLN B 40 14.65 -5.13 4.98
N ASP B 41 14.78 -5.63 6.20
CA ASP B 41 15.45 -6.90 6.46
C ASP B 41 14.58 -8.06 5.98
N GLU B 42 13.27 -7.91 6.18
CA GLU B 42 12.32 -8.93 5.76
C GLU B 42 12.26 -9.02 4.25
N LEU B 43 12.28 -7.85 3.59
CA LEU B 43 12.21 -7.80 2.14
C LEU B 43 13.35 -8.59 1.50
N THR B 44 14.56 -8.47 2.05
CA THR B 44 15.71 -9.18 1.50
C THR B 44 15.53 -10.69 1.64
N SER B 45 14.87 -11.09 2.71
CA SER B 45 14.61 -12.49 2.99
C SER B 45 13.57 -13.08 2.05
N ILE B 46 12.67 -12.24 1.56
CA ILE B 46 11.62 -12.69 0.65
C ILE B 46 11.99 -12.44 -0.81
N LEU B 47 12.30 -11.19 -1.13
CA LEU B 47 12.66 -10.81 -2.49
C LEU B 47 13.96 -11.49 -2.92
N GLY B 48 14.85 -11.67 -1.95
CA GLY B 48 16.12 -12.31 -2.23
C GLY B 48 17.11 -11.38 -2.91
N ASN B 49 16.91 -10.08 -2.73
CA ASN B 49 17.80 -9.10 -3.33
C ASN B 49 17.75 -7.78 -2.55
N ALA B 50 18.93 -7.30 -2.18
CA ALA B 50 19.07 -6.06 -1.40
C ALA B 50 18.56 -4.84 -2.15
N ALA B 51 18.83 -4.80 -3.45
CA ALA B 51 18.42 -3.67 -4.28
C ALA B 51 16.90 -3.57 -4.33
N ASN B 52 16.27 -4.70 -4.60
CA ASN B 52 14.83 -4.79 -4.68
C ASN B 52 14.22 -4.50 -3.31
N ALA B 53 14.88 -4.99 -2.26
CA ALA B 53 14.40 -4.80 -0.89
C ALA B 53 14.43 -3.33 -0.50
N LYS B 54 15.56 -2.68 -0.73
CA LYS B 54 15.73 -1.28 -0.40
C LYS B 54 14.75 -0.42 -1.21
N GLN B 55 14.67 -0.69 -2.51
CA GLN B 55 13.77 0.07 -3.39
C GLN B 55 12.31 -0.09 -2.97
N LEU B 56 11.90 -1.32 -2.69
CA LEU B 56 10.52 -1.59 -2.29
C LEU B 56 10.20 -0.94 -0.96
N TYR B 57 11.00 -1.24 0.07
CA TYR B 57 10.80 -0.68 1.39
C TYR B 57 10.92 0.85 1.40
N ASP B 58 11.73 1.36 0.48
CA ASP B 58 11.95 2.80 0.38
C ASP B 58 10.64 3.51 0.05
N PHE B 59 9.96 3.04 -0.99
CA PHE B 59 8.69 3.65 -1.41
C PHE B 59 7.65 3.51 -0.30
N ILE B 60 7.62 2.34 0.33
CA ILE B 60 6.68 2.07 1.41
C ILE B 60 6.89 3.07 2.55
N HIS B 61 8.13 3.51 2.71
CA HIS B 61 8.49 4.45 3.76
C HIS B 61 8.82 5.82 3.18
N THR B 62 8.19 6.18 2.07
CA THR B 62 8.43 7.48 1.44
C THR B 62 7.31 8.46 1.78
N SER B 63 7.64 9.52 2.49
CA SER B 63 6.67 10.55 2.87
C SER B 63 6.01 11.15 1.64
N PHE B 64 4.73 11.50 1.78
CA PHE B 64 3.96 12.09 0.69
C PHE B 64 4.59 13.37 0.16
N ALA B 65 5.06 14.21 1.06
CA ALA B 65 5.67 15.45 0.65
C ALA B 65 7.12 15.53 1.13
N GLU B 66 7.95 16.17 0.33
CA GLU B 66 9.34 16.33 0.68
C GLU B 66 9.51 17.47 1.68
N VAL B 67 9.14 17.21 2.93
CA VAL B 67 9.23 18.20 3.98
C VAL B 67 10.57 18.05 4.70
N GLU A 1 1.29 21.11 -6.55
CA GLU A 1 1.51 20.57 -5.18
C GLU A 1 2.72 19.66 -5.13
N LYS A 2 3.35 19.58 -3.97
CA LYS A 2 4.55 18.74 -3.79
C LYS A 2 4.16 17.29 -3.67
N TYR A 3 2.88 17.05 -3.50
CA TYR A 3 2.36 15.71 -3.40
C TYR A 3 2.53 14.98 -4.73
N ASN A 4 3.60 14.22 -4.83
CA ASN A 4 3.93 13.50 -6.05
C ASN A 4 2.92 12.37 -6.33
N PRO A 5 2.78 12.00 -7.62
CA PRO A 5 1.85 10.95 -8.09
C PRO A 5 2.21 9.55 -7.63
N GLY A 6 3.12 9.45 -6.69
CA GLY A 6 3.51 8.16 -6.17
C GLY A 6 2.51 7.67 -5.13
N PRO A 7 2.81 7.89 -3.84
CA PRO A 7 1.93 7.47 -2.75
C PRO A 7 0.62 8.25 -2.72
N GLN A 8 0.64 9.47 -3.26
CA GLN A 8 -0.56 10.31 -3.29
C GLN A 8 -1.60 9.73 -4.23
N ASP A 9 -1.15 9.27 -5.39
CA ASP A 9 -2.05 8.67 -6.38
C ASP A 9 -2.52 7.32 -5.90
N PHE A 10 -1.66 6.64 -5.16
CA PHE A 10 -1.95 5.32 -4.63
C PHE A 10 -3.22 5.34 -3.80
N LEU A 11 -3.44 6.45 -3.11
CA LEU A 11 -4.63 6.61 -2.28
C LEU A 11 -5.87 6.68 -3.15
N LEU A 12 -5.84 7.53 -4.16
CA LEU A 12 -7.00 7.72 -5.04
C LEU A 12 -7.20 6.53 -5.97
N LYS A 13 -6.25 5.61 -5.99
CA LYS A 13 -6.36 4.43 -6.83
C LYS A 13 -7.24 3.38 -6.14
N MET A 14 -7.63 3.68 -4.91
CA MET A 14 -8.47 2.80 -4.13
C MET A 14 -9.94 3.03 -4.48
N PRO A 15 -10.82 2.03 -4.22
CA PRO A 15 -12.24 2.15 -4.53
C PRO A 15 -13.03 2.98 -3.52
N GLY A 16 -12.35 3.46 -2.49
CA GLY A 16 -13.02 4.24 -1.46
C GLY A 16 -12.28 5.49 -1.10
N VAL A 17 -11.66 6.13 -2.09
CA VAL A 17 -10.92 7.35 -1.86
C VAL A 17 -11.20 8.38 -2.98
N ASN A 18 -11.18 9.63 -2.58
CA ASN A 18 -11.43 10.75 -3.49
C ASN A 18 -10.45 11.85 -3.10
N ALA A 19 -10.38 12.92 -3.88
CA ALA A 19 -9.47 14.01 -3.56
C ALA A 19 -9.84 14.69 -2.25
N LYS A 20 -11.14 14.66 -1.92
CA LYS A 20 -11.64 15.30 -0.71
C LYS A 20 -11.08 14.66 0.56
N ASN A 21 -11.14 13.34 0.66
CA ASN A 21 -10.65 12.66 1.86
C ASN A 21 -9.18 12.31 1.71
N CYS A 22 -8.64 12.56 0.52
CA CYS A 22 -7.24 12.28 0.27
C CYS A 22 -6.35 13.20 1.09
N ARG A 23 -6.70 14.49 1.10
CA ARG A 23 -5.95 15.50 1.86
C ARG A 23 -5.86 15.13 3.33
N SER A 24 -6.96 14.66 3.86
CA SER A 24 -7.04 14.26 5.25
C SER A 24 -6.31 12.94 5.50
N LEU A 25 -6.45 12.01 4.57
CA LEU A 25 -5.82 10.70 4.68
C LEU A 25 -4.31 10.83 4.78
N MET A 26 -3.73 11.56 3.83
CA MET A 26 -2.28 11.76 3.79
C MET A 26 -1.80 12.52 5.01
N HIS A 27 -2.66 13.35 5.56
CA HIS A 27 -2.31 14.12 6.74
C HIS A 27 -2.44 13.28 8.00
N HIS A 28 -3.10 12.13 7.87
CA HIS A 28 -3.31 11.23 8.99
C HIS A 28 -2.36 10.05 8.95
N VAL A 29 -1.67 9.85 7.83
CA VAL A 29 -0.75 8.74 7.71
C VAL A 29 0.60 9.24 7.18
N LYS A 30 1.68 8.56 7.55
CA LYS A 30 3.01 8.93 7.07
C LYS A 30 3.06 8.74 5.58
N ASN A 31 2.58 7.59 5.14
CA ASN A 31 2.55 7.22 3.75
C ASN A 31 1.81 5.89 3.61
N ILE A 32 2.38 4.94 2.91
CA ILE A 32 1.76 3.65 2.69
C ILE A 32 1.73 2.84 3.98
N ALA A 33 2.79 2.97 4.78
CA ALA A 33 2.90 2.24 6.04
C ALA A 33 1.71 2.50 6.95
N GLU A 34 1.42 3.77 7.22
CA GLU A 34 0.30 4.14 8.08
C GLU A 34 -1.03 3.94 7.35
N LEU A 35 -1.02 4.09 6.03
CA LEU A 35 -2.22 3.90 5.22
C LEU A 35 -2.81 2.51 5.46
N ALA A 36 -1.94 1.50 5.45
CA ALA A 36 -2.36 0.12 5.68
C ALA A 36 -2.45 -0.17 7.17
N ALA A 37 -1.91 0.74 7.98
CA ALA A 37 -1.92 0.59 9.43
C ALA A 37 -3.24 1.05 10.01
N LEU A 38 -4.04 1.71 9.19
CA LEU A 38 -5.33 2.23 9.62
C LEU A 38 -6.35 1.10 9.71
N SER A 39 -7.24 1.21 10.69
CA SER A 39 -8.28 0.21 10.89
C SER A 39 -9.59 0.78 10.41
N GLN A 40 -10.63 -0.06 10.33
CA GLN A 40 -11.94 0.39 9.87
C GLN A 40 -12.43 1.58 10.68
N ASP A 41 -12.15 1.55 11.98
CA ASP A 41 -12.55 2.64 12.88
C ASP A 41 -11.77 3.90 12.54
N GLU A 42 -10.48 3.74 12.26
CA GLU A 42 -9.63 4.85 11.91
C GLU A 42 -10.08 5.48 10.61
N LEU A 43 -10.38 4.64 9.62
CA LEU A 43 -10.80 5.12 8.32
C LEU A 43 -12.00 6.04 8.42
N THR A 44 -13.04 5.63 9.13
CA THR A 44 -14.24 6.44 9.27
C THR A 44 -13.94 7.77 9.97
N SER A 45 -12.99 7.74 10.88
CA SER A 45 -12.60 8.92 11.63
C SER A 45 -11.79 9.91 10.79
N ILE A 46 -11.14 9.40 9.74
CA ILE A 46 -10.30 10.23 8.87
C ILE A 46 -11.01 10.58 7.58
N LEU A 47 -11.68 9.59 7.01
CA LEU A 47 -12.41 9.77 5.77
C LEU A 47 -13.75 10.45 6.00
N GLY A 48 -14.28 10.26 7.19
CA GLY A 48 -15.55 10.87 7.56
C GLY A 48 -16.74 10.24 6.86
N ASN A 49 -16.55 9.01 6.38
CA ASN A 49 -17.62 8.30 5.68
C ASN A 49 -17.41 6.80 5.78
N ALA A 50 -18.46 6.10 6.18
CA ALA A 50 -18.42 4.65 6.35
C ALA A 50 -18.16 3.92 5.04
N ALA A 51 -18.78 4.38 3.96
CA ALA A 51 -18.61 3.76 2.66
C ALA A 51 -17.17 3.85 2.21
N ASN A 52 -16.64 5.06 2.26
CA ASN A 52 -15.27 5.33 1.89
C ASN A 52 -14.33 4.51 2.75
N ALA A 53 -14.66 4.41 4.04
CA ALA A 53 -13.85 3.67 4.99
C ALA A 53 -13.81 2.19 4.67
N LYS A 54 -14.98 1.59 4.48
CA LYS A 54 -15.05 0.17 4.16
C LYS A 54 -14.43 -0.12 2.80
N GLN A 55 -14.75 0.69 1.81
CA GLN A 55 -14.22 0.52 0.47
C GLN A 55 -12.70 0.54 0.46
N LEU A 56 -12.11 1.45 1.23
CA LEU A 56 -10.67 1.57 1.31
C LEU A 56 -10.07 0.43 2.15
N TYR A 57 -10.62 0.25 3.34
CA TYR A 57 -10.15 -0.79 4.25
C TYR A 57 -10.30 -2.18 3.63
N ASP A 58 -11.31 -2.33 2.78
CA ASP A 58 -11.56 -3.60 2.12
C ASP A 58 -10.40 -3.96 1.21
N PHE A 59 -10.03 -3.02 0.34
CA PHE A 59 -8.92 -3.23 -0.60
C PHE A 59 -7.62 -3.49 0.15
N ILE A 60 -7.43 -2.76 1.25
CA ILE A 60 -6.23 -2.90 2.07
C ILE A 60 -6.03 -4.36 2.50
N HIS A 61 -7.13 -5.04 2.80
CA HIS A 61 -7.05 -6.44 3.24
C HIS A 61 -7.54 -7.39 2.15
N THR A 62 -7.59 -6.91 0.91
CA THR A 62 -8.02 -7.75 -0.20
C THR A 62 -6.88 -8.64 -0.69
N SER A 63 -7.04 -9.94 -0.46
CA SER A 63 -6.04 -10.92 -0.86
C SER A 63 -5.84 -10.89 -2.38
N PHE A 64 -4.62 -11.19 -2.81
CA PHE A 64 -4.29 -11.18 -4.24
C PHE A 64 -5.04 -12.28 -4.98
N ALA A 65 -5.15 -13.44 -4.35
CA ALA A 65 -5.84 -14.57 -4.95
C ALA A 65 -7.01 -15.02 -4.07
N GLU A 66 -7.60 -16.16 -4.42
CA GLU A 66 -8.71 -16.70 -3.65
C GLU A 66 -8.20 -17.43 -2.41
N VAL A 67 -8.56 -16.91 -1.25
CA VAL A 67 -8.14 -17.52 0.00
C VAL A 67 -9.36 -17.84 0.86
N GLU B 1 -3.00 -17.35 -13.88
CA GLU B 1 -2.99 -17.04 -12.43
C GLU B 1 -4.28 -16.36 -12.01
N LYS B 2 -4.76 -16.69 -10.82
CA LYS B 2 -6.01 -16.11 -10.30
C LYS B 2 -5.75 -14.85 -9.49
N TYR B 3 -4.54 -14.35 -9.58
CA TYR B 3 -4.16 -13.16 -8.85
C TYR B 3 -4.77 -11.93 -9.49
N ASN B 4 -5.83 -11.43 -8.87
CA ASN B 4 -6.54 -10.23 -9.35
C ASN B 4 -5.58 -9.08 -9.64
N PRO B 5 -5.81 -8.36 -10.76
CA PRO B 5 -4.97 -7.22 -11.17
C PRO B 5 -5.11 -6.01 -10.26
N GLY B 6 -5.76 -6.19 -9.13
CA GLY B 6 -5.93 -5.12 -8.18
C GLY B 6 -4.73 -5.02 -7.25
N PRO B 7 -4.74 -5.77 -6.14
CA PRO B 7 -3.64 -5.75 -5.18
C PRO B 7 -2.35 -6.39 -5.73
N GLN B 8 -2.49 -7.37 -6.63
CA GLN B 8 -1.33 -8.04 -7.22
C GLN B 8 -0.53 -7.08 -8.08
N ASP B 9 -1.24 -6.26 -8.83
CA ASP B 9 -0.60 -5.29 -9.71
C ASP B 9 0.05 -4.18 -8.89
N PHE B 10 -0.54 -3.91 -7.72
CA PHE B 10 -0.04 -2.88 -6.82
C PHE B 10 1.39 -3.18 -6.42
N LEU B 11 1.72 -4.46 -6.32
CA LEU B 11 3.06 -4.89 -5.96
C LEU B 11 4.04 -4.48 -7.05
N LEU B 12 3.68 -4.76 -8.29
CA LEU B 12 4.54 -4.46 -9.43
C LEU B 12 4.52 -2.97 -9.77
N LYS B 13 3.66 -2.22 -9.09
CA LYS B 13 3.56 -0.79 -9.29
C LYS B 13 4.59 -0.06 -8.44
N MET B 14 5.43 -0.83 -7.78
CA MET B 14 6.48 -0.30 -6.92
C MET B 14 7.78 -0.19 -7.71
N PRO B 15 8.68 0.72 -7.29
CA PRO B 15 9.97 0.92 -7.98
C PRO B 15 10.99 -0.18 -7.67
N GLY B 16 10.60 -1.16 -6.88
CA GLY B 16 11.51 -2.22 -6.53
C GLY B 16 10.87 -3.59 -6.56
N VAL B 17 9.92 -3.78 -7.47
CA VAL B 17 9.24 -5.07 -7.58
C VAL B 17 9.05 -5.46 -9.05
N ASN B 18 9.16 -6.74 -9.30
CA ASN B 18 9.01 -7.33 -10.62
C ASN B 18 8.33 -8.68 -10.45
N ALA B 19 8.02 -9.37 -11.53
CA ALA B 19 7.35 -10.66 -11.43
C ALA B 19 8.25 -11.71 -10.79
N LYS B 20 9.56 -11.53 -10.91
CA LYS B 20 10.52 -12.49 -10.36
C LYS B 20 10.44 -12.57 -8.83
N ASN B 21 10.30 -11.42 -8.18
CA ASN B 21 10.24 -11.39 -6.73
C ASN B 21 8.81 -11.21 -6.25
N CYS B 22 7.91 -10.92 -7.18
CA CYS B 22 6.50 -10.75 -6.83
C CYS B 22 5.92 -12.06 -6.33
N ARG B 23 6.36 -13.17 -6.94
CA ARG B 23 5.89 -14.49 -6.54
C ARG B 23 6.16 -14.74 -5.07
N SER B 24 7.31 -14.28 -4.61
CA SER B 24 7.70 -14.43 -3.21
C SER B 24 6.91 -13.47 -2.33
N LEU B 25 6.82 -12.21 -2.78
CA LEU B 25 6.14 -11.17 -2.03
C LEU B 25 4.72 -11.57 -1.66
N MET B 26 3.92 -11.94 -2.65
CA MET B 26 2.54 -12.33 -2.40
C MET B 26 2.44 -13.61 -1.59
N HIS B 27 3.45 -14.45 -1.69
CA HIS B 27 3.46 -15.69 -0.93
C HIS B 27 3.86 -15.42 0.52
N HIS B 28 4.54 -14.30 0.74
CA HIS B 28 5.01 -13.95 2.07
C HIS B 28 4.08 -12.96 2.77
N VAL B 29 3.20 -12.34 2.02
CA VAL B 29 2.26 -11.40 2.60
C VAL B 29 0.82 -11.78 2.24
N LYS B 30 -0.12 -11.33 3.04
CA LYS B 30 -1.52 -11.61 2.80
C LYS B 30 -2.04 -10.76 1.64
N ASN B 31 -1.71 -9.48 1.71
CA ASN B 31 -2.12 -8.50 0.71
C ASN B 31 -1.39 -7.20 1.02
N ILE B 32 -2.11 -6.08 0.98
CA ILE B 32 -1.52 -4.77 1.23
C ILE B 32 -1.12 -4.64 2.70
N ALA B 33 -1.90 -5.23 3.59
CA ALA B 33 -1.64 -5.17 5.01
C ALA B 33 -0.23 -5.66 5.34
N GLU B 34 0.11 -6.86 4.88
CA GLU B 34 1.43 -7.44 5.12
C GLU B 34 2.48 -6.77 4.24
N LEU B 35 2.08 -6.32 3.05
CA LEU B 35 2.98 -5.66 2.12
C LEU B 35 3.65 -4.45 2.78
N ALA B 36 2.86 -3.60 3.40
CA ALA B 36 3.36 -2.41 4.07
C ALA B 36 3.88 -2.75 5.47
N ALA B 37 3.57 -3.96 5.93
CA ALA B 37 3.99 -4.42 7.24
C ALA B 37 5.42 -4.95 7.24
N LEU B 38 5.92 -5.25 6.05
CA LEU B 38 7.26 -5.79 5.88
C LEU B 38 8.35 -4.79 6.28
N SER B 39 9.48 -5.31 6.71
CA SER B 39 10.61 -4.51 7.11
C SER B 39 11.69 -4.59 6.03
N GLN B 40 12.65 -3.67 6.04
CA GLN B 40 13.72 -3.68 5.06
C GLN B 40 14.46 -5.01 5.05
N ASP B 41 14.67 -5.57 6.24
CA ASP B 41 15.34 -6.85 6.37
C ASP B 41 14.44 -7.97 5.85
N GLU B 42 13.14 -7.80 6.07
CA GLU B 42 12.16 -8.77 5.60
C GLU B 42 12.20 -8.82 4.08
N LEU B 43 12.22 -7.64 3.47
CA LEU B 43 12.23 -7.55 2.02
C LEU B 43 13.43 -8.27 1.41
N THR B 44 14.60 -8.16 2.01
CA THR B 44 15.77 -8.84 1.48
C THR B 44 15.62 -10.36 1.60
N SER B 45 14.95 -10.80 2.65
CA SER B 45 14.72 -12.21 2.89
C SER B 45 13.68 -12.76 1.92
N ILE B 46 12.69 -11.93 1.59
CA ILE B 46 11.61 -12.33 0.70
C ILE B 46 12.00 -12.16 -0.77
N LEU B 47 12.39 -10.94 -1.13
CA LEU B 47 12.75 -10.64 -2.50
C LEU B 47 14.06 -11.29 -2.91
N GLY B 48 15.01 -11.31 -1.97
CA GLY B 48 16.30 -11.92 -2.25
C GLY B 48 17.27 -10.94 -2.89
N ASN B 49 16.94 -9.67 -2.84
CA ASN B 49 17.77 -8.63 -3.43
C ASN B 49 17.67 -7.35 -2.64
N ALA B 50 18.82 -6.83 -2.21
CA ALA B 50 18.89 -5.62 -1.41
C ALA B 50 18.37 -4.40 -2.17
N ALA B 51 18.68 -4.33 -3.46
CA ALA B 51 18.25 -3.20 -4.29
C ALA B 51 16.74 -3.15 -4.36
N ASN B 52 16.14 -4.27 -4.71
CA ASN B 52 14.69 -4.39 -4.81
C ASN B 52 14.05 -4.12 -3.46
N ALA B 53 14.70 -4.61 -2.40
CA ALA B 53 14.21 -4.43 -1.04
C ALA B 53 14.22 -2.96 -0.63
N LYS B 54 15.36 -2.31 -0.85
CA LYS B 54 15.51 -0.90 -0.50
C LYS B 54 14.56 -0.04 -1.32
N GLN B 55 14.38 -0.39 -2.59
CA GLN B 55 13.50 0.35 -3.48
C GLN B 55 12.03 0.17 -3.08
N LEU B 56 11.65 -1.06 -2.77
CA LEU B 56 10.27 -1.35 -2.37
C LEU B 56 9.96 -0.71 -1.01
N TYR B 57 10.83 -0.96 -0.03
CA TYR B 57 10.65 -0.41 1.31
C TYR B 57 10.66 1.11 1.26
N ASP B 58 11.40 1.68 0.32
CA ASP B 58 11.48 3.11 0.18
C ASP B 58 10.13 3.69 -0.21
N PHE B 59 9.47 3.10 -1.20
CA PHE B 59 8.16 3.58 -1.64
C PHE B 59 7.16 3.45 -0.52
N ILE B 60 7.24 2.34 0.21
CA ILE B 60 6.35 2.09 1.34
C ILE B 60 6.56 3.17 2.40
N HIS B 61 7.79 3.66 2.48
CA HIS B 61 8.18 4.69 3.44
C HIS B 61 8.29 6.07 2.76
N THR B 62 7.70 6.22 1.58
CA THR B 62 7.77 7.49 0.87
C THR B 62 6.60 8.39 1.25
N SER B 63 6.89 9.39 2.08
CA SER B 63 5.89 10.35 2.51
C SER B 63 5.40 11.14 1.31
N PHE B 64 4.09 11.37 1.23
CA PHE B 64 3.50 12.11 0.12
C PHE B 64 4.12 13.49 0.02
N ALA B 65 3.94 14.27 1.09
CA ALA B 65 4.47 15.62 1.19
C ALA B 65 3.97 16.25 2.48
N GLU B 66 4.54 17.36 2.86
CA GLU B 66 4.13 18.05 4.07
C GLU B 66 3.52 19.40 3.73
N VAL B 67 4.34 20.27 3.18
CA VAL B 67 3.89 21.60 2.80
C VAL B 67 4.88 22.20 1.82
N GLU A 1 2.74 21.86 -5.80
CA GLU A 1 2.77 21.17 -4.49
C GLU A 1 3.93 20.17 -4.45
N LYS A 2 4.31 19.74 -3.26
CA LYS A 2 5.41 18.79 -3.10
C LYS A 2 4.90 17.38 -2.97
N TYR A 3 3.64 17.17 -3.24
CA TYR A 3 3.04 15.85 -3.15
C TYR A 3 3.40 15.04 -4.39
N ASN A 4 4.44 14.23 -4.25
CA ASN A 4 4.92 13.37 -5.32
C ASN A 4 3.80 12.49 -5.87
N PRO A 5 3.76 12.31 -7.20
CA PRO A 5 2.72 11.51 -7.88
C PRO A 5 2.82 10.02 -7.60
N GLY A 6 3.66 9.66 -6.65
CA GLY A 6 3.81 8.26 -6.30
C GLY A 6 2.88 7.87 -5.17
N PRO A 7 3.27 8.12 -3.92
CA PRO A 7 2.45 7.79 -2.73
C PRO A 7 1.14 8.57 -2.70
N GLN A 8 1.15 9.80 -3.21
CA GLN A 8 -0.06 10.62 -3.22
C GLN A 8 -1.09 10.05 -4.19
N ASP A 9 -0.62 9.67 -5.37
CA ASP A 9 -1.49 9.10 -6.40
C ASP A 9 -2.00 7.75 -5.96
N PHE A 10 -1.16 7.03 -5.23
CA PHE A 10 -1.49 5.71 -4.73
C PHE A 10 -2.78 5.73 -3.92
N LEU A 11 -3.02 6.83 -3.22
CA LEU A 11 -4.21 6.98 -2.41
C LEU A 11 -5.45 7.03 -3.29
N LEU A 12 -5.40 7.85 -4.34
CA LEU A 12 -6.53 8.02 -5.25
C LEU A 12 -6.66 6.83 -6.19
N LYS A 13 -5.70 5.92 -6.14
CA LYS A 13 -5.74 4.71 -6.98
C LYS A 13 -6.65 3.67 -6.36
N MET A 14 -7.23 4.03 -5.22
CA MET A 14 -8.13 3.16 -4.50
C MET A 14 -9.57 3.47 -4.88
N PRO A 15 -10.47 2.49 -4.76
CA PRO A 15 -11.88 2.67 -5.12
C PRO A 15 -12.68 3.45 -4.07
N GLY A 16 -12.01 3.89 -3.01
CA GLY A 16 -12.70 4.62 -1.98
C GLY A 16 -11.98 5.88 -1.54
N VAL A 17 -11.28 6.52 -2.46
CA VAL A 17 -10.55 7.74 -2.15
C VAL A 17 -10.69 8.76 -3.28
N ASN A 18 -10.80 10.01 -2.88
CA ASN A 18 -10.92 11.14 -3.81
C ASN A 18 -10.00 12.24 -3.32
N ALA A 19 -9.92 13.34 -4.04
CA ALA A 19 -9.04 14.45 -3.64
C ALA A 19 -9.58 15.17 -2.41
N LYS A 20 -10.89 15.04 -2.18
CA LYS A 20 -11.54 15.69 -1.04
C LYS A 20 -11.10 15.11 0.30
N ASN A 21 -10.98 13.80 0.37
CA ASN A 21 -10.58 13.14 1.62
C ASN A 21 -9.11 12.74 1.58
N CYS A 22 -8.48 12.88 0.43
CA CYS A 22 -7.07 12.55 0.29
C CYS A 22 -6.24 13.44 1.20
N ARG A 23 -6.65 14.70 1.30
CA ARG A 23 -5.96 15.69 2.14
C ARG A 23 -5.83 15.19 3.58
N SER A 24 -6.92 14.64 4.10
CA SER A 24 -6.96 14.14 5.46
C SER A 24 -6.17 12.84 5.60
N LEU A 25 -6.34 11.96 4.63
CA LEU A 25 -5.67 10.67 4.64
C LEU A 25 -4.16 10.82 4.77
N MET A 26 -3.58 11.62 3.88
CA MET A 26 -2.14 11.84 3.88
C MET A 26 -1.67 12.60 5.12
N HIS A 27 -2.55 13.39 5.69
CA HIS A 27 -2.20 14.14 6.88
C HIS A 27 -2.30 13.25 8.12
N HIS A 28 -3.02 12.14 7.99
CA HIS A 28 -3.21 11.24 9.13
C HIS A 28 -2.27 10.04 9.04
N VAL A 29 -1.65 9.84 7.91
CA VAL A 29 -0.73 8.73 7.76
C VAL A 29 0.63 9.23 7.27
N LYS A 30 1.69 8.50 7.62
CA LYS A 30 3.04 8.86 7.20
C LYS A 30 3.17 8.72 5.70
N ASN A 31 2.62 7.63 5.21
CA ASN A 31 2.65 7.30 3.80
C ASN A 31 1.86 6.00 3.59
N ILE A 32 2.46 5.04 2.92
CA ILE A 32 1.81 3.78 2.64
C ILE A 32 1.72 2.92 3.90
N ALA A 33 2.75 3.00 4.75
CA ALA A 33 2.80 2.21 5.98
C ALA A 33 1.58 2.47 6.87
N GLU A 34 1.32 3.74 7.17
CA GLU A 34 0.18 4.10 8.00
C GLU A 34 -1.12 3.94 7.23
N LEU A 35 -1.07 4.12 5.92
CA LEU A 35 -2.24 3.97 5.06
C LEU A 35 -2.87 2.58 5.24
N ALA A 36 -2.02 1.56 5.21
CA ALA A 36 -2.49 0.18 5.38
C ALA A 36 -2.64 -0.16 6.86
N ALA A 37 -2.10 0.71 7.71
CA ALA A 37 -2.16 0.51 9.15
C ALA A 37 -3.49 1.00 9.74
N LEU A 38 -4.22 1.78 8.96
CA LEU A 38 -5.50 2.32 9.40
C LEU A 38 -6.57 1.24 9.53
N SER A 39 -7.55 1.51 10.38
CA SER A 39 -8.65 0.60 10.62
C SER A 39 -9.90 1.17 9.97
N GLN A 40 -10.92 0.34 9.76
CA GLN A 40 -12.15 0.79 9.15
C GLN A 40 -12.72 1.95 9.95
N ASP A 41 -12.62 1.82 11.27
CA ASP A 41 -13.10 2.85 12.18
C ASP A 41 -12.29 4.13 11.99
N GLU A 42 -10.98 3.98 11.85
CA GLU A 42 -10.11 5.12 11.65
C GLU A 42 -10.46 5.81 10.34
N LEU A 43 -10.66 5.02 9.28
CA LEU A 43 -10.98 5.55 7.97
C LEU A 43 -12.19 6.47 8.01
N THR A 44 -13.25 6.04 8.68
CA THR A 44 -14.45 6.86 8.79
C THR A 44 -14.17 8.18 9.49
N SER A 45 -13.29 8.12 10.49
CA SER A 45 -12.92 9.28 11.27
C SER A 45 -12.02 10.24 10.49
N ILE A 46 -11.33 9.72 9.47
CA ILE A 46 -10.43 10.54 8.67
C ILE A 46 -11.09 11.00 7.36
N LEU A 47 -11.73 10.05 6.70
CA LEU A 47 -12.38 10.31 5.43
C LEU A 47 -13.72 11.02 5.62
N GLY A 48 -14.37 10.73 6.74
CA GLY A 48 -15.66 11.36 7.04
C GLY A 48 -16.79 10.75 6.24
N ASN A 49 -16.58 9.53 5.75
CA ASN A 49 -17.59 8.86 4.96
C ASN A 49 -17.43 7.35 5.07
N ALA A 50 -18.51 6.66 5.43
CA ALA A 50 -18.51 5.22 5.61
C ALA A 50 -18.22 4.48 4.31
N ALA A 51 -18.76 4.98 3.21
CA ALA A 51 -18.57 4.34 1.90
C ALA A 51 -17.09 4.38 1.50
N ASN A 52 -16.51 5.56 1.60
CA ASN A 52 -15.11 5.75 1.27
C ASN A 52 -14.23 4.91 2.18
N ALA A 53 -14.61 4.85 3.45
CA ALA A 53 -13.87 4.09 4.45
C ALA A 53 -13.91 2.60 4.13
N LYS A 54 -15.11 2.08 3.92
CA LYS A 54 -15.29 0.67 3.60
C LYS A 54 -14.56 0.29 2.32
N GLN A 55 -14.70 1.11 1.30
CA GLN A 55 -14.06 0.86 0.00
C GLN A 55 -12.54 0.83 0.12
N LEU A 56 -11.97 1.82 0.80
CA LEU A 56 -10.52 1.89 0.98
C LEU A 56 -10.00 0.75 1.85
N TYR A 57 -10.64 0.57 3.01
CA TYR A 57 -10.26 -0.48 3.95
C TYR A 57 -10.38 -1.86 3.32
N ASP A 58 -11.33 -2.00 2.40
CA ASP A 58 -11.55 -3.28 1.73
C ASP A 58 -10.37 -3.62 0.84
N PHE A 59 -9.97 -2.66 0.00
CA PHE A 59 -8.85 -2.87 -0.93
C PHE A 59 -7.58 -3.21 -0.18
N ILE A 60 -7.34 -2.52 0.93
CA ILE A 60 -6.16 -2.76 1.75
C ILE A 60 -6.11 -4.22 2.21
N HIS A 61 -7.27 -4.81 2.41
CA HIS A 61 -7.37 -6.18 2.86
C HIS A 61 -7.91 -7.09 1.77
N THR A 62 -7.72 -6.69 0.53
CA THR A 62 -8.18 -7.49 -0.60
C THR A 62 -7.13 -8.52 -0.96
N SER A 63 -7.40 -9.77 -0.61
CA SER A 63 -6.48 -10.86 -0.89
C SER A 63 -6.22 -10.99 -2.39
N PHE A 64 -4.98 -11.27 -2.75
CA PHE A 64 -4.59 -11.42 -4.15
C PHE A 64 -5.45 -12.46 -4.84
N ALA A 65 -5.51 -13.65 -4.26
CA ALA A 65 -6.31 -14.72 -4.82
C ALA A 65 -6.97 -15.54 -3.74
N GLU A 66 -8.22 -15.89 -3.98
CA GLU A 66 -8.97 -16.72 -3.06
C GLU A 66 -8.58 -18.17 -3.28
N VAL A 67 -7.43 -18.55 -2.71
CA VAL A 67 -6.90 -19.92 -2.84
C VAL A 67 -6.32 -20.16 -4.23
N GLU B 1 -6.92 -19.43 -7.73
CA GLU B 1 -5.75 -18.68 -8.27
C GLU B 1 -6.21 -17.51 -9.16
N LYS B 2 -7.25 -16.79 -8.72
CA LYS B 2 -7.79 -15.66 -9.47
C LYS B 2 -6.73 -14.58 -9.69
N TYR B 3 -6.28 -13.97 -8.60
CA TYR B 3 -5.26 -12.91 -8.63
C TYR B 3 -5.75 -11.72 -9.44
N ASN B 4 -6.63 -10.93 -8.83
CA ASN B 4 -7.20 -9.76 -9.47
C ASN B 4 -6.11 -8.72 -9.74
N PRO B 5 -6.22 -7.99 -10.87
CA PRO B 5 -5.24 -6.97 -11.26
C PRO B 5 -5.23 -5.74 -10.35
N GLY B 6 -5.91 -5.85 -9.23
CA GLY B 6 -5.93 -4.76 -8.27
C GLY B 6 -4.74 -4.84 -7.34
N PRO B 7 -4.82 -5.66 -6.28
CA PRO B 7 -3.73 -5.81 -5.31
C PRO B 7 -2.50 -6.48 -5.92
N GLN B 8 -2.72 -7.38 -6.89
CA GLN B 8 -1.64 -8.08 -7.55
C GLN B 8 -0.80 -7.13 -8.38
N ASP B 9 -1.46 -6.31 -9.18
CA ASP B 9 -0.77 -5.34 -10.03
C ASP B 9 -0.18 -4.22 -9.18
N PHE B 10 -0.84 -3.96 -8.04
CA PHE B 10 -0.39 -2.93 -7.09
C PHE B 10 1.03 -3.21 -6.66
N LEU B 11 1.36 -4.50 -6.51
CA LEU B 11 2.70 -4.90 -6.12
C LEU B 11 3.70 -4.49 -7.19
N LEU B 12 3.33 -4.70 -8.45
CA LEU B 12 4.19 -4.38 -9.58
C LEU B 12 4.22 -2.88 -9.88
N LYS B 13 3.42 -2.10 -9.15
CA LYS B 13 3.37 -0.65 -9.33
C LYS B 13 4.53 0.01 -8.58
N MET B 14 5.27 -0.81 -7.85
CA MET B 14 6.39 -0.35 -7.06
C MET B 14 7.66 -0.24 -7.90
N PRO B 15 8.63 0.58 -7.47
CA PRO B 15 9.91 0.76 -8.18
C PRO B 15 10.90 -0.35 -7.86
N GLY B 16 10.51 -1.28 -7.03
CA GLY B 16 11.37 -2.39 -6.67
C GLY B 16 10.64 -3.70 -6.73
N VAL B 17 10.05 -3.97 -7.89
CA VAL B 17 9.30 -5.19 -8.08
C VAL B 17 9.38 -5.68 -9.53
N ASN B 18 9.16 -6.97 -9.70
CA ASN B 18 9.15 -7.61 -11.00
C ASN B 18 8.27 -8.84 -10.88
N ALA B 19 7.78 -9.37 -11.99
CA ALA B 19 6.91 -10.54 -11.95
C ALA B 19 7.57 -11.74 -11.27
N LYS B 20 8.89 -11.81 -11.33
CA LYS B 20 9.64 -12.91 -10.73
C LYS B 20 9.68 -12.84 -9.21
N ASN B 21 9.72 -11.64 -8.64
CA ASN B 21 9.76 -11.52 -7.18
C ASN B 21 8.35 -11.30 -6.64
N CYS B 22 7.42 -11.04 -7.55
CA CYS B 22 6.03 -10.82 -7.20
C CYS B 22 5.42 -12.10 -6.64
N ARG B 23 5.81 -13.25 -7.19
CA ARG B 23 5.31 -14.54 -6.74
C ARG B 23 5.62 -14.74 -5.26
N SER B 24 6.82 -14.34 -4.86
CA SER B 24 7.23 -14.48 -3.47
C SER B 24 6.53 -13.46 -2.60
N LEU B 25 6.39 -12.25 -3.11
CA LEU B 25 5.76 -11.17 -2.37
C LEU B 25 4.35 -11.57 -1.95
N MET B 26 3.53 -12.00 -2.91
CA MET B 26 2.16 -12.40 -2.63
C MET B 26 2.10 -13.66 -1.79
N HIS B 27 3.10 -14.51 -1.93
CA HIS B 27 3.15 -15.75 -1.17
C HIS B 27 3.62 -15.48 0.26
N HIS B 28 4.26 -14.32 0.44
CA HIS B 28 4.80 -13.95 1.75
C HIS B 28 3.89 -12.99 2.50
N VAL B 29 2.96 -12.36 1.79
CA VAL B 29 2.05 -11.42 2.42
C VAL B 29 0.59 -11.79 2.10
N LYS B 30 -0.34 -11.27 2.89
CA LYS B 30 -1.75 -11.54 2.67
C LYS B 30 -2.27 -10.71 1.50
N ASN B 31 -1.91 -9.45 1.52
CA ASN B 31 -2.31 -8.49 0.51
C ASN B 31 -1.58 -7.19 0.79
N ILE B 32 -2.27 -6.07 0.70
CA ILE B 32 -1.66 -4.76 0.94
C ILE B 32 -1.24 -4.60 2.40
N ALA B 33 -2.04 -5.18 3.30
CA ALA B 33 -1.78 -5.12 4.73
C ALA B 33 -0.37 -5.62 5.07
N GLU B 34 -0.05 -6.83 4.63
CA GLU B 34 1.26 -7.40 4.89
C GLU B 34 2.32 -6.76 4.00
N LEU B 35 1.92 -6.34 2.80
CA LEU B 35 2.82 -5.70 1.84
C LEU B 35 3.51 -4.49 2.48
N ALA B 36 2.72 -3.65 3.15
CA ALA B 36 3.27 -2.46 3.81
C ALA B 36 3.82 -2.81 5.20
N ALA B 37 3.50 -4.01 5.68
CA ALA B 37 3.95 -4.46 6.98
C ALA B 37 5.39 -4.98 6.91
N LEU B 38 5.84 -5.25 5.68
CA LEU B 38 7.18 -5.77 5.46
C LEU B 38 8.25 -4.73 5.78
N SER B 39 9.36 -5.20 6.34
CA SER B 39 10.48 -4.34 6.67
C SER B 39 11.60 -4.58 5.67
N GLN B 40 12.57 -3.66 5.58
CA GLN B 40 13.67 -3.80 4.63
C GLN B 40 14.35 -5.16 4.76
N ASP B 41 14.55 -5.61 6.00
CA ASP B 41 15.19 -6.89 6.26
C ASP B 41 14.30 -8.03 5.77
N GLU B 42 13.00 -7.83 5.89
CA GLU B 42 12.02 -8.81 5.44
C GLU B 42 12.01 -8.89 3.93
N LEU B 43 12.07 -7.73 3.27
CA LEU B 43 12.03 -7.65 1.83
C LEU B 43 13.12 -8.50 1.18
N THR B 44 14.34 -8.40 1.67
CA THR B 44 15.44 -9.18 1.11
C THR B 44 15.19 -10.68 1.25
N SER B 45 14.54 -11.04 2.34
CA SER B 45 14.20 -12.43 2.63
C SER B 45 13.04 -12.92 1.75
N ILE B 46 12.25 -11.99 1.24
CA ILE B 46 11.11 -12.33 0.40
C ILE B 46 11.41 -12.17 -1.08
N LEU B 47 11.94 -11.01 -1.43
CA LEU B 47 12.27 -10.72 -2.82
C LEU B 47 13.51 -11.48 -3.26
N GLY B 48 14.43 -11.65 -2.31
CA GLY B 48 15.66 -12.36 -2.60
C GLY B 48 16.71 -11.47 -3.21
N ASN B 49 16.50 -10.15 -3.13
CA ASN B 49 17.44 -9.21 -3.72
C ASN B 49 17.44 -7.91 -2.91
N ALA B 50 18.64 -7.47 -2.54
CA ALA B 50 18.81 -6.26 -1.75
C ALA B 50 18.35 -5.00 -2.48
N ALA B 51 18.66 -4.94 -3.77
CA ALA B 51 18.29 -3.79 -4.59
C ALA B 51 16.78 -3.64 -4.64
N ASN B 52 16.12 -4.73 -4.98
CA ASN B 52 14.67 -4.75 -5.06
C ASN B 52 14.05 -4.46 -3.70
N ALA B 53 14.68 -4.99 -2.65
CA ALA B 53 14.21 -4.81 -1.28
C ALA B 53 14.21 -3.34 -0.91
N LYS B 54 15.33 -2.67 -1.14
CA LYS B 54 15.45 -1.27 -0.83
C LYS B 54 14.47 -0.46 -1.66
N GLN B 55 14.44 -0.72 -2.95
CA GLN B 55 13.55 0.00 -3.87
C GLN B 55 12.09 -0.14 -3.46
N LEU B 56 11.70 -1.35 -3.08
CA LEU B 56 10.32 -1.61 -2.67
C LEU B 56 10.01 -0.95 -1.33
N TYR B 57 10.81 -1.23 -0.31
CA TYR B 57 10.60 -0.66 1.01
C TYR B 57 10.74 0.86 0.97
N ASP B 58 11.53 1.36 0.04
CA ASP B 58 11.74 2.79 -0.11
C ASP B 58 10.41 3.47 -0.37
N PHE B 59 9.66 2.94 -1.33
CA PHE B 59 8.36 3.48 -1.69
C PHE B 59 7.39 3.35 -0.53
N ILE B 60 7.44 2.21 0.15
CA ILE B 60 6.58 1.98 1.30
C ILE B 60 6.86 3.02 2.38
N HIS B 61 8.10 3.45 2.45
CA HIS B 61 8.54 4.44 3.42
C HIS B 61 8.72 5.82 2.74
N THR B 62 7.97 6.05 1.67
CA THR B 62 8.07 7.32 0.93
C THR B 62 6.93 8.26 1.31
N SER B 63 7.29 9.40 1.89
CA SER B 63 6.33 10.40 2.29
C SER B 63 5.61 10.99 1.09
N PHE B 64 4.37 11.43 1.28
CA PHE B 64 3.60 12.03 0.18
C PHE B 64 4.27 13.29 -0.32
N ALA B 65 4.68 14.14 0.61
CA ALA B 65 5.34 15.38 0.27
C ALA B 65 6.79 15.37 0.74
N GLU B 66 7.68 15.82 -0.14
CA GLU B 66 9.12 15.89 0.13
C GLU B 66 9.72 14.49 0.22
N VAL B 67 10.35 14.07 -0.86
CA VAL B 67 11.00 12.76 -0.92
C VAL B 67 12.47 12.91 -1.26
#